data_8BZ6
#
_entry.id   8BZ6
#
_cell.length_a   85.523
_cell.length_b   291.057
_cell.length_c   89.824
_cell.angle_alpha   90.000
_cell.angle_beta   100.079
_cell.angle_gamma   90.000
#
_symmetry.space_group_name_H-M   'P 1 21 1'
#
loop_
_entity.id
_entity.type
_entity.pdbx_description
1 polymer Glycosyltransferase
2 non-polymer "URIDINE-5'-DIPHOSPHATE-GLUCOSE"
3 non-polymer 'ACETATE ION'
4 non-polymer 'MAGNESIUM ION'
5 non-polymer 'CHLORIDE ION'
6 water water
#
_entity_poly.entity_id   1
_entity_poly.type   'polypeptide(L)'
_entity_poly.pdbx_seq_one_letter_code
;GMRNLKDRVLNSLKGNKKDIKISVVVPTYNTELEGLKNLMASIDKQTMNPDEYELVFVDDGSTTDTYERLQEFAETRPNM
TVKQIENSGWGSRPRNIATKMAKGEYILYLDHDDTVFPETFERVYNFGKENNLDVVSGKEVRTNGWSWGWKQFSENNPHA
EEMGIECLLPMTPHKFYKREFLLENDITFDDGARVLWEDVYFNSKAFIHGAKVGILADYPTYYWIATGANNSSSFGRDPH
EKWNQINKLFNFFKDNIKEQRDLDFMLTHWYRSRVLGILGQWLLKNNNERIDIEFNYAKKLAEELIPAYISENLDKNNQV
KDYLLRQGDLDSLKKLAQIDAGITALSYVEDAYFKEDKLFFKTSTKMTYEDKEDFFIEKTADRMERILPEEIKSKLPKEF
FDYSDDLAEFTYEPSIKGRNSRATWKIDGSTSNVEVVNKKANLYKIEGEMSFSVQINDYILDAADKKQPWDIATRFTGLG
YTSHRALTIGKILIKTALINNKTMIVYKNASGLISLDVGSSVRSIVEDSGVKREQILIDKTSGKVTIPLNEIHVFGESLI
EGNAELKPVGISDADPINVKAKLIGEANKARVEVLLGDEKLSGEYHLVTNIQGKKDKQQIKITL
;
_entity_poly.pdbx_strand_id   A,B,C,D,E,F
#
# COMPACT_ATOMS: atom_id res chain seq x y z
N ASP A 19 23.23 -39.33 -36.85
CA ASP A 19 22.11 -40.05 -36.27
C ASP A 19 21.76 -39.52 -34.88
N ILE A 20 20.70 -38.73 -34.81
CA ILE A 20 20.31 -38.04 -33.60
C ILE A 20 19.49 -38.97 -32.71
N LYS A 21 19.79 -38.95 -31.41
CA LYS A 21 19.08 -39.77 -30.43
C LYS A 21 17.76 -39.16 -29.97
N ILE A 22 17.72 -37.83 -29.83
CA ILE A 22 16.56 -37.16 -29.26
C ILE A 22 16.28 -35.90 -30.07
N SER A 23 15.00 -35.68 -30.40
CA SER A 23 14.53 -34.43 -31.00
C SER A 23 13.61 -33.72 -30.02
N VAL A 24 13.91 -32.44 -29.77
CA VAL A 24 13.13 -31.61 -28.85
C VAL A 24 12.18 -30.75 -29.66
N VAL A 25 10.89 -31.07 -29.61
CA VAL A 25 9.85 -30.32 -30.31
C VAL A 25 9.29 -29.27 -29.36
N VAL A 26 9.43 -28.00 -29.74
CA VAL A 26 9.00 -26.89 -28.90
C VAL A 26 8.10 -25.94 -29.67
N PRO A 27 6.78 -25.98 -29.43
CA PRO A 27 5.89 -24.98 -30.06
C PRO A 27 5.91 -23.69 -29.25
N THR A 28 6.11 -22.57 -29.94
CA THR A 28 6.18 -21.27 -29.31
C THR A 28 5.10 -20.35 -29.85
N TYR A 29 4.61 -19.47 -28.98
CA TYR A 29 3.60 -18.48 -29.36
C TYR A 29 3.61 -17.37 -28.31
N ASN A 30 4.06 -16.18 -28.70
CA ASN A 30 4.19 -15.04 -27.79
C ASN A 30 4.92 -15.45 -26.51
N THR A 31 6.02 -16.18 -26.68
CA THR A 31 6.70 -16.81 -25.56
C THR A 31 7.37 -15.76 -24.68
N GLU A 32 7.17 -15.87 -23.38
CA GLU A 32 7.83 -14.98 -22.43
C GLU A 32 9.34 -15.21 -22.46
N LEU A 33 10.09 -14.12 -22.59
CA LEU A 33 11.52 -14.21 -22.91
C LEU A 33 12.31 -14.92 -21.81
N GLU A 34 12.06 -14.56 -20.55
CA GLU A 34 12.81 -15.19 -19.46
C GLU A 34 12.60 -16.70 -19.44
N GLY A 35 11.35 -17.14 -19.61
CA GLY A 35 11.08 -18.58 -19.63
C GLY A 35 11.73 -19.26 -20.81
N LEU A 36 11.74 -18.60 -21.97
CA LEU A 36 12.41 -19.16 -23.14
C LEU A 36 13.92 -19.29 -22.90
N LYS A 37 14.50 -18.34 -22.16
CA LYS A 37 15.93 -18.45 -21.83
C LYS A 37 16.18 -19.59 -20.87
N ASN A 38 15.33 -19.74 -19.84
CA ASN A 38 15.46 -20.87 -18.93
C ASN A 38 15.30 -22.19 -19.64
N LEU A 39 14.40 -22.24 -20.63
CA LEU A 39 14.26 -23.43 -21.45
C LEU A 39 15.57 -23.76 -22.16
N MET A 40 16.21 -22.74 -22.74
CA MET A 40 17.44 -22.98 -23.50
C MET A 40 18.59 -23.37 -22.60
N ALA A 41 18.66 -22.80 -21.39
CA ALA A 41 19.72 -23.19 -20.47
C ALA A 41 19.55 -24.64 -20.00
N SER A 42 18.31 -25.08 -19.80
CA SER A 42 18.08 -26.44 -19.32
C SER A 42 18.45 -27.48 -20.39
N ILE A 43 18.34 -27.13 -21.67
CA ILE A 43 18.75 -28.05 -22.72
C ILE A 43 20.25 -28.00 -22.92
N ASP A 44 20.85 -26.81 -22.85
CA ASP A 44 22.29 -26.67 -22.98
C ASP A 44 23.04 -27.49 -21.94
N LYS A 45 22.46 -27.64 -20.74
CA LYS A 45 23.13 -28.33 -19.64
C LYS A 45 22.85 -29.83 -19.61
N GLN A 46 22.45 -30.42 -20.74
CA GLN A 46 22.24 -31.86 -20.79
C GLN A 46 23.59 -32.59 -20.72
N THR A 47 23.61 -33.72 -20.01
CA THR A 47 24.81 -34.54 -19.97
C THR A 47 25.05 -35.23 -21.31
N MET A 48 24.02 -35.40 -22.13
CA MET A 48 24.18 -35.98 -23.45
C MET A 48 24.98 -35.04 -24.34
N ASN A 49 25.86 -35.62 -25.15
CA ASN A 49 26.67 -34.82 -26.05
C ASN A 49 25.77 -34.04 -27.01
N PRO A 50 26.03 -32.74 -27.22
CA PRO A 50 25.14 -31.93 -28.05
C PRO A 50 24.99 -32.44 -29.48
N ASP A 51 25.99 -33.14 -30.00
CA ASP A 51 25.87 -33.69 -31.35
C ASP A 51 24.88 -34.83 -31.44
N GLU A 52 24.33 -35.28 -30.31
CA GLU A 52 23.44 -36.44 -30.28
C GLU A 52 21.99 -36.09 -30.02
N TYR A 53 21.63 -34.80 -29.95
CA TYR A 53 20.23 -34.43 -29.89
C TYR A 53 19.96 -33.28 -30.85
N GLU A 54 18.69 -32.94 -30.99
CA GLU A 54 18.21 -32.01 -32.01
C GLU A 54 17.12 -31.14 -31.40
N LEU A 55 17.12 -29.85 -31.76
CA LEU A 55 16.12 -28.90 -31.30
C LEU A 55 15.33 -28.39 -32.50
N VAL A 56 14.02 -28.58 -32.47
CA VAL A 56 13.12 -28.16 -33.53
C VAL A 56 12.09 -27.22 -32.91
N PHE A 57 12.16 -25.95 -33.27
CA PHE A 57 11.25 -24.93 -32.78
C PHE A 57 10.34 -24.48 -33.91
N VAL A 58 9.03 -24.51 -33.69
CA VAL A 58 8.06 -24.06 -34.68
C VAL A 58 7.24 -22.95 -34.05
N ASP A 59 7.48 -21.72 -34.48
CA ASP A 59 6.73 -20.57 -33.98
C ASP A 59 5.34 -20.55 -34.63
N ASP A 60 4.31 -20.41 -33.80
CA ASP A 60 2.93 -20.46 -34.25
C ASP A 60 2.37 -19.06 -34.47
N GLY A 61 3.05 -18.30 -35.34
CA GLY A 61 2.65 -16.94 -35.65
C GLY A 61 2.62 -16.02 -34.44
N SER A 62 3.79 -15.69 -33.91
CA SER A 62 3.89 -14.88 -32.70
C SER A 62 3.85 -13.40 -33.04
N THR A 63 3.16 -12.63 -32.19
CA THR A 63 3.16 -11.18 -32.33
C THR A 63 4.46 -10.59 -31.82
N THR A 64 5.01 -11.14 -30.75
CA THR A 64 6.26 -10.68 -30.15
C THR A 64 7.43 -10.88 -31.11
N ASP A 65 8.62 -10.44 -30.70
CA ASP A 65 9.86 -10.76 -31.40
C ASP A 65 10.32 -12.17 -31.08
N THR A 66 9.36 -13.07 -30.84
CA THR A 66 9.71 -14.44 -30.44
C THR A 66 10.47 -15.16 -31.55
N TYR A 67 9.95 -15.09 -32.78
CA TYR A 67 10.63 -15.74 -33.90
C TYR A 67 12.01 -15.14 -34.11
N GLU A 68 12.14 -13.82 -34.00
CA GLU A 68 13.45 -13.19 -34.09
C GLU A 68 14.39 -13.73 -33.02
N ARG A 69 13.88 -13.92 -31.80
CA ARG A 69 14.72 -14.41 -30.71
C ARG A 69 15.01 -15.89 -30.86
N LEU A 70 14.05 -16.67 -31.35
CA LEU A 70 14.32 -18.07 -31.63
C LEU A 70 15.45 -18.21 -32.63
N GLN A 71 15.46 -17.36 -33.67
CA GLN A 71 16.58 -17.36 -34.60
C GLN A 71 17.86 -16.84 -33.95
N GLU A 72 17.74 -15.88 -33.02
CA GLU A 72 18.91 -15.41 -32.30
C GLU A 72 19.50 -16.52 -31.42
N PHE A 73 18.64 -17.32 -30.80
CA PHE A 73 19.11 -18.49 -30.07
C PHE A 73 19.75 -19.50 -31.02
N ALA A 74 19.12 -19.74 -32.18
CA ALA A 74 19.62 -20.70 -33.15
C ALA A 74 20.91 -20.25 -33.82
N GLU A 75 21.39 -19.04 -33.52
CA GLU A 75 22.63 -18.56 -34.10
C GLU A 75 23.83 -19.36 -33.60
N THR A 76 23.84 -19.70 -32.31
CA THR A 76 24.98 -20.33 -31.66
C THR A 76 24.87 -21.86 -31.62
N ARG A 77 23.81 -22.43 -32.17
CA ARG A 77 23.53 -23.86 -32.03
C ARG A 77 23.33 -24.52 -33.39
N PRO A 78 24.29 -25.33 -33.86
CA PRO A 78 24.15 -25.97 -35.17
C PRO A 78 23.14 -27.12 -35.18
N ASN A 79 22.49 -27.40 -34.06
CA ASN A 79 21.49 -28.46 -33.98
C ASN A 79 20.09 -27.94 -33.67
N MET A 80 19.87 -26.63 -33.77
CA MET A 80 18.57 -26.04 -33.52
C MET A 80 17.97 -25.52 -34.81
N THR A 81 16.76 -25.95 -35.12
CA THR A 81 16.04 -25.53 -36.31
C THR A 81 14.82 -24.71 -35.89
N VAL A 82 14.57 -23.63 -36.63
CA VAL A 82 13.47 -22.71 -36.32
C VAL A 82 12.66 -22.50 -37.59
N LYS A 83 11.33 -22.57 -37.46
CA LYS A 83 10.40 -22.36 -38.56
C LYS A 83 9.18 -21.62 -38.05
N GLN A 84 8.67 -20.70 -38.85
CA GLN A 84 7.50 -19.91 -38.48
C GLN A 84 6.33 -20.23 -39.41
N ILE A 85 5.18 -20.52 -38.83
CA ILE A 85 3.93 -20.66 -39.56
C ILE A 85 2.93 -19.67 -38.95
N GLU A 86 1.79 -19.52 -39.63
CA GLU A 86 0.76 -18.65 -39.10
C GLU A 86 0.06 -19.32 -37.91
N ASN A 87 -0.65 -18.52 -37.13
CA ASN A 87 -1.21 -19.02 -35.88
C ASN A 87 -2.27 -20.07 -36.13
N SER A 88 -2.21 -21.16 -35.35
CA SER A 88 -3.19 -22.23 -35.39
C SER A 88 -4.12 -22.23 -34.19
N GLY A 89 -3.84 -21.41 -33.17
CA GLY A 89 -4.68 -21.32 -32.00
C GLY A 89 -4.38 -22.32 -30.90
N TRP A 90 -3.49 -23.28 -31.14
CA TRP A 90 -3.14 -24.30 -30.16
C TRP A 90 -1.74 -24.80 -30.48
N GLY A 91 -1.30 -25.79 -29.71
CA GLY A 91 0.01 -26.38 -29.91
C GLY A 91 0.03 -27.61 -30.79
N SER A 92 -1.13 -28.07 -31.24
CA SER A 92 -1.21 -29.33 -31.99
C SER A 92 -0.52 -29.22 -33.34
N ARG A 93 -0.83 -28.17 -34.11
CA ARG A 93 -0.25 -28.02 -35.43
C ARG A 93 1.28 -27.84 -35.41
N PRO A 94 1.86 -26.99 -34.56
CA PRO A 94 3.33 -26.87 -34.57
C PRO A 94 4.05 -28.15 -34.15
N ARG A 95 3.47 -28.92 -33.21
CA ARG A 95 4.11 -30.17 -32.81
C ARG A 95 4.11 -31.19 -33.94
N ASN A 96 3.02 -31.23 -34.71
CA ASN A 96 2.93 -32.19 -35.81
C ASN A 96 3.94 -31.85 -36.91
N ILE A 97 4.05 -30.56 -37.27
CA ILE A 97 5.02 -30.17 -38.29
C ILE A 97 6.43 -30.44 -37.82
N ALA A 98 6.74 -30.11 -36.56
CA ALA A 98 8.07 -30.37 -36.02
C ALA A 98 8.36 -31.86 -35.96
N THR A 99 7.33 -32.69 -35.74
CA THR A 99 7.51 -34.13 -35.77
C THR A 99 7.91 -34.61 -37.16
N LYS A 100 7.32 -34.02 -38.20
CA LYS A 100 7.71 -34.39 -39.56
C LYS A 100 9.08 -33.84 -39.94
N MET A 101 9.54 -32.79 -39.27
CA MET A 101 10.87 -32.24 -39.54
C MET A 101 11.97 -32.92 -38.74
N ALA A 102 11.63 -33.59 -37.64
CA ALA A 102 12.62 -34.19 -36.77
C ALA A 102 13.30 -35.38 -37.43
N LYS A 103 14.53 -35.66 -36.99
CA LYS A 103 15.30 -36.79 -37.50
C LYS A 103 15.90 -37.62 -36.36
N GLY A 104 15.40 -37.45 -35.14
CA GLY A 104 15.90 -38.20 -34.00
C GLY A 104 15.09 -39.46 -33.72
N GLU A 105 15.67 -40.31 -32.86
CA GLU A 105 15.02 -41.57 -32.51
C GLU A 105 13.83 -41.35 -31.58
N TYR A 106 13.97 -40.46 -30.60
CA TYR A 106 12.90 -40.14 -29.67
C TYR A 106 12.58 -38.66 -29.75
N ILE A 107 11.29 -38.34 -29.60
CA ILE A 107 10.79 -36.98 -29.61
C ILE A 107 10.30 -36.63 -28.21
N LEU A 108 10.74 -35.48 -27.71
CA LEU A 108 10.20 -34.88 -26.49
C LEU A 108 9.38 -33.66 -26.88
N TYR A 109 8.14 -33.61 -26.41
CA TYR A 109 7.30 -32.43 -26.63
C TYR A 109 7.48 -31.49 -25.44
N LEU A 110 8.33 -30.48 -25.61
CA LEU A 110 8.68 -29.54 -24.55
C LEU A 110 7.96 -28.22 -24.81
N ASP A 111 7.11 -27.81 -23.87
CA ASP A 111 6.41 -26.54 -24.02
C ASP A 111 7.34 -25.37 -23.73
N HIS A 112 6.94 -24.20 -24.22
CA HIS A 112 7.83 -23.03 -24.23
C HIS A 112 8.07 -22.43 -22.85
N ASP A 113 7.33 -22.84 -21.83
CA ASP A 113 7.45 -22.28 -20.50
C ASP A 113 7.96 -23.29 -19.48
N ASP A 114 8.44 -24.45 -19.93
CA ASP A 114 8.90 -25.51 -19.06
C ASP A 114 10.41 -25.67 -19.19
N THR A 115 10.97 -26.54 -18.35
CA THR A 115 12.39 -26.84 -18.35
C THR A 115 12.58 -28.34 -18.23
N VAL A 116 13.82 -28.77 -18.42
CA VAL A 116 14.19 -30.18 -18.39
C VAL A 116 15.38 -30.35 -17.45
N PHE A 117 15.40 -31.46 -16.71
CA PHE A 117 16.49 -31.71 -15.78
C PHE A 117 17.75 -32.16 -16.54
N PRO A 118 18.93 -31.92 -15.98
CA PRO A 118 20.15 -32.01 -16.81
C PRO A 118 20.50 -33.41 -17.26
N GLU A 119 20.13 -34.46 -16.53
CA GLU A 119 20.46 -35.81 -16.93
C GLU A 119 19.33 -36.51 -17.67
N THR A 120 18.27 -35.77 -18.03
CA THR A 120 17.08 -36.38 -18.62
C THR A 120 17.40 -37.09 -19.92
N PHE A 121 18.08 -36.42 -20.84
CA PHE A 121 18.29 -36.98 -22.18
C PHE A 121 19.05 -38.30 -22.10
N GLU A 122 20.16 -38.33 -21.36
CA GLU A 122 20.97 -39.54 -21.30
C GLU A 122 20.22 -40.68 -20.62
N ARG A 123 19.61 -40.41 -19.46
CA ARG A 123 18.94 -41.48 -18.72
C ARG A 123 17.77 -42.05 -19.51
N VAL A 124 16.95 -41.18 -20.10
CA VAL A 124 15.76 -41.63 -20.81
C VAL A 124 16.14 -42.47 -22.02
N TYR A 125 17.10 -41.97 -22.82
CA TYR A 125 17.45 -42.68 -24.05
C TYR A 125 18.00 -44.07 -23.75
N ASN A 126 18.95 -44.16 -22.79
CA ASN A 126 19.53 -45.46 -22.45
C ASN A 126 18.46 -46.41 -21.92
N PHE A 127 17.51 -45.89 -21.13
CA PHE A 127 16.38 -46.69 -20.68
C PHE A 127 15.51 -47.12 -21.86
N GLY A 128 15.25 -46.20 -22.79
CA GLY A 128 14.41 -46.54 -23.93
C GLY A 128 15.10 -47.48 -24.91
N LYS A 129 16.38 -47.23 -25.20
CA LYS A 129 17.09 -48.08 -26.16
C LYS A 129 17.30 -49.48 -25.61
N GLU A 130 17.65 -49.59 -24.33
CA GLU A 130 17.93 -50.91 -23.75
C GLU A 130 16.69 -51.78 -23.73
N ASN A 131 15.53 -51.20 -23.43
CA ASN A 131 14.29 -51.95 -23.35
C ASN A 131 13.43 -51.81 -24.60
N ASN A 132 13.96 -51.17 -25.64
CA ASN A 132 13.31 -51.09 -26.94
C ASN A 132 11.91 -50.47 -26.80
N LEU A 133 11.84 -49.38 -26.06
CA LEU A 133 10.57 -48.76 -25.71
C LEU A 133 10.09 -47.83 -26.81
N ASP A 134 8.77 -47.79 -27.00
CA ASP A 134 8.16 -46.85 -27.92
C ASP A 134 7.76 -45.55 -27.23
N VAL A 135 7.39 -45.64 -25.95
CA VAL A 135 7.13 -44.48 -25.12
C VAL A 135 7.90 -44.65 -23.82
N VAL A 136 8.62 -43.62 -23.41
CA VAL A 136 9.23 -43.54 -22.09
C VAL A 136 8.48 -42.45 -21.32
N SER A 137 7.78 -42.85 -20.27
CA SER A 137 7.06 -41.94 -19.39
C SER A 137 7.98 -41.64 -18.21
N GLY A 138 8.67 -40.49 -18.28
CA GLY A 138 9.57 -40.10 -17.22
C GLY A 138 8.86 -39.29 -16.15
N LYS A 139 9.42 -39.34 -14.94
CA LYS A 139 8.84 -38.65 -13.80
C LYS A 139 8.71 -37.17 -14.10
N GLU A 140 7.50 -36.66 -13.94
CA GLU A 140 7.20 -35.25 -14.19
C GLU A 140 6.99 -34.54 -12.86
N VAL A 141 7.55 -33.34 -12.78
CA VAL A 141 7.47 -32.50 -11.59
C VAL A 141 6.58 -31.31 -11.92
N ARG A 142 5.76 -30.89 -10.95
CA ARG A 142 4.94 -29.70 -11.08
C ARG A 142 5.22 -28.75 -9.91
N THR A 143 5.04 -27.45 -10.19
CA THR A 143 5.41 -26.43 -9.20
C THR A 143 4.67 -26.64 -7.89
N ASN A 144 3.35 -26.70 -7.95
CA ASN A 144 2.53 -26.86 -6.75
C ASN A 144 2.26 -28.34 -6.48
N GLY A 145 1.79 -28.62 -5.28
CA GLY A 145 1.34 -29.95 -4.92
C GLY A 145 2.41 -30.79 -4.25
N TRP A 146 1.95 -31.79 -3.51
CA TRP A 146 2.84 -32.72 -2.82
C TRP A 146 3.08 -34.00 -3.61
N SER A 147 2.44 -34.16 -4.76
CA SER A 147 2.70 -35.32 -5.60
C SER A 147 2.30 -35.02 -7.03
N TRP A 148 2.77 -35.86 -7.94
CA TRP A 148 2.27 -35.89 -9.31
C TRP A 148 2.56 -37.27 -9.88
N GLY A 149 1.53 -38.00 -10.24
CA GLY A 149 1.69 -39.40 -10.60
C GLY A 149 2.15 -40.23 -9.43
N TRP A 150 1.51 -40.04 -8.27
CA TRP A 150 1.90 -40.75 -7.07
C TRP A 150 1.84 -42.26 -7.27
N LYS A 151 0.88 -42.73 -8.08
CA LYS A 151 0.76 -44.16 -8.35
C LYS A 151 1.76 -44.61 -9.42
N GLN A 152 1.77 -43.91 -10.56
CA GLN A 152 2.51 -44.40 -11.73
C GLN A 152 4.01 -44.15 -11.66
N PHE A 153 4.46 -43.13 -10.90
CA PHE A 153 5.88 -42.83 -10.78
C PHE A 153 6.48 -43.36 -9.48
N SER A 154 6.01 -44.52 -9.01
CA SER A 154 6.48 -45.09 -7.75
C SER A 154 7.64 -46.07 -7.94
N GLU A 155 7.85 -46.59 -9.13
CA GLU A 155 8.96 -47.51 -9.39
C GLU A 155 9.25 -47.53 -10.88
N ASN A 156 10.53 -47.75 -11.21
CA ASN A 156 10.87 -48.00 -12.61
C ASN A 156 10.15 -49.24 -13.08
N ASN A 157 9.66 -49.20 -14.32
CA ASN A 157 8.98 -50.34 -14.93
C ASN A 157 9.28 -50.30 -16.42
N PRO A 158 10.20 -51.17 -16.89
CA PRO A 158 10.50 -51.21 -18.32
C PRO A 158 9.45 -51.94 -19.14
N HIS A 159 8.55 -52.69 -18.51
CA HIS A 159 7.49 -53.40 -19.22
C HIS A 159 6.14 -52.87 -18.77
N ALA A 160 5.99 -51.55 -18.73
CA ALA A 160 4.83 -50.94 -18.10
C ALA A 160 3.54 -51.18 -18.89
N GLU A 161 3.62 -51.32 -20.21
CA GLU A 161 2.42 -51.50 -21.02
C GLU A 161 1.68 -52.79 -20.70
N GLU A 162 2.31 -53.72 -19.97
CA GLU A 162 1.60 -54.91 -19.54
C GLU A 162 0.58 -54.64 -18.43
N MET A 163 0.68 -53.48 -17.78
CA MET A 163 -0.28 -53.07 -16.76
C MET A 163 -1.56 -52.49 -17.35
N GLY A 164 -1.58 -52.21 -18.65
CA GLY A 164 -2.72 -51.55 -19.26
C GLY A 164 -2.43 -50.10 -19.56
N ILE A 165 -3.46 -49.41 -20.03
CA ILE A 165 -3.30 -48.03 -20.44
C ILE A 165 -2.95 -47.11 -19.27
N GLU A 166 -3.18 -47.56 -18.03
CA GLU A 166 -2.84 -46.75 -16.87
C GLU A 166 -1.36 -46.37 -16.85
N CYS A 167 -0.51 -47.17 -17.50
CA CYS A 167 0.93 -46.94 -17.48
C CYS A 167 1.34 -45.61 -18.08
N LEU A 168 0.47 -44.94 -18.81
CA LEU A 168 0.76 -43.63 -19.40
C LEU A 168 0.21 -42.48 -18.57
N LEU A 169 -0.40 -42.76 -17.41
CA LEU A 169 -0.83 -41.59 -16.68
C LEU A 169 0.30 -41.06 -15.79
N PRO A 170 0.34 -39.74 -15.52
CA PRO A 170 -0.57 -38.72 -16.06
C PRO A 170 -0.31 -38.46 -17.54
N MET A 171 -1.36 -38.27 -18.32
CA MET A 171 -1.24 -38.27 -19.77
C MET A 171 -0.88 -36.89 -20.32
N THR A 172 0.12 -36.23 -19.71
CA THR A 172 0.70 -35.05 -20.33
C THR A 172 1.47 -35.47 -21.57
N PRO A 173 1.75 -34.53 -22.49
CA PRO A 173 2.56 -34.87 -23.67
C PRO A 173 4.06 -34.81 -23.43
N HIS A 174 4.49 -34.65 -22.17
CA HIS A 174 5.90 -34.43 -21.86
C HIS A 174 6.62 -35.74 -21.61
N LYS A 175 6.47 -36.67 -22.53
CA LYS A 175 7.16 -37.95 -22.50
C LYS A 175 8.08 -38.03 -23.71
N PHE A 176 8.78 -39.16 -23.84
CA PHE A 176 9.68 -39.39 -24.97
C PHE A 176 9.06 -40.47 -25.85
N TYR A 177 8.79 -40.12 -27.10
CA TYR A 177 8.11 -40.99 -28.05
C TYR A 177 9.06 -41.40 -29.17
N LYS A 178 9.08 -42.70 -29.48
CA LYS A 178 9.77 -43.22 -30.65
C LYS A 178 9.22 -42.59 -31.93
N ARG A 179 10.04 -41.77 -32.60
CA ARG A 179 9.55 -41.01 -33.75
C ARG A 179 8.99 -41.92 -34.82
N GLU A 180 9.71 -42.98 -35.18
CA GLU A 180 9.22 -43.88 -36.22
C GLU A 180 7.97 -44.62 -35.78
N PHE A 181 7.75 -44.78 -34.48
CA PHE A 181 6.49 -45.36 -34.02
C PHE A 181 5.32 -44.41 -34.28
N LEU A 182 5.51 -43.11 -33.96
CA LEU A 182 4.48 -42.12 -34.26
C LEU A 182 4.19 -42.06 -35.77
N LEU A 183 5.24 -42.10 -36.60
CA LEU A 183 5.04 -41.93 -38.03
C LEU A 183 4.46 -43.17 -38.68
N GLU A 184 4.88 -44.36 -38.24
CA GLU A 184 4.35 -45.59 -38.82
C GLU A 184 2.89 -45.82 -38.44
N ASN A 185 2.40 -45.23 -37.36
CA ASN A 185 1.01 -45.40 -36.94
C ASN A 185 0.18 -44.15 -37.13
N ASP A 186 0.74 -43.10 -37.76
CA ASP A 186 0.02 -41.85 -38.02
C ASP A 186 -0.54 -41.25 -36.73
N ILE A 187 0.29 -41.22 -35.69
CA ILE A 187 -0.09 -40.64 -34.41
C ILE A 187 0.25 -39.15 -34.46
N THR A 188 -0.78 -38.31 -34.53
CA THR A 188 -0.60 -36.86 -34.53
C THR A 188 -1.54 -36.24 -33.51
N PHE A 189 -1.24 -34.99 -33.14
CA PHE A 189 -2.15 -34.24 -32.28
C PHE A 189 -3.37 -33.79 -33.08
N ASP A 190 -4.55 -33.88 -32.47
CA ASP A 190 -5.79 -33.49 -33.12
C ASP A 190 -5.81 -31.99 -33.35
N ASP A 191 -5.51 -31.56 -34.58
CA ASP A 191 -5.55 -30.15 -34.95
C ASP A 191 -6.59 -29.81 -36.00
N GLY A 192 -7.13 -30.80 -36.73
CA GLY A 192 -8.22 -30.52 -37.65
C GLY A 192 -9.47 -30.02 -36.95
N ALA A 193 -9.63 -30.38 -35.68
CA ALA A 193 -10.69 -29.87 -34.82
C ALA A 193 -10.06 -29.21 -33.61
N ARG A 194 -10.82 -28.34 -32.96
CA ARG A 194 -10.40 -27.70 -31.72
C ARG A 194 -10.82 -28.56 -30.54
N VAL A 195 -9.86 -28.91 -29.69
CA VAL A 195 -10.09 -29.91 -28.67
C VAL A 195 -9.27 -29.59 -27.42
N LEU A 196 -9.84 -29.89 -26.27
CA LEU A 196 -9.12 -29.93 -25.00
C LEU A 196 -8.51 -31.32 -24.81
N TRP A 197 -7.59 -31.41 -23.85
CA TRP A 197 -6.96 -32.68 -23.49
C TRP A 197 -6.36 -33.38 -24.70
N GLU A 198 -5.77 -32.59 -25.62
CA GLU A 198 -5.16 -33.19 -26.80
C GLU A 198 -4.05 -34.16 -26.42
N ASP A 199 -3.42 -33.95 -25.27
CA ASP A 199 -2.40 -34.88 -24.79
C ASP A 199 -3.01 -36.19 -24.34
N VAL A 200 -4.29 -36.17 -23.93
CA VAL A 200 -4.97 -37.41 -23.56
C VAL A 200 -5.29 -38.23 -24.80
N TYR A 201 -5.79 -37.57 -25.86
CA TYR A 201 -5.98 -38.26 -27.13
C TYR A 201 -4.66 -38.83 -27.63
N PHE A 202 -3.61 -38.01 -27.60
CA PHE A 202 -2.31 -38.42 -28.14
C PHE A 202 -1.77 -39.66 -27.43
N ASN A 203 -1.82 -39.67 -26.09
CA ASN A 203 -1.28 -40.80 -25.35
C ASN A 203 -2.15 -42.04 -25.51
N SER A 204 -3.46 -41.87 -25.59
CA SER A 204 -4.34 -43.03 -25.78
C SER A 204 -4.13 -43.67 -27.15
N LYS A 205 -4.00 -42.85 -28.20
CA LYS A 205 -3.70 -43.39 -29.52
C LYS A 205 -2.38 -44.16 -29.51
N ALA A 206 -1.38 -43.62 -28.81
CA ALA A 206 -0.10 -44.31 -28.69
C ALA A 206 -0.26 -45.70 -28.10
N PHE A 207 -1.09 -45.83 -27.05
CA PHE A 207 -1.26 -47.13 -26.41
C PHE A 207 -2.14 -48.06 -27.24
N ILE A 208 -3.14 -47.52 -27.93
CA ILE A 208 -4.03 -48.36 -28.73
C ILE A 208 -3.26 -49.06 -29.84
N HIS A 209 -2.27 -48.38 -30.42
CA HIS A 209 -1.48 -48.99 -31.47
C HIS A 209 -0.37 -49.90 -30.92
N GLY A 210 -0.38 -50.17 -29.62
CA GLY A 210 0.50 -51.19 -29.05
C GLY A 210 1.89 -50.73 -28.70
N ALA A 211 2.03 -49.51 -28.18
CA ALA A 211 3.34 -49.02 -27.78
C ALA A 211 3.90 -49.84 -26.62
N LYS A 212 5.18 -50.21 -26.73
CA LYS A 212 5.93 -50.71 -25.59
C LYS A 212 6.27 -49.52 -24.70
N VAL A 213 5.69 -49.47 -23.51
CA VAL A 213 5.83 -48.34 -22.61
C VAL A 213 6.75 -48.72 -21.46
N GLY A 214 7.64 -47.81 -21.09
CA GLY A 214 8.41 -47.94 -19.88
C GLY A 214 8.26 -46.68 -19.04
N ILE A 215 8.32 -46.86 -17.72
CA ILE A 215 8.21 -45.76 -16.77
C ILE A 215 9.57 -45.58 -16.10
N LEU A 216 10.13 -44.39 -16.25
CA LEU A 216 11.37 -44.01 -15.59
C LEU A 216 11.00 -43.11 -14.41
N ALA A 217 11.06 -43.64 -13.20
CA ALA A 217 10.57 -42.94 -12.02
C ALA A 217 11.65 -42.57 -11.01
N ASP A 218 12.90 -42.96 -11.22
CA ASP A 218 13.94 -42.73 -10.22
C ASP A 218 14.71 -41.43 -10.43
N TYR A 219 14.31 -40.62 -11.42
CA TYR A 219 14.96 -39.38 -11.76
C TYR A 219 13.90 -38.44 -12.30
N PRO A 220 13.84 -37.19 -11.83
CA PRO A 220 12.90 -36.22 -12.40
C PRO A 220 13.35 -35.82 -13.79
N THR A 221 12.49 -36.05 -14.79
CA THR A 221 12.88 -35.80 -16.17
C THR A 221 12.37 -34.47 -16.72
N TYR A 222 11.25 -33.96 -16.19
CA TYR A 222 10.55 -32.84 -16.82
C TYR A 222 9.91 -31.99 -15.73
N TYR A 223 10.04 -30.68 -15.86
CA TYR A 223 9.47 -29.73 -14.92
C TYR A 223 8.37 -28.95 -15.64
N TRP A 224 7.12 -29.23 -15.29
CA TRP A 224 5.95 -28.53 -15.84
C TRP A 224 5.63 -27.35 -14.91
N ILE A 225 5.91 -26.13 -15.38
CA ILE A 225 6.02 -24.96 -14.52
C ILE A 225 4.69 -24.21 -14.47
N ALA A 226 4.20 -23.95 -13.26
CA ALA A 226 2.98 -23.17 -13.06
C ALA A 226 3.33 -21.70 -13.13
N THR A 227 2.86 -21.01 -14.17
CA THR A 227 3.06 -19.58 -14.32
C THR A 227 1.78 -18.85 -13.88
N GLY A 228 1.66 -17.59 -14.28
CA GLY A 228 0.45 -16.82 -14.03
C GLY A 228 -0.40 -16.56 -15.25
N ALA A 229 -0.05 -17.12 -16.41
CA ALA A 229 -0.76 -16.85 -17.66
C ALA A 229 -0.91 -18.14 -18.45
N ASN A 230 -1.35 -19.21 -17.77
CA ASN A 230 -1.46 -20.52 -18.40
C ASN A 230 -2.55 -20.56 -19.47
N ASN A 231 -3.53 -19.66 -19.40
CA ASN A 231 -4.60 -19.60 -20.40
C ASN A 231 -5.21 -18.20 -20.40
N SER A 232 -5.64 -17.76 -21.60
CA SER A 232 -6.32 -16.48 -21.75
C SER A 232 -7.36 -16.51 -22.87
N SER A 233 -7.86 -17.69 -23.23
CA SER A 233 -8.77 -17.87 -24.35
C SER A 233 -10.17 -18.21 -23.87
N SER A 234 -11.14 -18.01 -24.77
CA SER A 234 -12.54 -18.30 -24.49
C SER A 234 -12.89 -19.78 -24.63
N PHE A 235 -11.91 -20.64 -24.94
CA PHE A 235 -12.17 -22.04 -25.21
C PHE A 235 -12.11 -22.84 -23.91
N GLY A 236 -13.25 -23.41 -23.51
CA GLY A 236 -13.34 -24.23 -22.32
C GLY A 236 -13.82 -23.50 -21.08
N ARG A 237 -13.90 -22.17 -21.10
CA ARG A 237 -14.30 -21.43 -19.92
C ARG A 237 -15.80 -21.49 -19.68
N ASP A 238 -16.61 -21.65 -20.76
CA ASP A 238 -18.04 -21.74 -20.51
C ASP A 238 -18.45 -23.18 -20.28
N PRO A 239 -19.54 -23.41 -19.54
CA PRO A 239 -19.94 -24.80 -19.23
C PRO A 239 -20.36 -25.59 -20.45
N HIS A 240 -20.84 -24.92 -21.50
CA HIS A 240 -21.32 -25.62 -22.67
C HIS A 240 -20.17 -26.19 -23.49
N GLU A 241 -19.09 -25.41 -23.65
CA GLU A 241 -17.91 -25.93 -24.35
C GLU A 241 -17.21 -27.01 -23.52
N LYS A 242 -17.19 -26.85 -22.20
CA LYS A 242 -16.57 -27.85 -21.34
C LYS A 242 -17.17 -29.23 -21.57
N TRP A 243 -18.49 -29.35 -21.44
CA TRP A 243 -19.14 -30.64 -21.56
C TRP A 243 -19.25 -31.12 -23.00
N ASN A 244 -19.13 -30.22 -23.98
CA ASN A 244 -18.94 -30.66 -25.36
C ASN A 244 -17.61 -31.39 -25.51
N GLN A 245 -16.56 -30.88 -24.86
CA GLN A 245 -15.27 -31.56 -24.88
C GLN A 245 -15.32 -32.87 -24.10
N ILE A 246 -15.99 -32.87 -22.96
CA ILE A 246 -16.09 -34.08 -22.16
C ILE A 246 -16.84 -35.17 -22.92
N ASN A 247 -17.91 -34.80 -23.62
CA ASN A 247 -18.62 -35.78 -24.44
C ASN A 247 -17.72 -36.32 -25.54
N LYS A 248 -16.90 -35.46 -26.15
CA LYS A 248 -16.02 -35.92 -27.22
C LYS A 248 -14.94 -36.87 -26.71
N LEU A 249 -14.46 -36.64 -25.48
CA LEU A 249 -13.42 -37.51 -24.93
C LEU A 249 -13.98 -38.88 -24.59
N PHE A 250 -15.13 -38.93 -23.91
CA PHE A 250 -15.73 -40.20 -23.57
C PHE A 250 -16.13 -40.98 -24.82
N ASN A 251 -16.63 -40.29 -25.84
CA ASN A 251 -16.95 -40.97 -27.09
C ASN A 251 -15.70 -41.50 -27.78
N PHE A 252 -14.57 -40.80 -27.63
CA PHE A 252 -13.32 -41.28 -28.19
C PHE A 252 -12.89 -42.59 -27.53
N PHE A 253 -13.02 -42.68 -26.20
CA PHE A 253 -12.69 -43.92 -25.50
C PHE A 253 -13.57 -45.08 -25.98
N LYS A 254 -14.89 -44.88 -25.93
CA LYS A 254 -15.81 -45.96 -26.24
C LYS A 254 -15.69 -46.46 -27.67
N ASP A 255 -15.18 -45.62 -28.58
CA ASP A 255 -15.08 -45.99 -29.98
C ASP A 255 -13.69 -46.47 -30.41
N ASN A 256 -12.64 -46.18 -29.63
CA ASN A 256 -11.30 -46.50 -30.08
C ASN A 256 -10.55 -47.47 -29.20
N ILE A 257 -10.87 -47.57 -27.91
CA ILE A 257 -10.17 -48.49 -27.02
C ILE A 257 -10.84 -49.85 -27.15
N LYS A 258 -10.10 -50.83 -27.70
CA LYS A 258 -10.66 -52.15 -27.96
C LYS A 258 -10.52 -53.10 -26.77
N GLU A 259 -9.44 -52.98 -26.01
CA GLU A 259 -9.26 -53.83 -24.84
C GLU A 259 -10.25 -53.43 -23.75
N GLN A 260 -11.08 -54.38 -23.32
CA GLN A 260 -12.13 -54.09 -22.34
C GLN A 260 -11.55 -53.54 -21.04
N ARG A 261 -10.41 -54.09 -20.59
CA ARG A 261 -9.80 -53.62 -19.35
C ARG A 261 -9.36 -52.16 -19.47
N ASP A 262 -8.73 -51.80 -20.60
CA ASP A 262 -8.25 -50.43 -20.79
C ASP A 262 -9.42 -49.46 -20.92
N LEU A 263 -10.45 -49.84 -21.68
CA LEU A 263 -11.62 -48.98 -21.82
C LEU A 263 -12.29 -48.76 -20.46
N ASP A 264 -12.35 -49.81 -19.63
CA ASP A 264 -12.95 -49.64 -18.32
C ASP A 264 -12.12 -48.73 -17.42
N PHE A 265 -10.79 -48.78 -17.55
CA PHE A 265 -9.97 -47.90 -16.74
C PHE A 265 -10.20 -46.44 -17.12
N MET A 266 -10.19 -46.14 -18.42
CA MET A 266 -10.36 -44.75 -18.83
C MET A 266 -11.76 -44.25 -18.52
N LEU A 267 -12.77 -45.11 -18.68
CA LEU A 267 -14.13 -44.72 -18.30
C LEU A 267 -14.22 -44.45 -16.81
N THR A 268 -13.62 -45.31 -15.99
CA THR A 268 -13.71 -45.14 -14.55
C THR A 268 -12.91 -43.92 -14.09
N HIS A 269 -11.69 -43.76 -14.60
CA HIS A 269 -10.83 -42.67 -14.15
C HIS A 269 -11.41 -41.31 -14.50
N TRP A 270 -11.95 -41.17 -15.71
CA TRP A 270 -12.46 -39.88 -16.15
C TRP A 270 -13.87 -39.60 -15.63
N TYR A 271 -14.69 -40.64 -15.47
CA TYR A 271 -16.00 -40.45 -14.86
C TYR A 271 -15.85 -40.01 -13.40
N ARG A 272 -14.93 -40.63 -12.65
CA ARG A 272 -14.77 -40.28 -11.25
C ARG A 272 -14.22 -38.86 -11.08
N SER A 273 -13.25 -38.48 -11.89
CA SER A 273 -12.55 -37.22 -11.65
C SER A 273 -13.30 -36.02 -12.24
N ARG A 274 -13.78 -36.13 -13.48
CA ARG A 274 -14.36 -34.97 -14.16
C ARG A 274 -15.88 -34.93 -14.15
N VAL A 275 -16.56 -36.04 -13.89
CA VAL A 275 -18.02 -36.04 -13.91
C VAL A 275 -18.53 -36.07 -12.47
N LEU A 276 -18.20 -37.13 -11.73
CA LEU A 276 -18.55 -37.14 -10.31
C LEU A 276 -17.78 -36.09 -9.53
N GLY A 277 -16.67 -35.58 -10.08
CA GLY A 277 -15.84 -34.61 -9.39
C GLY A 277 -16.50 -33.26 -9.19
N ILE A 278 -17.54 -32.94 -9.96
CA ILE A 278 -18.28 -31.70 -9.72
C ILE A 278 -19.38 -31.87 -8.70
N LEU A 279 -19.60 -33.08 -8.19
CA LEU A 279 -20.72 -33.35 -7.30
C LEU A 279 -20.33 -33.35 -5.83
N GLY A 280 -19.14 -32.84 -5.50
CA GLY A 280 -18.75 -32.69 -4.12
C GLY A 280 -18.63 -31.24 -3.71
N GLN A 281 -17.45 -30.85 -3.23
CA GLN A 281 -17.20 -29.48 -2.79
C GLN A 281 -17.36 -28.47 -3.92
N TRP A 282 -17.22 -28.90 -5.17
CA TRP A 282 -17.44 -28.01 -6.31
C TRP A 282 -18.81 -27.32 -6.22
N LEU A 283 -19.81 -28.01 -5.71
CA LEU A 283 -21.15 -27.43 -5.58
C LEU A 283 -21.17 -26.24 -4.62
N LEU A 284 -20.19 -26.14 -3.72
CA LEU A 284 -20.12 -25.04 -2.77
C LEU A 284 -19.30 -23.87 -3.27
N LYS A 285 -18.75 -23.95 -4.49
CA LYS A 285 -17.89 -22.90 -5.02
C LYS A 285 -18.43 -22.28 -6.30
N ASN A 286 -19.71 -22.48 -6.62
CA ASN A 286 -20.26 -22.04 -7.90
C ASN A 286 -21.68 -21.53 -7.71
N ASN A 287 -22.09 -20.66 -8.62
CA ASN A 287 -23.43 -20.11 -8.60
C ASN A 287 -24.43 -21.12 -9.14
N ASN A 288 -25.71 -20.93 -8.75
CA ASN A 288 -26.75 -21.89 -9.12
C ASN A 288 -26.92 -21.98 -10.63
N GLU A 289 -26.74 -20.86 -11.34
CA GLU A 289 -26.86 -20.88 -12.79
C GLU A 289 -25.85 -21.84 -13.41
N ARG A 290 -24.60 -21.81 -12.93
CA ARG A 290 -23.57 -22.70 -13.46
C ARG A 290 -23.81 -24.15 -13.02
N ILE A 291 -24.20 -24.34 -11.76
CA ILE A 291 -24.43 -25.69 -11.24
C ILE A 291 -25.53 -26.38 -12.03
N ASP A 292 -26.63 -25.67 -12.29
CA ASP A 292 -27.75 -26.25 -13.01
C ASP A 292 -27.33 -26.71 -14.40
N ILE A 293 -26.49 -25.92 -15.08
CA ILE A 293 -26.06 -26.27 -16.42
C ILE A 293 -25.16 -27.50 -16.40
N GLU A 294 -24.17 -27.51 -15.49
CA GLU A 294 -23.22 -28.61 -15.48
C GLU A 294 -23.84 -29.88 -14.92
N PHE A 295 -24.77 -29.76 -13.98
CA PHE A 295 -25.41 -30.96 -13.43
C PHE A 295 -26.24 -31.67 -14.50
N ASN A 296 -26.98 -30.92 -15.32
CA ASN A 296 -27.77 -31.55 -16.37
C ASN A 296 -26.88 -32.23 -17.41
N TYR A 297 -25.78 -31.58 -17.80
CA TYR A 297 -24.83 -32.20 -18.72
C TYR A 297 -24.25 -33.49 -18.13
N ALA A 298 -23.83 -33.44 -16.87
CA ALA A 298 -23.26 -34.62 -16.21
C ALA A 298 -24.29 -35.74 -16.13
N LYS A 299 -25.51 -35.42 -15.71
CA LYS A 299 -26.55 -36.44 -15.64
C LYS A 299 -26.79 -37.08 -17.00
N LYS A 300 -26.84 -36.27 -18.05
CA LYS A 300 -27.09 -36.78 -19.39
C LYS A 300 -25.95 -37.68 -19.86
N LEU A 301 -24.71 -37.32 -19.53
CA LEU A 301 -23.58 -38.15 -19.94
C LEU A 301 -23.58 -39.49 -19.24
N ALA A 302 -23.86 -39.49 -17.93
CA ALA A 302 -23.94 -40.73 -17.17
C ALA A 302 -24.96 -41.69 -17.79
N GLU A 303 -26.14 -41.18 -18.15
CA GLU A 303 -27.16 -42.04 -18.73
C GLU A 303 -26.76 -42.51 -20.13
N GLU A 304 -26.13 -41.64 -20.90
CA GLU A 304 -25.86 -41.89 -22.31
C GLU A 304 -24.60 -42.69 -22.54
N LEU A 305 -23.53 -42.47 -21.76
CA LEU A 305 -22.22 -43.02 -22.07
C LEU A 305 -21.64 -43.94 -21.01
N ILE A 306 -22.09 -43.86 -19.76
CA ILE A 306 -21.41 -44.53 -18.66
C ILE A 306 -22.26 -45.75 -18.25
N PRO A 307 -21.75 -46.96 -18.42
CA PRO A 307 -22.48 -48.14 -17.95
C PRO A 307 -22.54 -48.20 -16.44
N ALA A 308 -23.57 -48.90 -15.93
CA ALA A 308 -23.78 -49.01 -14.50
C ALA A 308 -22.65 -49.74 -13.80
N TYR A 309 -22.00 -50.70 -14.48
CA TYR A 309 -20.97 -51.48 -13.80
C TYR A 309 -19.75 -50.65 -13.44
N ILE A 310 -19.52 -49.52 -14.12
CA ILE A 310 -18.36 -48.69 -13.82
C ILE A 310 -18.40 -48.24 -12.36
N SER A 311 -19.59 -47.95 -11.84
CA SER A 311 -19.77 -47.47 -10.48
C SER A 311 -19.70 -48.57 -9.44
N GLU A 312 -19.77 -49.85 -9.84
CA GLU A 312 -19.65 -50.93 -8.87
C GLU A 312 -18.24 -51.04 -8.32
N ASN A 313 -17.23 -50.67 -9.12
CA ASN A 313 -15.84 -50.69 -8.67
C ASN A 313 -15.37 -49.31 -8.20
N LEU A 314 -16.30 -48.49 -7.71
CA LEU A 314 -15.97 -47.22 -7.06
C LEU A 314 -16.23 -47.32 -5.56
N ASP A 315 -15.61 -46.42 -4.82
CA ASP A 315 -15.81 -46.36 -3.38
C ASP A 315 -17.23 -45.94 -3.04
N LYS A 316 -17.61 -46.17 -1.78
CA LYS A 316 -18.99 -45.95 -1.35
C LYS A 316 -19.46 -44.54 -1.65
N ASN A 317 -18.62 -43.54 -1.36
CA ASN A 317 -19.01 -42.14 -1.54
C ASN A 317 -19.25 -41.82 -3.01
N ASN A 318 -18.38 -42.32 -3.89
CA ASN A 318 -18.61 -42.08 -5.31
C ASN A 318 -19.81 -42.85 -5.84
N GLN A 319 -20.13 -43.99 -5.22
CA GLN A 319 -21.36 -44.68 -5.58
C GLN A 319 -22.59 -43.90 -5.15
N VAL A 320 -22.48 -43.13 -4.08
CA VAL A 320 -23.59 -42.30 -3.63
C VAL A 320 -23.81 -41.14 -4.59
N LYS A 321 -22.72 -40.48 -5.00
CA LYS A 321 -22.84 -39.39 -5.97
C LYS A 321 -23.40 -39.88 -7.30
N ASP A 322 -22.93 -41.04 -7.77
CA ASP A 322 -23.41 -41.58 -9.03
C ASP A 322 -24.91 -41.87 -8.95
N TYR A 323 -25.36 -42.44 -7.83
CA TYR A 323 -26.77 -42.77 -7.67
C TYR A 323 -27.64 -41.51 -7.70
N LEU A 324 -27.31 -40.52 -6.87
CA LEU A 324 -28.11 -39.31 -6.81
C LEU A 324 -28.05 -38.50 -8.11
N LEU A 325 -26.94 -38.58 -8.85
CA LEU A 325 -26.85 -37.94 -10.16
C LEU A 325 -27.89 -38.53 -11.10
N ARG A 326 -27.92 -39.86 -11.25
CA ARG A 326 -28.84 -40.49 -12.18
C ARG A 326 -30.30 -40.29 -11.77
N GLN A 327 -30.54 -39.92 -10.52
CA GLN A 327 -31.89 -39.61 -10.04
C GLN A 327 -32.22 -38.12 -10.16
N GLY A 328 -31.26 -37.28 -10.52
CA GLY A 328 -31.51 -35.86 -10.60
C GLY A 328 -31.68 -35.19 -9.26
N ASP A 329 -31.22 -35.82 -8.18
CA ASP A 329 -31.40 -35.29 -6.83
C ASP A 329 -30.22 -34.40 -6.46
N LEU A 330 -30.12 -33.28 -7.18
CA LEU A 330 -29.05 -32.32 -6.91
C LEU A 330 -29.16 -31.73 -5.50
N ASP A 331 -30.38 -31.59 -5.00
CA ASP A 331 -30.56 -31.01 -3.67
C ASP A 331 -29.92 -31.87 -2.59
N SER A 332 -30.08 -33.20 -2.69
CA SER A 332 -29.40 -34.08 -1.74
C SER A 332 -27.89 -34.02 -1.91
N LEU A 333 -27.40 -33.86 -3.15
CA LEU A 333 -25.96 -33.72 -3.34
C LEU A 333 -25.44 -32.44 -2.70
N LYS A 334 -26.19 -31.33 -2.85
CA LYS A 334 -25.83 -30.11 -2.15
C LYS A 334 -25.82 -30.33 -0.64
N LYS A 335 -26.83 -31.03 -0.12
CA LYS A 335 -26.86 -31.35 1.30
C LYS A 335 -25.67 -32.21 1.71
N LEU A 336 -25.26 -33.14 0.83
CA LEU A 336 -24.10 -33.96 1.14
C LEU A 336 -22.80 -33.16 1.07
N ALA A 337 -22.73 -32.19 0.16
CA ALA A 337 -21.54 -31.36 0.08
C ALA A 337 -21.29 -30.61 1.39
N GLN A 338 -22.35 -30.17 2.06
CA GLN A 338 -22.20 -29.45 3.32
C GLN A 338 -21.86 -30.38 4.48
N ILE A 339 -22.44 -31.59 4.48
CA ILE A 339 -22.10 -32.57 5.51
C ILE A 339 -20.63 -32.95 5.42
N ASP A 340 -20.11 -33.05 4.20
CA ASP A 340 -18.74 -33.46 3.93
C ASP A 340 -17.74 -32.32 3.99
N ALA A 341 -18.19 -31.08 4.08
CA ALA A 341 -17.30 -29.94 3.98
C ALA A 341 -16.29 -29.97 5.13
N GLY A 342 -15.00 -30.06 4.78
CA GLY A 342 -13.94 -29.92 5.75
C GLY A 342 -13.31 -31.21 6.22
N ILE A 343 -13.82 -32.36 5.81
CA ILE A 343 -13.21 -33.64 6.18
C ILE A 343 -11.77 -33.65 5.70
N THR A 344 -10.85 -33.96 6.61
CA THR A 344 -9.41 -33.90 6.33
C THR A 344 -8.68 -34.72 7.38
N ALA A 345 -7.36 -34.80 7.22
CA ALA A 345 -6.52 -35.54 8.17
C ALA A 345 -5.15 -34.85 8.19
N LEU A 346 -4.89 -34.09 9.24
CA LEU A 346 -3.62 -33.40 9.42
C LEU A 346 -2.71 -34.23 10.33
N SER A 347 -1.42 -34.22 10.04
CA SER A 347 -0.46 -34.96 10.86
C SER A 347 0.30 -34.01 11.78
N TYR A 348 0.51 -34.44 13.01
CA TYR A 348 1.32 -33.74 13.99
C TYR A 348 2.57 -34.57 14.31
N VAL A 349 3.68 -33.88 14.55
CA VAL A 349 4.94 -34.53 14.94
C VAL A 349 4.87 -34.90 16.41
N GLU A 350 4.95 -36.20 16.70
CA GLU A 350 5.07 -36.67 18.07
C GLU A 350 6.52 -36.63 18.57
N ASP A 351 7.48 -36.98 17.72
CA ASP A 351 8.89 -36.80 18.04
C ASP A 351 9.69 -36.80 16.75
N ALA A 352 10.76 -36.01 16.75
CA ALA A 352 11.71 -35.91 15.64
C ALA A 352 13.12 -35.91 16.21
N TYR A 353 13.96 -36.83 15.72
CA TYR A 353 15.30 -36.95 16.26
C TYR A 353 16.22 -37.56 15.21
N PHE A 354 17.50 -37.23 15.31
CA PHE A 354 18.51 -37.86 14.47
C PHE A 354 19.04 -39.10 15.19
N LYS A 355 19.32 -40.14 14.40
CA LYS A 355 19.87 -41.38 14.92
C LYS A 355 20.79 -41.94 13.85
N GLU A 356 22.07 -42.09 14.18
CA GLU A 356 23.10 -42.51 13.22
C GLU A 356 23.10 -41.51 12.07
N ASP A 357 22.83 -41.93 10.83
CA ASP A 357 22.91 -41.04 9.68
C ASP A 357 21.53 -40.69 9.12
N LYS A 358 20.47 -40.90 9.90
CA LYS A 358 19.10 -40.71 9.45
C LYS A 358 18.37 -39.75 10.37
N LEU A 359 17.33 -39.13 9.83
CA LEU A 359 16.41 -38.28 10.59
C LEU A 359 15.12 -39.06 10.81
N PHE A 360 14.75 -39.28 12.07
CA PHE A 360 13.59 -40.09 12.42
C PHE A 360 12.42 -39.22 12.86
N PHE A 361 11.22 -39.61 12.43
CA PHE A 361 9.97 -38.94 12.76
C PHE A 361 8.97 -39.95 13.32
N LYS A 362 8.20 -39.53 14.31
CA LYS A 362 7.03 -40.25 14.76
C LYS A 362 5.85 -39.29 14.67
N THR A 363 4.84 -39.62 13.87
CA THR A 363 3.73 -38.73 13.61
C THR A 363 2.41 -39.43 13.92
N SER A 364 1.38 -38.61 14.14
CA SER A 364 0.05 -39.10 14.45
C SER A 364 -0.98 -38.23 13.75
N THR A 365 -2.12 -38.82 13.43
CA THR A 365 -3.18 -38.08 12.75
C THR A 365 -4.52 -38.66 13.15
N LYS A 366 -5.57 -37.96 12.71
CA LYS A 366 -6.93 -38.47 12.80
C LYS A 366 -7.80 -37.65 11.87
N MET A 367 -8.87 -38.29 11.40
CA MET A 367 -9.83 -37.62 10.54
C MET A 367 -10.63 -36.60 11.35
N THR A 368 -10.67 -35.36 10.88
CA THR A 368 -11.36 -34.28 11.56
C THR A 368 -12.08 -33.42 10.55
N TYR A 369 -12.88 -32.49 11.07
CA TYR A 369 -13.43 -31.40 10.27
C TYR A 369 -12.52 -30.20 10.49
N GLU A 370 -11.70 -29.89 9.49
CA GLU A 370 -10.87 -28.68 9.48
C GLU A 370 -9.92 -28.64 10.67
N ASP A 371 -9.37 -29.81 11.03
CA ASP A 371 -8.39 -29.92 12.11
C ASP A 371 -8.98 -29.51 13.46
N LYS A 372 -10.24 -29.86 13.68
CA LYS A 372 -10.90 -29.53 14.94
C LYS A 372 -11.55 -30.76 15.56
N GLU A 373 -12.88 -30.80 15.61
CA GLU A 373 -13.56 -31.93 16.21
C GLU A 373 -13.43 -33.18 15.33
N ASP A 374 -13.59 -34.34 15.97
CA ASP A 374 -13.38 -35.63 15.32
C ASP A 374 -14.42 -35.90 14.24
N PHE A 375 -14.00 -36.57 13.18
CA PHE A 375 -14.90 -37.16 12.20
C PHE A 375 -15.35 -38.53 12.70
N PHE A 376 -16.64 -38.81 12.59
CA PHE A 376 -17.21 -40.02 13.16
C PHE A 376 -17.97 -40.82 12.11
N ILE A 377 -18.04 -42.13 12.34
CA ILE A 377 -18.99 -43.01 11.66
C ILE A 377 -19.73 -43.80 12.75
N GLU A 378 -20.93 -44.25 12.43
CA GLU A 378 -21.82 -44.90 13.38
C GLU A 378 -21.79 -46.41 13.23
N LYS A 379 -21.88 -47.10 14.36
CA LYS A 379 -22.05 -48.56 14.38
C LYS A 379 -23.53 -48.85 14.67
N THR A 380 -24.26 -49.26 13.64
CA THR A 380 -25.65 -49.65 13.76
C THR A 380 -25.74 -51.15 13.52
N ALA A 381 -26.15 -51.89 14.56
CA ALA A 381 -26.19 -53.35 14.51
C ALA A 381 -24.82 -53.92 14.16
N ASP A 382 -24.70 -54.51 12.98
CA ASP A 382 -23.43 -55.07 12.51
C ASP A 382 -22.74 -54.16 11.49
N ARG A 383 -23.28 -52.98 11.24
CA ARG A 383 -22.84 -52.11 10.17
C ARG A 383 -22.07 -50.90 10.72
N MET A 384 -21.06 -50.46 9.97
CA MET A 384 -20.32 -49.23 10.26
C MET A 384 -20.76 -48.19 9.23
N GLU A 385 -21.68 -47.33 9.63
CA GLU A 385 -22.39 -46.48 8.68
C GLU A 385 -21.84 -45.06 8.66
N ARG A 386 -21.88 -44.46 7.48
CA ARG A 386 -21.70 -43.03 7.33
C ARG A 386 -22.81 -42.30 8.08
N ILE A 387 -22.46 -41.19 8.72
CA ILE A 387 -23.42 -40.41 9.49
C ILE A 387 -24.13 -39.45 8.54
N LEU A 388 -25.43 -39.67 8.35
CA LEU A 388 -26.26 -38.90 7.45
C LEU A 388 -27.61 -38.66 8.11
N PRO A 389 -28.30 -37.59 7.74
CA PRO A 389 -29.69 -37.43 8.22
C PRO A 389 -30.56 -38.53 7.63
N GLU A 390 -31.61 -38.89 8.37
CA GLU A 390 -32.46 -39.99 7.93
C GLU A 390 -33.20 -39.65 6.63
N GLU A 391 -33.33 -38.37 6.28
CA GLU A 391 -33.93 -38.01 5.00
C GLU A 391 -33.02 -38.35 3.84
N ILE A 392 -31.71 -38.40 4.06
CA ILE A 392 -30.76 -38.81 3.04
C ILE A 392 -30.65 -40.33 2.97
N LYS A 393 -30.53 -40.99 4.13
CA LYS A 393 -30.46 -42.45 4.16
C LYS A 393 -31.72 -43.09 3.59
N SER A 394 -32.84 -42.39 3.59
CA SER A 394 -34.08 -42.92 3.04
C SER A 394 -34.17 -42.78 1.54
N LYS A 395 -33.14 -42.25 0.88
CA LYS A 395 -33.11 -42.12 -0.58
C LYS A 395 -32.01 -42.94 -1.21
N LEU A 396 -31.20 -43.65 -0.43
CA LEU A 396 -30.03 -44.35 -0.94
C LEU A 396 -30.13 -45.85 -0.69
N PRO A 397 -29.50 -46.66 -1.54
CA PRO A 397 -29.30 -48.07 -1.18
C PRO A 397 -28.48 -48.17 0.08
N LYS A 398 -28.94 -49.00 1.01
CA LYS A 398 -28.30 -49.12 2.32
C LYS A 398 -26.84 -49.52 2.22
N GLU A 399 -26.45 -50.21 1.14
CA GLU A 399 -25.06 -50.62 0.99
C GLU A 399 -24.13 -49.46 0.66
N PHE A 400 -24.65 -48.34 0.17
CA PHE A 400 -23.79 -47.28 -0.31
C PHE A 400 -23.25 -46.39 0.81
N PHE A 401 -23.81 -46.47 2.02
CA PHE A 401 -23.27 -45.74 3.17
C PHE A 401 -22.82 -46.68 4.27
N ASP A 402 -22.45 -47.91 3.91
CA ASP A 402 -21.97 -48.91 4.84
C ASP A 402 -20.47 -49.10 4.59
N TYR A 403 -19.65 -48.66 5.54
CA TYR A 403 -18.21 -48.72 5.40
C TYR A 403 -17.62 -50.03 5.93
N SER A 404 -18.45 -51.03 6.22
CA SER A 404 -17.96 -52.25 6.85
C SER A 404 -16.81 -52.88 6.08
N ASP A 405 -16.98 -53.10 4.79
CA ASP A 405 -15.96 -53.77 3.99
C ASP A 405 -14.84 -52.85 3.56
N ASP A 406 -14.71 -51.67 4.17
CA ASP A 406 -13.68 -50.71 3.78
C ASP A 406 -12.76 -50.30 4.92
N LEU A 407 -12.94 -50.85 6.12
CA LEU A 407 -12.21 -50.35 7.28
C LEU A 407 -10.75 -50.79 7.32
N ALA A 408 -10.31 -51.64 6.40
CA ALA A 408 -8.91 -52.04 6.32
C ALA A 408 -8.20 -51.45 5.12
N GLU A 409 -8.83 -50.52 4.39
CA GLU A 409 -8.27 -49.95 3.18
C GLU A 409 -7.64 -48.58 3.42
N PHE A 410 -7.09 -48.34 4.61
CA PHE A 410 -6.46 -47.07 4.91
C PHE A 410 -5.00 -47.09 4.47
N THR A 411 -4.52 -45.92 4.02
CA THR A 411 -3.11 -45.73 3.73
C THR A 411 -2.62 -44.50 4.48
N TYR A 412 -1.38 -44.57 4.96
CA TYR A 412 -0.78 -43.49 5.74
C TYR A 412 0.72 -43.52 5.47
N GLU A 413 1.21 -42.56 4.71
CA GLU A 413 2.57 -42.60 4.19
C GLU A 413 3.18 -41.21 4.22
N PRO A 414 4.51 -41.12 4.32
CA PRO A 414 5.17 -39.81 4.31
C PRO A 414 5.70 -39.46 2.94
N SER A 415 5.94 -38.18 2.69
CA SER A 415 6.53 -37.74 1.44
C SER A 415 7.39 -36.52 1.72
N ILE A 416 8.21 -36.16 0.74
CA ILE A 416 9.13 -35.04 0.85
C ILE A 416 9.07 -34.27 -0.46
N LYS A 417 9.45 -33.00 -0.40
CA LYS A 417 9.46 -32.16 -1.60
C LYS A 417 10.60 -31.17 -1.49
N GLY A 418 11.42 -31.09 -2.54
CA GLY A 418 12.51 -30.12 -2.57
C GLY A 418 11.99 -28.75 -2.93
N ARG A 419 12.30 -27.75 -2.10
CA ARG A 419 11.78 -26.40 -2.29
C ARG A 419 12.40 -25.70 -3.49
N ASN A 420 13.58 -26.13 -3.94
CA ASN A 420 14.19 -25.56 -5.13
C ASN A 420 13.76 -26.29 -6.40
N SER A 421 13.89 -27.62 -6.41
CA SER A 421 13.59 -28.41 -7.60
C SER A 421 12.09 -28.63 -7.79
N ARG A 422 11.31 -28.57 -6.71
CA ARG A 422 9.88 -28.87 -6.65
C ARG A 422 9.59 -30.36 -6.80
N ALA A 423 10.61 -31.20 -6.88
CA ALA A 423 10.39 -32.63 -7.03
C ALA A 423 9.84 -33.22 -5.74
N THR A 424 8.89 -34.14 -5.88
CA THR A 424 8.29 -34.82 -4.74
C THR A 424 8.66 -36.30 -4.76
N TRP A 425 8.79 -36.87 -3.58
CA TRP A 425 9.15 -38.27 -3.44
C TRP A 425 8.40 -38.86 -2.25
N LYS A 426 8.06 -40.15 -2.39
CA LYS A 426 7.59 -40.93 -1.27
C LYS A 426 8.77 -41.34 -0.41
N ILE A 427 8.60 -41.27 0.91
CA ILE A 427 9.64 -41.67 1.84
C ILE A 427 9.44 -43.15 2.16
N ASP A 428 10.34 -44.00 1.65
CA ASP A 428 10.20 -45.44 1.77
C ASP A 428 10.57 -45.92 3.16
N GLY A 429 10.23 -47.18 3.44
CA GLY A 429 10.55 -47.81 4.70
C GLY A 429 9.65 -47.43 5.86
N SER A 430 8.67 -46.57 5.64
CA SER A 430 7.79 -46.14 6.71
C SER A 430 6.82 -47.23 7.11
N THR A 431 6.41 -47.20 8.36
CA THR A 431 5.40 -48.11 8.87
C THR A 431 4.28 -47.27 9.51
N SER A 432 3.03 -47.71 9.32
CA SER A 432 1.90 -46.99 9.86
C SER A 432 0.84 -47.98 10.31
N ASN A 433 -0.14 -47.45 11.04
CA ASN A 433 -1.26 -48.25 11.53
C ASN A 433 -2.45 -47.32 11.75
N VAL A 434 -3.57 -47.64 11.13
CA VAL A 434 -4.80 -46.87 11.27
C VAL A 434 -5.81 -47.72 12.04
N GLU A 435 -6.41 -47.12 13.07
CA GLU A 435 -7.36 -47.80 13.94
C GLU A 435 -8.71 -47.11 13.88
N VAL A 436 -9.78 -47.89 13.89
CA VAL A 436 -11.14 -47.38 14.03
C VAL A 436 -11.52 -47.56 15.50
N VAL A 437 -11.47 -46.47 16.26
CA VAL A 437 -11.60 -46.51 17.71
C VAL A 437 -12.96 -45.97 18.12
N ASN A 438 -13.59 -46.65 19.08
CA ASN A 438 -14.88 -46.26 19.63
C ASN A 438 -14.67 -45.10 20.61
N LYS A 439 -14.98 -43.89 20.15
CA LYS A 439 -14.79 -42.70 20.99
C LYS A 439 -15.82 -42.64 22.11
N LYS A 440 -17.10 -42.63 21.74
CA LYS A 440 -18.19 -42.57 22.71
C LYS A 440 -19.41 -43.20 22.08
N ALA A 441 -20.29 -43.74 22.94
CA ALA A 441 -21.57 -44.34 22.53
C ALA A 441 -21.28 -45.35 21.42
N ASN A 442 -21.93 -45.26 20.26
CA ASN A 442 -21.65 -46.11 19.12
C ASN A 442 -20.86 -45.38 18.04
N LEU A 443 -20.18 -44.30 18.39
CA LEU A 443 -19.46 -43.48 17.43
C LEU A 443 -17.98 -43.89 17.37
N TYR A 444 -17.42 -43.88 16.18
CA TYR A 444 -16.06 -44.35 15.96
C TYR A 444 -15.26 -43.29 15.22
N LYS A 445 -14.08 -42.97 15.76
CA LYS A 445 -13.14 -42.10 15.08
C LYS A 445 -12.07 -42.93 14.39
N ILE A 446 -11.29 -42.27 13.54
CA ILE A 446 -10.24 -42.92 12.76
C ILE A 446 -8.92 -42.25 13.11
N GLU A 447 -7.98 -43.05 13.64
CA GLU A 447 -6.72 -42.53 14.15
C GLU A 447 -5.56 -43.27 13.52
N GLY A 448 -4.52 -42.53 13.15
CA GLY A 448 -3.35 -43.11 12.53
C GLY A 448 -2.08 -42.69 13.25
N GLU A 449 -1.11 -43.61 13.23
CA GLU A 449 0.23 -43.34 13.74
C GLU A 449 1.25 -43.89 12.75
N MET A 450 2.39 -43.24 12.66
CA MET A 450 3.38 -43.55 11.64
C MET A 450 4.77 -43.15 12.14
N SER A 451 5.75 -44.00 11.84
CA SER A 451 7.15 -43.70 12.13
C SER A 451 7.96 -43.94 10.87
N PHE A 452 8.84 -42.99 10.54
CA PHE A 452 9.64 -43.10 9.34
C PHE A 452 10.96 -42.39 9.56
N SER A 453 11.91 -42.70 8.69
CA SER A 453 13.21 -42.05 8.71
C SER A 453 13.49 -41.47 7.32
N VAL A 454 14.47 -40.56 7.27
CA VAL A 454 14.82 -39.87 6.04
C VAL A 454 16.32 -40.05 5.83
N GLN A 455 16.70 -40.75 4.76
CA GLN A 455 18.08 -40.78 4.28
C GLN A 455 18.17 -39.78 3.15
N ILE A 456 18.74 -38.61 3.42
CA ILE A 456 18.65 -37.51 2.46
C ILE A 456 19.37 -37.83 1.15
N ASN A 457 20.37 -38.71 1.19
CA ASN A 457 21.06 -39.09 -0.05
C ASN A 457 20.14 -39.80 -1.04
N ASP A 458 19.01 -40.35 -0.58
CA ASP A 458 18.09 -41.01 -1.52
C ASP A 458 17.55 -40.03 -2.55
N TYR A 459 17.48 -38.75 -2.20
CA TYR A 459 16.81 -37.74 -3.01
C TYR A 459 17.76 -36.72 -3.62
N ILE A 460 19.06 -36.88 -3.41
CA ILE A 460 20.06 -35.97 -3.97
C ILE A 460 20.57 -36.62 -5.25
N LEU A 461 20.05 -36.15 -6.39
CA LEU A 461 20.38 -36.68 -7.70
C LEU A 461 21.25 -35.75 -8.52
N ASP A 462 20.90 -34.47 -8.59
CA ASP A 462 21.74 -33.46 -9.19
C ASP A 462 22.55 -32.74 -8.11
N ALA A 463 23.69 -32.19 -8.52
CA ALA A 463 24.56 -31.47 -7.59
C ALA A 463 23.83 -30.33 -6.90
N ALA A 464 22.89 -29.69 -7.60
CA ALA A 464 22.13 -28.60 -6.98
C ALA A 464 21.35 -29.09 -5.77
N ASP A 465 20.97 -30.37 -5.73
CA ASP A 465 20.17 -30.92 -4.63
C ASP A 465 20.92 -30.95 -3.29
N LYS A 466 22.25 -30.79 -3.29
CA LYS A 466 23.00 -30.91 -2.03
C LYS A 466 22.76 -29.74 -1.10
N LYS A 467 22.49 -28.56 -1.65
CA LYS A 467 22.16 -27.36 -0.89
C LYS A 467 20.71 -27.01 -1.22
N GLN A 468 19.78 -27.45 -0.35
CA GLN A 468 18.34 -27.27 -0.62
C GLN A 468 17.52 -27.41 0.65
N PRO A 469 16.45 -26.64 0.82
CA PRO A 469 15.48 -26.95 1.86
C PRO A 469 14.46 -27.96 1.37
N TRP A 470 14.04 -28.83 2.27
CA TRP A 470 13.08 -29.88 1.97
C TRP A 470 11.89 -29.75 2.92
N ASP A 471 10.70 -29.98 2.39
CA ASP A 471 9.48 -29.88 3.16
C ASP A 471 8.84 -31.26 3.26
N ILE A 472 8.39 -31.62 4.46
CA ILE A 472 7.85 -32.95 4.76
C ILE A 472 6.33 -32.87 4.74
N ALA A 473 5.69 -33.93 4.22
CA ALA A 473 4.24 -34.02 4.17
C ALA A 473 3.82 -35.45 4.44
N THR A 474 2.52 -35.63 4.67
CA THR A 474 1.95 -36.95 4.90
C THR A 474 0.72 -37.12 4.03
N ARG A 475 0.51 -38.34 3.53
CA ARG A 475 -0.59 -38.69 2.64
C ARG A 475 -1.47 -39.73 3.34
N PHE A 476 -2.73 -39.36 3.56
CA PHE A 476 -3.69 -40.21 4.26
C PHE A 476 -4.89 -40.43 3.35
N THR A 477 -5.27 -41.69 3.17
CA THR A 477 -6.44 -42.04 2.38
C THR A 477 -7.30 -43.01 3.17
N GLY A 478 -8.62 -42.92 2.95
CA GLY A 478 -9.52 -43.81 3.63
C GLY A 478 -10.96 -43.36 3.55
N LEU A 479 -11.88 -44.34 3.53
CA LEU A 479 -13.32 -44.10 3.42
C LEU A 479 -13.67 -43.22 2.22
N GLY A 480 -12.79 -43.18 1.21
CA GLY A 480 -13.01 -42.35 0.04
C GLY A 480 -12.35 -40.99 0.07
N TYR A 481 -11.72 -40.60 1.17
CA TYR A 481 -11.12 -39.28 1.29
C TYR A 481 -9.60 -39.37 1.15
N THR A 482 -9.02 -38.31 0.59
CA THR A 482 -7.58 -38.22 0.41
C THR A 482 -7.09 -36.89 0.96
N SER A 483 -6.14 -36.95 1.88
CA SER A 483 -5.59 -35.75 2.52
C SER A 483 -4.07 -35.81 2.46
N HIS A 484 -3.47 -35.04 1.56
CA HIS A 484 -2.02 -34.93 1.42
C HIS A 484 -1.63 -33.52 1.84
N ARG A 485 -1.10 -33.40 3.06
CA ARG A 485 -0.87 -32.09 3.65
C ARG A 485 0.51 -32.03 4.29
N ALA A 486 1.01 -30.80 4.44
CA ALA A 486 2.28 -30.60 5.13
C ALA A 486 2.23 -31.14 6.55
N LEU A 487 3.30 -31.84 6.94
CA LEU A 487 3.48 -32.24 8.32
C LEU A 487 3.72 -31.02 9.20
N THR A 488 3.08 -30.99 10.38
CA THR A 488 3.15 -29.82 11.24
C THR A 488 3.54 -30.20 12.67
N ILE A 489 3.93 -29.18 13.42
CA ILE A 489 4.26 -29.32 14.84
C ILE A 489 3.94 -27.99 15.51
N GLY A 490 3.50 -28.06 16.76
CA GLY A 490 3.15 -26.87 17.51
C GLY A 490 4.29 -26.30 18.32
N LYS A 491 5.02 -27.18 19.02
CA LYS A 491 6.15 -26.73 19.81
C LYS A 491 7.28 -26.27 18.89
N ILE A 492 8.13 -25.41 19.43
CA ILE A 492 9.33 -24.95 18.74
C ILE A 492 10.28 -26.14 18.57
N LEU A 493 10.62 -26.45 17.33
CA LEU A 493 11.52 -27.56 17.02
C LEU A 493 12.71 -27.03 16.23
N ILE A 494 13.90 -27.20 16.78
CA ILE A 494 15.15 -26.85 16.11
C ILE A 494 16.20 -27.89 16.52
N LYS A 495 16.59 -28.75 15.58
CA LYS A 495 17.57 -29.78 15.85
C LYS A 495 18.53 -29.87 14.67
N THR A 496 19.81 -29.78 14.96
CA THR A 496 20.85 -29.76 13.95
C THR A 496 21.59 -31.08 13.92
N ALA A 497 22.28 -31.32 12.81
CA ALA A 497 23.10 -32.53 12.70
C ALA A 497 24.20 -32.30 11.67
N LEU A 498 25.38 -32.84 11.97
CA LEU A 498 26.49 -32.84 11.01
C LEU A 498 26.78 -34.30 10.71
N ILE A 499 26.34 -34.76 9.53
CA ILE A 499 26.36 -36.18 9.17
C ILE A 499 27.09 -36.35 7.85
N ASN A 500 28.26 -36.99 7.90
CA ASN A 500 29.06 -37.33 6.72
C ASN A 500 29.15 -36.17 5.73
N ASN A 501 29.58 -35.02 6.25
CA ASN A 501 29.78 -33.78 5.49
C ASN A 501 28.48 -33.13 5.06
N LYS A 502 27.35 -33.52 5.66
CA LYS A 502 26.08 -32.87 5.40
C LYS A 502 25.62 -32.15 6.64
N THR A 503 25.45 -30.83 6.54
CA THR A 503 24.77 -30.05 7.57
C THR A 503 23.27 -30.18 7.39
N MET A 504 22.58 -30.58 8.47
CA MET A 504 21.15 -30.83 8.43
C MET A 504 20.47 -30.17 9.61
N ILE A 505 19.35 -29.49 9.34
CA ILE A 505 18.57 -28.80 10.37
C ILE A 505 17.11 -29.11 10.11
N VAL A 506 16.46 -29.82 11.04
CA VAL A 506 15.02 -30.04 11.01
C VAL A 506 14.37 -28.99 11.91
N TYR A 507 13.33 -28.34 11.43
CA TYR A 507 12.81 -27.21 12.19
C TYR A 507 11.36 -26.95 11.84
N LYS A 508 10.65 -26.38 12.81
CA LYS A 508 9.35 -25.78 12.58
C LYS A 508 9.53 -24.45 11.87
N ASN A 509 9.00 -24.32 10.65
CA ASN A 509 9.16 -23.06 9.94
C ASN A 509 8.10 -22.06 10.38
N ALA A 510 8.16 -20.85 9.81
CA ALA A 510 7.30 -19.76 10.26
C ALA A 510 5.82 -20.03 9.99
N SER A 511 5.49 -20.98 9.11
CA SER A 511 4.09 -21.34 8.91
C SER A 511 3.66 -22.47 9.83
N GLY A 512 4.51 -22.92 10.74
CA GLY A 512 4.20 -24.04 11.59
C GLY A 512 4.40 -25.40 10.97
N LEU A 513 5.07 -25.48 9.82
CA LEU A 513 5.26 -26.73 9.09
C LEU A 513 6.69 -27.23 9.24
N ILE A 514 6.87 -28.52 8.94
CA ILE A 514 8.15 -29.18 9.15
C ILE A 514 9.02 -29.02 7.90
N SER A 515 10.19 -28.40 8.07
CA SER A 515 11.18 -28.25 7.01
C SER A 515 12.49 -28.86 7.44
N LEU A 516 13.30 -29.26 6.46
CA LEU A 516 14.63 -29.82 6.68
C LEU A 516 15.62 -29.10 5.75
N ASP A 517 16.52 -28.31 6.34
CA ASP A 517 17.55 -27.62 5.58
C ASP A 517 18.81 -28.48 5.49
N VAL A 518 19.34 -28.66 4.29
CA VAL A 518 20.57 -29.42 4.08
C VAL A 518 21.55 -28.56 3.29
N GLY A 519 22.74 -28.35 3.84
CA GLY A 519 23.74 -27.53 3.18
C GLY A 519 23.59 -26.05 3.41
N SER A 520 22.89 -25.63 4.46
CA SER A 520 22.78 -24.22 4.84
C SER A 520 22.10 -23.41 3.73
N SER A 521 21.05 -23.99 3.15
CA SER A 521 20.32 -23.27 2.11
C SER A 521 19.58 -22.06 2.69
N VAL A 522 18.95 -22.21 3.85
CA VAL A 522 18.18 -21.13 4.45
C VAL A 522 18.57 -20.83 5.89
N ARG A 523 19.30 -21.70 6.59
CA ARG A 523 19.58 -21.50 8.01
C ARG A 523 21.03 -21.84 8.32
N SER A 524 21.51 -21.29 9.43
CA SER A 524 22.89 -21.42 9.86
C SER A 524 22.98 -22.51 10.92
N ILE A 525 23.81 -23.52 10.67
CA ILE A 525 23.87 -24.63 11.63
C ILE A 525 24.61 -24.22 12.90
N VAL A 526 25.57 -23.30 12.80
CA VAL A 526 26.24 -22.81 14.01
C VAL A 526 25.25 -22.02 14.87
N GLU A 527 24.44 -21.16 14.24
CA GLU A 527 23.47 -20.38 14.99
C GLU A 527 22.41 -21.27 15.64
N ASP A 528 21.94 -22.29 14.92
CA ASP A 528 20.90 -23.15 15.46
C ASP A 528 21.45 -24.16 16.47
N SER A 529 22.76 -24.46 16.44
CA SER A 529 23.33 -25.38 17.41
C SER A 529 23.68 -24.69 18.73
N GLY A 530 24.00 -23.41 18.69
CA GLY A 530 24.51 -22.73 19.85
C GLY A 530 26.02 -22.90 19.99
N VAL A 531 26.60 -22.04 20.82
CA VAL A 531 28.05 -22.03 21.03
C VAL A 531 28.34 -21.97 22.52
N LYS A 532 29.13 -22.92 23.01
CA LYS A 532 29.66 -22.87 24.37
C LYS A 532 30.69 -21.76 24.48
N ARG A 533 30.25 -20.53 24.74
CA ARG A 533 31.14 -19.38 24.65
C ARG A 533 32.31 -19.51 25.62
N GLU A 534 32.06 -19.98 26.85
N GLU A 534 32.05 -19.97 26.85
CA GLU A 534 33.11 -20.10 27.84
CA GLU A 534 33.09 -20.11 27.87
C GLU A 534 34.10 -21.22 27.54
C GLU A 534 34.03 -21.29 27.61
N GLN A 535 33.82 -22.05 26.54
CA GLN A 535 34.70 -23.16 26.19
C GLN A 535 35.50 -22.86 24.93
N ILE A 536 35.42 -21.64 24.41
CA ILE A 536 36.19 -21.25 23.25
C ILE A 536 37.67 -21.25 23.60
N LEU A 537 38.49 -21.83 22.74
CA LEU A 537 39.93 -21.93 22.96
C LEU A 537 40.65 -21.04 21.96
N ILE A 538 41.71 -20.39 22.41
CA ILE A 538 42.49 -19.48 21.59
C ILE A 538 43.96 -19.89 21.72
N ASP A 539 44.47 -20.67 20.78
CA ASP A 539 45.88 -21.04 20.74
C ASP A 539 46.59 -20.02 19.85
N LYS A 540 47.14 -18.98 20.47
CA LYS A 540 47.69 -17.88 19.69
C LYS A 540 49.04 -18.22 19.06
N THR A 541 49.75 -19.22 19.58
CA THR A 541 50.97 -19.68 18.91
C THR A 541 50.63 -20.33 17.57
N SER A 542 49.66 -21.24 17.56
CA SER A 542 49.19 -21.78 16.30
C SER A 542 48.21 -20.85 15.59
N GLY A 543 47.72 -19.82 16.26
CA GLY A 543 46.75 -18.93 15.66
C GLY A 543 45.40 -19.57 15.38
N LYS A 544 45.02 -20.57 16.16
CA LYS A 544 43.80 -21.33 15.95
C LYS A 544 42.79 -21.03 17.04
N VAL A 545 41.60 -20.57 16.66
CA VAL A 545 40.49 -20.33 17.58
C VAL A 545 39.49 -21.47 17.41
N THR A 546 39.22 -22.18 18.51
CA THR A 546 38.32 -23.33 18.48
C THR A 546 36.99 -22.95 19.12
N ILE A 547 35.91 -23.20 18.41
CA ILE A 547 34.56 -22.84 18.84
C ILE A 547 33.72 -24.10 18.89
N PRO A 548 33.57 -24.72 20.05
CA PRO A 548 32.71 -25.91 20.15
C PRO A 548 31.24 -25.55 20.00
N LEU A 549 30.52 -26.37 19.23
CA LEU A 549 29.08 -26.20 19.08
C LEU A 549 28.35 -26.87 20.24
N ASN A 550 27.18 -26.32 20.58
CA ASN A 550 26.49 -26.74 21.80
C ASN A 550 25.70 -28.02 21.60
N GLU A 551 24.57 -27.95 20.91
CA GLU A 551 23.69 -29.10 20.72
C GLU A 551 23.64 -29.46 19.24
N ILE A 552 24.21 -30.61 18.88
CA ILE A 552 24.26 -31.04 17.49
C ILE A 552 24.53 -32.54 17.45
N HIS A 553 23.74 -33.25 16.64
CA HIS A 553 23.96 -34.67 16.40
C HIS A 553 25.08 -34.84 15.38
N VAL A 554 26.19 -35.46 15.77
CA VAL A 554 27.34 -35.63 14.90
C VAL A 554 27.51 -37.13 14.66
N PHE A 555 27.50 -37.52 13.39
CA PHE A 555 27.73 -38.91 12.99
C PHE A 555 28.74 -38.93 11.85
N GLY A 556 29.72 -39.82 11.96
CA GLY A 556 30.78 -39.89 10.97
C GLY A 556 31.73 -38.73 11.10
N GLU A 557 32.70 -38.68 10.19
CA GLU A 557 33.67 -37.60 10.17
C GLU A 557 33.29 -36.60 9.10
N SER A 558 33.44 -35.32 9.42
CA SER A 558 33.10 -34.25 8.50
C SER A 558 34.16 -33.17 8.57
N LEU A 559 34.38 -32.54 7.42
CA LEU A 559 35.25 -31.37 7.33
C LEU A 559 34.68 -30.50 6.23
N ILE A 560 34.11 -29.35 6.59
CA ILE A 560 33.50 -28.43 5.63
C ILE A 560 34.28 -27.12 5.69
N GLU A 561 34.89 -26.76 4.57
CA GLU A 561 35.66 -25.52 4.52
C GLU A 561 34.73 -24.33 4.42
N GLY A 562 35.09 -23.25 5.09
CA GLY A 562 34.33 -22.02 5.04
C GLY A 562 35.24 -20.87 5.39
N ASN A 563 34.72 -19.90 6.12
CA ASN A 563 35.55 -18.79 6.54
C ASN A 563 34.86 -18.08 7.70
N ALA A 564 35.44 -16.95 8.10
CA ALA A 564 34.96 -16.18 9.23
C ALA A 564 35.42 -14.74 9.04
N GLU A 565 34.83 -13.85 9.81
CA GLU A 565 35.12 -12.42 9.74
C GLU A 565 35.40 -11.90 11.14
N LEU A 566 36.46 -11.11 11.26
CA LEU A 566 36.80 -10.42 12.49
C LEU A 566 36.69 -8.93 12.26
N LYS A 567 36.14 -8.22 13.25
CA LYS A 567 36.07 -6.76 13.23
C LYS A 567 36.49 -6.25 14.60
N PRO A 568 37.36 -5.24 14.67
CA PRO A 568 37.74 -4.69 15.98
C PRO A 568 36.55 -4.03 16.65
N VAL A 569 36.29 -4.43 17.90
CA VAL A 569 35.19 -3.84 18.65
C VAL A 569 35.40 -2.34 18.78
N GLY A 570 34.33 -1.57 18.59
CA GLY A 570 34.36 -0.13 18.72
C GLY A 570 34.58 0.63 17.42
N ILE A 571 35.29 0.03 16.47
CA ILE A 571 35.51 0.63 15.15
C ILE A 571 34.39 0.10 14.26
N SER A 572 33.26 0.79 14.27
CA SER A 572 32.06 0.26 13.64
C SER A 572 32.13 0.27 12.12
N ASP A 573 33.00 1.09 11.54
CA ASP A 573 33.13 1.19 10.08
C ASP A 573 34.26 0.32 9.53
N ALA A 574 34.86 -0.53 10.36
CA ALA A 574 36.04 -1.28 9.95
C ALA A 574 35.70 -2.32 8.89
N ASP A 575 36.67 -2.57 8.02
CA ASP A 575 36.54 -3.67 7.08
C ASP A 575 36.56 -5.00 7.82
N PRO A 576 35.80 -6.00 7.35
CA PRO A 576 35.94 -7.34 7.90
C PRO A 576 37.33 -7.87 7.62
N ILE A 577 37.89 -8.58 8.60
CA ILE A 577 39.17 -9.26 8.42
C ILE A 577 38.84 -10.69 8.01
N ASN A 578 39.07 -11.01 6.74
CA ASN A 578 38.70 -12.32 6.23
C ASN A 578 39.72 -13.36 6.67
N VAL A 579 39.23 -14.44 7.24
CA VAL A 579 40.09 -15.55 7.74
C VAL A 579 39.42 -16.88 7.43
N LYS A 580 40.23 -17.93 7.32
CA LYS A 580 39.73 -19.27 7.02
C LYS A 580 39.11 -19.92 8.25
N ALA A 581 38.09 -20.75 8.01
CA ALA A 581 37.41 -21.48 9.06
C ALA A 581 37.03 -22.87 8.55
N LYS A 582 36.89 -23.81 9.49
CA LYS A 582 36.55 -25.19 9.17
C LYS A 582 35.49 -25.69 10.14
N LEU A 583 34.40 -26.24 9.61
CA LEU A 583 33.42 -26.94 10.43
C LEU A 583 33.79 -28.42 10.45
N ILE A 584 34.11 -28.93 11.64
CA ILE A 584 34.66 -30.28 11.79
C ILE A 584 33.71 -31.12 12.64
N GLY A 585 33.42 -32.33 12.17
CA GLY A 585 32.77 -33.33 13.00
C GLY A 585 33.68 -34.54 13.22
N GLU A 586 33.91 -34.90 14.49
CA GLU A 586 34.69 -36.10 14.79
C GLU A 586 34.42 -36.51 16.23
N ALA A 587 34.49 -37.82 16.46
CA ALA A 587 34.23 -38.40 17.78
C ALA A 587 32.90 -37.89 18.35
N ASN A 588 31.92 -37.73 17.46
CA ASN A 588 30.55 -37.33 17.80
C ASN A 588 30.48 -35.93 18.41
N LYS A 589 31.51 -35.12 18.20
CA LYS A 589 31.50 -33.72 18.59
C LYS A 589 31.69 -32.86 17.34
N ALA A 590 31.22 -31.62 17.42
CA ALA A 590 31.37 -30.67 16.34
C ALA A 590 32.03 -29.39 16.85
N ARG A 591 32.86 -28.80 16.01
CA ARG A 591 33.52 -27.54 16.35
C ARG A 591 33.79 -26.77 15.07
N VAL A 592 33.95 -25.46 15.22
CA VAL A 592 34.43 -24.59 14.15
C VAL A 592 35.80 -24.10 14.55
N GLU A 593 36.79 -24.36 13.70
CA GLU A 593 38.14 -23.87 13.91
C GLU A 593 38.38 -22.67 13.01
N VAL A 594 38.79 -21.55 13.60
CA VAL A 594 39.11 -20.34 12.87
C VAL A 594 40.61 -20.17 12.88
N LEU A 595 41.20 -19.99 11.69
CA LEU A 595 42.64 -19.89 11.51
C LEU A 595 43.01 -18.44 11.32
N LEU A 596 43.79 -17.89 12.25
CA LEU A 596 44.18 -16.49 12.17
C LEU A 596 45.25 -16.27 11.11
N GLY A 597 46.16 -17.22 10.94
CA GLY A 597 47.16 -17.10 9.89
C GLY A 597 48.10 -15.94 10.12
N ASP A 598 48.41 -15.22 9.04
CA ASP A 598 49.36 -14.12 9.08
C ASP A 598 48.76 -12.80 9.58
N GLU A 599 47.49 -12.78 9.98
CA GLU A 599 46.90 -11.55 10.48
C GLU A 599 47.46 -11.22 11.86
N LYS A 600 48.04 -10.03 12.01
CA LYS A 600 48.47 -9.52 13.30
C LYS A 600 47.30 -8.80 13.97
N LEU A 601 46.90 -9.26 15.16
CA LEU A 601 45.70 -8.78 15.83
C LEU A 601 45.98 -8.54 17.31
N SER A 602 45.38 -7.49 17.86
CA SER A 602 45.54 -7.17 19.27
C SER A 602 44.29 -6.45 19.76
N GLY A 603 43.70 -6.96 20.84
CA GLY A 603 42.51 -6.40 21.41
C GLY A 603 41.30 -7.30 21.21
N GLU A 604 40.13 -6.75 21.52
CA GLU A 604 38.88 -7.47 21.43
C GLU A 604 38.30 -7.37 20.03
N TYR A 605 37.71 -8.47 19.56
CA TYR A 605 37.23 -8.58 18.18
C TYR A 605 35.89 -9.29 18.14
N HIS A 606 34.99 -8.79 17.28
CA HIS A 606 33.82 -9.57 16.89
C HIS A 606 34.25 -10.74 16.00
N LEU A 607 33.66 -11.91 16.23
CA LEU A 607 33.94 -13.09 15.42
C LEU A 607 32.64 -13.65 14.88
N VAL A 608 32.50 -13.69 13.56
CA VAL A 608 31.33 -14.22 12.88
C VAL A 608 31.80 -15.33 11.95
N THR A 609 31.29 -16.54 12.14
CA THR A 609 31.60 -17.63 11.23
C THR A 609 30.65 -17.63 10.04
N ASN A 610 31.17 -18.11 8.90
CA ASN A 610 30.45 -18.09 7.64
C ASN A 610 30.61 -19.45 6.94
N ILE A 611 29.93 -20.46 7.48
CA ILE A 611 29.95 -21.81 6.91
C ILE A 611 28.86 -21.90 5.85
N GLN A 612 29.26 -22.30 4.63
CA GLN A 612 28.34 -22.51 3.51
C GLN A 612 27.47 -21.28 3.22
N GLY A 613 28.00 -20.09 3.44
CA GLY A 613 27.31 -18.87 3.07
C GLY A 613 26.28 -18.38 4.06
N LYS A 614 26.26 -18.94 5.28
CA LYS A 614 25.32 -18.56 6.32
C LYS A 614 26.11 -18.14 7.55
N LYS A 615 25.89 -16.91 7.99
CA LYS A 615 26.58 -16.39 9.16
C LYS A 615 25.78 -16.70 10.42
N ASP A 616 26.48 -16.81 11.54
CA ASP A 616 25.81 -17.02 12.81
C ASP A 616 25.49 -15.68 13.47
N LYS A 617 24.64 -15.72 14.48
CA LYS A 617 24.28 -14.54 15.26
C LYS A 617 24.62 -14.74 16.73
N GLN A 618 25.62 -15.57 17.01
CA GLN A 618 25.99 -15.90 18.38
C GLN A 618 26.69 -14.76 19.10
N GLN A 619 27.11 -13.71 18.40
CA GLN A 619 27.74 -12.52 18.98
C GLN A 619 29.02 -12.89 19.72
N ILE A 620 29.92 -13.57 19.00
CA ILE A 620 31.16 -14.04 19.61
C ILE A 620 32.16 -12.90 19.67
N LYS A 621 32.81 -12.74 20.82
CA LYS A 621 33.87 -11.74 21.01
C LYS A 621 35.08 -12.42 21.61
N ILE A 622 36.23 -12.25 20.97
CA ILE A 622 37.48 -12.80 21.46
C ILE A 622 38.48 -11.68 21.68
N THR A 623 39.38 -11.89 22.62
CA THR A 623 40.42 -10.93 22.95
C THR A 623 41.77 -11.52 22.56
N LEU A 624 42.51 -10.82 21.70
CA LEU A 624 43.78 -11.32 21.21
C LEU A 624 44.92 -10.39 21.62
N ASP B 19 -28.02 18.69 46.02
CA ASP B 19 -28.57 17.34 46.15
C ASP B 19 -28.10 16.42 45.02
N ILE B 20 -26.79 16.40 44.79
CA ILE B 20 -26.19 15.71 43.65
C ILE B 20 -25.68 14.35 44.12
N LYS B 21 -26.11 13.29 43.44
CA LYS B 21 -25.72 11.93 43.81
C LYS B 21 -24.40 11.52 43.18
N ILE B 22 -24.21 11.81 41.89
CA ILE B 22 -23.02 11.43 41.14
C ILE B 22 -22.41 12.67 40.51
N SER B 23 -21.10 12.83 40.66
CA SER B 23 -20.32 13.80 39.91
C SER B 23 -19.45 13.06 38.90
N VAL B 24 -19.45 13.52 37.66
CA VAL B 24 -18.71 12.88 36.58
C VAL B 24 -17.47 13.73 36.31
N VAL B 25 -16.31 13.23 36.74
CA VAL B 25 -15.05 13.93 36.55
C VAL B 25 -14.43 13.48 35.24
N VAL B 26 -14.23 14.42 34.33
CA VAL B 26 -13.71 14.09 33.00
C VAL B 26 -12.51 14.98 32.68
N PRO B 27 -11.28 14.47 32.77
CA PRO B 27 -10.13 15.23 32.29
C PRO B 27 -10.02 15.08 30.77
N THR B 28 -9.85 16.21 30.08
CA THR B 28 -9.77 16.21 28.62
C THR B 28 -8.47 16.82 28.15
N TYR B 29 -7.95 16.28 27.04
CA TYR B 29 -6.74 16.80 26.42
C TYR B 29 -6.70 16.35 24.97
N ASN B 30 -6.90 17.29 24.03
CA ASN B 30 -6.91 17.02 22.60
C ASN B 30 -7.88 15.89 22.25
N THR B 31 -9.08 15.97 22.82
CA THR B 31 -10.05 14.90 22.70
C THR B 31 -10.64 14.85 21.29
N GLU B 32 -10.77 13.64 20.76
CA GLU B 32 -11.50 13.46 19.50
C GLU B 32 -12.95 13.89 19.67
N LEU B 33 -13.46 14.60 18.66
CA LEU B 33 -14.82 15.11 18.76
C LEU B 33 -15.84 13.98 18.86
N GLU B 34 -15.73 12.99 17.98
CA GLU B 34 -16.69 11.89 17.98
C GLU B 34 -16.69 11.13 19.30
N GLY B 35 -15.50 10.91 19.87
CA GLY B 35 -15.42 10.25 21.17
C GLY B 35 -16.08 11.07 22.26
N LEU B 36 -15.89 12.39 22.23
CA LEU B 36 -16.53 13.25 23.22
C LEU B 36 -18.05 13.24 23.05
N LYS B 37 -18.53 13.25 21.80
CA LYS B 37 -19.97 13.25 21.57
C LYS B 37 -20.59 11.95 22.04
N ASN B 38 -19.90 10.82 21.82
CA ASN B 38 -20.38 9.54 22.35
C ASN B 38 -20.39 9.55 23.87
N LEU B 39 -19.37 10.14 24.49
CA LEU B 39 -19.33 10.26 25.95
C LEU B 39 -20.52 11.08 26.45
N MET B 40 -20.74 12.25 25.86
CA MET B 40 -21.88 13.09 26.24
C MET B 40 -23.20 12.37 25.98
N ALA B 41 -23.27 11.59 24.89
CA ALA B 41 -24.49 10.86 24.60
C ALA B 41 -24.79 9.83 25.68
N SER B 42 -23.77 9.08 26.11
CA SER B 42 -23.97 8.06 27.13
C SER B 42 -24.26 8.65 28.51
N ILE B 43 -23.85 9.90 28.77
CA ILE B 43 -24.26 10.54 30.00
C ILE B 43 -25.74 10.93 29.94
N ASP B 44 -26.19 11.43 28.78
CA ASP B 44 -27.58 11.84 28.66
C ASP B 44 -28.53 10.65 28.75
N LYS B 45 -28.08 9.45 28.39
CA LYS B 45 -28.92 8.27 28.40
C LYS B 45 -29.16 7.71 29.81
N GLN B 46 -28.49 8.23 30.83
CA GLN B 46 -28.63 7.69 32.18
C GLN B 46 -30.09 7.70 32.62
N THR B 47 -30.53 6.59 33.22
CA THR B 47 -31.90 6.50 33.72
C THR B 47 -32.14 7.44 34.90
N MET B 48 -31.08 7.76 35.64
CA MET B 48 -31.18 8.73 36.72
C MET B 48 -31.57 10.10 36.17
N ASN B 49 -32.49 10.76 36.85
CA ASN B 49 -32.89 12.10 36.46
C ASN B 49 -31.68 13.03 36.53
N PRO B 50 -31.48 13.90 35.53
CA PRO B 50 -30.27 14.74 35.52
C PRO B 50 -30.17 15.70 36.69
N ASP B 51 -31.28 16.00 37.37
CA ASP B 51 -31.22 16.83 38.58
C ASP B 51 -30.42 16.18 39.70
N GLU B 52 -30.09 14.90 39.60
CA GLU B 52 -29.39 14.18 40.65
C GLU B 52 -27.94 13.88 40.30
N TYR B 53 -27.42 14.39 39.19
CA TYR B 53 -26.01 14.21 38.86
C TYR B 53 -25.47 15.46 38.19
N GLU B 54 -24.14 15.58 38.20
CA GLU B 54 -23.45 16.72 37.62
C GLU B 54 -22.24 16.24 36.84
N LEU B 55 -21.82 17.07 35.89
CA LEU B 55 -20.64 16.82 35.07
C LEU B 55 -19.61 17.89 35.35
N VAL B 56 -18.39 17.47 35.68
CA VAL B 56 -17.31 18.38 36.05
C VAL B 56 -16.13 18.09 35.11
N PHE B 57 -15.97 18.92 34.09
CA PHE B 57 -14.90 18.76 33.11
C PHE B 57 -13.75 19.70 33.45
N VAL B 58 -12.54 19.16 33.51
CA VAL B 58 -11.33 19.95 33.65
C VAL B 58 -10.45 19.65 32.44
N ASP B 59 -10.24 20.65 31.60
CA ASP B 59 -9.43 20.50 30.40
C ASP B 59 -7.98 20.83 30.71
N ASP B 60 -7.09 19.88 30.43
CA ASP B 60 -5.67 20.00 30.77
C ASP B 60 -4.89 20.85 29.77
N GLY B 61 -5.44 21.98 29.34
CA GLY B 61 -4.79 22.83 28.35
C GLY B 61 -4.57 22.15 27.01
N SER B 62 -5.64 21.98 26.24
CA SER B 62 -5.55 21.26 24.98
C SER B 62 -5.02 22.16 23.87
N THR B 63 -4.18 21.57 23.00
CA THR B 63 -3.72 22.27 21.81
C THR B 63 -4.83 22.49 20.80
N THR B 64 -5.90 21.68 20.86
CA THR B 64 -6.99 21.76 19.91
C THR B 64 -8.11 22.64 20.48
N ASP B 65 -9.26 22.65 19.80
CA ASP B 65 -10.43 23.40 20.21
C ASP B 65 -11.24 22.68 21.29
N THR B 66 -10.64 21.71 21.97
CA THR B 66 -11.40 20.87 22.90
C THR B 66 -12.02 21.69 24.03
N TYR B 67 -11.32 22.72 24.51
CA TYR B 67 -11.85 23.51 25.61
C TYR B 67 -13.09 24.29 25.19
N GLU B 68 -13.11 24.80 23.96
CA GLU B 68 -14.27 25.54 23.48
C GLU B 68 -15.42 24.63 23.08
N ARG B 69 -15.13 23.37 22.75
CA ARG B 69 -16.22 22.41 22.52
C ARG B 69 -16.89 22.03 23.83
N LEU B 70 -16.12 21.91 24.92
CA LEU B 70 -16.70 21.61 26.22
C LEU B 70 -17.62 22.73 26.69
N GLN B 71 -17.20 23.98 26.51
CA GLN B 71 -18.05 25.11 26.88
C GLN B 71 -19.33 25.16 26.07
N GLU B 72 -19.33 24.57 24.87
CA GLU B 72 -20.52 24.59 24.04
C GLU B 72 -21.57 23.60 24.53
N PHE B 73 -21.14 22.41 24.97
CA PHE B 73 -22.06 21.41 25.50
C PHE B 73 -22.61 21.82 26.86
N ALA B 74 -21.87 22.63 27.61
CA ALA B 74 -22.29 23.07 28.93
C ALA B 74 -23.27 24.23 28.90
N GLU B 75 -23.48 24.84 27.72
CA GLU B 75 -24.47 25.91 27.62
C GLU B 75 -25.89 25.36 27.71
N THR B 76 -26.12 24.17 27.16
CA THR B 76 -27.44 23.56 27.18
C THR B 76 -27.69 22.71 28.42
N ARG B 77 -26.64 22.35 29.15
CA ARG B 77 -26.78 21.54 30.36
C ARG B 77 -26.38 22.36 31.58
N PRO B 78 -27.33 22.79 32.41
CA PRO B 78 -26.96 23.57 33.60
C PRO B 78 -26.13 22.79 34.61
N ASN B 79 -26.07 21.46 34.50
CA ASN B 79 -25.37 20.64 35.48
C ASN B 79 -23.95 20.27 35.04
N MET B 80 -23.37 21.03 34.12
CA MET B 80 -22.01 20.77 33.65
C MET B 80 -21.13 21.99 33.94
N THR B 81 -20.00 21.75 34.59
CA THR B 81 -19.01 22.78 34.86
C THR B 81 -17.76 22.48 34.05
N VAL B 82 -17.23 23.49 33.38
CA VAL B 82 -16.03 23.38 32.55
C VAL B 82 -14.96 24.32 33.11
N LYS B 83 -13.74 23.82 33.19
CA LYS B 83 -12.61 24.62 33.64
C LYS B 83 -11.35 24.13 32.93
N GLN B 84 -10.47 25.08 32.58
CA GLN B 84 -9.20 24.74 31.96
C GLN B 84 -8.05 25.07 32.91
N ILE B 85 -7.01 24.24 32.86
CA ILE B 85 -5.78 24.47 33.58
C ILE B 85 -4.62 24.36 32.60
N GLU B 86 -3.45 24.81 33.05
CA GLU B 86 -2.23 24.57 32.29
C GLU B 86 -1.93 23.08 32.24
N ASN B 87 -1.27 22.66 31.17
CA ASN B 87 -1.07 21.24 30.88
C ASN B 87 -0.15 20.60 31.92
N SER B 88 -0.68 19.63 32.65
CA SER B 88 0.11 18.88 33.62
C SER B 88 0.77 17.63 33.03
N GLY B 89 0.38 17.23 31.82
CA GLY B 89 0.99 16.12 31.14
C GLY B 89 0.34 14.77 31.39
N TRP B 90 -0.46 14.64 32.45
CA TRP B 90 -1.14 13.40 32.76
C TRP B 90 -2.56 13.74 33.22
N GLY B 91 -3.34 12.70 33.51
CA GLY B 91 -4.69 12.88 33.99
C GLY B 91 -4.82 13.05 35.49
N SER B 92 -3.72 12.94 36.24
CA SER B 92 -3.78 12.99 37.70
C SER B 92 -4.24 14.35 38.18
N ARG B 93 -3.50 15.40 37.81
CA ARG B 93 -3.82 16.75 38.28
C ARG B 93 -5.22 17.22 37.90
N PRO B 94 -5.71 17.04 36.65
CA PRO B 94 -7.08 17.50 36.36
C PRO B 94 -8.16 16.79 37.17
N ARG B 95 -7.99 15.49 37.41
CA ARG B 95 -8.94 14.77 38.28
C ARG B 95 -8.93 15.33 39.69
N ASN B 96 -7.75 15.60 40.23
CA ASN B 96 -7.66 16.17 41.58
C ASN B 96 -8.37 17.50 41.66
N ILE B 97 -8.23 18.34 40.62
CA ILE B 97 -8.85 19.66 40.62
C ILE B 97 -10.37 19.54 40.49
N ALA B 98 -10.83 18.61 39.65
CA ALA B 98 -12.26 18.37 39.53
C ALA B 98 -12.85 17.79 40.81
N THR B 99 -12.06 17.01 41.55
CA THR B 99 -12.54 16.40 42.79
C THR B 99 -12.76 17.45 43.87
N LYS B 100 -11.94 18.50 43.90
CA LYS B 100 -12.12 19.56 44.89
C LYS B 100 -13.35 20.40 44.59
N MET B 101 -13.71 20.54 43.31
CA MET B 101 -14.86 21.36 42.94
C MET B 101 -16.14 20.55 42.74
N ALA B 102 -16.05 19.23 42.73
CA ALA B 102 -17.23 18.39 42.64
C ALA B 102 -18.11 18.57 43.88
N LYS B 103 -19.42 18.33 43.70
CA LYS B 103 -20.38 18.47 44.79
C LYS B 103 -21.17 17.19 45.07
N GLY B 104 -21.06 16.17 44.23
CA GLY B 104 -21.88 14.99 44.39
C GLY B 104 -21.43 14.12 45.55
N GLU B 105 -22.28 13.15 45.88
CA GLU B 105 -21.94 12.21 46.94
C GLU B 105 -20.95 11.15 46.46
N TYR B 106 -21.01 10.76 45.19
CA TYR B 106 -20.08 9.81 44.62
C TYR B 106 -19.39 10.43 43.39
N ILE B 107 -18.13 10.10 43.21
CA ILE B 107 -17.33 10.56 42.08
C ILE B 107 -16.99 9.38 41.20
N LEU B 108 -17.24 9.52 39.90
CA LEU B 108 -16.77 8.58 38.90
C LEU B 108 -15.73 9.30 38.04
N TYR B 109 -14.54 8.72 37.93
CA TYR B 109 -13.52 9.24 37.04
C TYR B 109 -13.72 8.62 35.66
N LEU B 110 -14.14 9.44 34.71
CA LEU B 110 -14.43 9.01 33.34
C LEU B 110 -13.41 9.62 32.40
N ASP B 111 -12.79 8.79 31.58
CA ASP B 111 -11.79 9.30 30.65
C ASP B 111 -12.47 9.80 29.37
N HIS B 112 -11.78 10.71 28.68
CA HIS B 112 -12.33 11.43 27.52
C HIS B 112 -12.54 10.54 26.27
N ASP B 113 -12.32 9.22 26.35
CA ASP B 113 -12.52 8.33 25.21
C ASP B 113 -13.35 7.11 25.59
N ASP B 114 -14.05 7.15 26.72
CA ASP B 114 -14.86 6.04 27.19
C ASP B 114 -16.33 6.46 27.23
N THR B 115 -17.19 5.49 27.52
CA THR B 115 -18.63 5.72 27.64
C THR B 115 -19.15 4.99 28.86
N VAL B 116 -20.43 5.22 29.16
CA VAL B 116 -21.07 4.70 30.36
C VAL B 116 -22.37 4.03 29.94
N PHE B 117 -22.72 2.95 30.62
CA PHE B 117 -23.92 2.20 30.26
C PHE B 117 -25.17 2.91 30.79
N PRO B 118 -26.31 2.73 30.14
CA PRO B 118 -27.48 3.59 30.43
C PRO B 118 -27.98 3.55 31.86
N GLU B 119 -27.80 2.44 32.58
CA GLU B 119 -28.36 2.31 33.93
C GLU B 119 -27.28 2.32 35.01
N THR B 120 -26.11 2.88 34.71
CA THR B 120 -24.98 2.83 35.65
C THR B 120 -25.23 3.73 36.85
N PHE B 121 -25.55 5.00 36.62
CA PHE B 121 -25.71 5.95 37.72
C PHE B 121 -26.73 5.45 38.74
N GLU B 122 -27.89 5.00 38.27
CA GLU B 122 -28.96 4.59 39.17
C GLU B 122 -28.55 3.36 39.97
N ARG B 123 -28.07 2.32 39.29
CA ARG B 123 -27.75 1.06 39.97
C ARG B 123 -26.59 1.23 40.94
N VAL B 124 -25.59 2.04 40.57
CA VAL B 124 -24.42 2.19 41.42
C VAL B 124 -24.76 2.97 42.68
N TYR B 125 -25.47 4.09 42.54
CA TYR B 125 -25.80 4.89 43.71
C TYR B 125 -26.68 4.11 44.67
N ASN B 126 -27.71 3.44 44.16
CA ASN B 126 -28.62 2.68 45.01
C ASN B 126 -27.87 1.58 45.77
N PHE B 127 -26.96 0.88 45.09
CA PHE B 127 -26.12 -0.12 45.74
C PHE B 127 -25.21 0.52 46.78
N GLY B 128 -24.60 1.66 46.44
CA GLY B 128 -23.69 2.30 47.38
C GLY B 128 -24.39 2.89 48.59
N LYS B 129 -25.56 3.51 48.38
CA LYS B 129 -26.28 4.11 49.49
C LYS B 129 -26.96 3.07 50.37
N GLU B 130 -27.45 1.98 49.77
CA GLU B 130 -28.05 0.90 50.56
C GLU B 130 -27.04 0.28 51.51
N ASN B 131 -25.78 0.18 51.10
CA ASN B 131 -24.75 -0.49 51.89
C ASN B 131 -23.70 0.44 52.45
N ASN B 132 -23.85 1.75 52.26
CA ASN B 132 -22.96 2.76 52.82
C ASN B 132 -21.51 2.50 52.40
N LEU B 133 -21.30 2.46 51.08
CA LEU B 133 -20.02 2.11 50.52
C LEU B 133 -19.20 3.36 50.23
N ASP B 134 -17.89 3.28 50.51
CA ASP B 134 -16.98 4.35 50.12
C ASP B 134 -16.52 4.20 48.68
N VAL B 135 -16.46 2.98 48.18
CA VAL B 135 -16.11 2.69 46.79
C VAL B 135 -17.10 1.66 46.26
N VAL B 136 -17.63 1.92 45.07
CA VAL B 136 -18.40 0.93 44.32
C VAL B 136 -17.57 0.56 43.10
N SER B 137 -17.03 -0.66 43.11
CA SER B 137 -16.26 -1.18 41.99
C SER B 137 -17.22 -1.92 41.07
N GLY B 138 -17.67 -1.23 40.02
CA GLY B 138 -18.63 -1.82 39.12
C GLY B 138 -17.98 -2.52 37.95
N LYS B 139 -18.72 -3.49 37.38
CA LYS B 139 -18.21 -4.28 36.26
C LYS B 139 -17.71 -3.38 35.14
N GLU B 140 -16.43 -3.50 34.81
CA GLU B 140 -15.80 -2.74 33.74
C GLU B 140 -15.65 -3.61 32.50
N VAL B 141 -15.90 -3.01 31.33
CA VAL B 141 -15.92 -3.72 30.06
C VAL B 141 -14.83 -3.13 29.17
N ARG B 142 -14.08 -4.00 28.50
CA ARG B 142 -13.04 -3.59 27.57
C ARG B 142 -13.37 -4.06 26.17
N THR B 143 -12.83 -3.35 25.18
CA THR B 143 -13.12 -3.67 23.79
C THR B 143 -12.65 -5.07 23.43
N ASN B 144 -11.42 -5.41 23.80
CA ASN B 144 -10.80 -6.67 23.42
C ASN B 144 -10.74 -7.61 24.60
N GLY B 145 -10.63 -8.91 24.28
CA GLY B 145 -10.47 -9.94 25.28
C GLY B 145 -11.80 -10.61 25.62
N TRP B 146 -11.70 -11.81 26.17
CA TRP B 146 -12.88 -12.59 26.55
C TRP B 146 -13.26 -12.42 28.01
N SER B 147 -12.51 -11.63 28.78
CA SER B 147 -12.85 -11.41 30.17
C SER B 147 -12.20 -10.11 30.65
N TRP B 148 -12.71 -9.60 31.76
CA TRP B 148 -12.07 -8.50 32.48
C TRP B 148 -12.54 -8.57 33.91
N GLY B 149 -11.61 -8.72 34.85
CA GLY B 149 -12.00 -8.96 36.23
C GLY B 149 -12.79 -10.24 36.40
N TRP B 150 -12.35 -11.31 35.75
CA TRP B 150 -13.07 -12.58 35.77
C TRP B 150 -13.36 -13.06 37.19
N LYS B 151 -12.45 -12.80 38.14
CA LYS B 151 -12.60 -13.23 39.51
C LYS B 151 -13.43 -12.25 40.34
N GLN B 152 -13.08 -10.96 40.29
CA GLN B 152 -13.73 -9.98 41.15
C GLN B 152 -15.15 -9.65 40.69
N PHE B 153 -15.40 -9.63 39.38
CA PHE B 153 -16.70 -9.29 38.84
C PHE B 153 -17.59 -10.52 38.63
N SER B 154 -17.41 -11.57 39.44
CA SER B 154 -18.19 -12.78 39.31
C SER B 154 -19.45 -12.79 40.17
N GLU B 155 -19.54 -11.94 41.19
CA GLU B 155 -20.77 -11.84 41.97
C GLU B 155 -20.79 -10.51 42.72
N ASN B 156 -22.01 -10.04 42.98
CA ASN B 156 -22.17 -8.86 43.82
C ASN B 156 -21.66 -9.13 45.23
N ASN B 157 -21.07 -8.11 45.84
CA ASN B 157 -20.52 -8.23 47.19
C ASN B 157 -20.61 -6.88 47.88
N PRO B 158 -21.61 -6.68 48.74
CA PRO B 158 -21.67 -5.41 49.49
C PRO B 158 -20.63 -5.29 50.59
N HIS B 159 -19.99 -6.40 50.95
CA HIS B 159 -18.92 -6.39 51.94
C HIS B 159 -17.63 -6.86 51.29
N ALA B 160 -17.27 -6.25 50.17
CA ALA B 160 -16.12 -6.72 49.40
C ALA B 160 -14.82 -6.54 50.16
N GLU B 161 -14.73 -5.54 51.05
CA GLU B 161 -13.48 -5.29 51.76
C GLU B 161 -13.10 -6.43 52.70
N GLU B 162 -14.00 -7.39 52.94
CA GLU B 162 -13.65 -8.57 53.71
C GLU B 162 -12.60 -9.41 53.01
N MET B 163 -12.60 -9.42 51.67
CA MET B 163 -11.63 -10.17 50.88
C MET B 163 -10.23 -9.58 50.96
N GLY B 164 -10.09 -8.35 51.44
CA GLY B 164 -8.84 -7.63 51.36
C GLY B 164 -8.81 -6.70 50.18
N ILE B 165 -7.62 -6.11 49.95
CA ILE B 165 -7.44 -5.14 48.89
C ILE B 165 -7.69 -5.74 47.51
N GLU B 166 -7.81 -7.07 47.41
CA GLU B 166 -8.12 -7.72 46.15
C GLU B 166 -9.47 -7.30 45.58
N CYS B 167 -10.39 -6.84 46.42
CA CYS B 167 -11.73 -6.45 45.96
C CYS B 167 -11.71 -5.26 45.00
N LEU B 168 -10.60 -4.52 44.93
CA LEU B 168 -10.52 -3.35 44.07
C LEU B 168 -9.86 -3.63 42.72
N LEU B 169 -9.35 -4.85 42.53
CA LEU B 169 -8.80 -5.21 41.22
C LEU B 169 -9.94 -5.51 40.24
N PRO B 170 -9.78 -5.16 38.96
CA PRO B 170 -8.61 -4.43 38.47
C PRO B 170 -8.67 -2.93 38.80
N MET B 171 -7.53 -2.38 39.24
CA MET B 171 -7.50 -1.06 39.86
C MET B 171 -7.45 0.07 38.82
N THR B 172 -8.46 0.09 37.96
CA THR B 172 -8.69 1.25 37.10
C THR B 172 -9.34 2.37 37.92
N PRO B 173 -9.23 3.62 37.48
CA PRO B 173 -9.90 4.71 38.18
C PRO B 173 -11.39 4.84 37.85
N HIS B 174 -11.93 3.88 37.10
CA HIS B 174 -13.28 3.94 36.56
C HIS B 174 -14.28 3.28 37.52
N LYS B 175 -14.23 3.70 38.77
CA LYS B 175 -15.12 3.28 39.82
C LYS B 175 -15.81 4.52 40.39
N PHE B 176 -16.73 4.29 41.33
CA PHE B 176 -17.42 5.36 42.02
C PHE B 176 -16.86 5.48 43.44
N TYR B 177 -16.39 6.68 43.79
CA TYR B 177 -15.75 6.95 45.06
C TYR B 177 -16.55 7.98 45.83
N LYS B 178 -16.88 7.67 47.09
CA LYS B 178 -17.55 8.66 47.92
C LYS B 178 -16.67 9.89 48.07
N ARG B 179 -17.14 11.03 47.57
CA ARG B 179 -16.32 12.23 47.55
C ARG B 179 -15.90 12.65 48.95
N GLU B 180 -16.81 12.51 49.92
CA GLU B 180 -16.47 12.84 51.30
C GLU B 180 -15.36 11.95 51.82
N PHE B 181 -15.32 10.69 51.38
CA PHE B 181 -14.25 9.79 51.83
C PHE B 181 -12.90 10.21 51.26
N LEU B 182 -12.86 10.64 50.00
CA LEU B 182 -11.61 11.08 49.39
C LEU B 182 -11.09 12.35 50.05
N LEU B 183 -11.99 13.30 50.35
CA LEU B 183 -11.55 14.54 50.95
C LEU B 183 -11.09 14.32 52.39
N GLU B 184 -11.83 13.50 53.15
CA GLU B 184 -11.52 13.33 54.56
C GLU B 184 -10.18 12.64 54.78
N ASN B 185 -9.76 11.80 53.83
CA ASN B 185 -8.50 11.07 53.94
C ASN B 185 -7.42 11.62 53.00
N ASP B 186 -7.69 12.75 52.35
CA ASP B 186 -6.72 13.40 51.46
C ASP B 186 -6.18 12.43 50.41
N ILE B 187 -7.08 11.61 49.86
CA ILE B 187 -6.72 10.66 48.81
C ILE B 187 -6.76 11.40 47.47
N THR B 188 -5.59 11.61 46.88
CA THR B 188 -5.48 12.28 45.60
C THR B 188 -4.70 11.41 44.63
N PHE B 189 -4.77 11.76 43.35
CA PHE B 189 -3.98 11.07 42.33
C PHE B 189 -2.54 11.56 42.38
N ASP B 190 -1.61 10.63 42.17
CA ASP B 190 -0.19 10.95 42.24
C ASP B 190 0.18 12.02 41.22
N ASP B 191 0.54 13.20 41.72
CA ASP B 191 0.92 14.33 40.86
C ASP B 191 2.44 14.35 40.74
N GLY B 192 2.94 14.15 39.53
CA GLY B 192 4.38 14.18 39.28
C GLY B 192 4.67 14.37 37.81
N ALA B 193 5.94 14.64 37.52
CA ALA B 193 6.40 14.74 36.15
C ALA B 193 6.54 13.37 35.49
N ARG B 194 6.52 12.28 36.27
CA ARG B 194 6.65 10.91 35.76
C ARG B 194 5.60 10.05 36.47
N VAL B 195 4.43 9.92 35.83
CA VAL B 195 3.27 9.26 36.43
C VAL B 195 3.07 7.92 35.75
N LEU B 196 2.93 6.86 36.55
CA LEU B 196 2.68 5.49 36.03
C LEU B 196 1.86 4.71 37.06
N TRP B 197 0.79 4.07 36.61
CA TRP B 197 -0.10 3.30 37.48
C TRP B 197 -0.70 4.15 38.60
N GLU B 198 -1.03 5.40 38.28
CA GLU B 198 -1.57 6.30 39.29
C GLU B 198 -2.86 5.78 39.89
N ASP B 199 -3.63 5.02 39.10
CA ASP B 199 -4.87 4.44 39.61
C ASP B 199 -4.62 3.28 40.57
N VAL B 200 -3.46 2.64 40.49
CA VAL B 200 -3.12 1.63 41.48
C VAL B 200 -2.84 2.28 42.83
N TYR B 201 -2.11 3.40 42.83
CA TYR B 201 -1.88 4.13 44.08
C TYR B 201 -3.20 4.60 44.67
N PHE B 202 -4.04 5.23 43.83
CA PHE B 202 -5.30 5.80 44.29
C PHE B 202 -6.19 4.74 44.94
N ASN B 203 -6.37 3.60 44.27
CA ASN B 203 -7.21 2.55 44.84
C ASN B 203 -6.56 1.96 46.09
N SER B 204 -5.23 1.77 46.08
CA SER B 204 -4.55 1.25 47.26
C SER B 204 -4.72 2.18 48.45
N LYS B 205 -4.52 3.49 48.24
CA LYS B 205 -4.69 4.45 49.32
C LYS B 205 -6.12 4.45 49.84
N ALA B 206 -7.10 4.27 48.95
CA ALA B 206 -8.48 4.15 49.39
C ALA B 206 -8.67 2.96 50.31
N PHE B 207 -8.07 1.81 49.97
CA PHE B 207 -8.22 0.65 50.84
C PHE B 207 -7.39 0.79 52.11
N ILE B 208 -6.24 1.46 52.02
CA ILE B 208 -5.40 1.66 53.20
C ILE B 208 -6.15 2.47 54.25
N HIS B 209 -6.89 3.47 53.80
CA HIS B 209 -7.66 4.29 54.72
C HIS B 209 -8.98 3.64 55.13
N GLY B 210 -9.14 2.34 54.89
CA GLY B 210 -10.29 1.61 55.39
C GLY B 210 -11.59 1.85 54.67
N ALA B 211 -11.56 1.91 53.34
CA ALA B 211 -12.78 2.14 52.58
C ALA B 211 -13.67 0.90 52.60
N LYS B 212 -14.95 1.10 52.91
CA LYS B 212 -15.94 0.07 52.67
C LYS B 212 -16.16 -0.06 51.16
N VAL B 213 -15.88 -1.24 50.61
CA VAL B 213 -15.93 -1.45 49.17
C VAL B 213 -17.09 -2.38 48.83
N GLY B 214 -17.78 -2.07 47.75
CA GLY B 214 -18.79 -2.96 47.21
C GLY B 214 -18.50 -3.24 45.74
N ILE B 215 -18.78 -4.48 45.34
CA ILE B 215 -18.58 -4.91 43.96
C ILE B 215 -19.95 -5.07 43.31
N LEU B 216 -20.17 -4.35 42.22
CA LEU B 216 -21.40 -4.48 41.44
C LEU B 216 -21.04 -5.27 40.19
N ALA B 217 -21.40 -6.56 40.19
CA ALA B 217 -20.97 -7.45 39.13
C ALA B 217 -22.07 -7.81 38.14
N ASP B 218 -23.35 -7.57 38.47
CA ASP B 218 -24.45 -8.08 37.66
C ASP B 218 -24.87 -7.12 36.56
N TYR B 219 -24.17 -6.00 36.38
CA TYR B 219 -24.54 -5.05 35.35
C TYR B 219 -23.28 -4.31 34.90
N PRO B 220 -23.06 -4.16 33.59
CA PRO B 220 -21.82 -3.53 33.13
C PRO B 220 -21.93 -2.01 33.26
N THR B 221 -20.97 -1.41 33.97
CA THR B 221 -21.08 -0.01 34.36
C THR B 221 -20.23 0.92 33.52
N TYR B 222 -19.09 0.47 33.02
CA TYR B 222 -18.12 1.34 32.38
C TYR B 222 -17.53 0.63 31.17
N TYR B 223 -17.42 1.35 30.05
CA TYR B 223 -16.84 0.81 28.83
C TYR B 223 -15.49 1.50 28.59
N TRP B 224 -14.40 0.78 28.85
CA TRP B 224 -13.04 1.26 28.61
C TRP B 224 -12.67 0.91 27.18
N ILE B 225 -12.69 1.90 26.30
CA ILE B 225 -12.62 1.67 24.86
C ILE B 225 -11.16 1.66 24.41
N ALA B 226 -10.84 0.70 23.54
CA ALA B 226 -9.56 0.69 22.86
C ALA B 226 -9.68 1.44 21.54
N THR B 227 -8.66 2.21 21.20
CA THR B 227 -8.65 2.98 19.97
C THR B 227 -7.32 2.76 19.27
N GLY B 228 -6.96 3.66 18.36
CA GLY B 228 -5.66 3.66 17.74
C GLY B 228 -4.61 4.45 18.47
N ALA B 229 -4.96 5.09 19.58
CA ALA B 229 -4.05 5.93 20.36
C ALA B 229 -4.22 5.55 21.83
N ASN B 230 -3.47 4.54 22.28
CA ASN B 230 -3.56 4.07 23.65
C ASN B 230 -2.19 3.58 24.12
N ASN B 231 -1.83 3.98 25.34
CA ASN B 231 -0.65 3.45 26.03
C ASN B 231 0.63 3.69 25.22
N SER B 232 0.90 4.97 24.93
CA SER B 232 2.10 5.37 24.21
C SER B 232 2.75 6.52 24.98
N SER B 233 3.72 6.18 25.82
CA SER B 233 4.44 7.18 26.63
C SER B 233 5.83 6.65 26.94
N SER B 234 6.70 7.57 27.39
CA SER B 234 8.12 7.24 27.55
C SER B 234 8.31 6.12 28.56
N PHE B 235 7.71 6.23 29.75
CA PHE B 235 7.71 5.14 30.70
C PHE B 235 6.95 3.95 30.13
N GLY B 236 7.51 2.76 30.30
CA GLY B 236 6.99 1.58 29.63
C GLY B 236 7.44 1.43 28.20
N ARG B 237 8.01 2.47 27.60
CA ARG B 237 8.68 2.39 26.31
C ARG B 237 10.19 2.44 26.42
N ASP B 238 10.72 2.89 27.57
CA ASP B 238 12.14 2.92 27.85
C ASP B 238 12.41 2.03 29.06
N PRO B 239 13.35 1.09 28.97
CA PRO B 239 13.52 0.12 30.07
C PRO B 239 13.97 0.75 31.38
N HIS B 240 14.80 1.79 31.32
CA HIS B 240 15.31 2.39 32.55
C HIS B 240 14.22 3.12 33.31
N GLU B 241 13.34 3.84 32.61
CA GLU B 241 12.28 4.54 33.30
C GLU B 241 11.15 3.58 33.70
N LYS B 242 10.92 2.54 32.91
CA LYS B 242 9.93 1.53 33.28
C LYS B 242 10.24 0.93 34.65
N TRP B 243 11.48 0.47 34.84
CA TRP B 243 11.85 -0.17 36.09
C TRP B 243 12.06 0.80 37.23
N ASN B 244 12.34 2.06 36.94
CA ASN B 244 12.32 3.07 38.01
C ASN B 244 10.90 3.24 38.55
N GLN B 245 9.89 3.10 37.67
CA GLN B 245 8.51 3.19 38.13
C GLN B 245 8.10 1.93 38.88
N ILE B 246 8.58 0.77 38.45
CA ILE B 246 8.27 -0.48 39.16
C ILE B 246 8.81 -0.44 40.58
N ASN B 247 10.03 0.10 40.75
CA ASN B 247 10.59 0.25 42.09
C ASN B 247 9.77 1.21 42.95
N LYS B 248 9.25 2.30 42.36
CA LYS B 248 8.38 3.20 43.13
C LYS B 248 7.14 2.47 43.63
N LEU B 249 6.53 1.63 42.78
CA LEU B 249 5.27 0.97 43.15
C LEU B 249 5.49 -0.06 44.25
N PHE B 250 6.58 -0.83 44.17
CA PHE B 250 6.86 -1.81 45.21
C PHE B 250 7.29 -1.13 46.51
N ASN B 251 8.03 -0.01 46.42
CA ASN B 251 8.36 0.75 47.61
C ASN B 251 7.10 1.35 48.24
N PHE B 252 6.18 1.83 47.40
CA PHE B 252 4.91 2.33 47.92
C PHE B 252 4.16 1.25 48.69
N PHE B 253 4.10 0.03 48.13
CA PHE B 253 3.42 -1.07 48.81
C PHE B 253 4.01 -1.32 50.20
N LYS B 254 5.33 -1.47 50.29
CA LYS B 254 5.94 -1.84 51.56
C LYS B 254 5.90 -0.69 52.56
N ASP B 255 5.93 0.54 52.08
CA ASP B 255 5.92 1.70 52.98
C ASP B 255 4.52 2.03 53.49
N ASN B 256 3.50 1.89 52.64
CA ASN B 256 2.17 2.39 52.99
C ASN B 256 1.20 1.29 53.41
N ILE B 257 1.22 0.14 52.77
CA ILE B 257 0.28 -0.93 53.11
C ILE B 257 0.71 -1.58 54.41
N LYS B 258 -0.17 -1.55 55.41
CA LYS B 258 0.18 -1.96 56.76
C LYS B 258 -0.31 -3.35 57.12
N GLU B 259 -1.49 -3.77 56.65
CA GLU B 259 -1.97 -5.10 56.97
C GLU B 259 -1.25 -6.14 56.13
N GLN B 260 -0.84 -7.24 56.78
CA GLN B 260 0.00 -8.22 56.12
C GLN B 260 -0.74 -8.93 54.98
N ARG B 261 -2.03 -9.18 55.16
CA ARG B 261 -2.82 -9.84 54.11
C ARG B 261 -2.81 -9.02 52.82
N ASP B 262 -3.02 -7.71 52.94
CA ASP B 262 -3.09 -6.85 51.77
C ASP B 262 -1.73 -6.64 51.14
N LEU B 263 -0.69 -6.50 51.97
CA LEU B 263 0.65 -6.35 51.44
C LEU B 263 1.09 -7.61 50.71
N ASP B 264 0.84 -8.78 51.31
CA ASP B 264 1.22 -10.03 50.67
C ASP B 264 0.52 -10.20 49.32
N PHE B 265 -0.75 -9.77 49.23
CA PHE B 265 -1.44 -9.91 47.95
C PHE B 265 -0.83 -8.99 46.89
N MET B 266 -0.62 -7.72 47.24
CA MET B 266 -0.07 -6.78 46.27
C MET B 266 1.34 -7.16 45.88
N LEU B 267 2.18 -7.57 46.85
CA LEU B 267 3.53 -8.02 46.52
C LEU B 267 3.49 -9.21 45.56
N THR B 268 2.70 -10.23 45.90
CA THR B 268 2.63 -11.43 45.06
C THR B 268 2.05 -11.12 43.69
N HIS B 269 0.94 -10.37 43.65
CA HIS B 269 0.27 -10.07 42.38
C HIS B 269 1.20 -9.33 41.42
N TRP B 270 1.81 -8.25 41.88
CA TRP B 270 2.63 -7.43 40.99
C TRP B 270 3.99 -8.07 40.72
N TYR B 271 4.54 -8.84 41.66
CA TYR B 271 5.74 -9.60 41.37
C TYR B 271 5.48 -10.62 40.27
N ARG B 272 4.40 -11.39 40.38
CA ARG B 272 4.10 -12.40 39.39
C ARG B 272 3.88 -11.79 38.00
N SER B 273 3.10 -10.72 37.92
CA SER B 273 2.64 -10.25 36.62
C SER B 273 3.61 -9.29 35.94
N ARG B 274 4.35 -8.48 36.69
CA ARG B 274 5.21 -7.48 36.07
C ARG B 274 6.71 -7.79 36.16
N VAL B 275 7.13 -8.60 37.13
CA VAL B 275 8.54 -8.90 37.30
C VAL B 275 8.80 -10.27 36.68
N LEU B 276 8.18 -11.31 37.22
CA LEU B 276 8.27 -12.62 36.59
C LEU B 276 7.61 -12.62 35.20
N GLY B 277 6.71 -11.69 34.92
CA GLY B 277 6.03 -11.61 33.65
C GLY B 277 6.92 -11.27 32.46
N ILE B 278 8.16 -10.88 32.68
CA ILE B 278 9.09 -10.72 31.57
C ILE B 278 9.95 -11.96 31.36
N LEU B 279 9.84 -12.96 32.23
CA LEU B 279 10.71 -14.12 32.19
C LEU B 279 10.09 -15.30 31.45
N GLY B 280 9.02 -15.07 30.70
CA GLY B 280 8.38 -16.09 29.90
C GLY B 280 8.48 -15.78 28.43
N GLN B 281 7.34 -15.73 27.74
CA GLN B 281 7.35 -15.48 26.30
C GLN B 281 7.94 -14.11 25.95
N TRP B 282 8.05 -13.20 26.91
CA TRP B 282 8.70 -11.92 26.66
C TRP B 282 10.14 -12.10 26.21
N LEU B 283 10.83 -13.13 26.72
CA LEU B 283 12.23 -13.37 26.37
C LEU B 283 12.41 -13.74 24.90
N LEU B 284 11.34 -14.16 24.22
CA LEU B 284 11.43 -14.56 22.83
C LEU B 284 11.01 -13.44 21.88
N LYS B 285 10.58 -12.29 22.39
CA LYS B 285 10.11 -11.20 21.55
C LYS B 285 10.96 -9.95 21.64
N ASN B 286 12.05 -9.96 22.40
CA ASN B 286 12.88 -8.78 22.59
C ASN B 286 14.33 -9.10 22.28
N ASN B 287 15.10 -8.06 21.98
CA ASN B 287 16.50 -8.25 21.64
C ASN B 287 17.33 -8.45 22.90
N ASN B 288 18.51 -9.05 22.71
CA ASN B 288 19.35 -9.43 23.84
C ASN B 288 19.83 -8.23 24.64
N GLU B 289 19.91 -7.06 24.00
CA GLU B 289 20.32 -5.86 24.71
C GLU B 289 19.26 -5.44 25.73
N ARG B 290 18.01 -5.36 25.29
CA ARG B 290 16.93 -5.00 26.22
C ARG B 290 16.67 -6.11 27.24
N ILE B 291 16.87 -7.37 26.85
CA ILE B 291 16.66 -8.48 27.78
C ILE B 291 17.61 -8.37 28.97
N ASP B 292 18.89 -8.11 28.69
CA ASP B 292 19.87 -8.00 29.77
C ASP B 292 19.55 -6.84 30.69
N ILE B 293 19.13 -5.69 30.14
CA ILE B 293 18.80 -4.55 30.97
C ILE B 293 17.68 -4.88 31.93
N GLU B 294 16.59 -5.46 31.40
CA GLU B 294 15.43 -5.68 32.25
C GLU B 294 15.60 -6.90 33.17
N PHE B 295 16.43 -7.86 32.78
CA PHE B 295 16.71 -8.98 33.68
C PHE B 295 17.50 -8.50 34.90
N ASN B 296 18.50 -7.65 34.71
CA ASN B 296 19.28 -7.16 35.85
C ASN B 296 18.43 -6.31 36.78
N TYR B 297 17.51 -5.52 36.21
CA TYR B 297 16.57 -4.78 37.04
C TYR B 297 15.68 -5.71 37.82
N ALA B 298 15.14 -6.74 37.14
CA ALA B 298 14.27 -7.70 37.81
C ALA B 298 15.00 -8.47 38.90
N LYS B 299 16.26 -8.84 38.65
CA LYS B 299 17.03 -9.55 39.66
C LYS B 299 17.28 -8.67 40.87
N LYS B 300 17.74 -7.44 40.63
CA LYS B 300 18.02 -6.52 41.74
C LYS B 300 16.76 -6.24 42.55
N LEU B 301 15.61 -6.10 41.89
CA LEU B 301 14.37 -5.81 42.61
C LEU B 301 13.92 -7.01 43.44
N ALA B 302 14.08 -8.23 42.89
CA ALA B 302 13.69 -9.42 43.64
C ALA B 302 14.55 -9.58 44.89
N GLU B 303 15.84 -9.29 44.79
CA GLU B 303 16.73 -9.45 45.93
C GLU B 303 16.46 -8.41 47.02
N GLU B 304 16.10 -7.20 46.63
CA GLU B 304 16.00 -6.08 47.55
C GLU B 304 14.59 -5.86 48.10
N LEU B 305 13.54 -6.00 47.28
CA LEU B 305 12.19 -5.65 47.71
C LEU B 305 11.27 -6.83 47.96
N ILE B 306 11.52 -7.99 47.36
CA ILE B 306 10.60 -9.13 47.41
C ILE B 306 11.13 -10.11 48.45
N PRO B 307 10.43 -10.33 49.55
CA PRO B 307 10.89 -11.31 50.54
C PRO B 307 10.77 -12.74 50.02
N ALA B 308 11.56 -13.62 50.64
CA ALA B 308 11.67 -14.99 50.16
C ALA B 308 10.36 -15.75 50.23
N TYR B 309 9.54 -15.49 51.26
CA TYR B 309 8.28 -16.22 51.40
C TYR B 309 7.29 -15.93 50.28
N ILE B 310 7.47 -14.82 49.56
CA ILE B 310 6.52 -14.46 48.51
C ILE B 310 6.46 -15.56 47.44
N SER B 311 7.59 -16.19 47.15
CA SER B 311 7.63 -17.25 46.14
C SER B 311 6.81 -18.46 46.54
N GLU B 312 6.55 -18.66 47.83
CA GLU B 312 5.74 -19.81 48.26
C GLU B 312 4.27 -19.64 47.93
N ASN B 313 3.83 -18.43 47.55
CA ASN B 313 2.46 -18.20 47.14
C ASN B 313 2.23 -18.45 45.65
N LEU B 314 3.28 -18.75 44.90
CA LEU B 314 3.21 -18.83 43.44
C LEU B 314 3.03 -20.27 42.98
N ASP B 315 2.54 -20.41 41.74
CA ASP B 315 2.46 -21.73 41.13
C ASP B 315 3.86 -22.21 40.76
N LYS B 316 3.93 -23.52 40.46
CA LYS B 316 5.22 -24.18 40.25
C LYS B 316 6.06 -23.48 39.17
N ASN B 317 5.44 -23.13 38.05
CA ASN B 317 6.18 -22.48 36.97
C ASN B 317 6.73 -21.13 37.42
N ASN B 318 5.95 -20.38 38.21
CA ASN B 318 6.46 -19.09 38.66
C ASN B 318 7.53 -19.25 39.74
N GLN B 319 7.43 -20.30 40.57
CA GLN B 319 8.52 -20.59 41.50
C GLN B 319 9.81 -20.88 40.76
N VAL B 320 9.72 -21.61 39.65
CA VAL B 320 10.90 -21.88 38.83
C VAL B 320 11.49 -20.57 38.32
N LYS B 321 10.64 -19.67 37.82
CA LYS B 321 11.14 -18.40 37.32
C LYS B 321 11.78 -17.59 38.43
N ASP B 322 11.20 -17.63 39.63
CA ASP B 322 11.75 -16.88 40.75
C ASP B 322 13.10 -17.44 41.18
N TYR B 323 13.24 -18.77 41.22
CA TYR B 323 14.51 -19.36 41.64
C TYR B 323 15.62 -19.05 40.64
N LEU B 324 15.35 -19.18 39.35
CA LEU B 324 16.39 -18.96 38.34
C LEU B 324 16.73 -17.48 38.20
N LEU B 325 15.75 -16.60 38.44
CA LEU B 325 16.03 -15.17 38.44
C LEU B 325 17.04 -14.81 39.52
N ARG B 326 16.81 -15.30 40.75
CA ARG B 326 17.70 -14.97 41.85
C ARG B 326 19.08 -15.61 41.66
N GLN B 327 19.16 -16.73 40.95
CA GLN B 327 20.45 -17.28 40.56
C GLN B 327 21.07 -16.55 39.38
N GLY B 328 20.36 -15.58 38.80
CA GLY B 328 20.86 -14.91 37.62
C GLY B 328 20.98 -15.78 36.39
N ASP B 329 20.26 -16.91 36.35
CA ASP B 329 20.41 -17.90 35.28
C ASP B 329 19.45 -17.56 34.15
N LEU B 330 19.83 -16.55 33.36
CA LEU B 330 19.02 -16.13 32.23
C LEU B 330 18.98 -17.19 31.13
N ASP B 331 20.07 -17.93 30.94
CA ASP B 331 20.11 -18.93 29.88
C ASP B 331 19.06 -20.02 30.12
N SER B 332 18.91 -20.47 31.36
CA SER B 332 17.88 -21.47 31.66
C SER B 332 16.48 -20.89 31.44
N LEU B 333 16.26 -19.63 31.82
CA LEU B 333 14.95 -19.03 31.62
C LEU B 333 14.61 -18.92 30.13
N LYS B 334 15.59 -18.58 29.30
CA LYS B 334 15.34 -18.50 27.87
C LYS B 334 15.01 -19.87 27.29
N LYS B 335 15.68 -20.92 27.76
CA LYS B 335 15.35 -22.27 27.31
C LYS B 335 13.97 -22.70 27.77
N LEU B 336 13.60 -22.31 29.00
CA LEU B 336 12.27 -22.67 29.50
C LEU B 336 11.18 -21.96 28.72
N ALA B 337 11.41 -20.70 28.34
CA ALA B 337 10.43 -20.00 27.51
C ALA B 337 10.29 -20.68 26.15
N GLN B 338 11.40 -21.11 25.57
CA GLN B 338 11.32 -21.84 24.31
C GLN B 338 10.50 -23.11 24.47
N ILE B 339 10.67 -23.82 25.59
CA ILE B 339 9.94 -25.06 25.83
C ILE B 339 8.46 -24.78 26.05
N ASP B 340 8.14 -23.67 26.71
CA ASP B 340 6.76 -23.35 27.06
C ASP B 340 5.97 -22.72 25.93
N ALA B 341 6.64 -22.25 24.88
CA ALA B 341 5.96 -21.50 23.83
C ALA B 341 4.86 -22.33 23.16
N GLY B 342 3.66 -21.78 23.13
CA GLY B 342 2.55 -22.38 22.40
C GLY B 342 1.61 -23.23 23.21
N ILE B 343 1.87 -23.40 24.50
CA ILE B 343 0.98 -24.20 25.35
C ILE B 343 -0.37 -23.51 25.45
N THR B 344 -1.44 -24.22 25.08
CA THR B 344 -2.77 -23.64 25.00
C THR B 344 -3.80 -24.76 25.14
N ALA B 345 -5.07 -24.38 25.09
CA ALA B 345 -6.16 -25.34 25.17
C ALA B 345 -7.34 -24.77 24.37
N LEU B 346 -7.67 -25.42 23.26
CA LEU B 346 -8.72 -24.98 22.37
C LEU B 346 -9.91 -25.94 22.51
N SER B 347 -11.11 -25.39 22.57
CA SER B 347 -12.31 -26.20 22.72
C SER B 347 -12.99 -26.42 21.38
N TYR B 348 -13.45 -27.63 21.16
CA TYR B 348 -14.20 -28.00 19.97
C TYR B 348 -15.63 -28.32 20.36
N VAL B 349 -16.54 -28.11 19.42
CA VAL B 349 -17.95 -28.42 19.62
C VAL B 349 -18.17 -29.90 19.30
N GLU B 350 -18.50 -30.68 20.32
CA GLU B 350 -18.94 -32.06 20.13
C GLU B 350 -20.43 -32.13 19.80
N ASP B 351 -21.21 -31.19 20.31
CA ASP B 351 -22.65 -31.15 20.04
C ASP B 351 -23.19 -29.78 20.39
N ALA B 352 -24.18 -29.34 19.63
CA ALA B 352 -24.84 -28.05 19.83
C ALA B 352 -26.27 -28.19 19.34
N TYR B 353 -27.24 -27.99 20.22
CA TYR B 353 -28.64 -28.20 19.87
C TYR B 353 -29.52 -27.39 20.81
N PHE B 354 -30.73 -27.11 20.35
CA PHE B 354 -31.72 -26.39 21.14
C PHE B 354 -32.62 -27.38 21.85
N LYS B 355 -32.81 -27.18 23.16
CA LYS B 355 -33.77 -27.96 23.93
C LYS B 355 -34.52 -27.01 24.86
N GLU B 356 -35.85 -27.08 24.82
CA GLU B 356 -36.73 -26.24 25.64
C GLU B 356 -36.40 -24.79 25.33
N ASP B 357 -36.07 -23.96 26.33
CA ASP B 357 -35.85 -22.54 26.11
C ASP B 357 -34.37 -22.17 25.99
N LYS B 358 -33.47 -23.14 26.01
CA LYS B 358 -32.04 -22.86 26.05
C LYS B 358 -31.32 -23.63 24.94
N LEU B 359 -30.10 -23.17 24.65
CA LEU B 359 -29.22 -23.77 23.66
C LEU B 359 -28.14 -24.55 24.39
N PHE B 360 -27.99 -25.83 24.06
CA PHE B 360 -27.08 -26.72 24.78
C PHE B 360 -25.80 -26.96 23.99
N PHE B 361 -24.68 -27.02 24.70
CA PHE B 361 -23.37 -27.26 24.11
C PHE B 361 -22.68 -28.41 24.83
N LYS B 362 -21.97 -29.22 24.06
CA LYS B 362 -21.05 -30.22 24.59
C LYS B 362 -19.70 -29.95 23.95
N THR B 363 -18.70 -29.59 24.75
CA THR B 363 -17.39 -29.25 24.23
C THR B 363 -16.32 -30.17 24.81
N SER B 364 -15.18 -30.20 24.13
CA SER B 364 -14.02 -30.97 24.56
C SER B 364 -12.76 -30.17 24.26
N THR B 365 -11.70 -30.46 25.01
CA THR B 365 -10.44 -29.75 24.81
C THR B 365 -9.33 -30.61 25.38
N LYS B 366 -8.10 -30.32 24.95
CA LYS B 366 -6.93 -30.87 25.62
C LYS B 366 -5.81 -29.85 25.53
N MET B 367 -4.91 -29.89 26.50
CA MET B 367 -3.74 -29.02 26.43
C MET B 367 -2.85 -29.47 25.29
N THR B 368 -2.51 -28.53 24.40
CA THR B 368 -1.71 -28.82 23.21
C THR B 368 -0.63 -27.75 23.06
N TYR B 369 0.21 -27.94 22.05
CA TYR B 369 1.08 -26.89 21.52
C TYR B 369 0.42 -26.37 20.24
N GLU B 370 -0.10 -25.14 20.30
CA GLU B 370 -0.68 -24.45 19.15
C GLU B 370 -1.77 -25.27 18.46
N ASP B 371 -2.60 -25.96 19.26
CA ASP B 371 -3.71 -26.74 18.72
C ASP B 371 -3.21 -27.89 17.83
N LYS B 372 -2.00 -28.37 18.09
CA LYS B 372 -1.47 -29.50 17.34
C LYS B 372 -1.21 -30.70 18.24
N GLU B 373 0.06 -31.07 18.45
CA GLU B 373 0.34 -32.26 19.23
C GLU B 373 0.05 -32.03 20.70
N ASP B 374 -0.20 -33.13 21.41
CA ASP B 374 -0.55 -33.07 22.83
C ASP B 374 0.58 -32.46 23.64
N PHE B 375 0.21 -31.71 24.68
CA PHE B 375 1.11 -31.34 25.76
C PHE B 375 1.13 -32.48 26.77
N PHE B 376 2.33 -32.84 27.25
CA PHE B 376 2.48 -33.99 28.14
C PHE B 376 3.13 -33.57 29.45
N ILE B 377 2.80 -34.33 30.50
CA ILE B 377 3.58 -34.38 31.72
C ILE B 377 3.99 -35.84 31.93
N GLU B 378 5.04 -36.04 32.73
CA GLU B 378 5.72 -37.32 32.79
C GLU B 378 5.66 -37.88 34.21
N LYS B 379 5.36 -39.17 34.32
CA LYS B 379 5.28 -39.84 35.60
C LYS B 379 6.59 -40.56 35.89
N THR B 380 7.19 -40.24 37.03
CA THR B 380 8.38 -40.93 37.53
C THR B 380 8.17 -41.22 39.00
N ALA B 381 8.19 -42.49 39.37
CA ALA B 381 7.87 -42.92 40.72
C ALA B 381 6.50 -42.42 41.13
N ASP B 382 6.44 -41.50 42.09
CA ASP B 382 5.19 -40.93 42.57
C ASP B 382 5.01 -39.48 42.18
N ARG B 383 5.89 -38.95 41.33
CA ARG B 383 5.87 -37.55 40.94
C ARG B 383 5.29 -37.40 39.53
N MET B 384 4.55 -36.32 39.32
CA MET B 384 4.04 -35.94 38.00
C MET B 384 4.83 -34.70 37.58
N GLU B 385 5.85 -34.91 36.76
CA GLU B 385 6.85 -33.88 36.50
C GLU B 385 6.60 -33.17 35.19
N ARG B 386 6.99 -31.89 35.16
CA ARG B 386 7.10 -31.18 33.89
C ARG B 386 8.27 -31.76 33.09
N ILE B 387 8.05 -31.90 31.78
CA ILE B 387 9.07 -32.48 30.89
C ILE B 387 10.12 -31.42 30.62
N LEU B 388 11.33 -31.66 31.12
CA LEU B 388 12.43 -30.70 31.04
C LEU B 388 13.72 -31.45 30.72
N PRO B 389 14.66 -30.80 30.02
CA PRO B 389 15.96 -31.41 29.81
C PRO B 389 16.74 -31.52 31.11
N GLU B 390 17.65 -32.51 31.14
CA GLU B 390 18.40 -32.81 32.36
C GLU B 390 19.23 -31.62 32.81
N GLU B 391 19.79 -30.85 31.87
CA GLU B 391 20.57 -29.67 32.24
C GLU B 391 19.76 -28.73 33.13
N ILE B 392 18.48 -28.54 32.82
CA ILE B 392 17.66 -27.62 33.59
C ILE B 392 17.14 -28.27 34.86
N LYS B 393 16.75 -29.56 34.79
CA LYS B 393 16.26 -30.25 35.98
C LYS B 393 17.33 -30.29 37.06
N SER B 394 18.61 -30.41 36.68
CA SER B 394 19.69 -30.46 37.65
C SER B 394 19.85 -29.17 38.43
N LYS B 395 19.38 -28.04 37.88
CA LYS B 395 19.55 -26.74 38.50
C LYS B 395 18.34 -26.31 39.33
N LEU B 396 17.31 -27.14 39.42
CA LEU B 396 16.06 -26.73 40.04
C LEU B 396 15.73 -27.57 41.27
N PRO B 397 15.18 -26.96 42.32
CA PRO B 397 14.64 -27.77 43.42
C PRO B 397 13.57 -28.73 42.91
N LYS B 398 13.57 -29.94 43.48
CA LYS B 398 12.77 -31.02 42.92
C LYS B 398 11.28 -30.74 43.05
N GLU B 399 10.87 -29.94 44.03
CA GLU B 399 9.44 -29.69 44.22
C GLU B 399 8.88 -28.76 43.16
N PHE B 400 9.72 -27.94 42.52
CA PHE B 400 9.25 -26.87 41.65
C PHE B 400 8.79 -27.36 40.28
N PHE B 401 9.17 -28.55 39.86
CA PHE B 401 8.69 -29.11 38.59
C PHE B 401 7.91 -30.39 38.81
N ASP B 402 7.35 -30.56 40.00
CA ASP B 402 6.45 -31.66 40.33
C ASP B 402 5.04 -31.10 40.42
N TYR B 403 4.17 -31.52 39.49
CA TYR B 403 2.81 -31.03 39.40
C TYR B 403 1.80 -31.84 40.21
N SER B 404 2.24 -32.90 40.90
CA SER B 404 1.29 -33.86 41.45
C SER B 404 0.28 -33.20 42.39
N ASP B 405 0.73 -32.24 43.20
CA ASP B 405 -0.19 -31.50 44.07
C ASP B 405 -1.10 -30.56 43.30
N ASP B 406 -0.85 -30.34 42.02
CA ASP B 406 -1.59 -29.35 41.23
C ASP B 406 -2.47 -29.97 40.16
N LEU B 407 -2.54 -31.30 40.08
CA LEU B 407 -3.44 -31.97 39.13
C LEU B 407 -4.90 -31.84 39.53
N ALA B 408 -5.19 -31.20 40.65
CA ALA B 408 -6.54 -31.05 41.14
C ALA B 408 -7.18 -29.75 40.75
N GLU B 409 -6.38 -28.72 40.44
CA GLU B 409 -6.85 -27.34 40.33
C GLU B 409 -7.02 -26.89 38.88
N PHE B 410 -7.52 -27.78 38.02
CA PHE B 410 -7.93 -27.38 36.69
C PHE B 410 -9.30 -26.73 36.75
N THR B 411 -9.51 -25.72 35.90
CA THR B 411 -10.85 -25.19 35.69
C THR B 411 -11.15 -25.23 34.20
N TYR B 412 -12.44 -25.37 33.89
CA TYR B 412 -12.91 -25.47 32.52
C TYR B 412 -14.33 -24.91 32.53
N GLU B 413 -14.48 -23.68 32.03
CA GLU B 413 -15.74 -22.96 32.15
C GLU B 413 -16.09 -22.29 30.83
N PRO B 414 -17.39 -22.05 30.59
CA PRO B 414 -17.79 -21.36 29.34
C PRO B 414 -18.03 -19.88 29.56
N SER B 415 -17.96 -19.08 28.50
CA SER B 415 -18.21 -17.66 28.62
C SER B 415 -18.82 -17.14 27.33
N ILE B 416 -19.40 -15.94 27.41
CA ILE B 416 -20.05 -15.29 26.29
C ILE B 416 -19.62 -13.83 26.25
N LYS B 417 -19.64 -13.25 25.05
CA LYS B 417 -19.26 -11.84 24.87
C LYS B 417 -20.19 -11.22 23.84
N GLY B 418 -20.87 -10.14 24.23
CA GLY B 418 -21.69 -9.41 23.28
C GLY B 418 -20.81 -8.64 22.30
N ARG B 419 -21.05 -8.85 21.00
CA ARG B 419 -20.12 -8.29 20.02
C ARG B 419 -20.30 -6.78 19.87
N ASN B 420 -21.50 -6.27 20.16
CA ASN B 420 -21.76 -4.83 20.14
C ASN B 420 -21.37 -4.16 21.45
N SER B 421 -21.83 -4.71 22.57
CA SER B 421 -21.56 -4.12 23.88
C SER B 421 -20.16 -4.43 24.38
N ARG B 422 -19.51 -5.47 23.84
CA ARG B 422 -18.16 -5.87 24.21
C ARG B 422 -18.15 -6.49 25.60
N ALA B 423 -19.32 -6.50 26.24
CA ALA B 423 -19.44 -7.05 27.59
C ALA B 423 -19.24 -8.56 27.56
N THR B 424 -18.52 -9.07 28.56
CA THR B 424 -18.28 -10.51 28.69
C THR B 424 -18.96 -11.04 29.94
N TRP B 425 -19.42 -12.28 29.86
CA TRP B 425 -20.06 -12.91 31.00
C TRP B 425 -19.63 -14.36 31.07
N LYS B 426 -19.58 -14.87 32.29
CA LYS B 426 -19.41 -16.31 32.51
C LYS B 426 -20.77 -16.99 32.42
N ILE B 427 -20.81 -18.13 31.75
CA ILE B 427 -22.03 -18.92 31.62
C ILE B 427 -22.08 -19.90 32.79
N ASP B 428 -23.08 -19.73 33.66
CA ASP B 428 -23.22 -20.53 34.88
C ASP B 428 -23.93 -21.84 34.59
N GLY B 429 -23.93 -22.72 35.60
CA GLY B 429 -24.61 -23.99 35.53
C GLY B 429 -23.90 -25.07 34.75
N SER B 430 -22.67 -24.82 34.29
CA SER B 430 -21.96 -25.83 33.53
C SER B 430 -21.35 -26.88 34.44
N THR B 431 -21.21 -28.08 33.90
CA THR B 431 -20.46 -29.15 34.54
C THR B 431 -19.30 -29.51 33.62
N SER B 432 -18.10 -29.62 34.20
CA SER B 432 -16.93 -29.96 33.42
C SER B 432 -16.10 -30.98 34.21
N ASN B 433 -15.20 -31.64 33.49
CA ASN B 433 -14.33 -32.65 34.09
C ASN B 433 -13.03 -32.67 33.33
N VAL B 434 -11.92 -32.48 34.04
CA VAL B 434 -10.58 -32.50 33.47
C VAL B 434 -9.89 -33.77 33.95
N GLU B 435 -9.41 -34.58 33.00
CA GLU B 435 -8.79 -35.85 33.31
C GLU B 435 -7.32 -35.82 32.91
N VAL B 436 -6.48 -36.49 33.70
CA VAL B 436 -5.07 -36.68 33.39
C VAL B 436 -4.94 -38.12 32.89
N VAL B 437 -4.67 -38.28 31.60
CA VAL B 437 -4.82 -39.56 30.90
C VAL B 437 -3.46 -40.08 30.48
N ASN B 438 -3.15 -41.32 30.83
CA ASN B 438 -1.92 -41.98 30.41
C ASN B 438 -2.04 -42.34 28.93
N LYS B 439 -1.47 -41.52 28.06
CA LYS B 439 -1.60 -41.77 26.63
C LYS B 439 -0.73 -42.94 26.19
N LYS B 440 0.57 -42.86 26.46
CA LYS B 440 1.51 -43.91 26.11
C LYS B 440 2.69 -43.85 27.06
N ALA B 441 3.34 -45.00 27.26
CA ALA B 441 4.48 -45.12 28.16
C ALA B 441 4.14 -44.58 29.55
N ASN B 442 4.92 -43.59 30.00
CA ASN B 442 4.67 -42.93 31.28
C ASN B 442 4.21 -41.49 31.08
N LEU B 443 3.75 -41.15 29.87
CA LEU B 443 3.37 -39.79 29.54
C LEU B 443 1.87 -39.59 29.73
N TYR B 444 1.51 -38.41 30.22
CA TYR B 444 0.12 -38.10 30.58
C TYR B 444 -0.32 -36.82 29.89
N LYS B 445 -1.45 -36.88 29.20
CA LYS B 445 -2.05 -35.69 28.63
C LYS B 445 -3.18 -35.19 29.54
N ILE B 446 -3.69 -34.01 29.23
CA ILE B 446 -4.74 -33.36 30.02
C ILE B 446 -5.92 -33.09 29.09
N GLU B 447 -7.04 -33.77 29.34
CA GLU B 447 -8.24 -33.66 28.53
C GLU B 447 -9.42 -33.21 29.38
N GLY B 448 -10.24 -32.33 28.81
CA GLY B 448 -11.42 -31.83 29.50
C GLY B 448 -12.66 -31.93 28.64
N GLU B 449 -13.76 -32.32 29.27
CA GLU B 449 -15.09 -32.29 28.68
C GLU B 449 -15.97 -31.31 29.43
N MET B 450 -16.85 -30.64 28.69
CA MET B 450 -17.76 -29.68 29.32
C MET B 450 -19.13 -29.74 28.64
N SER B 451 -20.17 -29.56 29.46
CA SER B 451 -21.54 -29.42 28.98
C SER B 451 -22.16 -28.20 29.64
N PHE B 452 -22.73 -27.32 28.81
CA PHE B 452 -23.35 -26.10 29.33
C PHE B 452 -24.50 -25.70 28.42
N SER B 453 -25.39 -24.88 28.96
CA SER B 453 -26.53 -24.36 28.21
C SER B 453 -26.54 -22.84 28.33
N VAL B 454 -27.14 -22.20 27.33
CA VAL B 454 -27.22 -20.74 27.27
C VAL B 454 -28.67 -20.32 27.39
N GLN B 455 -28.99 -19.61 28.47
CA GLN B 455 -30.27 -18.92 28.63
C GLN B 455 -30.02 -17.46 28.30
N ILE B 456 -30.39 -17.05 27.08
CA ILE B 456 -29.97 -15.75 26.58
C ILE B 456 -30.55 -14.60 27.39
N ASN B 457 -31.71 -14.79 28.03
CA ASN B 457 -32.30 -13.77 28.89
C ASN B 457 -31.40 -13.39 30.05
N ASP B 458 -30.44 -14.25 30.42
CA ASP B 458 -29.52 -13.93 31.50
C ASP B 458 -28.67 -12.71 31.16
N TYR B 459 -28.37 -12.50 29.88
CA TYR B 459 -27.42 -11.50 29.45
C TYR B 459 -28.07 -10.30 28.76
N ILE B 460 -29.40 -10.31 28.60
CA ILE B 460 -30.12 -9.20 27.99
C ILE B 460 -30.49 -8.24 29.12
N LEU B 461 -29.71 -7.18 29.28
CA LEU B 461 -29.92 -6.17 30.32
C LEU B 461 -30.43 -4.85 29.77
N ASP B 462 -29.73 -4.26 28.81
CA ASP B 462 -30.22 -3.07 28.15
C ASP B 462 -31.06 -3.45 26.93
N ALA B 463 -31.84 -2.49 26.42
CA ALA B 463 -32.72 -2.76 25.29
C ALA B 463 -31.93 -3.15 24.04
N ALA B 464 -30.79 -2.49 23.82
CA ALA B 464 -29.98 -2.79 22.64
C ALA B 464 -29.44 -4.22 22.65
N ASP B 465 -29.39 -4.85 23.82
CA ASP B 465 -28.91 -6.22 23.96
C ASP B 465 -29.81 -7.24 23.26
N LYS B 466 -30.99 -6.83 22.77
CA LYS B 466 -31.91 -7.78 22.16
C LYS B 466 -31.52 -8.15 20.73
N LYS B 467 -30.81 -7.27 20.02
CA LYS B 467 -30.45 -7.48 18.62
C LYS B 467 -28.94 -7.39 18.52
N GLN B 468 -28.26 -8.53 18.70
CA GLN B 468 -26.82 -8.53 18.86
C GLN B 468 -26.26 -9.89 18.50
N PRO B 469 -25.04 -9.95 17.94
CA PRO B 469 -24.32 -11.22 17.86
C PRO B 469 -23.59 -11.52 19.17
N TRP B 470 -23.63 -12.77 19.57
CA TRP B 470 -22.92 -13.23 20.76
C TRP B 470 -21.84 -14.22 20.36
N ASP B 471 -20.61 -13.99 20.82
CA ASP B 471 -19.49 -14.88 20.55
C ASP B 471 -19.22 -15.74 21.78
N ILE B 472 -19.03 -17.04 21.56
CA ILE B 472 -18.88 -18.01 22.64
C ILE B 472 -17.40 -18.34 22.80
N ALA B 473 -16.96 -18.47 24.05
CA ALA B 473 -15.58 -18.83 24.35
C ALA B 473 -15.56 -19.84 25.49
N THR B 474 -14.41 -20.49 25.65
CA THR B 474 -14.16 -21.35 26.79
C THR B 474 -12.89 -20.88 27.50
N ARG B 475 -12.83 -21.13 28.81
CA ARG B 475 -11.71 -20.70 29.64
C ARG B 475 -11.15 -21.93 30.35
N PHE B 476 -9.89 -22.23 30.08
CA PHE B 476 -9.21 -23.39 30.65
C PHE B 476 -8.00 -22.91 31.43
N THR B 477 -7.86 -23.37 32.67
CA THR B 477 -6.69 -23.07 33.47
C THR B 477 -6.15 -24.33 34.10
N GLY B 478 -4.84 -24.35 34.32
CA GLY B 478 -4.21 -25.46 35.01
C GLY B 478 -2.72 -25.47 34.81
N LEU B 479 -1.98 -26.00 35.78
CA LEU B 479 -0.53 -26.06 35.76
C LEU B 479 0.10 -24.67 35.58
N GLY B 480 -0.66 -23.62 35.90
CA GLY B 480 -0.19 -22.26 35.74
C GLY B 480 -0.49 -21.62 34.41
N TYR B 481 -1.12 -22.33 33.47
CA TYR B 481 -1.47 -21.76 32.19
C TYR B 481 -2.92 -21.32 32.20
N THR B 482 -3.22 -20.28 31.41
CA THR B 482 -4.59 -19.81 31.26
C THR B 482 -4.87 -19.66 29.78
N SER B 483 -5.92 -20.33 29.31
CA SER B 483 -6.26 -20.35 27.90
C SER B 483 -7.73 -19.96 27.76
N HIS B 484 -7.98 -18.71 27.37
CA HIS B 484 -9.33 -18.19 27.19
C HIS B 484 -9.47 -17.82 25.72
N ARG B 485 -10.16 -18.68 24.96
CA ARG B 485 -10.17 -18.59 23.51
C ARG B 485 -11.57 -18.88 22.99
N ALA B 486 -11.87 -18.35 21.81
CA ALA B 486 -13.16 -18.60 21.19
C ALA B 486 -13.41 -20.09 21.02
N LEU B 487 -14.67 -20.49 21.21
CA LEU B 487 -15.08 -21.83 20.87
C LEU B 487 -15.20 -21.97 19.37
N THR B 488 -14.76 -23.12 18.84
CA THR B 488 -14.58 -23.29 17.42
C THR B 488 -15.21 -24.60 16.98
N ILE B 489 -15.52 -24.68 15.68
CA ILE B 489 -16.07 -25.90 15.10
C ILE B 489 -15.60 -25.98 13.66
N GLY B 490 -15.41 -27.21 13.18
CA GLY B 490 -14.93 -27.43 11.83
C GLY B 490 -16.05 -27.59 10.82
N LYS B 491 -17.06 -28.40 11.17
CA LYS B 491 -18.14 -28.68 10.23
C LYS B 491 -19.07 -27.48 10.11
N ILE B 492 -19.76 -27.39 8.99
CA ILE B 492 -20.75 -26.33 8.79
C ILE B 492 -21.83 -26.50 9.85
N LEU B 493 -22.05 -25.45 10.64
CA LEU B 493 -23.06 -25.47 11.69
C LEU B 493 -24.02 -24.31 11.47
N ILE B 494 -25.30 -24.64 11.22
CA ILE B 494 -26.36 -23.64 11.12
C ILE B 494 -27.62 -24.23 11.73
N LYS B 495 -28.05 -23.69 12.88
CA LYS B 495 -29.27 -24.17 13.53
C LYS B 495 -30.04 -22.99 14.10
N THR B 496 -31.33 -22.93 13.79
CA THR B 496 -32.18 -21.80 14.15
C THR B 496 -33.18 -22.19 15.24
N ALA B 497 -33.68 -21.17 15.94
CA ALA B 497 -34.65 -21.39 17.00
C ALA B 497 -35.55 -20.17 17.14
N LEU B 498 -36.81 -20.43 17.51
CA LEU B 498 -37.80 -19.39 17.81
C LEU B 498 -38.33 -19.68 19.21
N ILE B 499 -37.81 -18.96 20.20
CA ILE B 499 -38.03 -19.28 21.61
C ILE B 499 -38.59 -18.04 22.30
N ASN B 500 -39.86 -18.09 22.69
CA ASN B 500 -40.53 -17.03 23.46
C ASN B 500 -40.26 -15.65 22.88
N ASN B 501 -40.60 -15.49 21.60
CA ASN B 501 -40.47 -14.25 20.84
C ASN B 501 -39.01 -13.87 20.57
N LYS B 502 -38.10 -14.83 20.60
CA LYS B 502 -36.69 -14.58 20.30
C LYS B 502 -36.28 -15.43 19.11
N THR B 503 -35.69 -14.78 18.12
CA THR B 503 -35.06 -15.48 17.00
C THR B 503 -33.60 -15.73 17.36
N MET B 504 -33.19 -17.00 17.31
CA MET B 504 -31.85 -17.40 17.74
C MET B 504 -31.25 -18.33 16.70
N ILE B 505 -30.00 -18.04 16.31
CA ILE B 505 -29.29 -18.78 15.28
C ILE B 505 -27.87 -19.03 15.78
N VAL B 506 -27.55 -20.29 16.04
CA VAL B 506 -26.19 -20.69 16.37
C VAL B 506 -25.51 -21.16 15.08
N TYR B 507 -24.28 -20.70 14.85
CA TYR B 507 -23.63 -21.00 13.59
C TYR B 507 -22.12 -20.84 13.70
N LYS B 508 -21.43 -21.42 12.74
CA LYS B 508 -20.00 -21.22 12.55
C LYS B 508 -19.79 -20.00 11.68
N ASN B 509 -19.11 -18.99 12.21
CA ASN B 509 -18.97 -17.73 11.49
C ASN B 509 -17.85 -17.82 10.46
N ALA B 510 -17.55 -16.68 9.83
CA ALA B 510 -16.57 -16.64 8.74
C ALA B 510 -15.15 -16.98 9.22
N SER B 511 -14.87 -16.91 10.51
CA SER B 511 -13.55 -17.25 11.02
C SER B 511 -13.53 -18.61 11.70
N GLY B 512 -14.55 -19.44 11.49
CA GLY B 512 -14.58 -20.77 12.05
C GLY B 512 -14.90 -20.83 13.52
N LEU B 513 -15.47 -19.78 14.10
CA LEU B 513 -15.78 -19.70 15.51
C LEU B 513 -17.29 -19.73 15.72
N ILE B 514 -17.69 -20.03 16.96
CA ILE B 514 -19.11 -20.21 17.29
C ILE B 514 -19.73 -18.85 17.60
N SER B 515 -20.78 -18.50 16.88
CA SER B 515 -21.51 -17.26 17.10
C SER B 515 -22.99 -17.56 17.24
N LEU B 516 -23.67 -16.73 18.04
CA LEU B 516 -25.10 -16.88 18.29
C LEU B 516 -25.79 -15.54 18.01
N ASP B 517 -26.56 -15.49 16.93
CA ASP B 517 -27.31 -14.28 16.56
C ASP B 517 -28.69 -14.33 17.21
N VAL B 518 -29.01 -13.31 17.99
CA VAL B 518 -30.32 -13.20 18.64
C VAL B 518 -30.95 -11.89 18.21
N GLY B 519 -32.12 -11.97 17.57
CA GLY B 519 -32.79 -10.79 17.07
C GLY B 519 -32.44 -10.41 15.65
N SER B 520 -31.83 -11.32 14.88
CA SER B 520 -31.53 -11.11 13.48
C SER B 520 -30.63 -9.89 13.28
N SER B 521 -29.51 -9.87 14.00
CA SER B 521 -28.55 -8.79 13.81
C SER B 521 -27.60 -9.07 12.66
N VAL B 522 -27.50 -10.32 12.22
CA VAL B 522 -26.59 -10.69 11.14
C VAL B 522 -27.31 -11.52 10.09
N ARG B 523 -28.06 -12.53 10.54
CA ARG B 523 -28.61 -13.54 9.64
C ARG B 523 -30.13 -13.52 9.64
N SER B 524 -30.71 -13.97 8.51
CA SER B 524 -32.14 -14.11 8.36
C SER B 524 -32.57 -15.49 8.80
N ILE B 525 -33.40 -15.57 9.84
CA ILE B 525 -33.76 -16.87 10.38
C ILE B 525 -34.62 -17.66 9.40
N VAL B 526 -35.37 -16.97 8.54
CA VAL B 526 -36.12 -17.69 7.51
C VAL B 526 -35.16 -18.29 6.48
N GLU B 527 -34.09 -17.57 6.15
CA GLU B 527 -33.13 -18.08 5.17
C GLU B 527 -32.44 -19.34 5.68
N ASP B 528 -32.01 -19.34 6.95
CA ASP B 528 -31.28 -20.47 7.51
C ASP B 528 -32.18 -21.64 7.89
N SER B 529 -33.49 -21.43 8.00
CA SER B 529 -34.41 -22.47 8.46
C SER B 529 -35.01 -23.30 7.33
N GLY B 530 -35.13 -22.73 6.14
CA GLY B 530 -35.81 -23.41 5.06
C GLY B 530 -37.31 -23.23 5.13
N VAL B 531 -37.97 -23.61 4.03
CA VAL B 531 -39.40 -23.41 3.88
C VAL B 531 -40.01 -24.64 3.22
N LYS B 532 -41.04 -25.21 3.86
CA LYS B 532 -41.86 -26.23 3.22
C LYS B 532 -42.62 -25.61 2.05
N ARG B 533 -42.00 -25.62 0.87
CA ARG B 533 -42.51 -24.84 -0.25
C ARG B 533 -43.89 -25.32 -0.71
N GLU B 534 -44.12 -26.64 -0.67
CA GLU B 534 -45.38 -27.21 -1.12
C GLU B 534 -46.51 -27.02 -0.11
N GLN B 535 -46.21 -26.61 1.12
CA GLN B 535 -47.21 -26.44 2.16
C GLN B 535 -47.55 -24.97 2.40
N ILE B 536 -47.49 -24.15 1.35
CA ILE B 536 -47.85 -22.73 1.44
C ILE B 536 -49.37 -22.62 1.30
N LEU B 537 -50.04 -22.32 2.40
CA LEU B 537 -51.49 -22.16 2.39
C LEU B 537 -51.86 -20.75 1.96
N ILE B 538 -52.69 -20.65 0.92
CA ILE B 538 -53.12 -19.38 0.37
C ILE B 538 -54.59 -19.20 0.69
N ASP B 539 -55.02 -17.93 0.74
CA ASP B 539 -56.39 -17.61 1.08
C ASP B 539 -56.70 -16.19 0.65
N LYS B 540 -57.49 -16.04 -0.41
CA LYS B 540 -58.03 -14.74 -0.79
C LYS B 540 -59.23 -14.34 0.05
N THR B 541 -59.71 -15.24 0.93
CA THR B 541 -60.82 -14.90 1.82
C THR B 541 -60.40 -13.83 2.82
N SER B 542 -59.19 -13.92 3.36
CA SER B 542 -58.65 -12.90 4.24
C SER B 542 -57.39 -12.25 3.70
N GLY B 543 -56.85 -12.71 2.59
CA GLY B 543 -55.62 -12.16 2.04
C GLY B 543 -54.39 -12.48 2.86
N LYS B 544 -54.31 -13.70 3.38
CA LYS B 544 -53.20 -14.12 4.24
C LYS B 544 -52.61 -15.40 3.71
N VAL B 545 -51.36 -15.35 3.26
CA VAL B 545 -50.62 -16.55 2.85
C VAL B 545 -49.83 -17.05 4.04
N THR B 546 -49.62 -18.37 4.09
CA THR B 546 -48.90 -19.02 5.18
C THR B 546 -47.65 -19.67 4.63
N ILE B 547 -46.50 -19.30 5.16
CA ILE B 547 -45.23 -19.89 4.75
C ILE B 547 -44.65 -20.67 5.93
N PRO B 548 -44.78 -21.99 5.95
CA PRO B 548 -44.23 -22.77 7.07
C PRO B 548 -42.72 -22.88 6.99
N LEU B 549 -42.08 -22.95 8.15
CA LEU B 549 -40.63 -23.06 8.25
C LEU B 549 -40.23 -24.52 8.42
N ASN B 550 -39.12 -24.89 7.79
CA ASN B 550 -38.67 -26.28 7.77
C ASN B 550 -37.89 -26.63 9.03
N GLU B 551 -36.60 -26.33 9.06
CA GLU B 551 -35.73 -26.74 10.16
C GLU B 551 -35.60 -25.58 11.15
N ILE B 552 -36.26 -25.71 12.29
CA ILE B 552 -36.20 -24.70 13.35
C ILE B 552 -36.76 -25.29 14.63
N HIS B 553 -36.14 -24.95 15.74
CA HIS B 553 -36.58 -25.37 17.06
C HIS B 553 -37.56 -24.33 17.61
N VAL B 554 -38.81 -24.71 17.77
CA VAL B 554 -39.86 -23.80 18.23
C VAL B 554 -40.26 -24.18 19.65
N PHE B 555 -40.13 -23.23 20.58
CA PHE B 555 -40.53 -23.42 21.96
C PHE B 555 -41.34 -22.23 22.42
N GLY B 556 -42.51 -22.49 22.99
CA GLY B 556 -43.36 -21.42 23.48
C GLY B 556 -43.99 -20.63 22.36
N GLU B 557 -44.89 -19.72 22.70
CA GLU B 557 -45.59 -18.92 21.70
C GLU B 557 -44.77 -17.70 21.32
N SER B 558 -44.71 -17.42 20.02
CA SER B 558 -43.94 -16.29 19.50
C SER B 558 -44.79 -15.52 18.50
N LEU B 559 -44.63 -14.19 18.48
CA LEU B 559 -45.35 -13.34 17.55
C LEU B 559 -44.42 -12.16 17.22
N ILE B 560 -43.64 -12.32 16.16
CA ILE B 560 -42.66 -11.33 15.73
C ILE B 560 -43.28 -10.46 14.65
N GLU B 561 -42.96 -9.17 14.67
CA GLU B 561 -43.48 -8.21 13.70
C GLU B 561 -42.44 -7.94 12.62
N GLY B 562 -42.93 -7.75 11.40
CA GLY B 562 -42.06 -7.42 10.30
C GLY B 562 -42.88 -6.97 9.10
N ASN B 563 -42.20 -6.90 7.95
CA ASN B 563 -42.86 -6.57 6.69
C ASN B 563 -42.28 -7.47 5.61
N ALA B 564 -42.80 -7.32 4.39
CA ALA B 564 -42.32 -8.10 3.26
C ALA B 564 -42.56 -7.29 1.99
N GLU B 565 -42.07 -7.82 0.87
CA GLU B 565 -42.26 -7.16 -0.41
C GLU B 565 -42.80 -8.16 -1.43
N LEU B 566 -43.45 -7.62 -2.47
CA LEU B 566 -43.94 -8.40 -3.59
C LEU B 566 -43.53 -7.70 -4.88
N LYS B 567 -42.85 -8.42 -5.77
CA LYS B 567 -42.35 -7.84 -7.00
C LYS B 567 -42.45 -8.87 -8.12
N PRO B 568 -42.99 -8.50 -9.29
CA PRO B 568 -43.20 -9.49 -10.36
C PRO B 568 -41.91 -9.97 -10.99
N VAL B 569 -42.03 -10.78 -12.05
CA VAL B 569 -40.89 -11.42 -12.70
C VAL B 569 -40.55 -10.65 -13.96
N GLY B 570 -39.28 -10.27 -14.10
CA GLY B 570 -38.78 -9.67 -15.32
C GLY B 570 -39.40 -8.34 -15.70
N ILE B 571 -39.26 -7.34 -14.84
CA ILE B 571 -39.65 -5.96 -15.15
C ILE B 571 -38.45 -5.07 -14.86
N SER B 572 -38.10 -4.21 -15.83
CA SER B 572 -36.89 -3.39 -15.77
C SER B 572 -36.84 -2.53 -14.51
N ASP B 573 -37.66 -1.49 -14.46
CA ASP B 573 -37.72 -0.60 -13.29
C ASP B 573 -38.74 -1.10 -12.26
N ALA B 574 -38.59 -2.36 -11.86
CA ALA B 574 -39.56 -3.01 -10.97
C ALA B 574 -39.45 -2.41 -9.57
N ASP B 575 -40.44 -1.57 -9.20
CA ASP B 575 -40.52 -1.05 -7.85
C ASP B 575 -41.49 -1.90 -7.05
N PRO B 576 -41.04 -2.54 -5.97
CA PRO B 576 -41.91 -3.48 -5.25
C PRO B 576 -43.02 -2.81 -4.45
N ILE B 577 -43.88 -3.62 -3.85
CA ILE B 577 -44.98 -3.16 -3.02
C ILE B 577 -44.78 -3.71 -1.62
N ASN B 578 -44.89 -2.85 -0.61
CA ASN B 578 -44.65 -3.26 0.77
C ASN B 578 -45.91 -3.88 1.37
N VAL B 579 -45.72 -4.98 2.09
CA VAL B 579 -46.82 -5.73 2.70
C VAL B 579 -46.44 -6.09 4.12
N LYS B 580 -47.44 -6.29 4.97
CA LYS B 580 -47.23 -6.66 6.36
C LYS B 580 -46.99 -8.16 6.48
N ALA B 581 -46.12 -8.53 7.43
CA ALA B 581 -45.76 -9.91 7.66
C ALA B 581 -45.57 -10.15 9.15
N LYS B 582 -45.83 -11.38 9.59
CA LYS B 582 -45.71 -11.76 10.99
C LYS B 582 -45.14 -13.17 11.10
N LEU B 583 -43.99 -13.30 11.76
CA LEU B 583 -43.43 -14.61 12.10
C LEU B 583 -44.12 -15.14 13.35
N ILE B 584 -44.84 -16.25 13.21
CA ILE B 584 -45.66 -16.80 14.28
C ILE B 584 -44.97 -18.04 14.83
N GLY B 585 -44.89 -18.13 16.16
CA GLY B 585 -44.45 -19.34 16.82
C GLY B 585 -45.56 -19.98 17.62
N GLU B 586 -46.07 -21.11 17.14
CA GLU B 586 -47.21 -21.78 17.77
C GLU B 586 -46.96 -23.27 17.81
N ALA B 587 -47.13 -23.87 18.99
CA ALA B 587 -46.81 -25.27 19.25
C ALA B 587 -45.33 -25.48 18.94
N ASN B 588 -44.95 -26.59 18.31
CA ASN B 588 -43.55 -26.86 17.99
C ASN B 588 -43.23 -26.53 16.53
N LYS B 589 -44.00 -25.64 15.91
CA LYS B 589 -43.82 -25.27 14.51
C LYS B 589 -43.85 -23.76 14.38
N ALA B 590 -43.22 -23.26 13.32
CA ALA B 590 -43.11 -21.83 13.09
C ALA B 590 -43.57 -21.50 11.68
N ARG B 591 -44.12 -20.30 11.51
CA ARG B 591 -44.63 -19.89 10.22
C ARG B 591 -44.54 -18.38 10.06
N VAL B 592 -44.65 -17.95 8.82
CA VAL B 592 -44.67 -16.53 8.37
C VAL B 592 -46.05 -16.23 7.79
N GLU B 593 -46.72 -15.17 8.22
CA GLU B 593 -48.03 -14.83 7.71
C GLU B 593 -47.92 -13.49 6.99
N VAL B 594 -47.65 -13.54 5.69
CA VAL B 594 -47.56 -12.36 4.86
C VAL B 594 -48.98 -11.87 4.56
N LEU B 595 -49.56 -11.13 5.50
CA LEU B 595 -50.94 -10.67 5.36
C LEU B 595 -51.02 -9.61 4.27
N LEU B 596 -51.82 -9.89 3.24
CA LEU B 596 -52.00 -8.97 2.10
C LEU B 596 -53.24 -8.10 2.29
N GLY B 597 -54.40 -8.73 2.41
CA GLY B 597 -55.64 -8.00 2.58
C GLY B 597 -56.16 -7.39 1.29
N ASP B 598 -55.70 -6.17 0.98
CA ASP B 598 -56.16 -5.46 -0.21
C ASP B 598 -55.03 -4.58 -0.72
N GLU B 599 -54.56 -4.88 -1.94
CA GLU B 599 -53.49 -4.09 -2.55
C GLU B 599 -53.57 -4.12 -4.08
N LYS B 600 -52.88 -5.08 -4.70
CA LYS B 600 -52.75 -5.18 -6.14
C LYS B 600 -53.63 -6.33 -6.65
N LEU B 601 -53.32 -6.81 -7.87
CA LEU B 601 -54.14 -7.83 -8.52
C LEU B 601 -53.45 -9.19 -8.49
N SER B 602 -53.23 -9.78 -9.67
CA SER B 602 -52.63 -11.10 -9.76
C SER B 602 -51.38 -11.09 -10.64
N GLY B 603 -50.86 -12.27 -10.95
CA GLY B 603 -49.64 -12.41 -11.72
C GLY B 603 -48.56 -13.14 -10.93
N GLU B 604 -47.48 -13.45 -11.64
CA GLU B 604 -46.36 -14.17 -11.03
C GLU B 604 -45.46 -13.16 -10.32
N TYR B 605 -45.51 -13.16 -8.99
CA TYR B 605 -44.73 -12.26 -8.17
C TYR B 605 -43.75 -13.05 -7.30
N HIS B 606 -42.84 -12.31 -6.66
CA HIS B 606 -41.90 -12.87 -5.70
C HIS B 606 -42.43 -12.63 -4.29
N LEU B 607 -41.70 -13.16 -3.30
CA LEU B 607 -42.06 -12.96 -1.90
C LEU B 607 -40.77 -13.03 -1.09
N VAL B 608 -40.26 -11.86 -0.74
CA VAL B 608 -39.06 -11.74 0.09
C VAL B 608 -39.50 -11.20 1.44
N THR B 609 -39.55 -12.06 2.44
CA THR B 609 -39.90 -11.63 3.80
C THR B 609 -38.79 -10.73 4.36
N ASN B 610 -39.16 -9.93 5.36
CA ASN B 610 -38.22 -9.00 5.99
C ASN B 610 -38.58 -8.92 7.49
N ILE B 611 -38.21 -9.97 8.21
CA ILE B 611 -38.50 -10.10 9.64
C ILE B 611 -37.27 -9.62 10.41
N GLN B 612 -37.47 -8.64 11.29
CA GLN B 612 -36.40 -8.08 12.12
C GLN B 612 -35.26 -7.51 11.29
N GLY B 613 -35.61 -6.87 10.18
CA GLY B 613 -34.64 -6.19 9.34
C GLY B 613 -33.79 -7.08 8.46
N LYS B 614 -33.94 -8.41 8.54
CA LYS B 614 -33.19 -9.34 7.71
C LYS B 614 -34.13 -9.99 6.70
N LYS B 615 -33.73 -9.98 5.43
CA LYS B 615 -34.55 -10.48 4.34
C LYS B 615 -33.98 -11.78 3.81
N ASP B 616 -34.86 -12.78 3.64
CA ASP B 616 -34.44 -14.09 3.18
C ASP B 616 -34.12 -14.06 1.69
N LYS B 617 -33.46 -15.13 1.24
CA LYS B 617 -33.06 -15.28 -0.15
C LYS B 617 -33.27 -16.72 -0.61
N GLN B 618 -34.50 -17.23 -0.41
CA GLN B 618 -34.81 -18.62 -0.72
C GLN B 618 -35.63 -18.78 -1.99
N GLN B 619 -35.79 -17.71 -2.78
CA GLN B 619 -36.43 -17.77 -4.09
C GLN B 619 -37.88 -18.26 -3.98
N ILE B 620 -38.70 -17.41 -3.38
CA ILE B 620 -40.13 -17.69 -3.19
C ILE B 620 -40.92 -16.98 -4.27
N LYS B 621 -41.79 -17.72 -4.95
CA LYS B 621 -42.66 -17.17 -6.00
C LYS B 621 -44.08 -17.67 -5.78
N ILE B 622 -45.05 -16.76 -5.88
CA ILE B 622 -46.46 -17.09 -5.73
C ILE B 622 -47.24 -16.39 -6.84
N THR B 623 -48.18 -17.10 -7.46
CA THR B 623 -48.99 -16.53 -8.52
C THR B 623 -50.47 -16.61 -8.19
N ASP C 19 64.13 -37.08 -14.78
CA ASP C 19 64.88 -35.84 -14.64
C ASP C 19 64.17 -34.88 -13.69
N ILE C 20 64.78 -34.65 -12.53
CA ILE C 20 64.19 -33.84 -11.49
C ILE C 20 64.64 -32.39 -11.66
N LYS C 21 63.69 -31.51 -11.94
CA LYS C 21 64.02 -30.11 -12.20
C LYS C 21 64.31 -29.35 -10.93
N ILE C 22 63.58 -29.63 -9.84
CA ILE C 22 63.65 -28.84 -8.62
C ILE C 22 63.57 -29.77 -7.42
N SER C 23 64.45 -29.57 -6.46
CA SER C 23 64.39 -30.24 -5.16
C SER C 23 64.09 -29.20 -4.10
N VAL C 24 63.03 -29.42 -3.32
CA VAL C 24 62.60 -28.50 -2.29
C VAL C 24 63.17 -28.98 -0.97
N VAL C 25 64.20 -28.30 -0.49
CA VAL C 25 64.82 -28.63 0.79
C VAL C 25 64.06 -27.89 1.89
N VAL C 26 63.48 -28.64 2.82
CA VAL C 26 62.77 -28.06 3.96
C VAL C 26 63.31 -28.64 5.26
N PRO C 27 64.03 -27.86 6.07
CA PRO C 27 64.36 -28.32 7.42
C PRO C 27 63.22 -28.06 8.39
N THR C 28 62.93 -29.04 9.24
CA THR C 28 61.86 -28.93 10.21
C THR C 28 62.40 -29.10 11.63
N TYR C 29 61.75 -28.39 12.57
CA TYR C 29 62.09 -28.52 13.98
C TYR C 29 60.93 -28.00 14.80
N ASN C 30 60.18 -28.92 15.41
CA ASN C 30 59.00 -28.58 16.22
C ASN C 30 58.07 -27.65 15.44
N THR C 31 57.70 -28.08 14.24
CA THR C 31 56.98 -27.23 13.31
C THR C 31 55.51 -27.10 13.73
N GLU C 32 54.98 -25.88 13.58
CA GLU C 32 53.56 -25.68 13.75
C GLU C 32 52.79 -26.51 12.73
N LEU C 33 51.95 -27.41 13.22
CA LEU C 33 51.27 -28.36 12.34
C LEU C 33 50.45 -27.64 11.28
N GLU C 34 49.70 -26.62 11.68
CA GLU C 34 48.88 -25.89 10.72
C GLU C 34 49.76 -25.25 9.63
N GLY C 35 50.93 -24.75 10.02
CA GLY C 35 51.84 -24.17 9.04
C GLY C 35 52.50 -25.19 8.15
N LEU C 36 52.60 -26.44 8.61
CA LEU C 36 53.15 -27.50 7.77
C LEU C 36 52.14 -27.98 6.74
N LYS C 37 50.85 -28.02 7.11
CA LYS C 37 49.81 -28.31 6.12
C LYS C 37 49.78 -27.24 5.04
N ASN C 38 49.96 -25.97 5.43
CA ASN C 38 49.97 -24.88 4.45
C ASN C 38 51.17 -25.00 3.52
N LEU C 39 52.34 -25.34 4.08
CA LEU C 39 53.53 -25.56 3.26
C LEU C 39 53.29 -26.69 2.26
N MET C 40 52.80 -27.83 2.75
CA MET C 40 52.55 -28.96 1.87
C MET C 40 51.49 -28.63 0.83
N ALA C 41 50.49 -27.83 1.20
CA ALA C 41 49.47 -27.44 0.22
C ALA C 41 50.07 -26.57 -0.88
N SER C 42 50.99 -25.67 -0.51
CA SER C 42 51.60 -24.80 -1.52
C SER C 42 52.49 -25.58 -2.48
N ILE C 43 53.10 -26.67 -2.01
CA ILE C 43 53.88 -27.53 -2.91
C ILE C 43 52.97 -28.33 -3.81
N ASP C 44 51.92 -28.93 -3.26
CA ASP C 44 51.03 -29.77 -4.06
C ASP C 44 50.25 -28.97 -5.10
N LYS C 45 50.13 -27.66 -4.93
CA LYS C 45 49.41 -26.83 -5.89
C LYS C 45 50.30 -26.26 -6.98
N GLN C 46 51.56 -26.70 -7.07
CA GLN C 46 52.44 -26.25 -8.13
C GLN C 46 51.93 -26.72 -9.50
N THR C 47 51.97 -25.82 -10.49
CA THR C 47 51.56 -26.19 -11.84
C THR C 47 52.50 -27.21 -12.46
N MET C 48 53.76 -27.25 -12.02
CA MET C 48 54.70 -28.24 -12.51
C MET C 48 54.25 -29.64 -12.11
N ASN C 49 54.46 -30.60 -13.01
CA ASN C 49 54.07 -31.97 -12.72
C ASN C 49 54.86 -32.50 -11.52
N PRO C 50 54.22 -33.21 -10.60
CA PRO C 50 54.92 -33.67 -9.39
C PRO C 50 56.03 -34.69 -9.66
N ASP C 51 56.08 -35.29 -10.84
CA ASP C 51 57.16 -36.22 -11.15
C ASP C 51 58.43 -35.50 -11.63
N GLU C 52 58.38 -34.18 -11.80
CA GLU C 52 59.54 -33.39 -12.20
C GLU C 52 60.17 -32.63 -11.04
N TYR C 53 59.66 -32.78 -9.82
CA TYR C 53 60.33 -32.22 -8.66
C TYR C 53 60.28 -33.23 -7.52
N GLU C 54 61.04 -32.94 -6.47
CA GLU C 54 61.08 -33.80 -5.29
C GLU C 54 61.06 -32.95 -4.04
N LEU C 55 60.70 -33.60 -2.93
CA LEU C 55 60.67 -32.98 -1.62
C LEU C 55 61.72 -33.67 -0.74
N VAL C 56 62.59 -32.87 -0.14
CA VAL C 56 63.67 -33.38 0.71
C VAL C 56 63.51 -32.71 2.06
N PHE C 57 62.81 -33.38 2.97
CA PHE C 57 62.62 -32.90 4.33
C PHE C 57 63.66 -33.52 5.25
N VAL C 58 64.30 -32.70 6.06
CA VAL C 58 65.24 -33.18 7.06
C VAL C 58 64.81 -32.62 8.41
N ASP C 59 64.36 -33.48 9.30
CA ASP C 59 63.94 -33.06 10.62
C ASP C 59 65.17 -32.90 11.51
N ASP C 60 65.22 -31.80 12.25
CA ASP C 60 66.37 -31.48 13.08
C ASP C 60 66.10 -31.84 14.55
N GLY C 61 65.82 -33.13 14.76
CA GLY C 61 65.58 -33.66 16.09
C GLY C 61 64.41 -33.04 16.81
N SER C 62 63.22 -33.10 16.21
CA SER C 62 62.04 -32.48 16.81
C SER C 62 61.59 -33.28 18.03
N THR C 63 61.27 -32.56 19.11
CA THR C 63 60.68 -33.17 20.29
C THR C 63 59.16 -33.28 20.19
N THR C 64 58.53 -32.55 19.27
CA THR C 64 57.12 -32.73 18.97
C THR C 64 56.97 -33.94 18.04
N ASP C 65 55.75 -34.19 17.56
CA ASP C 65 55.49 -35.29 16.64
C ASP C 65 55.71 -34.91 15.18
N THR C 66 56.58 -33.94 14.92
CA THR C 66 56.76 -33.45 13.56
C THR C 66 57.30 -34.54 12.63
N TYR C 67 58.27 -35.32 13.12
CA TYR C 67 58.88 -36.34 12.27
C TYR C 67 57.86 -37.41 11.89
N GLU C 68 56.97 -37.78 12.81
CA GLU C 68 55.92 -38.74 12.48
C GLU C 68 54.96 -38.17 11.45
N ARG C 69 54.64 -36.87 11.54
CA ARG C 69 53.75 -36.26 10.56
C ARG C 69 54.37 -36.23 9.18
N LEU C 70 55.68 -36.03 9.10
CA LEU C 70 56.35 -36.00 7.79
C LEU C 70 56.29 -37.37 7.11
N GLN C 71 56.48 -38.44 7.87
CA GLN C 71 56.35 -39.78 7.31
C GLN C 71 54.91 -40.08 6.92
N GLU C 72 53.95 -39.50 7.63
CA GLU C 72 52.55 -39.62 7.25
C GLU C 72 52.26 -38.87 5.97
N PHE C 73 52.92 -37.73 5.75
CA PHE C 73 52.81 -37.04 4.47
C PHE C 73 53.51 -37.81 3.36
N ALA C 74 54.62 -38.48 3.68
CA ALA C 74 55.46 -39.10 2.67
C ALA C 74 54.85 -40.36 2.08
N GLU C 75 53.97 -41.03 2.81
CA GLU C 75 53.35 -42.24 2.27
C GLU C 75 52.37 -41.90 1.15
N THR C 76 51.82 -40.70 1.16
CA THR C 76 50.89 -40.25 0.12
C THR C 76 51.62 -39.77 -1.13
N ARG C 77 52.87 -39.34 -1.00
CA ARG C 77 53.61 -38.69 -2.08
C ARG C 77 54.90 -39.43 -2.35
N PRO C 78 55.07 -40.03 -3.53
CA PRO C 78 56.29 -40.83 -3.78
C PRO C 78 57.54 -40.00 -3.94
N ASN C 79 57.44 -38.72 -4.30
CA ASN C 79 58.60 -37.89 -4.53
C ASN C 79 59.07 -37.16 -3.28
N MET C 80 58.74 -37.67 -2.10
CA MET C 80 59.16 -37.07 -0.84
C MET C 80 59.96 -38.08 -0.04
N THR C 81 61.11 -37.64 0.47
CA THR C 81 61.91 -38.42 1.41
C THR C 81 62.12 -37.61 2.68
N VAL C 82 62.16 -38.32 3.81
CA VAL C 82 62.26 -37.69 5.13
C VAL C 82 63.38 -38.36 5.91
N LYS C 83 64.32 -37.56 6.40
CA LYS C 83 65.40 -38.04 7.24
C LYS C 83 65.44 -37.21 8.52
N GLN C 84 65.66 -37.89 9.65
CA GLN C 84 65.82 -37.23 10.94
C GLN C 84 67.27 -37.33 11.38
N ILE C 85 67.78 -36.22 11.94
CA ILE C 85 69.13 -36.17 12.49
C ILE C 85 69.03 -35.64 13.92
N GLU C 86 70.12 -35.79 14.66
CA GLU C 86 70.20 -35.18 15.98
C GLU C 86 70.15 -33.67 15.86
N ASN C 87 69.54 -33.03 16.85
CA ASN C 87 69.24 -31.61 16.75
C ASN C 87 70.50 -30.78 16.53
N SER C 88 70.52 -30.04 15.43
CA SER C 88 71.63 -29.15 15.09
C SER C 88 71.53 -27.82 15.83
N GLY C 89 70.31 -27.36 16.15
CA GLY C 89 70.11 -26.07 16.76
C GLY C 89 69.93 -24.92 15.80
N TRP C 90 70.01 -25.17 14.50
CA TRP C 90 69.86 -24.14 13.48
C TRP C 90 69.49 -24.83 12.17
N GLY C 91 69.15 -24.02 11.17
CA GLY C 91 68.78 -24.59 9.89
C GLY C 91 69.92 -24.99 8.98
N SER C 92 71.15 -24.61 9.34
CA SER C 92 72.28 -24.82 8.44
C SER C 92 72.54 -26.30 8.20
N ARG C 93 72.76 -27.06 9.29
CA ARG C 93 73.09 -28.48 9.16
C ARG C 93 72.03 -29.29 8.43
N PRO C 94 70.73 -29.18 8.75
CA PRO C 94 69.74 -29.95 7.99
C PRO C 94 69.69 -29.57 6.52
N ARG C 95 69.83 -28.28 6.20
CA ARG C 95 69.87 -27.86 4.80
C ARG C 95 71.03 -28.51 4.06
N ASN C 96 72.22 -28.52 4.67
CA ASN C 96 73.38 -29.11 4.03
C ASN C 96 73.18 -30.60 3.75
N ILE C 97 72.65 -31.33 4.74
CA ILE C 97 72.42 -32.76 4.55
C ILE C 97 71.40 -33.01 3.47
N ALA C 98 70.35 -32.18 3.41
CA ALA C 98 69.34 -32.34 2.37
C ALA C 98 69.90 -31.99 1.00
N THR C 99 70.87 -31.06 0.94
CA THR C 99 71.49 -30.69 -0.33
C THR C 99 72.30 -31.83 -0.91
N LYS C 100 73.02 -32.56 -0.06
CA LYS C 100 73.84 -33.67 -0.53
C LYS C 100 72.98 -34.80 -1.10
N MET C 101 71.81 -35.05 -0.52
CA MET C 101 70.96 -36.15 -0.95
C MET C 101 69.96 -35.76 -2.02
N ALA C 102 69.90 -34.49 -2.41
CA ALA C 102 69.00 -34.04 -3.46
C ALA C 102 69.54 -34.46 -4.83
N LYS C 103 68.62 -34.65 -5.77
CA LYS C 103 68.97 -35.00 -7.13
C LYS C 103 68.60 -33.93 -8.15
N GLY C 104 67.89 -32.88 -7.73
CA GLY C 104 67.35 -31.93 -8.68
C GLY C 104 68.41 -30.99 -9.26
N GLU C 105 68.05 -30.40 -10.41
CA GLU C 105 68.91 -29.41 -11.04
C GLU C 105 68.95 -28.10 -10.26
N TYR C 106 67.84 -27.74 -9.61
CA TYR C 106 67.78 -26.54 -8.78
C TYR C 106 67.24 -26.88 -7.40
N ILE C 107 67.82 -26.25 -6.38
CA ILE C 107 67.41 -26.42 -4.99
C ILE C 107 66.73 -25.14 -4.54
N LEU C 108 65.57 -25.28 -3.89
CA LEU C 108 64.91 -24.19 -3.18
C LEU C 108 64.99 -24.47 -1.69
N TYR C 109 65.45 -23.49 -0.92
CA TYR C 109 65.49 -23.61 0.53
C TYR C 109 64.20 -23.02 1.07
N LEU C 110 63.29 -23.89 1.48
CA LEU C 110 61.98 -23.50 1.97
C LEU C 110 61.91 -23.77 3.47
N ASP C 111 61.67 -22.72 4.24
CA ASP C 111 61.55 -22.87 5.68
C ASP C 111 60.17 -23.41 6.05
N HIS C 112 60.12 -24.11 7.18
CA HIS C 112 58.97 -24.92 7.57
C HIS C 112 57.72 -24.10 7.91
N ASP C 113 57.81 -22.78 7.90
CA ASP C 113 56.69 -21.92 8.25
C ASP C 113 56.30 -20.98 7.11
N ASP C 114 56.83 -21.21 5.92
CA ASP C 114 56.60 -20.37 4.75
C ASP C 114 55.82 -21.15 3.70
N THR C 115 55.52 -20.47 2.58
CA THR C 115 54.76 -21.07 1.48
C THR C 115 55.32 -20.57 0.16
N VAL C 116 54.93 -21.25 -0.89
CA VAL C 116 55.38 -20.95 -2.24
C VAL C 116 54.16 -20.70 -3.11
N PHE C 117 54.32 -19.83 -4.11
CA PHE C 117 53.19 -19.47 -4.96
C PHE C 117 53.03 -20.50 -6.09
N PRO C 118 51.80 -20.64 -6.62
CA PRO C 118 51.48 -21.82 -7.44
C PRO C 118 52.31 -21.98 -8.71
N GLU C 119 52.81 -20.89 -9.29
CA GLU C 119 53.52 -20.97 -10.56
C GLU C 119 55.03 -20.83 -10.41
N THR C 120 55.53 -20.90 -9.18
CA THR C 120 56.95 -20.64 -8.93
C THR C 120 57.85 -21.64 -9.64
N PHE C 121 57.60 -22.94 -9.46
CA PHE C 121 58.52 -23.95 -9.99
C PHE C 121 58.64 -23.85 -11.50
N GLU C 122 57.52 -23.67 -12.19
CA GLU C 122 57.55 -23.56 -13.65
C GLU C 122 58.25 -22.28 -14.09
N ARG C 123 57.86 -21.14 -13.52
CA ARG C 123 58.43 -19.87 -13.96
C ARG C 123 59.92 -19.79 -13.65
N VAL C 124 60.31 -20.19 -12.44
CA VAL C 124 61.70 -20.08 -12.04
C VAL C 124 62.58 -21.03 -12.84
N TYR C 125 62.14 -22.29 -12.98
CA TYR C 125 62.97 -23.26 -13.70
C TYR C 125 63.12 -22.88 -15.17
N ASN C 126 62.03 -22.42 -15.80
CA ASN C 126 62.13 -22.01 -17.20
C ASN C 126 63.03 -20.79 -17.34
N PHE C 127 62.95 -19.86 -16.39
CA PHE C 127 63.84 -18.71 -16.39
C PHE C 127 65.29 -19.14 -16.19
N GLY C 128 65.53 -20.07 -15.27
CA GLY C 128 66.90 -20.50 -15.00
C GLY C 128 67.48 -21.38 -16.09
N LYS C 129 66.66 -22.27 -16.64
CA LYS C 129 67.12 -23.12 -17.74
C LYS C 129 67.40 -22.31 -19.00
N GLU C 130 66.55 -21.31 -19.29
CA GLU C 130 66.73 -20.54 -20.52
C GLU C 130 67.97 -19.66 -20.47
N ASN C 131 68.41 -19.27 -19.27
CA ASN C 131 69.50 -18.32 -19.13
C ASN C 131 70.72 -18.92 -18.47
N ASN C 132 70.72 -20.24 -18.22
CA ASN C 132 71.87 -20.95 -17.66
C ASN C 132 72.32 -20.31 -16.34
N LEU C 133 71.37 -20.10 -15.45
CA LEU C 133 71.62 -19.43 -14.18
C LEU C 133 72.03 -20.42 -13.09
N ASP C 134 72.93 -19.97 -12.21
CA ASP C 134 73.27 -20.73 -11.03
C ASP C 134 72.43 -20.34 -9.83
N VAL C 135 71.99 -19.08 -9.78
CA VAL C 135 71.07 -18.60 -8.75
C VAL C 135 69.93 -17.87 -9.46
N VAL C 136 68.70 -18.18 -9.07
CA VAL C 136 67.53 -17.43 -9.49
C VAL C 136 66.95 -16.76 -8.25
N SER C 137 67.13 -15.44 -8.17
CA SER C 137 66.59 -14.64 -7.08
C SER C 137 65.21 -14.15 -7.51
N GLY C 138 64.17 -14.93 -7.17
CA GLY C 138 62.82 -14.55 -7.51
C GLY C 138 62.16 -13.67 -6.46
N LYS C 139 61.16 -12.91 -6.90
CA LYS C 139 60.51 -11.94 -6.03
C LYS C 139 59.98 -12.59 -4.76
N GLU C 140 60.40 -12.05 -3.62
CA GLU C 140 60.00 -12.57 -2.31
C GLU C 140 58.98 -11.62 -1.68
N VAL C 141 57.98 -12.21 -1.01
CA VAL C 141 56.93 -11.48 -0.34
C VAL C 141 57.09 -11.65 1.16
N ARG C 142 56.84 -10.58 1.91
CA ARG C 142 56.84 -10.60 3.37
C ARG C 142 55.52 -10.07 3.89
N THR C 143 55.15 -10.53 5.08
CA THR C 143 53.85 -10.20 5.65
C THR C 143 53.67 -8.70 5.79
N ASN C 144 54.63 -8.05 6.44
CA ASN C 144 54.52 -6.63 6.77
C ASN C 144 55.36 -5.78 5.81
N GLY C 145 55.05 -4.49 5.78
CA GLY C 145 55.82 -3.55 5.00
C GLY C 145 55.19 -3.27 3.65
N TRP C 146 55.53 -2.11 3.11
CA TRP C 146 55.07 -1.72 1.78
C TRP C 146 56.00 -2.17 0.67
N SER C 147 57.14 -2.77 1.00
CA SER C 147 58.08 -3.19 -0.03
C SER C 147 58.99 -4.27 0.53
N TRP C 148 59.54 -5.07 -0.39
CA TRP C 148 60.62 -5.98 -0.05
C TRP C 148 61.49 -6.12 -1.29
N GLY C 149 62.78 -5.79 -1.16
CA GLY C 149 63.65 -5.71 -2.31
C GLY C 149 63.13 -4.73 -3.33
N TRP C 150 62.85 -3.50 -2.87
CA TRP C 150 62.27 -2.48 -3.74
C TRP C 150 63.15 -2.22 -4.97
N LYS C 151 64.46 -2.09 -4.74
CA LYS C 151 65.38 -1.83 -5.85
C LYS C 151 65.61 -3.10 -6.67
N GLN C 152 65.87 -4.22 -6.00
CA GLN C 152 66.32 -5.43 -6.70
C GLN C 152 65.19 -6.13 -7.45
N PHE C 153 63.95 -6.05 -6.97
CA PHE C 153 62.84 -6.75 -7.61
C PHE C 153 62.01 -5.82 -8.49
N SER C 154 62.63 -4.83 -9.11
CA SER C 154 61.90 -3.90 -9.96
C SER C 154 61.80 -4.35 -11.42
N GLU C 155 62.69 -5.21 -11.89
CA GLU C 155 62.63 -5.68 -13.27
C GLU C 155 63.27 -7.06 -13.36
N ASN C 156 62.84 -7.82 -14.38
CA ASN C 156 63.50 -9.10 -14.67
C ASN C 156 64.88 -8.83 -15.25
N ASN C 157 65.87 -9.53 -14.71
CA ASN C 157 67.26 -9.37 -15.16
C ASN C 157 67.89 -10.75 -15.34
N PRO C 158 67.98 -11.25 -16.58
CA PRO C 158 68.63 -12.55 -16.79
C PRO C 158 70.12 -12.52 -16.58
N HIS C 159 70.75 -11.34 -16.65
CA HIS C 159 72.18 -11.22 -16.43
C HIS C 159 72.43 -10.32 -15.22
N ALA C 160 71.88 -10.70 -14.07
CA ALA C 160 71.90 -9.81 -12.91
C ALA C 160 73.31 -9.68 -12.33
N GLU C 161 74.09 -10.76 -12.33
CA GLU C 161 75.38 -10.72 -11.65
C GLU C 161 76.33 -9.69 -12.25
N GLU C 162 76.01 -9.14 -13.43
CA GLU C 162 76.82 -8.09 -14.02
C GLU C 162 76.77 -6.79 -13.22
N MET C 163 75.77 -6.62 -12.36
CA MET C 163 75.64 -5.45 -11.52
C MET C 163 76.39 -5.57 -10.20
N GLY C 164 77.05 -6.71 -9.96
CA GLY C 164 77.76 -6.93 -8.72
C GLY C 164 76.95 -7.71 -7.70
N ILE C 165 77.57 -7.90 -6.53
CA ILE C 165 76.99 -8.70 -5.47
C ILE C 165 75.64 -8.18 -5.01
N GLU C 166 75.32 -6.91 -5.33
CA GLU C 166 74.03 -6.34 -4.98
C GLU C 166 72.86 -7.10 -5.58
N CYS C 167 73.10 -7.84 -6.67
CA CYS C 167 72.01 -8.58 -7.33
C CYS C 167 71.42 -9.68 -6.46
N LEU C 168 72.13 -10.12 -5.43
CA LEU C 168 71.60 -11.15 -4.53
C LEU C 168 70.84 -10.57 -3.34
N LEU C 169 70.76 -9.25 -3.20
CA LEU C 169 69.97 -8.68 -2.13
C LEU C 169 68.48 -8.70 -2.50
N PRO C 170 67.59 -8.84 -1.50
CA PRO C 170 67.91 -9.16 -0.11
C PRO C 170 68.34 -10.61 0.06
N MET C 171 69.41 -10.84 0.82
CA MET C 171 70.08 -12.14 0.79
C MET C 171 69.40 -13.18 1.68
N THR C 172 68.09 -13.39 1.50
CA THR C 172 67.44 -14.50 2.16
C THR C 172 67.84 -15.80 1.45
N PRO C 173 67.75 -16.94 2.13
CA PRO C 173 68.12 -18.21 1.49
C PRO C 173 67.05 -18.74 0.56
N HIS C 174 65.94 -18.02 0.40
CA HIS C 174 64.77 -18.48 -0.33
C HIS C 174 64.86 -18.26 -1.83
N LYS C 175 66.02 -18.57 -2.41
CA LYS C 175 66.22 -18.48 -3.85
C LYS C 175 66.35 -19.90 -4.41
N PHE C 176 66.62 -19.97 -5.70
CA PHE C 176 66.82 -21.23 -6.40
C PHE C 176 68.27 -21.33 -6.84
N TYR C 177 68.97 -22.35 -6.34
CA TYR C 177 70.39 -22.54 -6.59
C TYR C 177 70.60 -23.81 -7.42
N LYS C 178 71.48 -23.73 -8.41
CA LYS C 178 71.85 -24.92 -9.18
C LYS C 178 72.64 -25.87 -8.30
N ARG C 179 72.04 -27.02 -8.00
CA ARG C 179 72.71 -28.01 -7.14
C ARG C 179 74.08 -28.38 -7.68
N GLU C 180 74.21 -28.51 -9.00
CA GLU C 180 75.51 -28.76 -9.61
C GLU C 180 76.53 -27.69 -9.19
N PHE C 181 76.11 -26.42 -9.23
CA PHE C 181 77.01 -25.33 -8.91
C PHE C 181 77.36 -25.28 -7.42
N LEU C 182 76.44 -25.69 -6.54
CA LEU C 182 76.73 -25.70 -5.11
C LEU C 182 77.70 -26.81 -4.75
N LEU C 183 77.53 -28.00 -5.35
CA LEU C 183 78.36 -29.15 -5.00
C LEU C 183 79.81 -28.94 -5.42
N GLU C 184 80.04 -28.56 -6.69
CA GLU C 184 81.41 -28.43 -7.18
C GLU C 184 82.17 -27.29 -6.53
N ASN C 185 81.50 -26.43 -5.76
CA ASN C 185 82.14 -25.32 -5.06
C ASN C 185 82.14 -25.49 -3.55
N ASP C 186 81.60 -26.59 -3.03
CA ASP C 186 81.51 -26.85 -1.60
C ASP C 186 80.88 -25.66 -0.86
N ILE C 187 79.81 -25.13 -1.44
CA ILE C 187 79.07 -24.02 -0.83
C ILE C 187 78.04 -24.60 0.12
N THR C 188 78.21 -24.37 1.41
CA THR C 188 77.30 -24.85 2.45
C THR C 188 76.91 -23.69 3.35
N PHE C 189 75.91 -23.92 4.19
CA PHE C 189 75.55 -22.96 5.22
C PHE C 189 76.49 -23.14 6.42
N ASP C 190 77.00 -22.04 6.95
CA ASP C 190 77.97 -22.11 8.03
C ASP C 190 77.36 -22.76 9.26
N ASP C 191 78.07 -23.73 9.83
CA ASP C 191 77.57 -24.56 10.90
C ASP C 191 78.26 -24.25 12.22
N GLY C 192 78.58 -22.98 12.45
CA GLY C 192 79.27 -22.58 13.66
C GLY C 192 78.37 -22.64 14.89
N ALA C 193 79.02 -22.47 16.04
CA ALA C 193 78.29 -22.43 17.31
C ALA C 193 77.38 -21.20 17.37
N ARG C 194 77.98 -20.02 17.42
CA ARG C 194 77.23 -18.77 17.41
C ARG C 194 77.26 -18.23 15.98
N VAL C 195 76.29 -18.69 15.18
CA VAL C 195 76.20 -18.33 13.76
C VAL C 195 74.88 -17.62 13.52
N LEU C 196 74.96 -16.45 12.89
CA LEU C 196 73.79 -15.68 12.48
C LEU C 196 74.03 -15.19 11.06
N TRP C 197 72.95 -14.76 10.40
CA TRP C 197 73.02 -14.31 9.01
C TRP C 197 73.64 -15.37 8.11
N GLU C 198 73.33 -16.64 8.38
CA GLU C 198 73.91 -17.71 7.58
C GLU C 198 73.48 -17.61 6.12
N ASP C 199 72.36 -16.94 5.84
CA ASP C 199 71.95 -16.72 4.45
C ASP C 199 72.82 -15.67 3.77
N VAL C 200 73.32 -14.69 4.52
CA VAL C 200 74.25 -13.73 3.93
C VAL C 200 75.56 -14.40 3.57
N TYR C 201 76.10 -15.21 4.49
CA TYR C 201 77.28 -16.01 4.19
C TYR C 201 77.06 -16.89 2.96
N PHE C 202 75.90 -17.53 2.87
CA PHE C 202 75.64 -18.47 1.78
C PHE C 202 75.52 -17.75 0.45
N ASN C 203 74.82 -16.62 0.42
CA ASN C 203 74.67 -15.89 -0.84
C ASN C 203 75.97 -15.21 -1.24
N SER C 204 76.71 -14.68 -0.28
CA SER C 204 78.00 -14.10 -0.62
C SER C 204 78.94 -15.14 -1.21
N LYS C 205 79.01 -16.32 -0.58
CA LYS C 205 79.86 -17.39 -1.10
C LYS C 205 79.39 -17.89 -2.47
N ALA C 206 78.09 -17.78 -2.76
CA ALA C 206 77.61 -18.11 -4.09
C ALA C 206 78.11 -17.10 -5.12
N PHE C 207 78.11 -15.80 -4.77
CA PHE C 207 78.57 -14.81 -5.72
C PHE C 207 80.09 -14.84 -5.89
N ILE C 208 80.82 -15.03 -4.78
CA ILE C 208 82.28 -15.08 -4.83
C ILE C 208 82.76 -16.16 -5.80
N HIS C 209 82.00 -17.24 -5.92
CA HIS C 209 82.33 -18.32 -6.83
C HIS C 209 81.78 -18.08 -8.24
N GLY C 210 81.39 -16.86 -8.56
CA GLY C 210 81.03 -16.51 -9.93
C GLY C 210 79.73 -17.13 -10.42
N ALA C 211 78.71 -17.11 -9.58
CA ALA C 211 77.39 -17.59 -9.99
C ALA C 211 76.77 -16.63 -10.99
N LYS C 212 76.29 -17.18 -12.11
CA LYS C 212 75.39 -16.43 -12.99
C LYS C 212 74.05 -16.27 -12.28
N VAL C 213 73.64 -15.03 -12.02
CA VAL C 213 72.45 -14.75 -11.22
C VAL C 213 71.38 -14.12 -12.10
N GLY C 214 70.14 -14.56 -11.90
CA GLY C 214 69.01 -13.94 -12.56
C GLY C 214 67.98 -13.50 -11.54
N ILE C 215 67.33 -12.39 -11.83
CA ILE C 215 66.26 -11.85 -10.99
C ILE C 215 64.94 -12.05 -11.73
N LEU C 216 64.02 -12.77 -11.08
CA LEU C 216 62.66 -12.95 -11.57
C LEU C 216 61.76 -12.06 -10.72
N ALA C 217 61.30 -10.95 -11.29
CA ALA C 217 60.58 -9.94 -10.53
C ALA C 217 59.12 -9.78 -10.93
N ASP C 218 58.66 -10.42 -12.01
CA ASP C 218 57.30 -10.21 -12.49
C ASP C 218 56.30 -11.18 -11.88
N TYR C 219 56.73 -12.03 -10.94
CA TYR C 219 55.85 -12.99 -10.29
C TYR C 219 56.36 -13.25 -8.88
N PRO C 220 55.52 -13.15 -7.86
CA PRO C 220 55.99 -13.43 -6.49
C PRO C 220 56.19 -14.93 -6.31
N THR C 221 57.40 -15.31 -5.91
CA THR C 221 57.79 -16.71 -5.86
C THR C 221 57.69 -17.32 -4.47
N TYR C 222 57.98 -16.54 -3.42
CA TYR C 222 58.14 -17.07 -2.07
C TYR C 222 57.46 -16.13 -1.08
N TYR C 223 56.82 -16.69 -0.06
CA TYR C 223 56.15 -15.93 1.00
C TYR C 223 56.84 -16.22 2.32
N TRP C 224 57.67 -15.29 2.76
CA TRP C 224 58.31 -15.34 4.08
C TRP C 224 57.33 -14.75 5.09
N ILE C 225 56.79 -15.61 5.96
CA ILE C 225 55.64 -15.29 6.81
C ILE C 225 56.11 -14.86 8.19
N ALA C 226 55.49 -13.81 8.72
CA ALA C 226 55.65 -13.45 10.12
C ALA C 226 54.65 -14.24 10.95
N THR C 227 55.14 -14.96 11.96
CA THR C 227 54.30 -15.91 12.69
C THR C 227 54.13 -15.61 14.17
N GLY C 228 55.00 -14.80 14.78
CA GLY C 228 54.95 -14.53 16.20
C GLY C 228 55.95 -15.35 17.01
N ALA C 229 56.27 -16.56 16.55
CA ALA C 229 57.39 -17.31 17.10
C ALA C 229 58.72 -16.87 16.48
N ASN C 230 58.67 -16.19 15.34
CA ASN C 230 59.85 -15.61 14.72
C ASN C 230 59.99 -14.12 15.03
N ASN C 231 59.08 -13.56 15.82
CA ASN C 231 59.14 -12.15 16.20
C ASN C 231 60.13 -11.96 17.33
N SER C 232 61.20 -11.22 17.07
CA SER C 232 62.20 -10.85 18.07
C SER C 232 62.73 -12.07 18.82
N SER C 233 63.28 -12.99 18.03
CA SER C 233 63.79 -14.27 18.55
C SER C 233 65.25 -14.12 19.01
N SER C 234 65.42 -13.25 20.00
CA SER C 234 66.63 -13.12 20.82
C SER C 234 67.83 -12.57 20.08
N PHE C 235 67.66 -11.96 18.90
CA PHE C 235 68.79 -11.36 18.22
C PHE C 235 69.36 -10.19 19.02
N GLY C 236 68.58 -9.13 19.16
CA GLY C 236 69.01 -7.96 19.90
C GLY C 236 68.83 -8.03 21.39
N ARG C 237 68.24 -9.10 21.92
CA ARG C 237 67.96 -9.15 23.36
C ARG C 237 69.26 -9.11 24.17
N ASP C 238 70.26 -9.89 23.75
CA ASP C 238 71.58 -9.79 24.34
C ASP C 238 72.40 -8.84 23.49
N PRO C 239 72.75 -7.65 23.97
CA PRO C 239 73.50 -6.71 23.14
C PRO C 239 74.94 -7.13 22.91
N HIS C 240 75.58 -7.79 23.88
CA HIS C 240 76.95 -8.24 23.68
C HIS C 240 77.02 -9.32 22.61
N GLU C 241 76.04 -10.22 22.57
CA GLU C 241 76.02 -11.22 21.52
C GLU C 241 75.67 -10.61 20.17
N LYS C 242 74.82 -9.58 20.17
CA LYS C 242 74.47 -8.90 18.93
C LYS C 242 75.71 -8.37 18.23
N TRP C 243 76.55 -7.64 18.96
CA TRP C 243 77.73 -7.05 18.34
C TRP C 243 78.87 -8.03 18.15
N ASN C 244 78.84 -9.18 18.84
CA ASN C 244 79.79 -10.23 18.52
C ASN C 244 79.49 -10.85 17.16
N GLN C 245 78.21 -10.93 16.78
CA GLN C 245 77.84 -11.44 15.46
C GLN C 245 78.14 -10.40 14.39
N ILE C 246 77.90 -9.12 14.68
CA ILE C 246 78.18 -8.07 13.71
C ILE C 246 79.66 -8.02 13.39
N ASN C 247 80.52 -8.22 14.39
CA ASN C 247 81.95 -8.30 14.12
C ASN C 247 82.27 -9.51 13.24
N LYS C 248 81.62 -10.65 13.50
CA LYS C 248 81.80 -11.83 12.66
C LYS C 248 81.44 -11.53 11.21
N LEU C 249 80.32 -10.85 10.99
CA LEU C 249 79.85 -10.60 9.63
C LEU C 249 80.82 -9.72 8.85
N PHE C 250 81.25 -8.61 9.46
CA PHE C 250 82.19 -7.72 8.79
C PHE C 250 83.54 -8.39 8.57
N ASN C 251 84.02 -9.16 9.54
CA ASN C 251 85.25 -9.92 9.32
C ASN C 251 85.09 -10.89 8.15
N PHE C 252 83.90 -11.49 8.02
CA PHE C 252 83.63 -12.36 6.89
C PHE C 252 83.77 -11.62 5.57
N PHE C 253 83.30 -10.36 5.52
CA PHE C 253 83.37 -9.57 4.30
C PHE C 253 84.81 -9.34 3.86
N LYS C 254 85.65 -8.85 4.79
CA LYS C 254 87.02 -8.52 4.44
C LYS C 254 87.84 -9.75 4.13
N ASP C 255 87.51 -10.89 4.75
CA ASP C 255 88.27 -12.11 4.53
C ASP C 255 87.89 -12.81 3.22
N ASN C 256 86.63 -12.74 2.81
CA ASN C 256 86.15 -13.55 1.69
C ASN C 256 85.77 -12.76 0.45
N ILE C 257 85.19 -11.57 0.60
CA ILE C 257 84.79 -10.77 -0.55
C ILE C 257 86.00 -9.96 -0.99
N LYS C 258 86.72 -10.45 -2.00
CA LYS C 258 87.98 -9.87 -2.43
C LYS C 258 87.82 -8.74 -3.45
N GLU C 259 86.85 -8.82 -4.35
CA GLU C 259 86.67 -7.74 -5.32
C GLU C 259 86.24 -6.47 -4.62
N GLN C 260 86.87 -5.36 -5.00
CA GLN C 260 86.67 -4.09 -4.29
C GLN C 260 85.24 -3.59 -4.44
N ARG C 261 84.71 -3.58 -5.66
CA ARG C 261 83.33 -3.10 -5.86
C ARG C 261 82.35 -3.87 -4.99
N ASP C 262 82.49 -5.19 -4.95
CA ASP C 262 81.56 -5.99 -4.15
C ASP C 262 81.83 -5.83 -2.66
N LEU C 263 83.11 -5.72 -2.27
CA LEU C 263 83.43 -5.50 -0.87
C LEU C 263 82.95 -4.14 -0.41
N ASP C 264 83.26 -3.09 -1.19
CA ASP C 264 82.82 -1.75 -0.83
C ASP C 264 81.32 -1.68 -0.67
N PHE C 265 80.56 -2.34 -1.56
CA PHE C 265 79.12 -2.29 -1.46
C PHE C 265 78.62 -2.95 -0.18
N MET C 266 79.12 -4.15 0.11
CA MET C 266 78.68 -4.85 1.32
C MET C 266 79.10 -4.10 2.58
N LEU C 267 80.31 -3.53 2.58
CA LEU C 267 80.75 -2.74 3.72
C LEU C 267 79.85 -1.53 3.92
N THR C 268 79.61 -0.76 2.85
CA THR C 268 78.79 0.44 2.97
C THR C 268 77.36 0.10 3.36
N HIS C 269 76.78 -0.95 2.75
CA HIS C 269 75.37 -1.25 2.96
C HIS C 269 75.11 -1.70 4.39
N TRP C 270 75.97 -2.56 4.95
CA TRP C 270 75.74 -3.06 6.29
C TRP C 270 76.18 -2.08 7.36
N TYR C 271 77.16 -1.23 7.06
CA TYR C 271 77.54 -0.17 8.01
C TYR C 271 76.40 0.83 8.18
N ARG C 272 75.82 1.28 7.06
CA ARG C 272 74.71 2.22 7.11
C ARG C 272 73.51 1.63 7.84
N SER C 273 73.18 0.37 7.55
CA SER C 273 71.93 -0.20 8.05
C SER C 273 72.06 -0.69 9.49
N ARG C 274 73.08 -1.49 9.79
CA ARG C 274 73.15 -2.12 11.10
C ARG C 274 74.04 -1.40 12.11
N VAL C 275 74.89 -0.47 11.68
CA VAL C 275 75.79 0.19 12.62
C VAL C 275 75.33 1.62 12.83
N LEU C 276 75.34 2.42 11.76
CA LEU C 276 74.77 3.75 11.82
C LEU C 276 73.26 3.75 12.10
N GLY C 277 72.59 2.60 11.92
CA GLY C 277 71.16 2.53 12.15
C GLY C 277 70.74 2.69 13.59
N ILE C 278 71.67 2.49 14.54
CA ILE C 278 71.36 2.73 15.95
C ILE C 278 71.63 4.16 16.38
N LEU C 279 72.23 4.98 15.52
CA LEU C 279 72.60 6.34 15.85
C LEU C 279 71.52 7.35 15.51
N GLY C 280 70.34 6.89 15.11
CA GLY C 280 69.23 7.79 14.80
C GLY C 280 68.11 7.65 15.80
N GLN C 281 66.90 7.34 15.32
CA GLN C 281 65.74 7.27 16.20
C GLN C 281 65.87 6.13 17.22
N TRP C 282 66.75 5.16 16.97
CA TRP C 282 67.01 4.11 17.94
C TRP C 282 67.46 4.69 19.28
N LEU C 283 68.16 5.82 19.26
CA LEU C 283 68.61 6.46 20.50
C LEU C 283 67.46 7.00 21.33
N LEU C 284 66.29 7.22 20.74
CA LEU C 284 65.14 7.72 21.50
C LEU C 284 64.27 6.61 22.06
N LYS C 285 64.50 5.36 21.68
CA LYS C 285 63.62 4.26 22.05
C LYS C 285 64.32 3.20 22.90
N ASN C 286 65.45 3.53 23.51
CA ASN C 286 66.19 2.58 24.33
C ASN C 286 66.75 3.30 25.54
N ASN C 287 67.00 2.52 26.60
CA ASN C 287 67.45 3.11 27.86
C ASN C 287 68.91 3.55 27.76
N ASN C 288 69.33 4.33 28.77
CA ASN C 288 70.66 4.94 28.71
C ASN C 288 71.77 3.89 28.77
N GLU C 289 71.61 2.86 29.59
CA GLU C 289 72.64 1.83 29.71
C GLU C 289 72.82 1.08 28.40
N ARG C 290 71.73 0.66 27.78
CA ARG C 290 71.84 -0.08 26.53
C ARG C 290 72.44 0.77 25.43
N ILE C 291 72.15 2.07 25.42
CA ILE C 291 72.73 2.96 24.42
C ILE C 291 74.25 2.99 24.55
N ASP C 292 74.75 3.11 25.78
CA ASP C 292 76.19 3.20 25.99
C ASP C 292 76.90 1.91 25.60
N ILE C 293 76.28 0.76 25.82
CA ILE C 293 76.91 -0.51 25.46
C ILE C 293 77.03 -0.64 23.95
N GLU C 294 75.95 -0.33 23.22
CA GLU C 294 75.97 -0.50 21.78
C GLU C 294 76.72 0.63 21.07
N PHE C 295 76.73 1.83 21.64
CA PHE C 295 77.50 2.91 21.04
C PHE C 295 78.99 2.58 21.07
N ASN C 296 79.49 2.10 22.22
CA ASN C 296 80.91 1.76 22.30
C ASN C 296 81.25 0.62 21.34
N TYR C 297 80.38 -0.38 21.22
CA TYR C 297 80.60 -1.44 20.25
C TYR C 297 80.62 -0.89 18.83
N ALA C 298 79.70 0.03 18.51
CA ALA C 298 79.63 0.60 17.17
C ALA C 298 80.87 1.46 16.86
N LYS C 299 81.28 2.30 17.81
CA LYS C 299 82.46 3.13 17.62
C LYS C 299 83.71 2.25 17.43
N LYS C 300 83.89 1.26 18.29
CA LYS C 300 85.05 0.38 18.17
C LYS C 300 85.06 -0.38 16.86
N LEU C 301 83.89 -0.77 16.36
CA LEU C 301 83.83 -1.52 15.11
C LEU C 301 84.11 -0.63 13.91
N ALA C 302 83.64 0.62 13.95
CA ALA C 302 83.93 1.54 12.85
C ALA C 302 85.42 1.85 12.78
N GLU C 303 86.04 2.12 13.93
CA GLU C 303 87.47 2.42 13.95
C GLU C 303 88.30 1.23 13.48
N GLU C 304 87.90 0.00 13.80
CA GLU C 304 88.74 -1.16 13.52
C GLU C 304 88.46 -1.80 12.17
N LEU C 305 87.20 -1.93 11.79
CA LEU C 305 86.85 -2.69 10.60
C LEU C 305 86.49 -1.83 9.40
N ILE C 306 85.81 -0.71 9.62
CA ILE C 306 85.25 0.09 8.54
C ILE C 306 86.30 1.09 8.09
N PRO C 307 86.78 1.04 6.84
CA PRO C 307 87.71 2.05 6.36
C PRO C 307 87.07 3.43 6.27
N ALA C 308 87.93 4.44 6.28
CA ALA C 308 87.44 5.82 6.29
C ALA C 308 86.76 6.21 4.99
N TYR C 309 87.21 5.65 3.86
CA TYR C 309 86.65 6.01 2.57
C TYR C 309 85.22 5.52 2.39
N ILE C 310 84.71 4.67 3.29
CA ILE C 310 83.33 4.21 3.18
C ILE C 310 82.37 5.37 3.36
N SER C 311 82.76 6.37 4.16
CA SER C 311 81.91 7.53 4.38
C SER C 311 81.69 8.34 3.11
N GLU C 312 82.56 8.20 2.11
CA GLU C 312 82.38 8.91 0.85
C GLU C 312 81.24 8.34 0.02
N ASN C 313 80.71 7.18 0.39
CA ASN C 313 79.55 6.59 -0.26
C ASN C 313 78.24 6.91 0.44
N LEU C 314 78.29 7.60 1.57
CA LEU C 314 77.11 7.87 2.38
C LEU C 314 76.51 9.22 2.06
N ASP C 315 75.20 9.33 2.25
CA ASP C 315 74.53 10.60 2.12
C ASP C 315 74.92 11.53 3.28
N LYS C 316 74.48 12.78 3.18
CA LYS C 316 74.90 13.80 4.14
C LYS C 316 74.57 13.40 5.57
N ASN C 317 73.34 12.94 5.80
CA ASN C 317 72.90 12.66 7.16
C ASN C 317 73.68 11.50 7.79
N ASN C 318 74.03 10.49 6.99
CA ASN C 318 74.82 9.38 7.50
C ASN C 318 76.29 9.75 7.64
N GLN C 319 76.79 10.67 6.81
CA GLN C 319 78.14 11.17 6.99
C GLN C 319 78.27 11.91 8.31
N VAL C 320 77.23 12.64 8.70
CA VAL C 320 77.21 13.30 10.01
C VAL C 320 77.19 12.26 11.12
N LYS C 321 76.47 11.15 10.92
CA LYS C 321 76.44 10.10 11.93
C LYS C 321 77.79 9.38 12.00
N ASP C 322 78.42 9.14 10.85
CA ASP C 322 79.74 8.52 10.86
C ASP C 322 80.76 9.41 11.55
N TYR C 323 80.74 10.71 11.24
CA TYR C 323 81.70 11.64 11.84
C TYR C 323 81.50 11.73 13.35
N LEU C 324 80.25 11.95 13.77
CA LEU C 324 79.99 12.08 15.21
C LEU C 324 80.23 10.78 15.96
N LEU C 325 80.03 9.64 15.30
CA LEU C 325 80.32 8.36 15.96
C LEU C 325 81.81 8.22 16.23
N ARG C 326 82.65 8.47 15.22
CA ARG C 326 84.08 8.32 15.39
C ARG C 326 84.65 9.34 16.38
N GLN C 327 84.01 10.52 16.49
CA GLN C 327 84.39 11.48 17.51
C GLN C 327 83.91 11.08 18.90
N GLY C 328 83.07 10.04 19.01
CA GLY C 328 82.52 9.64 20.28
C GLY C 328 81.47 10.57 20.84
N ASP C 329 80.95 11.48 20.03
CA ASP C 329 79.98 12.49 20.49
C ASP C 329 78.58 11.87 20.46
N LEU C 330 78.28 11.13 21.53
CA LEU C 330 76.96 10.53 21.67
C LEU C 330 75.88 11.57 21.95
N ASP C 331 76.24 12.66 22.66
CA ASP C 331 75.22 13.63 23.04
C ASP C 331 74.77 14.48 21.86
N SER C 332 75.65 14.74 20.90
CA SER C 332 75.23 15.44 19.69
C SER C 332 74.36 14.53 18.82
N LEU C 333 74.70 13.25 18.74
CA LEU C 333 73.86 12.30 18.02
C LEU C 333 72.48 12.22 18.64
N LYS C 334 72.40 12.23 19.98
CA LYS C 334 71.10 12.24 20.64
C LYS C 334 70.33 13.51 20.32
N LYS C 335 71.03 14.64 20.24
CA LYS C 335 70.39 15.90 19.86
C LYS C 335 69.83 15.82 18.44
N LEU C 336 70.58 15.22 17.52
CA LEU C 336 70.12 15.09 16.15
C LEU C 336 68.93 14.15 16.03
N ALA C 337 68.88 13.09 16.85
CA ALA C 337 67.71 12.23 16.85
C ALA C 337 66.48 12.99 17.32
N GLN C 338 66.66 13.90 18.29
CA GLN C 338 65.52 14.71 18.73
C GLN C 338 65.09 15.68 17.64
N ILE C 339 66.06 16.28 16.94
CA ILE C 339 65.73 17.23 15.87
C ILE C 339 65.05 16.52 14.71
N ASP C 340 65.54 15.35 14.32
CA ASP C 340 65.01 14.68 13.13
C ASP C 340 63.72 13.91 13.38
N ALA C 341 63.31 13.77 14.63
CA ALA C 341 62.16 12.96 14.95
C ALA C 341 60.90 13.51 14.29
N GLY C 342 60.18 12.65 13.58
CA GLY C 342 58.91 13.00 12.97
C GLY C 342 58.97 13.35 11.49
N ILE C 343 60.16 13.55 10.93
CA ILE C 343 60.27 13.94 9.52
C ILE C 343 59.66 12.84 8.66
N THR C 344 58.69 13.21 7.83
CA THR C 344 57.93 12.24 7.05
C THR C 344 57.34 12.96 5.84
N ALA C 345 56.64 12.18 5.01
CA ALA C 345 56.01 12.72 3.80
C ALA C 345 54.75 11.90 3.56
N LEU C 346 53.60 12.44 3.96
CA LEU C 346 52.31 11.81 3.77
C LEU C 346 51.65 12.38 2.52
N SER C 347 51.15 11.50 1.66
CA SER C 347 50.44 11.92 0.47
C SER C 347 48.94 12.00 0.74
N TYR C 348 48.31 13.04 0.20
CA TYR C 348 46.87 13.20 0.23
C TYR C 348 46.30 12.94 -1.15
N VAL C 349 45.10 12.37 -1.20
CA VAL C 349 44.36 12.23 -2.45
C VAL C 349 43.79 13.60 -2.81
N GLU C 350 44.25 14.16 -3.93
CA GLU C 350 43.65 15.38 -4.45
C GLU C 350 42.51 15.09 -5.42
N ASP C 351 42.58 13.99 -6.15
CA ASP C 351 41.47 13.56 -6.97
C ASP C 351 41.57 12.07 -7.22
N ALA C 352 40.42 11.39 -7.18
CA ALA C 352 40.35 9.97 -7.47
C ALA C 352 39.08 9.70 -8.27
N TYR C 353 39.22 8.95 -9.37
CA TYR C 353 38.10 8.73 -10.27
C TYR C 353 38.45 7.60 -11.22
N PHE C 354 37.43 6.84 -11.62
CA PHE C 354 37.57 5.83 -12.65
C PHE C 354 37.40 6.46 -14.03
N LYS C 355 38.18 5.97 -14.99
CA LYS C 355 38.06 6.38 -16.37
C LYS C 355 38.57 5.24 -17.23
N GLU C 356 37.85 4.94 -18.31
CA GLU C 356 38.13 3.78 -19.16
C GLU C 356 38.14 2.55 -18.26
N ASP C 357 39.19 1.71 -18.29
CA ASP C 357 39.29 0.53 -17.45
C ASP C 357 40.25 0.72 -16.28
N LYS C 358 40.49 1.95 -15.86
CA LYS C 358 41.50 2.20 -14.85
C LYS C 358 40.97 3.13 -13.77
N LEU C 359 41.70 3.16 -12.65
CA LEU C 359 41.44 4.07 -11.55
C LEU C 359 42.57 5.09 -11.50
N PHE C 360 42.23 6.37 -11.67
CA PHE C 360 43.21 7.45 -11.73
C PHE C 360 43.32 8.15 -10.38
N PHE C 361 44.53 8.56 -10.04
CA PHE C 361 44.83 9.28 -8.81
C PHE C 361 45.64 10.54 -9.11
N LYS C 362 45.31 11.62 -8.41
CA LYS C 362 46.15 12.81 -8.30
C LYS C 362 46.44 12.99 -6.82
N THR C 363 47.72 12.95 -6.45
CA THR C 363 48.11 13.06 -5.06
C THR C 363 49.10 14.21 -4.88
N SER C 364 49.30 14.59 -3.63
CA SER C 364 50.23 15.66 -3.28
C SER C 364 50.83 15.34 -1.92
N THR C 365 52.11 15.63 -1.76
CA THR C 365 52.78 15.39 -0.49
C THR C 365 53.67 16.59 -0.16
N LYS C 366 54.20 16.55 1.06
CA LYS C 366 55.05 17.62 1.56
C LYS C 366 55.86 17.05 2.71
N MET C 367 57.12 17.44 2.80
CA MET C 367 57.93 17.00 3.93
C MET C 367 57.48 17.77 5.17
N THR C 368 57.11 17.04 6.22
CA THR C 368 56.53 17.62 7.42
C THR C 368 57.11 16.95 8.66
N TYR C 369 56.71 17.47 9.82
CA TYR C 369 56.89 16.77 11.09
C TYR C 369 55.55 16.17 11.48
N GLU C 370 55.48 14.84 11.50
CA GLU C 370 54.26 14.12 11.89
C GLU C 370 53.03 14.63 11.15
N ASP C 371 53.19 14.91 9.86
N ASP C 371 53.19 14.94 9.87
CA ASP C 371 52.12 15.47 9.03
CA ASP C 371 52.09 15.42 9.03
C ASP C 371 51.50 16.70 9.67
C ASP C 371 51.51 16.73 9.56
N LYS C 372 52.35 17.56 10.22
CA LYS C 372 51.88 18.82 10.78
C LYS C 372 52.63 19.96 10.10
N GLU C 373 53.39 20.74 10.86
CA GLU C 373 54.14 21.85 10.31
C GLU C 373 55.19 21.34 9.32
N ASP C 374 55.55 22.22 8.38
CA ASP C 374 56.46 21.85 7.29
C ASP C 374 57.87 21.60 7.80
N PHE C 375 58.55 20.65 7.17
CA PHE C 375 59.99 20.50 7.33
C PHE C 375 60.70 21.54 6.46
N PHE C 376 61.73 22.16 7.01
CA PHE C 376 62.42 23.27 6.34
C PHE C 376 63.91 22.97 6.18
N ILE C 377 64.47 23.49 5.10
CA ILE C 377 65.92 23.65 4.93
C ILE C 377 66.16 25.13 4.70
N GLU C 378 67.33 25.60 5.13
CA GLU C 378 67.62 27.03 5.18
C GLU C 378 68.70 27.40 4.16
N LYS C 379 68.52 28.56 3.53
CA LYS C 379 69.44 29.02 2.48
C LYS C 379 70.36 30.09 3.04
N THR C 380 71.66 29.84 2.99
CA THR C 380 72.69 30.78 3.42
C THR C 380 73.65 30.97 2.26
N ALA C 381 73.59 32.16 1.64
CA ALA C 381 74.43 32.48 0.50
C ALA C 381 74.24 31.48 -0.63
N ASP C 382 75.27 30.70 -0.90
CA ASP C 382 75.31 29.78 -2.03
C ASP C 382 74.75 28.40 -1.71
N ARG C 383 74.36 28.14 -0.47
CA ARG C 383 74.14 26.78 0.00
C ARG C 383 72.76 26.61 0.63
N MET C 384 72.15 25.45 0.39
CA MET C 384 70.93 25.04 1.05
C MET C 384 71.31 24.08 2.17
N GLU C 385 71.20 24.55 3.41
CA GLU C 385 71.75 23.82 4.55
C GLU C 385 70.64 23.18 5.38
N ARG C 386 71.02 22.10 6.05
CA ARG C 386 70.19 21.52 7.09
C ARG C 386 70.14 22.45 8.30
N ILE C 387 68.95 22.66 8.84
CA ILE C 387 68.75 23.57 9.95
C ILE C 387 69.22 22.88 11.24
N LEU C 388 70.33 23.33 11.80
CA LEU C 388 70.92 22.76 12.99
C LEU C 388 71.28 23.85 13.98
N PRO C 389 71.34 23.54 15.27
CA PRO C 389 71.90 24.49 16.24
C PRO C 389 73.37 24.72 15.97
N GLU C 390 73.84 25.91 16.36
CA GLU C 390 75.23 26.27 16.12
C GLU C 390 76.20 25.38 16.92
N GLU C 391 75.76 24.83 18.04
CA GLU C 391 76.62 23.94 18.82
C GLU C 391 76.99 22.68 18.04
N ILE C 392 76.01 22.11 17.33
CA ILE C 392 76.30 20.94 16.50
C ILE C 392 76.94 21.37 15.17
N LYS C 393 76.51 22.50 14.62
CA LYS C 393 76.98 22.92 13.30
C LYS C 393 78.47 23.18 13.30
N SER C 394 78.99 23.84 14.34
CA SER C 394 80.42 24.12 14.42
C SER C 394 81.25 22.86 14.62
N LYS C 395 80.65 21.79 15.15
CA LYS C 395 81.32 20.52 15.34
C LYS C 395 81.31 19.65 14.09
N LEU C 396 80.83 20.16 12.96
CA LEU C 396 80.74 19.37 11.75
C LEU C 396 81.42 20.08 10.59
N PRO C 397 82.04 19.32 9.68
CA PRO C 397 82.52 19.92 8.42
C PRO C 397 81.36 20.54 7.65
N LYS C 398 81.63 21.69 7.03
CA LYS C 398 80.57 22.46 6.37
C LYS C 398 79.89 21.69 5.25
N GLU C 399 80.54 20.69 4.67
CA GLU C 399 79.96 19.97 3.54
C GLU C 399 79.00 18.86 3.97
N PHE C 400 79.05 18.45 5.24
CA PHE C 400 78.22 17.35 5.71
C PHE C 400 76.76 17.75 5.89
N PHE C 401 76.46 19.05 6.00
CA PHE C 401 75.09 19.54 6.12
C PHE C 401 74.73 20.47 4.95
N ASP C 402 75.39 20.29 3.80
CA ASP C 402 75.13 21.08 2.60
C ASP C 402 74.27 20.23 1.66
N TYR C 403 73.01 20.62 1.51
CA TYR C 403 72.04 19.88 0.70
C TYR C 403 71.97 20.38 -0.74
N SER C 404 72.82 21.35 -1.11
CA SER C 404 72.67 22.03 -2.40
C SER C 404 72.68 21.05 -3.57
N ASP C 405 73.60 20.09 -3.57
CA ASP C 405 73.73 19.18 -4.70
C ASP C 405 72.76 18.01 -4.64
N ASP C 406 71.87 17.97 -3.64
CA ASP C 406 70.95 16.85 -3.47
C ASP C 406 69.51 17.20 -3.84
N LEU C 407 69.25 18.42 -4.32
CA LEU C 407 67.90 18.93 -4.49
C LEU C 407 67.24 18.46 -5.79
N ALA C 408 67.91 17.66 -6.60
CA ALA C 408 67.34 17.13 -7.82
C ALA C 408 67.27 15.60 -7.80
N GLU C 409 67.41 14.99 -6.63
CA GLU C 409 67.38 13.54 -6.50
C GLU C 409 66.21 13.06 -5.66
N PHE C 410 65.15 13.84 -5.55
CA PHE C 410 63.93 13.37 -4.91
C PHE C 410 63.27 12.30 -5.76
N THR C 411 62.54 11.41 -5.10
CA THR C 411 61.70 10.42 -5.78
C THR C 411 60.32 10.39 -5.15
N TYR C 412 59.32 10.15 -6.00
CA TYR C 412 57.92 10.17 -5.58
C TYR C 412 57.18 9.17 -6.49
N GLU C 413 56.82 8.03 -5.93
CA GLU C 413 56.24 6.93 -6.70
C GLU C 413 55.09 6.30 -5.93
N PRO C 414 54.14 5.67 -6.64
CA PRO C 414 53.05 4.96 -5.94
C PRO C 414 53.30 3.46 -5.88
N SER C 415 52.70 2.81 -4.89
CA SER C 415 52.83 1.37 -4.72
C SER C 415 51.49 0.80 -4.29
N ILE C 416 51.40 -0.53 -4.33
CA ILE C 416 50.18 -1.24 -4.01
C ILE C 416 50.54 -2.53 -3.30
N LYS C 417 49.64 -3.01 -2.45
CA LYS C 417 49.86 -4.22 -1.68
C LYS C 417 48.56 -5.00 -1.60
N GLY C 418 48.58 -6.27 -2.01
CA GLY C 418 47.42 -7.12 -1.87
C GLY C 418 47.22 -7.51 -0.42
N ARG C 419 46.05 -7.21 0.14
CA ARG C 419 45.83 -7.46 1.56
C ARG C 419 45.78 -8.95 1.89
N ASN C 420 45.57 -9.81 0.89
CA ASN C 420 45.52 -11.25 1.12
C ASN C 420 46.86 -11.91 0.84
N SER C 421 47.48 -11.58 -0.30
CA SER C 421 48.73 -12.21 -0.70
C SER C 421 49.95 -11.55 -0.07
N ARG C 422 49.82 -10.31 0.39
CA ARG C 422 50.88 -9.47 0.94
C ARG C 422 51.88 -9.03 -0.11
N ALA C 423 51.69 -9.38 -1.38
CA ALA C 423 52.65 -8.97 -2.39
C ALA C 423 52.53 -7.47 -2.65
N THR C 424 53.68 -6.81 -2.74
CA THR C 424 53.76 -5.38 -2.97
C THR C 424 54.30 -5.12 -4.37
N TRP C 425 53.74 -4.13 -5.03
CA TRP C 425 54.14 -3.79 -6.39
C TRP C 425 54.26 -2.28 -6.51
N LYS C 426 55.25 -1.82 -7.27
CA LYS C 426 55.31 -0.44 -7.68
C LYS C 426 54.34 -0.22 -8.83
N ILE C 427 53.63 0.91 -8.81
CA ILE C 427 52.65 1.22 -9.84
C ILE C 427 53.35 2.00 -10.94
N ASP C 428 53.54 1.35 -12.09
CA ASP C 428 54.35 1.92 -13.15
C ASP C 428 53.59 3.03 -13.90
N GLY C 429 54.34 3.78 -14.69
CA GLY C 429 53.78 4.80 -15.57
C GLY C 429 53.40 6.10 -14.88
N SER C 430 53.79 6.30 -13.63
CA SER C 430 53.38 7.49 -12.90
C SER C 430 54.13 8.72 -13.37
N THR C 431 53.46 9.87 -13.26
CA THR C 431 54.07 11.17 -13.49
C THR C 431 54.15 11.89 -12.16
N SER C 432 55.32 12.46 -11.84
CA SER C 432 55.52 13.13 -10.57
C SER C 432 56.40 14.35 -10.76
N ASN C 433 56.43 15.21 -9.75
CA ASN C 433 57.16 16.46 -9.80
C ASN C 433 57.34 17.00 -8.39
N VAL C 434 58.58 17.26 -8.00
CA VAL C 434 58.92 17.74 -6.66
C VAL C 434 59.62 19.09 -6.78
N GLU C 435 59.18 20.06 -5.98
CA GLU C 435 59.71 21.41 -6.02
C GLU C 435 60.21 21.82 -4.63
N VAL C 436 61.31 22.56 -4.60
CA VAL C 436 61.82 23.21 -3.39
C VAL C 436 61.33 24.65 -3.43
N VAL C 437 60.50 25.03 -2.46
CA VAL C 437 59.70 26.25 -2.53
C VAL C 437 60.08 27.17 -1.37
N ASN C 438 60.38 28.43 -1.69
CA ASN C 438 60.70 29.44 -0.69
C ASN C 438 59.43 29.79 0.08
N LYS C 439 59.24 29.16 1.24
CA LYS C 439 58.03 29.39 2.04
C LYS C 439 58.02 30.79 2.63
N LYS C 440 59.03 31.13 3.43
CA LYS C 440 59.13 32.46 4.01
C LYS C 440 60.58 32.71 4.40
N ALA C 441 60.97 33.98 4.36
CA ALA C 441 62.33 34.39 4.70
C ALA C 441 63.35 33.66 3.83
N ASN C 442 64.16 32.81 4.47
CA ASN C 442 65.13 31.98 3.77
C ASN C 442 64.82 30.49 3.94
N LEU C 443 63.60 30.16 4.35
CA LEU C 443 63.22 28.79 4.61
C LEU C 443 62.56 28.18 3.38
N TYR C 444 62.90 26.94 3.09
CA TYR C 444 62.40 26.23 1.91
C TYR C 444 61.75 24.93 2.35
N LYS C 445 60.53 24.68 1.86
CA LYS C 445 59.84 23.42 2.06
C LYS C 445 59.94 22.57 0.81
N ILE C 446 59.67 21.28 0.96
CA ILE C 446 59.72 20.33 -0.14
C ILE C 446 58.31 19.84 -0.43
N GLU C 447 57.84 20.09 -1.64
CA GLU C 447 56.49 19.75 -2.07
C GLU C 447 56.53 18.90 -3.33
N GLY C 448 55.59 17.96 -3.43
CA GLY C 448 55.51 17.09 -4.59
C GLY C 448 54.08 16.86 -5.03
N GLU C 449 53.91 16.63 -6.32
CA GLU C 449 52.64 16.20 -6.89
C GLU C 449 52.87 14.96 -7.73
N MET C 450 51.84 14.11 -7.83
CA MET C 450 51.95 12.88 -8.59
C MET C 450 50.63 12.51 -9.23
N SER C 451 50.68 12.07 -10.48
CA SER C 451 49.56 11.49 -11.20
C SER C 451 49.89 10.06 -11.56
N PHE C 452 48.96 9.14 -11.27
CA PHE C 452 49.16 7.75 -11.68
C PHE C 452 47.81 7.07 -11.82
N SER C 453 47.82 5.95 -12.53
CA SER C 453 46.63 5.15 -12.74
C SER C 453 46.92 3.71 -12.35
N VAL C 454 45.84 2.99 -12.02
CA VAL C 454 45.93 1.60 -11.58
C VAL C 454 45.16 0.76 -12.59
N GLN C 455 45.87 -0.11 -13.30
CA GLN C 455 45.26 -1.17 -14.12
C GLN C 455 45.36 -2.44 -13.30
N ILE C 456 44.26 -2.84 -12.67
CA ILE C 456 44.33 -3.91 -11.69
C ILE C 456 44.80 -5.22 -12.31
N ASN C 457 44.60 -5.42 -13.63
CA ASN C 457 45.04 -6.66 -14.28
C ASN C 457 46.54 -6.84 -14.25
N ASP C 458 47.31 -5.76 -14.07
CA ASP C 458 48.75 -5.87 -13.93
C ASP C 458 49.16 -6.67 -12.70
N TYR C 459 48.31 -6.73 -11.68
CA TYR C 459 48.66 -7.34 -10.40
C TYR C 459 47.89 -8.62 -10.11
N ILE C 460 46.99 -9.03 -10.99
CA ILE C 460 46.26 -10.28 -10.84
C ILE C 460 47.05 -11.35 -11.59
N LEU C 461 47.72 -12.23 -10.84
CA LEU C 461 48.56 -13.26 -11.44
C LEU C 461 48.09 -14.67 -11.13
N ASP C 462 47.56 -14.90 -9.93
CA ASP C 462 46.91 -16.14 -9.60
C ASP C 462 45.40 -15.91 -9.53
N ALA C 463 44.65 -17.02 -9.58
CA ALA C 463 43.20 -16.95 -9.50
C ALA C 463 42.74 -16.33 -8.19
N ALA C 464 43.45 -16.63 -7.09
CA ALA C 464 43.08 -16.04 -5.81
C ALA C 464 43.09 -14.52 -5.87
N ASP C 465 44.00 -13.93 -6.68
CA ASP C 465 44.17 -12.49 -6.67
C ASP C 465 42.96 -11.73 -7.19
N LYS C 466 42.03 -12.41 -7.87
CA LYS C 466 40.89 -11.72 -8.47
C LYS C 466 39.95 -11.15 -7.42
N LYS C 467 39.82 -11.82 -6.28
CA LYS C 467 38.95 -11.38 -5.18
C LYS C 467 39.84 -11.03 -4.00
N GLN C 468 40.12 -9.74 -3.84
CA GLN C 468 41.11 -9.30 -2.87
C GLN C 468 40.94 -7.81 -2.63
N PRO C 469 41.22 -7.31 -1.43
CA PRO C 469 41.38 -5.87 -1.24
C PRO C 469 42.82 -5.46 -1.48
N TRP C 470 42.99 -4.25 -1.99
CA TRP C 470 44.31 -3.71 -2.28
C TRP C 470 44.47 -2.36 -1.59
N ASP C 471 45.62 -2.17 -0.97
CA ASP C 471 45.93 -0.96 -0.23
C ASP C 471 46.99 -0.17 -0.99
N ILE C 472 46.74 1.12 -1.18
CA ILE C 472 47.60 1.99 -1.98
C ILE C 472 48.52 2.76 -1.06
N ALA C 473 49.77 2.94 -1.50
CA ALA C 473 50.78 3.64 -0.73
C ALA C 473 51.56 4.55 -1.67
N THR C 474 52.36 5.43 -1.08
CA THR C 474 53.32 6.24 -1.82
C THR C 474 54.68 6.14 -1.16
N ARG C 475 55.72 6.26 -1.97
CA ARG C 475 57.10 6.20 -1.52
C ARG C 475 57.78 7.50 -1.89
N PHE C 476 58.34 8.17 -0.89
CA PHE C 476 59.00 9.46 -1.06
C PHE C 476 60.39 9.36 -0.45
N THR C 477 61.40 9.73 -1.23
CA THR C 477 62.77 9.76 -0.76
C THR C 477 63.42 11.07 -1.17
N GLY C 478 64.43 11.47 -0.42
CA GLY C 478 65.14 12.71 -0.69
C GLY C 478 65.78 13.23 0.58
N LEU C 479 66.87 13.99 0.43
CA LEU C 479 67.65 14.55 1.52
C LEU C 479 68.09 13.49 2.54
N GLY C 480 68.01 12.21 2.18
CA GLY C 480 68.37 11.15 3.09
C GLY C 480 67.23 10.46 3.79
N TYR C 481 66.01 10.97 3.67
CA TYR C 481 64.85 10.39 4.33
C TYR C 481 64.03 9.56 3.36
N THR C 482 63.37 8.52 3.88
CA THR C 482 62.49 7.67 3.09
C THR C 482 61.16 7.56 3.81
N SER C 483 60.07 7.90 3.11
CA SER C 483 58.72 7.79 3.65
C SER C 483 57.91 6.91 2.70
N HIS C 484 57.67 5.68 3.10
CA HIS C 484 56.83 4.75 2.34
C HIS C 484 55.61 4.49 3.21
N ARG C 485 54.52 5.22 2.93
CA ARG C 485 53.36 5.25 3.79
C ARG C 485 52.10 5.09 2.96
N ALA C 486 51.03 4.68 3.65
CA ALA C 486 49.74 4.55 3.00
C ALA C 486 49.23 5.89 2.47
N LEU C 487 48.63 5.84 1.29
CA LEU C 487 47.91 7.00 0.77
C LEU C 487 46.70 7.28 1.66
N THR C 488 46.37 8.57 1.81
CA THR C 488 45.35 8.98 2.75
C THR C 488 44.48 10.08 2.13
N ILE C 489 43.29 10.25 2.70
CA ILE C 489 42.36 11.31 2.32
C ILE C 489 41.52 11.66 3.54
N GLY C 490 41.15 12.93 3.64
CA GLY C 490 40.32 13.39 4.74
C GLY C 490 38.84 13.27 4.46
N LYS C 491 38.38 13.80 3.31
CA LYS C 491 36.97 13.73 2.97
C LYS C 491 36.53 12.29 2.77
N ILE C 492 35.22 12.07 2.88
CA ILE C 492 34.69 10.74 2.62
C ILE C 492 34.87 10.42 1.15
N LEU C 493 35.49 9.28 0.86
CA LEU C 493 35.68 8.81 -0.51
C LEU C 493 35.10 7.41 -0.63
N ILE C 494 34.07 7.27 -1.47
CA ILE C 494 33.48 5.98 -1.82
C ILE C 494 33.07 6.07 -3.30
N LYS C 495 33.81 5.39 -4.18
CA LYS C 495 33.46 5.37 -5.59
C LYS C 495 33.59 3.96 -6.13
N THR C 496 32.60 3.56 -6.93
CA THR C 496 32.49 2.19 -7.39
C THR C 496 32.67 2.12 -8.91
N ALA C 497 32.96 0.92 -9.39
CA ALA C 497 33.14 0.71 -10.82
C ALA C 497 32.90 -0.76 -11.14
N LEU C 498 32.32 -1.00 -12.31
CA LEU C 498 32.07 -2.34 -12.83
C LEU C 498 32.75 -2.38 -14.20
N ILE C 499 33.93 -3.00 -14.25
CA ILE C 499 34.83 -2.92 -15.39
C ILE C 499 35.17 -4.33 -15.83
N ASN C 500 34.61 -4.76 -16.96
CA ASN C 500 34.90 -6.06 -17.56
C ASN C 500 34.80 -7.19 -16.53
N ASN C 501 33.63 -7.28 -15.91
CA ASN C 501 33.29 -8.28 -14.90
C ASN C 501 34.07 -8.13 -13.61
N LYS C 502 34.75 -7.02 -13.40
CA LYS C 502 35.42 -6.72 -12.14
C LYS C 502 34.61 -5.69 -11.38
N THR C 503 34.16 -6.05 -10.19
CA THR C 503 33.60 -5.08 -9.26
C THR C 503 34.74 -4.38 -8.51
N MET C 504 34.70 -3.06 -8.47
CA MET C 504 35.81 -2.27 -7.95
C MET C 504 35.30 -1.11 -7.10
N ILE C 505 35.83 -0.99 -5.89
CA ILE C 505 35.42 0.04 -4.94
C ILE C 505 36.68 0.67 -4.37
N VAL C 506 36.89 1.95 -4.67
CA VAL C 506 37.93 2.74 -4.00
C VAL C 506 37.28 3.52 -2.87
N TYR C 507 37.90 3.47 -1.69
CA TYR C 507 37.27 4.07 -0.52
C TYR C 507 38.32 4.49 0.49
N LYS C 508 37.96 5.46 1.32
CA LYS C 508 38.69 5.76 2.53
C LYS C 508 38.23 4.78 3.61
N ASN C 509 39.15 3.95 4.10
CA ASN C 509 38.79 2.91 5.05
C ASN C 509 38.77 3.48 6.47
N ALA C 510 38.46 2.61 7.44
CA ALA C 510 38.22 3.06 8.81
C ALA C 510 39.44 3.73 9.44
N SER C 511 40.63 3.50 8.89
CA SER C 511 41.84 4.15 9.37
C SER C 511 42.14 5.45 8.64
N GLY C 512 41.33 5.81 7.65
CA GLY C 512 41.60 6.98 6.84
C GLY C 512 42.54 6.74 5.68
N LEU C 513 42.82 5.49 5.34
CA LEU C 513 43.73 5.15 4.26
C LEU C 513 42.96 4.71 3.02
N ILE C 514 43.64 4.76 1.88
CA ILE C 514 43.01 4.45 0.60
C ILE C 514 43.08 2.95 0.35
N SER C 515 41.93 2.33 0.15
CA SER C 515 41.82 0.92 -0.17
C SER C 515 41.02 0.74 -1.44
N LEU C 516 41.21 -0.41 -2.07
CA LEU C 516 40.51 -0.76 -3.29
C LEU C 516 40.02 -2.20 -3.19
N ASP C 517 38.71 -2.38 -3.05
CA ASP C 517 38.11 -3.71 -3.04
C ASP C 517 37.81 -4.14 -4.47
N VAL C 518 38.26 -5.34 -4.83
CA VAL C 518 38.01 -5.91 -6.14
C VAL C 518 37.42 -7.31 -5.94
N GLY C 519 36.22 -7.53 -6.49
CA GLY C 519 35.56 -8.81 -6.36
C GLY C 519 34.73 -8.95 -5.11
N SER C 520 34.41 -7.85 -4.42
CA SER C 520 33.58 -7.87 -3.22
C SER C 520 34.25 -8.66 -2.10
N SER C 521 35.55 -8.44 -1.92
CA SER C 521 36.26 -9.10 -0.83
C SER C 521 35.79 -8.60 0.52
N VAL C 522 35.55 -7.29 0.64
CA VAL C 522 35.20 -6.72 1.94
C VAL C 522 33.99 -5.78 1.89
N ARG C 523 33.55 -5.30 0.73
CA ARG C 523 32.43 -4.37 0.67
C ARG C 523 31.50 -4.72 -0.49
N SER C 524 30.26 -4.25 -0.36
CA SER C 524 29.19 -4.52 -1.32
C SER C 524 29.12 -3.40 -2.35
N ILE C 525 29.29 -3.76 -3.63
CA ILE C 525 29.24 -2.73 -4.66
C ILE C 525 27.84 -2.15 -4.79
N VAL C 526 26.81 -2.95 -4.51
CA VAL C 526 25.45 -2.44 -4.55
C VAL C 526 25.22 -1.44 -3.42
N GLU C 527 25.71 -1.77 -2.21
CA GLU C 527 25.61 -0.86 -1.08
C GLU C 527 26.31 0.47 -1.36
N ASP C 528 27.58 0.41 -1.79
CA ASP C 528 28.37 1.63 -1.99
C ASP C 528 27.97 2.42 -3.22
N SER C 529 27.31 1.80 -4.22
CA SER C 529 26.83 2.54 -5.38
C SER C 529 25.50 3.23 -5.11
N GLY C 530 24.71 2.72 -4.19
CA GLY C 530 23.36 3.20 -3.98
C GLY C 530 22.39 2.63 -4.99
N VAL C 531 21.11 2.66 -4.63
CA VAL C 531 20.05 2.12 -5.46
C VAL C 531 19.06 3.24 -5.79
N LYS C 532 18.71 3.36 -7.07
CA LYS C 532 17.62 4.24 -7.49
C LYS C 532 16.28 3.64 -7.11
N ARG C 533 15.85 3.89 -5.86
CA ARG C 533 14.69 3.19 -5.31
C ARG C 533 13.42 3.45 -6.10
N GLU C 534 13.26 4.66 -6.65
CA GLU C 534 12.05 4.96 -7.41
C GLU C 534 12.05 4.30 -8.78
N GLN C 535 13.23 4.03 -9.32
CA GLN C 535 13.35 3.44 -10.65
C GLN C 535 13.43 1.92 -10.62
N ILE C 536 12.97 1.30 -9.54
CA ILE C 536 12.93 -0.17 -9.45
C ILE C 536 11.72 -0.66 -10.25
N LEU C 537 11.97 -1.50 -11.25
CA LEU C 537 10.93 -2.00 -12.14
C LEU C 537 10.49 -3.39 -11.70
N ILE C 538 9.18 -3.58 -11.59
CA ILE C 538 8.59 -4.84 -11.18
C ILE C 538 7.74 -5.36 -12.34
N ASP C 539 8.18 -6.45 -12.96
CA ASP C 539 7.46 -7.10 -14.04
C ASP C 539 7.02 -8.48 -13.52
N LYS C 540 5.82 -8.52 -12.94
CA LYS C 540 5.35 -9.76 -12.31
C LYS C 540 5.03 -10.83 -13.35
N THR C 541 4.56 -10.43 -14.53
CA THR C 541 4.26 -11.42 -15.56
C THR C 541 5.54 -12.03 -16.14
N SER C 542 6.66 -11.33 -16.03
CA SER C 542 7.96 -11.89 -16.41
C SER C 542 8.75 -12.39 -15.22
N GLY C 543 8.41 -11.96 -14.01
CA GLY C 543 9.15 -12.35 -12.82
C GLY C 543 10.44 -11.62 -12.61
N LYS C 544 10.72 -10.58 -13.39
CA LYS C 544 11.97 -9.86 -13.31
C LYS C 544 11.80 -8.59 -12.47
N VAL C 545 12.68 -8.42 -11.49
CA VAL C 545 12.79 -7.19 -10.72
C VAL C 545 14.12 -6.55 -11.10
N THR C 546 14.07 -5.32 -11.60
CA THR C 546 15.24 -4.59 -12.04
C THR C 546 15.56 -3.50 -11.03
N ILE C 547 16.78 -3.51 -10.50
CA ILE C 547 17.22 -2.58 -9.48
C ILE C 547 18.41 -1.80 -10.03
N PRO C 548 18.20 -0.60 -10.55
CA PRO C 548 19.31 0.17 -11.12
C PRO C 548 20.24 0.68 -10.04
N LEU C 549 21.55 0.68 -10.33
CA LEU C 549 22.52 1.25 -9.41
C LEU C 549 22.65 2.75 -9.64
N ASN C 550 22.90 3.47 -8.55
CA ASN C 550 22.85 4.93 -8.58
C ASN C 550 24.11 5.53 -9.22
N GLU C 551 25.19 5.62 -8.46
CA GLU C 551 26.46 6.16 -8.95
C GLU C 551 27.44 5.01 -9.10
N ILE C 552 27.97 4.85 -10.32
CA ILE C 552 28.92 3.79 -10.61
C ILE C 552 29.47 3.96 -12.02
N HIS C 553 30.78 3.86 -12.16
CA HIS C 553 31.43 3.92 -13.47
C HIS C 553 31.41 2.53 -14.10
N VAL C 554 30.87 2.43 -15.31
CA VAL C 554 30.68 1.18 -16.01
C VAL C 554 31.49 1.19 -17.30
N PHE C 555 32.36 0.20 -17.47
CA PHE C 555 33.17 0.07 -18.67
C PHE C 555 33.08 -1.36 -19.18
N GLY C 556 32.76 -1.51 -20.45
CA GLY C 556 32.61 -2.83 -21.04
C GLY C 556 31.33 -3.51 -20.59
N GLU C 557 31.15 -4.74 -21.08
CA GLU C 557 30.00 -5.55 -20.71
C GLU C 557 30.34 -6.43 -19.52
N SER C 558 29.36 -6.62 -18.64
CA SER C 558 29.58 -7.40 -17.43
C SER C 558 28.35 -8.22 -17.13
N LEU C 559 28.59 -9.46 -16.67
CA LEU C 559 27.52 -10.33 -16.20
C LEU C 559 28.09 -11.13 -15.04
N ILE C 560 27.60 -10.85 -13.84
CA ILE C 560 28.06 -11.51 -12.63
C ILE C 560 26.86 -12.16 -11.97
N GLU C 561 26.84 -13.49 -11.94
CA GLU C 561 25.74 -14.23 -11.32
C GLU C 561 25.80 -14.11 -9.81
N GLY C 562 24.64 -14.11 -9.19
CA GLY C 562 24.54 -14.09 -7.74
C GLY C 562 23.18 -14.58 -7.34
N ASN C 563 22.67 -14.04 -6.24
CA ASN C 563 21.33 -14.40 -5.81
C ASN C 563 20.78 -13.29 -4.92
N ALA C 564 19.53 -13.46 -4.50
CA ALA C 564 18.87 -12.51 -3.63
C ALA C 564 17.97 -13.29 -2.68
N GLU C 565 17.52 -12.59 -1.65
CA GLU C 565 16.67 -13.18 -0.62
C GLU C 565 15.44 -12.31 -0.45
N LEU C 566 14.27 -12.88 -0.69
CA LEU C 566 13.00 -12.27 -0.37
C LEU C 566 12.56 -12.71 1.03
N LYS C 567 12.03 -11.77 1.80
CA LYS C 567 11.49 -12.12 3.10
C LYS C 567 10.18 -11.36 3.31
N PRO C 568 9.09 -12.04 3.63
CA PRO C 568 7.83 -11.33 3.88
C PRO C 568 7.96 -10.37 5.05
N VAL C 569 7.55 -9.12 4.82
CA VAL C 569 7.62 -8.09 5.85
C VAL C 569 6.64 -8.42 6.97
N GLY C 570 7.11 -8.32 8.21
CA GLY C 570 6.27 -8.59 9.36
C GLY C 570 6.28 -10.01 9.86
N ILE C 571 6.99 -10.91 9.19
CA ILE C 571 7.16 -12.30 9.63
C ILE C 571 8.65 -12.50 9.82
N SER C 572 9.13 -12.26 11.05
CA SER C 572 10.57 -12.20 11.28
C SER C 572 11.22 -13.57 11.14
N ASP C 573 10.58 -14.60 11.67
CA ASP C 573 11.11 -15.96 11.65
C ASP C 573 11.04 -16.62 10.27
N ALA C 574 10.57 -15.92 9.25
CA ALA C 574 10.35 -16.53 7.95
C ALA C 574 11.67 -16.94 7.30
N ASP C 575 11.64 -18.07 6.60
CA ASP C 575 12.82 -18.47 5.84
C ASP C 575 13.07 -17.47 4.73
N PRO C 576 14.32 -17.19 4.40
CA PRO C 576 14.58 -16.39 3.19
C PRO C 576 14.14 -17.17 1.97
N ILE C 577 13.57 -16.45 1.01
CA ILE C 577 13.17 -17.04 -0.26
C ILE C 577 14.34 -16.82 -1.21
N ASN C 578 15.06 -17.90 -1.50
CA ASN C 578 16.25 -17.78 -2.33
C ASN C 578 15.86 -17.70 -3.80
N VAL C 579 16.39 -16.70 -4.49
CA VAL C 579 16.08 -16.51 -5.93
C VAL C 579 17.34 -16.05 -6.64
N LYS C 580 17.39 -16.23 -7.95
CA LYS C 580 18.56 -15.86 -8.74
C LYS C 580 18.64 -14.35 -8.95
N ALA C 581 19.88 -13.85 -9.02
CA ALA C 581 20.12 -12.44 -9.32
C ALA C 581 21.39 -12.33 -10.13
N LYS C 582 21.48 -11.28 -10.93
CA LYS C 582 22.69 -11.00 -11.67
C LYS C 582 22.95 -9.50 -11.71
N LEU C 583 24.21 -9.13 -11.55
CA LEU C 583 24.67 -7.77 -11.75
C LEU C 583 25.09 -7.61 -13.20
N ILE C 584 24.50 -6.62 -13.88
CA ILE C 584 24.69 -6.44 -15.32
C ILE C 584 25.35 -5.10 -15.56
N GLY C 585 26.41 -5.12 -16.37
CA GLY C 585 27.00 -3.91 -16.90
C GLY C 585 26.75 -3.82 -18.39
N GLU C 586 25.95 -2.85 -18.82
CA GLU C 586 25.53 -2.75 -20.21
C GLU C 586 25.25 -1.30 -20.54
N ALA C 587 25.77 -0.84 -21.69
CA ALA C 587 25.54 0.52 -22.16
C ALA C 587 25.95 1.56 -21.11
N ASN C 588 27.04 1.27 -20.40
CA ASN C 588 27.63 2.15 -19.39
C ASN C 588 26.68 2.45 -18.23
N LYS C 589 25.70 1.59 -18.00
CA LYS C 589 24.88 1.63 -16.80
C LYS C 589 24.96 0.27 -16.12
N ALA C 590 24.62 0.23 -14.84
CA ALA C 590 24.68 -0.98 -14.05
C ALA C 590 23.32 -1.23 -13.40
N ARG C 591 22.92 -2.50 -13.35
CA ARG C 591 21.68 -2.88 -12.70
C ARG C 591 21.84 -4.27 -12.12
N VAL C 592 21.01 -4.58 -11.13
CA VAL C 592 20.84 -5.94 -10.63
C VAL C 592 19.46 -6.40 -11.06
N GLU C 593 19.40 -7.52 -11.77
CA GLU C 593 18.14 -8.14 -12.16
C GLU C 593 17.88 -9.33 -11.25
N VAL C 594 16.76 -9.29 -10.55
CA VAL C 594 16.35 -10.34 -9.63
C VAL C 594 15.24 -11.13 -10.32
N LEU C 595 15.46 -12.42 -10.51
CA LEU C 595 14.49 -13.30 -11.21
C LEU C 595 13.63 -14.05 -10.20
N LEU C 596 12.34 -13.73 -10.14
CA LEU C 596 11.43 -14.39 -9.20
C LEU C 596 11.15 -15.84 -9.58
N GLY C 597 11.29 -16.19 -10.86
CA GLY C 597 11.15 -17.58 -11.28
C GLY C 597 9.77 -18.14 -10.97
N ASP C 598 9.75 -19.34 -10.39
CA ASP C 598 8.50 -20.02 -10.08
C ASP C 598 7.97 -19.69 -8.70
N GLU C 599 8.69 -18.89 -7.92
CA GLU C 599 8.16 -18.41 -6.66
C GLU C 599 6.91 -17.57 -6.90
N LYS C 600 5.81 -17.94 -6.27
CA LYS C 600 4.57 -17.18 -6.34
C LYS C 600 4.42 -16.37 -5.06
N LEU C 601 4.36 -15.04 -5.20
CA LEU C 601 4.48 -14.12 -4.08
C LEU C 601 3.36 -13.10 -4.14
N SER C 602 2.88 -12.71 -2.97
CA SER C 602 1.85 -11.67 -2.85
C SER C 602 2.07 -10.90 -1.56
N GLY C 603 2.19 -9.59 -1.66
CA GLY C 603 2.36 -8.77 -0.49
C GLY C 603 3.70 -8.05 -0.44
N GLU C 604 4.08 -7.53 0.72
CA GLU C 604 5.34 -6.82 0.87
C GLU C 604 6.46 -7.78 1.20
N TYR C 605 7.64 -7.53 0.63
CA TYR C 605 8.81 -8.37 0.82
C TYR C 605 10.06 -7.52 0.94
N HIS C 606 10.89 -7.83 1.94
CA HIS C 606 12.26 -7.33 1.94
C HIS C 606 13.04 -7.99 0.82
N LEU C 607 13.91 -7.24 0.17
CA LEU C 607 14.77 -7.78 -0.88
C LEU C 607 16.21 -7.41 -0.57
N VAL C 608 17.06 -8.43 -0.44
CA VAL C 608 18.48 -8.24 -0.19
C VAL C 608 19.25 -8.96 -1.31
N THR C 609 19.94 -8.20 -2.14
CA THR C 609 20.83 -8.80 -3.13
C THR C 609 22.09 -9.34 -2.46
N ASN C 610 22.61 -10.43 -3.02
CA ASN C 610 23.83 -11.08 -2.52
C ASN C 610 24.71 -11.35 -3.74
N ILE C 611 25.53 -10.37 -4.10
CA ILE C 611 26.45 -10.47 -5.22
C ILE C 611 27.85 -10.74 -4.66
N GLN C 612 28.47 -11.83 -5.10
CA GLN C 612 29.84 -12.17 -4.71
C GLN C 612 30.01 -12.28 -3.20
N GLY C 613 28.97 -12.73 -2.48
CA GLY C 613 29.07 -13.02 -1.07
C GLY C 613 28.85 -11.84 -0.14
N LYS C 614 28.58 -10.66 -0.66
CA LYS C 614 28.34 -9.46 0.14
C LYS C 614 26.90 -9.02 -0.03
N LYS C 615 26.19 -8.83 1.07
CA LYS C 615 24.81 -8.37 1.01
C LYS C 615 24.76 -6.86 1.05
N ASP C 616 23.72 -6.29 0.44
CA ASP C 616 23.56 -4.85 0.54
C ASP C 616 22.80 -4.50 1.82
N LYS C 617 22.82 -3.22 2.17
CA LYS C 617 22.08 -2.71 3.31
C LYS C 617 21.10 -1.62 2.87
N GLN C 618 20.62 -1.71 1.63
CA GLN C 618 19.74 -0.69 1.06
C GLN C 618 18.30 -0.79 1.56
N GLN C 619 17.95 -1.87 2.27
CA GLN C 619 16.61 -2.04 2.84
C GLN C 619 15.52 -1.92 1.78
N ILE C 620 15.77 -2.51 0.61
CA ILE C 620 14.78 -2.51 -0.46
C ILE C 620 13.54 -3.29 -0.02
N LYS C 621 12.37 -2.74 -0.31
CA LYS C 621 11.10 -3.43 -0.14
C LYS C 621 10.30 -3.32 -1.43
N ILE C 622 9.73 -4.43 -1.87
CA ILE C 622 8.91 -4.45 -3.07
C ILE C 622 7.56 -5.05 -2.73
N THR C 623 6.54 -4.64 -3.46
CA THR C 623 5.20 -5.18 -3.32
C THR C 623 4.89 -6.04 -4.54
N LEU C 624 4.45 -7.27 -4.30
CA LEU C 624 4.14 -8.20 -5.38
C LEU C 624 2.71 -8.68 -5.24
N ASP D 19 20.97 39.07 58.60
CA ASP D 19 20.76 39.34 57.19
C ASP D 19 21.50 38.35 56.31
N ILE D 20 20.79 37.38 55.76
CA ILE D 20 21.40 36.34 54.94
C ILE D 20 21.58 36.86 53.51
N LYS D 21 22.81 36.83 53.03
CA LYS D 21 23.09 37.33 51.69
C LYS D 21 22.73 36.31 50.61
N ILE D 22 23.00 35.03 50.86
CA ILE D 22 22.86 34.00 49.84
C ILE D 22 22.18 32.79 50.46
N SER D 23 21.17 32.26 49.77
CA SER D 23 20.54 30.99 50.11
C SER D 23 20.88 29.99 49.01
N VAL D 24 21.46 28.86 49.41
CA VAL D 24 21.87 27.81 48.48
C VAL D 24 20.77 26.75 48.44
N VAL D 25 20.08 26.65 47.32
CA VAL D 25 19.01 25.68 47.15
C VAL D 25 19.59 24.44 46.47
N VAL D 26 19.54 23.30 47.16
CA VAL D 26 20.11 22.07 46.65
C VAL D 26 19.07 20.95 46.71
N PRO D 27 18.49 20.54 45.59
CA PRO D 27 17.61 19.37 45.58
C PRO D 27 18.42 18.09 45.39
N THR D 28 18.06 17.07 46.17
CA THR D 28 18.79 15.81 46.18
C THR D 28 17.86 14.65 45.87
N TYR D 29 18.37 13.67 45.13
CA TYR D 29 17.65 12.42 44.90
C TYR D 29 18.67 11.32 44.67
N ASN D 30 18.80 10.41 45.64
CA ASN D 30 19.74 9.31 45.57
C ASN D 30 21.14 9.82 45.24
N THR D 31 21.56 10.86 45.97
CA THR D 31 22.82 11.54 45.69
C THR D 31 24.00 10.63 45.98
N GLU D 32 24.96 10.62 45.06
CA GLU D 32 26.22 9.90 45.25
C GLU D 32 26.98 10.50 46.42
N LEU D 33 27.33 9.65 47.40
CA LEU D 33 27.87 10.14 48.67
C LEU D 33 29.12 11.01 48.46
N GLU D 34 30.05 10.54 47.61
CA GLU D 34 31.26 11.31 47.38
C GLU D 34 30.95 12.68 46.77
N GLY D 35 30.05 12.72 45.79
CA GLY D 35 29.64 13.99 45.23
C GLY D 35 28.96 14.90 46.25
N LEU D 36 28.19 14.30 47.16
CA LEU D 36 27.54 15.08 48.25
C LEU D 36 28.63 15.61 49.19
N LYS D 37 29.74 14.88 49.34
CA LYS D 37 30.83 15.32 50.20
C LYS D 37 31.58 16.48 49.58
N ASN D 38 31.84 16.43 48.28
CA ASN D 38 32.53 17.52 47.62
C ASN D 38 31.68 18.77 47.56
N LEU D 39 30.35 18.61 47.47
CA LEU D 39 29.47 19.77 47.49
C LEU D 39 29.59 20.52 48.82
N MET D 40 29.44 19.80 49.93
CA MET D 40 29.51 20.44 51.25
C MET D 40 30.87 21.07 51.49
N ALA D 41 31.95 20.42 51.04
CA ALA D 41 33.28 20.99 51.17
C ALA D 41 33.41 22.27 50.37
N SER D 42 32.83 22.31 49.15
CA SER D 42 32.92 23.51 48.34
C SER D 42 32.12 24.66 48.95
N ILE D 43 31.09 24.34 49.74
CA ILE D 43 30.33 25.38 50.43
C ILE D 43 31.07 25.84 51.68
N ASP D 44 31.59 24.88 52.47
CA ASP D 44 32.31 25.22 53.68
C ASP D 44 33.54 26.07 53.40
N LYS D 45 34.18 25.89 52.25
CA LYS D 45 35.39 26.63 51.91
C LYS D 45 35.09 27.94 51.20
N GLN D 46 33.93 28.54 51.43
CA GLN D 46 33.62 29.84 50.87
C GLN D 46 34.26 30.96 51.69
N THR D 47 34.72 32.01 51.01
CA THR D 47 35.34 33.12 51.71
C THR D 47 34.32 33.94 52.49
N MET D 48 33.08 34.01 52.01
CA MET D 48 32.02 34.68 52.75
C MET D 48 31.79 34.00 54.09
N ASN D 49 31.45 34.80 55.09
CA ASN D 49 31.26 34.27 56.44
C ASN D 49 30.14 33.24 56.46
N PRO D 50 30.27 32.17 57.25
CA PRO D 50 29.22 31.13 57.27
C PRO D 50 27.89 31.61 57.81
N ASP D 51 27.86 32.67 58.62
CA ASP D 51 26.61 33.21 59.13
C ASP D 51 25.96 34.21 58.19
N GLU D 52 26.54 34.45 57.02
CA GLU D 52 25.96 35.34 56.02
C GLU D 52 25.39 34.58 54.82
N TYR D 53 25.44 33.25 54.83
CA TYR D 53 24.75 32.47 53.81
C TYR D 53 23.96 31.35 54.48
N GLU D 54 23.11 30.73 53.68
CA GLU D 54 22.11 29.77 54.16
C GLU D 54 22.14 28.54 53.25
N LEU D 55 21.89 27.38 53.85
CA LEU D 55 21.83 26.12 53.11
C LEU D 55 20.43 25.55 53.25
N VAL D 56 19.73 25.43 52.12
CA VAL D 56 18.36 24.90 52.10
C VAL D 56 18.37 23.69 51.18
N PHE D 57 18.39 22.50 51.77
CA PHE D 57 18.32 21.25 51.04
C PHE D 57 16.91 20.69 51.11
N VAL D 58 16.41 20.21 49.97
CA VAL D 58 15.14 19.50 49.91
C VAL D 58 15.36 18.18 49.20
N ASP D 59 15.18 17.07 49.92
CA ASP D 59 15.33 15.74 49.37
C ASP D 59 14.03 15.31 48.71
N ASP D 60 14.11 14.96 47.42
CA ASP D 60 12.93 14.66 46.61
C ASP D 60 12.55 13.17 46.74
N GLY D 61 12.33 12.76 47.99
CA GLY D 61 11.88 11.41 48.30
C GLY D 61 12.82 10.30 47.88
N SER D 62 14.12 10.47 48.19
CA SER D 62 15.11 9.50 47.74
C SER D 62 14.94 8.18 48.48
N THR D 63 15.30 7.10 47.79
CA THR D 63 15.16 5.76 48.35
C THR D 63 16.39 5.29 49.09
N THR D 64 17.52 5.96 48.92
CA THR D 64 18.72 5.63 49.67
C THR D 64 18.69 6.40 50.99
N ASP D 65 19.82 6.40 51.72
CA ASP D 65 19.92 7.12 52.98
C ASP D 65 20.35 8.57 52.80
N THR D 66 20.00 9.17 51.65
CA THR D 66 20.41 10.55 51.38
C THR D 66 19.82 11.52 52.39
N TYR D 67 18.54 11.35 52.73
CA TYR D 67 17.92 12.27 53.69
C TYR D 67 18.52 12.14 55.07
N GLU D 68 18.73 10.92 55.54
CA GLU D 68 19.37 10.71 56.84
C GLU D 68 20.80 11.25 56.84
N ARG D 69 21.51 11.08 55.72
CA ARG D 69 22.85 11.63 55.62
C ARG D 69 22.82 13.16 55.64
N LEU D 70 21.81 13.77 55.00
CA LEU D 70 21.69 15.22 55.04
C LEU D 70 21.41 15.72 56.45
N GLN D 71 20.50 15.05 57.16
CA GLN D 71 20.29 15.39 58.57
C GLN D 71 21.56 15.22 59.37
N GLU D 72 22.40 14.25 58.99
CA GLU D 72 23.68 14.06 59.67
C GLU D 72 24.59 15.27 59.45
N PHE D 73 24.64 15.78 58.21
CA PHE D 73 25.36 17.02 57.94
C PHE D 73 24.73 18.19 58.69
N ALA D 74 23.41 18.18 58.85
CA ALA D 74 22.70 19.30 59.47
C ALA D 74 22.97 19.39 60.97
N GLU D 75 23.40 18.30 61.61
CA GLU D 75 23.69 18.35 63.04
C GLU D 75 24.86 19.27 63.34
N THR D 76 25.70 19.59 62.36
CA THR D 76 26.87 20.42 62.56
C THR D 76 26.70 21.85 62.06
N ARG D 77 25.82 22.08 61.08
CA ARG D 77 25.66 23.41 60.48
C ARG D 77 24.34 24.01 60.93
N PRO D 78 24.35 25.12 61.69
CA PRO D 78 23.09 25.73 62.11
C PRO D 78 22.39 26.53 61.02
N ASN D 79 23.09 26.92 59.96
CA ASN D 79 22.49 27.64 58.84
C ASN D 79 22.03 26.70 57.73
N MET D 80 21.90 25.40 58.03
CA MET D 80 21.53 24.41 57.03
C MET D 80 20.17 23.81 57.39
N THR D 81 19.24 23.87 56.43
CA THR D 81 17.91 23.32 56.58
C THR D 81 17.72 22.14 55.63
N VAL D 82 17.13 21.07 56.13
CA VAL D 82 16.86 19.88 55.34
C VAL D 82 15.38 19.54 55.45
N LYS D 83 14.78 19.11 54.34
CA LYS D 83 13.39 18.72 54.31
C LYS D 83 13.20 17.69 53.21
N GLN D 84 12.28 16.75 53.43
CA GLN D 84 11.98 15.72 52.46
C GLN D 84 10.51 15.82 52.03
N ILE D 85 10.29 15.71 50.72
CA ILE D 85 8.96 15.63 50.14
C ILE D 85 8.84 14.29 49.43
N GLU D 86 7.63 13.94 49.03
CA GLU D 86 7.45 12.78 48.18
C GLU D 86 8.05 13.03 46.81
N ASN D 87 8.49 11.95 46.15
CA ASN D 87 9.23 12.07 44.91
C ASN D 87 8.38 12.72 43.82
N SER D 88 8.87 13.84 43.28
CA SER D 88 8.23 14.52 42.17
C SER D 88 8.78 14.13 40.82
N GLY D 89 9.98 13.53 40.77
CA GLY D 89 10.54 13.02 39.53
C GLY D 89 11.45 13.97 38.79
N TRP D 90 11.72 15.16 39.32
CA TRP D 90 12.55 16.14 38.65
C TRP D 90 13.01 17.15 39.70
N GLY D 91 13.85 18.09 39.27
CA GLY D 91 14.33 19.11 40.17
C GLY D 91 13.42 20.31 40.36
N SER D 92 12.38 20.44 39.55
CA SER D 92 11.57 21.66 39.57
C SER D 92 10.90 21.86 40.92
N ARG D 93 10.09 20.88 41.34
CA ARG D 93 9.32 21.05 42.59
C ARG D 93 10.22 21.25 43.81
N PRO D 94 11.27 20.44 44.04
CA PRO D 94 12.12 20.70 45.22
C PRO D 94 12.80 22.07 45.21
N ARG D 95 13.20 22.57 44.03
CA ARG D 95 13.70 23.93 43.96
C ARG D 95 12.62 24.95 44.32
N ASN D 96 11.41 24.75 43.76
CA ASN D 96 10.30 25.65 44.07
C ASN D 96 9.96 25.64 45.55
N ILE D 97 9.92 24.45 46.15
CA ILE D 97 9.57 24.35 47.56
C ILE D 97 10.68 24.93 48.43
N ALA D 98 11.94 24.75 48.03
CA ALA D 98 13.04 25.30 48.79
C ALA D 98 13.11 26.82 48.67
N THR D 99 12.74 27.36 47.51
CA THR D 99 12.78 28.80 47.31
C THR D 99 11.82 29.53 48.25
N LYS D 100 10.64 28.96 48.48
CA LYS D 100 9.70 29.58 49.41
C LYS D 100 10.08 29.35 50.87
N MET D 101 11.21 28.70 51.14
CA MET D 101 11.77 28.62 52.47
C MET D 101 12.97 29.53 52.68
N ALA D 102 13.61 29.95 51.59
CA ALA D 102 14.84 30.73 51.67
C ALA D 102 14.58 32.09 52.30
N LYS D 103 15.62 32.61 52.97
CA LYS D 103 15.59 33.94 53.56
C LYS D 103 16.62 34.89 52.98
N GLY D 104 17.57 34.39 52.19
CA GLY D 104 18.63 35.24 51.67
C GLY D 104 18.18 36.18 50.58
N GLU D 105 19.01 37.17 50.31
CA GLU D 105 18.74 38.12 49.23
C GLU D 105 18.85 37.45 47.86
N TYR D 106 19.88 36.61 47.69
CA TYR D 106 20.11 35.91 46.42
C TYR D 106 20.04 34.41 46.64
N ILE D 107 19.50 33.72 45.64
CA ILE D 107 19.39 32.27 45.64
C ILE D 107 20.26 31.71 44.52
N LEU D 108 21.06 30.70 44.85
CA LEU D 108 21.79 29.91 43.87
C LEU D 108 21.18 28.52 43.83
N TYR D 109 20.88 28.04 42.63
CA TYR D 109 20.40 26.68 42.46
C TYR D 109 21.61 25.79 42.18
N LEU D 110 21.99 25.01 43.19
CA LEU D 110 23.12 24.10 43.12
C LEU D 110 22.58 22.68 43.06
N ASP D 111 23.05 21.90 42.10
CA ASP D 111 22.62 20.52 41.93
C ASP D 111 23.51 19.59 42.74
N HIS D 112 22.96 18.42 43.08
CA HIS D 112 23.53 17.56 44.11
C HIS D 112 24.85 16.91 43.70
N ASP D 113 25.31 17.11 42.46
CA ASP D 113 26.55 16.50 41.96
C ASP D 113 27.54 17.54 41.45
N ASP D 114 27.33 18.82 41.77
CA ASP D 114 28.19 19.90 41.32
C ASP D 114 28.85 20.57 42.52
N THR D 115 29.77 21.49 42.23
CA THR D 115 30.51 22.19 43.26
C THR D 115 30.58 23.67 42.92
N VAL D 116 31.07 24.45 43.88
CA VAL D 116 31.19 25.89 43.76
C VAL D 116 32.63 26.28 44.10
N PHE D 117 33.17 27.26 43.38
CA PHE D 117 34.51 27.75 43.62
C PHE D 117 34.55 28.59 44.91
N PRO D 118 35.72 28.75 45.52
CA PRO D 118 35.76 29.24 46.91
C PRO D 118 35.39 30.72 47.08
N GLU D 119 35.63 31.56 46.08
CA GLU D 119 35.36 32.99 46.21
C GLU D 119 34.04 33.40 45.56
N THR D 120 33.18 32.43 45.23
CA THR D 120 32.00 32.71 44.44
C THR D 120 30.99 33.56 45.20
N PHE D 121 30.64 33.14 46.42
CA PHE D 121 29.63 33.85 47.19
C PHE D 121 30.00 35.32 47.37
N GLU D 122 31.24 35.59 47.77
CA GLU D 122 31.67 36.96 48.01
C GLU D 122 31.67 37.78 46.72
N ARG D 123 32.29 37.24 45.66
CA ARG D 123 32.40 37.99 44.42
C ARG D 123 31.03 38.21 43.77
N VAL D 124 30.17 37.19 43.80
CA VAL D 124 28.86 37.33 43.16
C VAL D 124 27.99 38.30 43.94
N TYR D 125 27.88 38.11 45.26
CA TYR D 125 26.98 38.97 46.04
C TYR D 125 27.40 40.43 45.93
N ASN D 126 28.69 40.72 46.07
CA ASN D 126 29.13 42.12 46.00
C ASN D 126 28.86 42.71 44.62
N PHE D 127 29.03 41.90 43.57
CA PHE D 127 28.75 42.35 42.21
C PHE D 127 27.27 42.70 42.06
N GLY D 128 26.39 41.78 42.46
CA GLY D 128 24.96 42.05 42.36
C GLY D 128 24.49 43.18 43.24
N LYS D 129 25.11 43.34 44.42
CA LYS D 129 24.71 44.42 45.32
C LYS D 129 25.18 45.77 44.81
N GLU D 130 26.38 45.83 44.23
CA GLU D 130 26.89 47.09 43.71
C GLU D 130 26.05 47.61 42.56
N ASN D 131 25.48 46.72 41.75
CA ASN D 131 24.77 47.13 40.55
C ASN D 131 23.28 46.82 40.62
N ASN D 132 22.79 46.38 41.78
CA ASN D 132 21.36 46.19 42.03
C ASN D 132 20.74 45.26 40.98
N LEU D 133 21.32 44.07 40.89
CA LEU D 133 20.98 43.10 39.87
C LEU D 133 19.93 42.11 40.39
N ASP D 134 19.02 41.72 39.51
CA ASP D 134 18.10 40.64 39.82
C ASP D 134 18.68 39.28 39.48
N VAL D 135 19.61 39.24 38.54
CA VAL D 135 20.25 37.99 38.14
C VAL D 135 21.74 38.28 37.95
N VAL D 136 22.57 37.48 38.61
CA VAL D 136 24.00 37.45 38.35
C VAL D 136 24.27 36.14 37.63
N SER D 137 24.59 36.24 36.34
CA SER D 137 24.96 35.08 35.52
C SER D 137 26.46 34.94 35.61
N GLY D 138 26.92 34.10 36.53
CA GLY D 138 28.35 33.94 36.74
C GLY D 138 28.97 32.91 35.81
N LYS D 139 30.24 33.12 35.49
CA LYS D 139 30.95 32.22 34.60
C LYS D 139 30.85 30.79 35.10
N GLU D 140 30.39 29.90 34.24
CA GLU D 140 30.19 28.50 34.58
C GLU D 140 31.26 27.65 33.89
N VAL D 141 31.72 26.63 34.60
CA VAL D 141 32.73 25.69 34.11
C VAL D 141 32.07 24.33 33.93
N ARG D 142 32.42 23.65 32.84
CA ARG D 142 32.02 22.27 32.61
C ARG D 142 33.27 21.41 32.46
N THR D 143 33.10 20.10 32.69
CA THR D 143 34.24 19.19 32.65
C THR D 143 34.86 19.17 31.26
N ASN D 144 34.05 18.98 30.23
CA ASN D 144 34.54 18.77 28.88
C ASN D 144 34.36 20.00 28.01
N GLY D 145 35.17 20.08 26.96
CA GLY D 145 35.08 21.13 25.98
C GLY D 145 36.15 22.20 26.18
N TRP D 146 36.30 23.03 25.15
CA TRP D 146 37.25 24.13 25.19
C TRP D 146 36.59 25.47 25.51
N SER D 147 35.27 25.51 25.62
CA SER D 147 34.61 26.75 25.97
C SER D 147 33.25 26.43 26.58
N TRP D 148 32.72 27.40 27.31
CA TRP D 148 31.33 27.37 27.75
C TRP D 148 30.88 28.82 27.89
N GLY D 149 29.89 29.22 27.11
CA GLY D 149 29.50 30.62 27.05
C GLY D 149 30.64 31.46 26.52
N TRP D 150 31.18 31.04 25.37
CA TRP D 150 32.35 31.71 24.80
C TRP D 150 32.07 33.19 24.54
N LYS D 151 30.88 33.50 24.05
CA LYS D 151 30.51 34.89 23.75
C LYS D 151 29.99 35.63 24.98
N GLN D 152 29.19 34.96 25.82
CA GLN D 152 28.53 35.65 26.93
C GLN D 152 29.49 35.91 28.09
N PHE D 153 30.40 34.96 28.37
CA PHE D 153 31.32 35.09 29.50
C PHE D 153 32.66 35.71 29.10
N SER D 154 32.68 36.55 28.07
CA SER D 154 33.92 37.13 27.59
C SER D 154 34.36 38.33 28.42
N GLU D 155 33.44 39.02 29.11
CA GLU D 155 33.81 40.15 29.93
C GLU D 155 32.70 40.44 30.93
N ASN D 156 33.07 41.13 32.00
CA ASN D 156 32.07 41.57 32.97
C ASN D 156 31.15 42.59 32.32
N ASN D 157 29.88 42.53 32.68
CA ASN D 157 28.89 43.45 32.15
C ASN D 157 27.79 43.63 33.19
N PRO D 158 27.85 44.70 33.98
CA PRO D 158 26.83 44.92 35.02
C PRO D 158 25.49 45.37 34.47
N HIS D 159 25.40 45.67 33.17
CA HIS D 159 24.13 46.05 32.54
C HIS D 159 23.88 45.11 31.35
N ALA D 160 23.88 43.81 31.63
CA ALA D 160 23.86 42.82 30.56
C ALA D 160 22.49 42.73 29.87
N GLU D 161 21.41 43.04 30.58
CA GLU D 161 20.08 42.94 29.98
C GLU D 161 19.86 43.93 28.85
N GLU D 162 20.79 44.86 28.62
CA GLU D 162 20.70 45.73 27.46
C GLU D 162 21.03 45.00 26.16
N MET D 163 21.65 43.83 26.24
CA MET D 163 21.92 43.01 25.06
C MET D 163 20.69 42.26 24.58
N GLY D 164 19.66 42.16 25.40
CA GLY D 164 18.53 41.29 25.11
C GLY D 164 18.62 40.00 25.91
N ILE D 165 17.72 39.07 25.56
CA ILE D 165 17.62 37.82 26.29
C ILE D 165 18.88 36.96 26.15
N GLU D 166 19.73 37.28 25.17
CA GLU D 166 21.01 36.60 25.01
C GLU D 166 21.89 36.68 26.25
N CYS D 167 21.71 37.72 27.07
CA CYS D 167 22.56 37.90 28.24
C CYS D 167 22.46 36.74 29.23
N LEU D 168 21.43 35.91 29.13
CA LEU D 168 21.23 34.81 30.07
C LEU D 168 21.75 33.48 29.54
N LEU D 169 22.24 33.44 28.31
CA LEU D 169 22.85 32.20 27.82
C LEU D 169 24.25 32.02 28.42
N PRO D 170 24.67 30.78 28.71
CA PRO D 170 23.83 29.57 28.61
C PRO D 170 22.80 29.49 29.74
N MET D 171 21.60 29.04 29.44
CA MET D 171 20.49 29.19 30.39
C MET D 171 20.39 28.03 31.37
N THR D 172 21.52 27.68 31.99
CA THR D 172 21.49 26.77 33.13
C THR D 172 20.87 27.48 34.32
N PRO D 173 20.37 26.73 35.31
CA PRO D 173 19.82 27.36 36.51
C PRO D 173 20.88 27.78 37.50
N HIS D 174 22.15 27.61 37.17
CA HIS D 174 23.25 27.77 38.11
C HIS D 174 23.69 29.23 38.20
N LYS D 175 22.72 30.11 38.36
CA LYS D 175 22.95 31.54 38.50
C LYS D 175 22.47 31.99 39.87
N PHE D 176 22.66 33.27 40.17
CA PHE D 176 22.20 33.87 41.41
C PHE D 176 21.01 34.75 41.10
N TYR D 177 19.85 34.38 41.64
CA TYR D 177 18.60 35.10 41.41
C TYR D 177 18.18 35.81 42.68
N LYS D 178 17.84 37.09 42.57
CA LYS D 178 17.33 37.82 43.72
C LYS D 178 15.98 37.24 44.14
N ARG D 179 15.93 36.72 45.38
CA ARG D 179 14.73 36.01 45.84
C ARG D 179 13.49 36.89 45.78
N GLU D 180 13.63 38.17 46.14
CA GLU D 180 12.46 39.05 46.14
C GLU D 180 11.94 39.27 44.72
N PHE D 181 12.82 39.21 43.72
CA PHE D 181 12.38 39.34 42.33
C PHE D 181 11.65 38.11 41.86
N LEU D 182 12.11 36.92 42.28
CA LEU D 182 11.41 35.68 41.93
C LEU D 182 10.03 35.64 42.56
N LEU D 183 9.93 35.94 43.85
CA LEU D 183 8.64 35.84 44.55
C LEU D 183 7.67 36.91 44.07
N GLU D 184 8.17 38.13 43.82
CA GLU D 184 7.29 39.23 43.44
C GLU D 184 6.62 38.96 42.09
N ASN D 185 7.33 38.33 41.16
CA ASN D 185 6.82 38.02 39.83
C ASN D 185 6.36 36.57 39.70
N ASP D 186 6.37 35.81 40.80
CA ASP D 186 5.93 34.42 40.81
C ASP D 186 6.65 33.59 39.74
N ILE D 187 7.98 33.70 39.72
CA ILE D 187 8.81 32.98 38.77
C ILE D 187 9.24 31.68 39.44
N THR D 188 8.70 30.57 38.97
CA THR D 188 9.01 29.25 39.50
C THR D 188 9.33 28.31 38.35
N PHE D 189 9.98 27.20 38.68
CA PHE D 189 10.22 26.15 37.68
C PHE D 189 8.92 25.43 37.36
N ASP D 190 8.71 25.17 36.08
CA ASP D 190 7.47 24.52 35.66
C ASP D 190 7.34 23.15 36.29
N ASP D 191 6.13 22.83 36.75
CA ASP D 191 5.82 21.59 37.46
C ASP D 191 4.60 20.99 36.78
N GLY D 192 4.83 20.23 35.71
CA GLY D 192 3.74 19.61 34.97
C GLY D 192 4.16 18.90 33.70
N ALA D 193 3.66 19.37 32.55
CA ALA D 193 3.90 18.69 31.29
C ALA D 193 5.32 18.91 30.79
N ARG D 194 5.72 20.17 30.63
CA ARG D 194 7.04 20.47 30.11
C ARG D 194 8.09 20.19 31.19
N VAL D 195 8.94 19.19 30.93
CA VAL D 195 9.90 18.72 31.91
C VAL D 195 11.33 19.05 31.51
N LEU D 196 11.69 18.82 30.24
CA LEU D 196 13.04 19.13 29.79
C LEU D 196 13.24 20.65 29.70
N TRP D 197 14.49 21.06 29.87
CA TRP D 197 14.90 22.46 29.71
C TRP D 197 14.14 23.38 30.67
N GLU D 198 13.87 22.89 31.88
CA GLU D 198 13.17 23.72 32.86
C GLU D 198 13.96 24.98 33.20
N ASP D 199 15.29 24.95 33.04
CA ASP D 199 16.11 26.13 33.26
C ASP D 199 16.01 27.13 32.12
N VAL D 200 15.57 26.70 30.94
CA VAL D 200 15.33 27.63 29.85
C VAL D 200 14.03 28.39 30.08
N TYR D 201 12.98 27.69 30.53
CA TYR D 201 11.73 28.37 30.89
C TYR D 201 11.96 29.36 32.02
N PHE D 202 12.67 28.92 33.07
CA PHE D 202 12.89 29.76 34.24
C PHE D 202 13.64 31.03 33.89
N ASN D 203 14.79 30.89 33.22
CA ASN D 203 15.57 32.07 32.85
C ASN D 203 14.79 32.97 31.89
N SER D 204 14.00 32.38 31.00
CA SER D 204 13.23 33.19 30.06
C SER D 204 12.16 34.00 30.79
N LYS D 205 11.42 33.36 31.71
CA LYS D 205 10.44 34.10 32.51
C LYS D 205 11.09 35.26 33.24
N ALA D 206 12.31 35.05 33.75
CA ALA D 206 13.01 36.10 34.49
C ALA D 206 13.29 37.30 33.61
N PHE D 207 13.81 37.07 32.40
CA PHE D 207 14.08 38.18 31.50
C PHE D 207 12.80 38.81 30.98
N ILE D 208 11.76 38.01 30.77
CA ILE D 208 10.48 38.54 30.32
C ILE D 208 9.96 39.57 31.32
N HIS D 209 10.15 39.32 32.61
CA HIS D 209 9.67 40.23 33.63
C HIS D 209 10.62 41.39 33.90
N GLY D 210 11.61 41.60 33.04
CA GLY D 210 12.46 42.78 33.16
C GLY D 210 13.55 42.66 34.20
N ALA D 211 14.14 41.48 34.33
CA ALA D 211 15.27 41.31 35.25
C ALA D 211 16.46 42.13 34.76
N LYS D 212 17.07 42.87 35.68
CA LYS D 212 18.36 43.49 35.43
C LYS D 212 19.45 42.44 35.63
N VAL D 213 20.18 42.11 34.57
CA VAL D 213 21.11 40.99 34.57
C VAL D 213 22.54 41.51 34.55
N GLY D 214 23.40 40.86 35.31
CA GLY D 214 24.82 41.16 35.29
C GLY D 214 25.61 39.90 35.03
N ILE D 215 26.62 40.02 34.17
CA ILE D 215 27.49 38.90 33.81
C ILE D 215 28.81 39.09 34.52
N LEU D 216 29.19 38.11 35.33
CA LEU D 216 30.48 38.09 36.02
C LEU D 216 31.35 37.06 35.32
N ALA D 217 32.40 37.53 34.64
CA ALA D 217 33.19 36.68 33.76
C ALA D 217 34.64 36.50 34.21
N ASP D 218 35.12 37.26 35.19
CA ASP D 218 36.52 37.21 35.60
C ASP D 218 36.81 36.17 36.66
N TYR D 219 35.82 35.39 37.08
CA TYR D 219 36.06 34.40 38.10
C TYR D 219 35.10 33.25 37.87
N PRO D 220 35.58 32.01 37.83
CA PRO D 220 34.69 30.86 37.64
C PRO D 220 33.87 30.64 38.91
N THR D 221 32.54 30.65 38.76
CA THR D 221 31.67 30.58 39.93
C THR D 221 31.13 29.18 40.18
N TYR D 222 30.80 28.44 39.14
CA TYR D 222 30.06 27.18 39.27
C TYR D 222 30.73 26.12 38.41
N TYR D 223 30.80 24.91 38.94
CA TYR D 223 31.37 23.77 38.22
C TYR D 223 30.25 22.77 37.96
N TRP D 224 29.76 22.74 36.71
CA TRP D 224 28.77 21.76 36.28
C TRP D 224 29.53 20.50 35.87
N ILE D 225 29.46 19.47 36.71
CA ILE D 225 30.35 18.31 36.60
C ILE D 225 29.68 17.23 35.76
N ALA D 226 30.46 16.61 34.88
CA ALA D 226 29.99 15.49 34.10
C ALA D 226 30.27 14.19 34.86
N THR D 227 29.25 13.37 35.02
CA THR D 227 29.35 12.11 35.72
C THR D 227 28.91 10.98 34.79
N GLY D 228 29.09 9.74 35.26
CA GLY D 228 28.61 8.59 34.50
C GLY D 228 27.11 8.43 34.53
N ALA D 229 26.42 9.11 35.47
CA ALA D 229 24.98 9.00 35.63
C ALA D 229 24.22 10.04 34.81
N ASN D 230 24.66 11.30 34.87
CA ASN D 230 24.00 12.36 34.11
C ASN D 230 24.34 12.33 32.63
N ASN D 231 25.31 11.52 32.23
CA ASN D 231 25.72 11.44 30.83
C ASN D 231 24.69 10.65 30.03
N SER D 232 24.04 11.33 29.08
CA SER D 232 23.08 10.71 28.15
C SER D 232 21.99 9.96 28.90
N SER D 233 21.35 10.65 29.84
CA SER D 233 20.30 10.09 30.66
C SER D 233 18.96 10.72 30.28
N SER D 234 18.07 10.90 31.26
CA SER D 234 16.73 11.44 31.07
C SER D 234 15.88 10.54 30.19
N PHE D 235 14.59 10.86 30.09
CA PHE D 235 13.67 10.16 29.20
C PHE D 235 13.65 10.77 27.80
N GLY D 236 14.46 11.80 27.55
CA GLY D 236 14.59 12.46 26.26
C GLY D 236 15.35 11.70 25.20
N ARG D 237 15.84 10.49 25.51
CA ARG D 237 16.44 9.63 24.50
C ARG D 237 15.39 8.94 23.65
N ASP D 238 14.14 8.98 24.05
CA ASP D 238 13.04 8.53 23.20
C ASP D 238 12.73 9.62 22.18
N PRO D 239 12.78 9.33 20.89
CA PRO D 239 12.56 10.39 19.88
C PRO D 239 11.19 11.05 19.95
N HIS D 240 10.15 10.32 20.35
CA HIS D 240 8.82 10.93 20.38
C HIS D 240 8.69 11.92 21.53
N GLU D 241 9.18 11.56 22.71
CA GLU D 241 9.15 12.47 23.83
C GLU D 241 10.14 13.62 23.66
N LYS D 242 11.29 13.35 23.02
CA LYS D 242 12.23 14.41 22.72
C LYS D 242 11.56 15.54 21.94
N TRP D 243 10.85 15.20 20.87
CA TRP D 243 10.21 16.22 20.05
C TRP D 243 8.88 16.69 20.61
N ASN D 244 8.29 15.95 21.53
CA ASN D 244 7.17 16.49 22.29
C ASN D 244 7.62 17.68 23.14
N GLN D 245 8.80 17.57 23.77
CA GLN D 245 9.30 18.66 24.59
C GLN D 245 9.77 19.84 23.76
N ILE D 246 10.34 19.57 22.57
CA ILE D 246 10.77 20.63 21.67
C ILE D 246 9.58 21.47 21.23
N ASN D 247 8.47 20.83 20.87
CA ASN D 247 7.28 21.58 20.50
C ASN D 247 6.78 22.44 21.64
N LYS D 248 6.88 21.93 22.88
CA LYS D 248 6.43 22.72 24.01
C LYS D 248 7.35 23.91 24.27
N LEU D 249 8.65 23.75 23.97
CA LEU D 249 9.60 24.84 24.16
C LEU D 249 9.39 25.95 23.15
N PHE D 250 9.25 25.59 21.87
CA PHE D 250 9.03 26.61 20.84
C PHE D 250 7.69 27.30 21.03
N ASN D 251 6.65 26.54 21.37
CA ASN D 251 5.34 27.16 21.67
C ASN D 251 5.41 28.03 22.90
N PHE D 252 6.31 27.72 23.84
CA PHE D 252 6.52 28.59 24.99
C PHE D 252 7.09 29.94 24.55
N PHE D 253 8.10 29.91 23.67
CA PHE D 253 8.67 31.15 23.16
C PHE D 253 7.62 32.00 22.46
N LYS D 254 6.86 31.39 21.55
CA LYS D 254 5.93 32.16 20.73
C LYS D 254 4.73 32.68 21.52
N ASP D 255 4.49 32.15 22.72
CA ASP D 255 3.34 32.57 23.52
C ASP D 255 3.69 33.53 24.64
N ASN D 256 4.95 33.52 25.13
CA ASN D 256 5.33 34.30 26.30
C ASN D 256 6.33 35.41 26.02
N ILE D 257 7.25 35.23 25.07
CA ILE D 257 8.27 36.25 24.81
C ILE D 257 7.66 37.33 23.91
N LYS D 258 7.40 38.50 24.50
CA LYS D 258 6.71 39.58 23.81
C LYS D 258 7.64 40.48 23.01
N GLU D 259 8.85 40.72 23.50
CA GLU D 259 9.82 41.53 22.76
C GLU D 259 10.24 40.81 21.48
N GLN D 260 10.03 41.48 20.34
CA GLN D 260 10.28 40.84 19.05
C GLN D 260 11.75 40.45 18.89
N ARG D 261 12.66 41.32 19.36
CA ARG D 261 14.09 41.01 19.26
C ARG D 261 14.45 39.76 20.06
N ASP D 262 13.84 39.59 21.23
CA ASP D 262 14.14 38.43 22.06
C ASP D 262 13.49 37.17 21.49
N LEU D 263 12.23 37.28 21.03
CA LEU D 263 11.58 36.12 20.41
C LEU D 263 12.38 35.63 19.21
N ASP D 264 12.86 36.56 18.37
CA ASP D 264 13.63 36.17 17.20
C ASP D 264 14.94 35.49 17.60
N PHE D 265 15.58 35.98 18.67
CA PHE D 265 16.82 35.36 19.11
C PHE D 265 16.57 33.93 19.57
N MET D 266 15.55 33.72 20.41
CA MET D 266 15.30 32.39 20.95
C MET D 266 14.84 31.43 19.86
N LEU D 267 13.97 31.88 18.95
CA LEU D 267 13.57 31.05 17.84
C LEU D 267 14.75 30.71 16.95
N THR D 268 15.58 31.70 16.63
CA THR D 268 16.74 31.43 15.78
C THR D 268 17.73 30.53 16.47
N HIS D 269 18.03 30.78 17.75
CA HIS D 269 19.05 30.02 18.46
C HIS D 269 18.67 28.55 18.59
N TRP D 270 17.41 28.26 18.92
CA TRP D 270 16.98 26.89 19.15
C TRP D 270 16.65 26.15 17.86
N TYR D 271 16.14 26.86 16.85
CA TYR D 271 15.94 26.23 15.55
C TYR D 271 17.28 25.81 14.95
N ARG D 272 18.28 26.70 14.99
CA ARG D 272 19.59 26.38 14.42
C ARG D 272 20.24 25.21 15.14
N SER D 273 20.20 25.20 16.47
CA SER D 273 21.02 24.26 17.23
C SER D 273 20.32 22.93 17.49
N ARG D 274 19.02 22.93 17.74
CA ARG D 274 18.32 21.70 18.10
C ARG D 274 17.49 21.12 16.97
N VAL D 275 17.07 21.92 15.99
CA VAL D 275 16.24 21.42 14.90
C VAL D 275 17.11 21.18 13.67
N LEU D 276 17.72 22.25 13.14
CA LEU D 276 18.68 22.08 12.05
C LEU D 276 19.90 21.29 12.48
N GLY D 277 20.13 21.14 13.79
CA GLY D 277 21.29 20.43 14.31
C GLY D 277 21.31 18.95 14.02
N ILE D 278 20.18 18.36 13.63
CA ILE D 278 20.13 16.94 13.29
C ILE D 278 20.25 16.73 11.79
N LEU D 279 20.52 17.79 11.03
CA LEU D 279 20.58 17.69 9.57
C LEU D 279 22.01 17.65 9.04
N GLY D 280 23.01 17.63 9.92
CA GLY D 280 24.39 17.55 9.49
C GLY D 280 24.99 16.20 9.82
N GLN D 281 26.10 16.19 10.57
CA GLN D 281 26.77 14.95 10.92
C GLN D 281 25.89 14.00 11.70
N TRP D 282 24.85 14.51 12.37
CA TRP D 282 23.91 13.65 13.08
C TRP D 282 23.29 12.62 12.15
N LEU D 283 23.10 12.97 10.88
CA LEU D 283 22.55 12.04 9.90
C LEU D 283 23.48 10.88 9.62
N LEU D 284 24.76 11.01 9.95
CA LEU D 284 25.74 9.97 9.69
C LEU D 284 25.96 9.05 10.89
N LYS D 285 25.49 9.43 12.08
CA LYS D 285 25.74 8.67 13.30
C LYS D 285 24.52 7.91 13.80
N ASN D 286 23.41 7.94 13.07
CA ASN D 286 22.17 7.34 13.55
C ASN D 286 21.60 6.40 12.50
N ASN D 287 20.84 5.42 12.96
CA ASN D 287 20.27 4.42 12.06
C ASN D 287 19.11 5.02 11.28
N ASN D 288 18.77 4.34 10.16
CA ASN D 288 17.79 4.88 9.22
C ASN D 288 16.44 5.10 9.87
N GLU D 289 15.99 4.16 10.71
CA GLU D 289 14.66 4.25 11.29
C GLU D 289 14.52 5.45 12.21
N ARG D 290 15.58 5.75 12.97
CA ARG D 290 15.53 6.90 13.87
C ARG D 290 15.64 8.21 13.09
N ILE D 291 16.44 8.24 12.03
CA ILE D 291 16.54 9.42 11.20
C ILE D 291 15.19 9.79 10.60
N ASP D 292 14.42 8.78 10.19
CA ASP D 292 13.11 9.05 9.61
C ASP D 292 12.16 9.66 10.63
N ILE D 293 12.18 9.16 11.86
CA ILE D 293 11.26 9.66 12.88
C ILE D 293 11.59 11.10 13.23
N GLU D 294 12.86 11.39 13.50
CA GLU D 294 13.23 12.74 13.92
C GLU D 294 13.15 13.73 12.75
N PHE D 295 13.48 13.29 11.53
CA PHE D 295 13.39 14.19 10.38
C PHE D 295 11.97 14.64 10.13
N ASN D 296 10.99 13.74 10.24
CA ASN D 296 9.60 14.12 10.04
C ASN D 296 9.15 15.06 11.13
N TYR D 297 9.53 14.79 12.37
CA TYR D 297 9.25 15.71 13.47
C TYR D 297 9.87 17.08 13.20
N ALA D 298 11.13 17.11 12.77
CA ALA D 298 11.80 18.37 12.49
C ALA D 298 11.13 19.10 11.32
N LYS D 299 10.73 18.34 10.31
CA LYS D 299 10.02 18.95 9.18
C LYS D 299 8.70 19.57 9.64
N LYS D 300 7.93 18.83 10.45
CA LYS D 300 6.64 19.34 10.89
C LYS D 300 6.79 20.57 11.78
N LEU D 301 7.80 20.60 12.64
CA LEU D 301 7.99 21.72 13.54
C LEU D 301 8.35 22.99 12.78
N ALA D 302 9.22 22.86 11.77
CA ALA D 302 9.61 24.02 10.98
C ALA D 302 8.41 24.59 10.22
N GLU D 303 7.56 23.73 9.68
CA GLU D 303 6.41 24.20 8.90
C GLU D 303 5.38 24.89 9.78
N GLU D 304 5.25 24.47 11.02
CA GLU D 304 4.18 24.96 11.89
C GLU D 304 4.60 26.13 12.77
N LEU D 305 5.83 26.10 13.32
CA LEU D 305 6.21 27.06 14.34
C LEU D 305 7.28 28.05 13.92
N ILE D 306 8.08 27.72 12.91
CA ILE D 306 9.25 28.53 12.54
C ILE D 306 8.88 29.37 11.31
N PRO D 307 8.74 30.68 11.44
CA PRO D 307 8.41 31.52 10.28
C PRO D 307 9.56 31.54 9.27
N ALA D 308 9.21 31.91 8.03
CA ALA D 308 10.19 31.90 6.95
C ALA D 308 11.30 32.91 7.17
N TYR D 309 11.03 33.98 7.92
CA TYR D 309 12.04 35.03 8.10
C TYR D 309 13.19 34.59 8.99
N ILE D 310 13.02 33.53 9.78
CA ILE D 310 14.08 33.11 10.68
C ILE D 310 15.29 32.63 9.89
N SER D 311 15.05 31.97 8.76
CA SER D 311 16.12 31.51 7.89
C SER D 311 16.92 32.66 7.28
N GLU D 312 16.31 33.85 7.16
CA GLU D 312 17.04 34.99 6.63
C GLU D 312 18.12 35.48 7.58
N ASN D 313 18.14 34.99 8.83
CA ASN D 313 19.20 35.29 9.77
C ASN D 313 20.31 34.24 9.78
N LEU D 314 20.02 33.03 9.32
CA LEU D 314 20.98 31.96 9.38
C LEU D 314 22.09 32.17 8.35
N ASP D 315 23.20 31.50 8.56
CA ASP D 315 24.29 31.51 7.61
C ASP D 315 23.93 30.65 6.40
N LYS D 316 24.76 30.74 5.36
CA LYS D 316 24.45 30.07 4.10
C LYS D 316 24.20 28.58 4.30
N ASN D 317 25.09 27.91 5.04
CA ASN D 317 24.95 26.46 5.23
C ASN D 317 23.67 26.11 5.96
N ASN D 318 23.32 26.88 6.98
CA ASN D 318 22.07 26.60 7.69
C ASN D 318 20.85 26.94 6.82
N GLN D 319 20.97 27.93 5.95
CA GLN D 319 19.86 28.22 5.03
C GLN D 319 19.64 27.06 4.08
N VAL D 320 20.73 26.44 3.61
CA VAL D 320 20.61 25.25 2.77
C VAL D 320 19.88 24.14 3.51
N LYS D 321 20.24 23.93 4.78
CA LYS D 321 19.57 22.89 5.57
C LYS D 321 18.10 23.22 5.80
N ASP D 322 17.79 24.47 6.12
CA ASP D 322 16.40 24.85 6.31
C ASP D 322 15.59 24.64 5.03
N TYR D 323 16.13 25.06 3.89
CA TYR D 323 15.42 24.89 2.63
C TYR D 323 15.17 23.41 2.34
N LEU D 324 16.21 22.58 2.42
CA LEU D 324 16.07 21.17 2.08
C LEU D 324 15.21 20.43 3.09
N LEU D 325 15.15 20.90 4.33
CA LEU D 325 14.23 20.31 5.30
C LEU D 325 12.78 20.56 4.89
N ARG D 326 12.47 21.80 4.52
CA ARG D 326 11.10 22.13 4.16
C ARG D 326 10.67 21.46 2.86
N GLN D 327 11.61 21.10 2.00
CA GLN D 327 11.31 20.32 0.80
C GLN D 327 11.21 18.83 1.09
N GLY D 328 11.56 18.40 2.30
CA GLY D 328 11.57 16.98 2.61
C GLY D 328 12.71 16.22 1.97
N ASP D 329 13.72 16.91 1.47
CA ASP D 329 14.80 16.28 0.70
C ASP D 329 15.88 15.77 1.66
N LEU D 330 15.55 14.66 2.32
CA LEU D 330 16.50 14.04 3.25
C LEU D 330 17.71 13.49 2.52
N ASP D 331 17.55 13.04 1.28
CA ASP D 331 18.68 12.47 0.54
C ASP D 331 19.75 13.52 0.27
N SER D 332 19.33 14.70 -0.22
CA SER D 332 20.28 15.79 -0.40
C SER D 332 20.97 16.15 0.92
N LEU D 333 20.21 16.22 2.01
CA LEU D 333 20.80 16.54 3.31
C LEU D 333 21.80 15.46 3.73
N LYS D 334 21.48 14.19 3.46
CA LYS D 334 22.42 13.12 3.74
C LYS D 334 23.66 13.24 2.87
N LYS D 335 23.47 13.59 1.58
CA LYS D 335 24.60 13.83 0.69
C LYS D 335 25.46 15.00 1.20
N LEU D 336 24.82 16.08 1.67
CA LEU D 336 25.58 17.22 2.14
C LEU D 336 26.40 16.87 3.36
N ALA D 337 25.84 16.12 4.30
CA ALA D 337 26.59 15.71 5.48
C ALA D 337 27.81 14.90 5.08
N GLN D 338 27.67 14.03 4.08
CA GLN D 338 28.82 13.27 3.58
C GLN D 338 29.86 14.18 2.97
N ILE D 339 29.43 15.24 2.28
CA ILE D 339 30.36 16.19 1.68
C ILE D 339 31.01 17.06 2.74
N ASP D 340 30.26 17.44 3.78
CA ASP D 340 30.78 18.33 4.81
C ASP D 340 31.66 17.63 5.83
N ALA D 341 31.58 16.30 5.93
CA ALA D 341 32.24 15.59 7.02
C ALA D 341 33.73 15.89 7.06
N GLY D 342 34.25 16.12 8.26
CA GLY D 342 35.67 16.29 8.46
C GLY D 342 36.20 17.69 8.26
N ILE D 343 35.38 18.63 7.78
CA ILE D 343 35.84 20.01 7.63
C ILE D 343 36.27 20.54 8.98
N THR D 344 37.48 21.07 9.03
CA THR D 344 38.10 21.42 10.30
C THR D 344 39.24 22.39 10.03
N ALA D 345 39.78 22.96 11.11
CA ALA D 345 40.90 23.88 11.03
C ALA D 345 41.80 23.59 12.24
N LEU D 346 42.88 22.86 12.00
CA LEU D 346 43.85 22.54 13.04
C LEU D 346 45.02 23.52 12.97
N SER D 347 45.49 23.94 14.14
CA SER D 347 46.55 24.93 14.24
C SER D 347 47.86 24.26 14.62
N TYR D 348 48.94 24.61 13.92
CA TYR D 348 50.27 24.11 14.18
C TYR D 348 51.10 25.17 14.90
N VAL D 349 52.00 24.72 15.76
CA VAL D 349 52.98 25.62 16.36
C VAL D 349 54.06 25.90 15.32
N GLU D 350 54.07 27.13 14.79
CA GLU D 350 55.16 27.55 13.93
C GLU D 350 56.35 28.05 14.73
N ASP D 351 56.12 28.50 15.96
CA ASP D 351 57.17 29.03 16.81
C ASP D 351 56.68 29.18 18.25
N ALA D 352 57.47 28.70 19.21
CA ALA D 352 57.13 28.82 20.63
C ALA D 352 58.40 29.11 21.41
N TYR D 353 58.36 30.12 22.27
CA TYR D 353 59.54 30.51 23.04
C TYR D 353 59.12 31.44 24.17
N PHE D 354 59.92 31.44 25.24
CA PHE D 354 59.73 32.37 26.35
C PHE D 354 60.47 33.67 26.06
N LYS D 355 59.85 34.79 26.42
CA LYS D 355 60.50 36.10 26.36
C LYS D 355 60.10 36.88 27.59
N GLU D 356 61.09 37.35 28.34
CA GLU D 356 60.88 37.98 29.64
C GLU D 356 60.02 37.10 30.52
N ASP D 357 58.82 37.56 30.87
CA ASP D 357 57.98 36.85 31.83
C ASP D 357 56.80 36.14 31.18
N LYS D 358 56.73 36.12 29.85
CA LYS D 358 55.61 35.50 29.15
C LYS D 358 56.11 34.40 28.21
N LEU D 359 55.15 33.66 27.67
CA LEU D 359 55.39 32.61 26.68
C LEU D 359 54.69 33.01 25.39
N PHE D 360 55.46 33.12 24.31
CA PHE D 360 54.95 33.56 23.02
C PHE D 360 54.70 32.38 22.09
N PHE D 361 53.67 32.50 21.27
CA PHE D 361 53.32 31.50 20.27
C PHE D 361 53.15 32.16 18.90
N LYS D 362 53.61 31.47 17.86
CA LYS D 362 53.25 31.78 16.48
C LYS D 362 52.62 30.53 15.88
N THR D 363 51.33 30.61 15.52
CA THR D 363 50.60 29.46 15.01
C THR D 363 50.04 29.74 13.63
N SER D 364 49.80 28.66 12.88
CA SER D 364 49.21 28.73 11.56
C SER D 364 48.15 27.66 11.44
N THR D 365 47.14 27.95 10.61
CA THR D 365 46.09 26.98 10.37
C THR D 365 45.61 27.13 8.94
N LYS D 366 44.72 26.22 8.56
CA LYS D 366 44.18 26.15 7.21
C LYS D 366 42.98 25.21 7.24
N MET D 367 41.87 25.61 6.64
CA MET D 367 40.72 24.72 6.58
C MET D 367 41.07 23.48 5.77
N THR D 368 40.74 22.31 6.31
CA THR D 368 41.06 21.03 5.70
C THR D 368 39.92 20.05 5.97
N TYR D 369 40.08 18.85 5.39
CA TYR D 369 39.30 17.68 5.78
C TYR D 369 40.18 16.80 6.66
N GLU D 370 39.89 16.77 7.96
CA GLU D 370 40.61 15.93 8.93
C GLU D 370 42.12 16.20 8.92
N ASP D 371 42.49 17.47 8.77
N ASP D 371 42.50 17.47 8.73
CA ASP D 371 43.90 17.89 8.73
CA ASP D 371 43.89 17.88 8.77
C ASP D 371 44.69 17.13 7.67
C ASP D 371 44.71 17.25 7.65
N LYS D 372 44.10 17.03 6.48
CA LYS D 372 44.79 16.40 5.36
C LYS D 372 44.72 17.34 4.17
N GLU D 373 44.08 16.91 3.08
CA GLU D 373 43.99 17.76 1.90
C GLU D 373 43.21 19.04 2.23
N ASP D 374 43.44 20.07 1.42
CA ASP D 374 42.85 21.38 1.69
C ASP D 374 41.35 21.38 1.41
N PHE D 375 40.62 22.17 2.20
CA PHE D 375 39.24 22.51 1.88
C PHE D 375 39.23 23.67 0.88
N PHE D 376 38.40 23.57 -0.16
CA PHE D 376 38.36 24.55 -1.24
C PHE D 376 36.98 25.15 -1.39
N ILE D 377 36.94 26.43 -1.77
CA ILE D 377 35.77 27.04 -2.38
C ILE D 377 36.18 27.47 -3.79
N GLU D 378 35.19 27.58 -4.67
CA GLU D 378 35.44 27.76 -6.10
C GLU D 378 34.90 29.11 -6.56
N LYS D 379 35.67 29.77 -7.42
CA LYS D 379 35.29 31.06 -7.97
C LYS D 379 34.67 30.85 -9.34
N THR D 380 33.40 31.24 -9.48
CA THR D 380 32.68 31.21 -10.75
C THR D 380 32.31 32.64 -11.11
N ALA D 381 32.84 33.13 -12.23
CA ALA D 381 32.72 34.52 -12.62
C ALA D 381 33.23 35.43 -11.51
N ASP D 382 32.31 36.01 -10.73
CA ASP D 382 32.68 36.87 -9.62
C ASP D 382 32.14 36.35 -8.29
N ARG D 383 31.67 35.10 -8.25
CA ARG D 383 31.09 34.52 -7.04
C ARG D 383 32.03 33.48 -6.44
N MET D 384 32.14 33.48 -5.11
CA MET D 384 32.86 32.46 -4.36
C MET D 384 31.84 31.47 -3.81
N GLU D 385 31.78 30.30 -4.42
CA GLU D 385 30.70 29.36 -4.16
C GLU D 385 31.19 28.12 -3.42
N ARG D 386 30.29 27.53 -2.65
CA ARG D 386 30.54 26.22 -2.07
C ARG D 386 30.63 25.18 -3.19
N ILE D 387 31.60 24.29 -3.09
CA ILE D 387 31.75 23.21 -4.06
C ILE D 387 30.69 22.16 -3.79
N LEU D 388 29.78 21.95 -4.74
CA LEU D 388 28.69 21.02 -4.60
C LEU D 388 28.48 20.27 -5.91
N PRO D 389 27.91 19.06 -5.85
CA PRO D 389 27.48 18.40 -7.09
C PRO D 389 26.36 19.18 -7.75
N GLU D 390 26.32 19.13 -9.08
CA GLU D 390 25.30 19.84 -9.82
C GLU D 390 23.90 19.32 -9.51
N GLU D 391 23.79 18.02 -9.20
CA GLU D 391 22.49 17.46 -8.81
C GLU D 391 21.94 18.17 -7.58
N ILE D 392 22.79 18.44 -6.59
CA ILE D 392 22.36 19.18 -5.41
C ILE D 392 22.25 20.67 -5.70
N LYS D 393 23.25 21.21 -6.41
CA LYS D 393 23.29 22.66 -6.64
C LYS D 393 22.07 23.13 -7.42
N SER D 394 21.55 22.31 -8.33
CA SER D 394 20.38 22.69 -9.11
C SER D 394 19.10 22.69 -8.26
N LYS D 395 19.11 22.03 -7.11
CA LYS D 395 17.95 21.97 -6.22
C LYS D 395 17.88 23.14 -5.25
N LEU D 396 18.83 24.08 -5.30
CA LEU D 396 18.95 25.12 -4.30
C LEU D 396 18.89 26.51 -4.93
N PRO D 397 18.41 27.51 -4.18
CA PRO D 397 18.56 28.90 -4.63
C PRO D 397 20.03 29.29 -4.74
N LYS D 398 20.35 30.06 -5.78
CA LYS D 398 21.75 30.37 -6.07
C LYS D 398 22.44 31.06 -4.90
N GLU D 399 21.71 31.92 -4.17
CA GLU D 399 22.33 32.71 -3.12
C GLU D 399 22.83 31.85 -1.98
N PHE D 400 22.23 30.67 -1.77
CA PHE D 400 22.50 29.89 -0.57
C PHE D 400 23.87 29.22 -0.59
N PHE D 401 24.48 29.02 -1.76
CA PHE D 401 25.83 28.46 -1.83
C PHE D 401 26.83 29.48 -2.35
N ASP D 402 26.52 30.77 -2.21
CA ASP D 402 27.39 31.86 -2.61
C ASP D 402 27.99 32.48 -1.36
N TYR D 403 29.27 32.21 -1.13
CA TYR D 403 30.02 32.72 0.02
C TYR D 403 30.64 34.09 -0.21
N SER D 404 30.24 34.80 -1.27
CA SER D 404 30.96 36.00 -1.66
C SER D 404 30.89 37.08 -0.58
N ASP D 405 29.74 37.21 0.09
CA ASP D 405 29.54 38.23 1.11
C ASP D 405 30.04 37.82 2.49
N ASP D 406 30.59 36.61 2.62
CA ASP D 406 31.01 36.09 3.92
C ASP D 406 32.51 35.90 4.03
N LEU D 407 33.29 36.44 3.10
CA LEU D 407 34.72 36.19 3.05
C LEU D 407 35.52 37.08 3.99
N ALA D 408 34.88 37.93 4.79
CA ALA D 408 35.59 38.79 5.74
C ALA D 408 35.16 38.57 7.18
N GLU D 409 34.44 37.48 7.47
CA GLU D 409 33.92 37.24 8.81
C GLU D 409 34.63 36.09 9.51
N PHE D 410 35.88 35.83 9.15
CA PHE D 410 36.64 34.79 9.82
C PHE D 410 37.14 35.28 11.17
N THR D 411 37.15 34.37 12.14
CA THR D 411 37.76 34.64 13.45
C THR D 411 38.80 33.57 13.75
N TYR D 412 39.84 33.97 14.46
CA TYR D 412 40.96 33.08 14.78
C TYR D 412 41.54 33.56 16.11
N GLU D 413 41.34 32.77 17.17
CA GLU D 413 41.62 33.18 18.53
C GLU D 413 42.22 32.02 19.33
N PRO D 414 43.10 32.31 20.28
CA PRO D 414 43.63 31.25 21.14
C PRO D 414 42.83 31.11 22.43
N SER D 415 42.88 29.93 23.04
CA SER D 415 42.27 29.69 24.33
C SER D 415 43.14 28.73 25.13
N ILE D 416 42.79 28.59 26.41
CA ILE D 416 43.55 27.76 27.34
C ILE D 416 42.54 27.10 28.27
N LYS D 417 42.95 25.99 28.88
CA LYS D 417 42.08 25.27 29.80
C LYS D 417 42.92 24.65 30.91
N GLY D 418 42.48 24.84 32.15
CA GLY D 418 43.13 24.23 33.29
C GLY D 418 42.71 22.78 33.46
N ARG D 419 43.67 21.85 33.38
CA ARG D 419 43.34 20.43 33.41
C ARG D 419 42.80 19.99 34.76
N ASN D 420 43.04 20.75 35.82
CA ASN D 420 42.52 20.42 37.14
C ASN D 420 41.16 21.06 37.40
N SER D 421 41.03 22.35 37.14
CA SER D 421 39.80 23.09 37.41
C SER D 421 38.79 23.01 36.27
N ARG D 422 39.21 22.58 35.07
CA ARG D 422 38.42 22.54 33.85
C ARG D 422 38.03 23.92 33.36
N ALA D 423 38.51 24.99 33.99
CA ALA D 423 38.16 26.33 33.56
C ALA D 423 38.82 26.65 32.22
N THR D 424 38.06 27.25 31.31
CA THR D 424 38.55 27.67 30.02
C THR D 424 38.61 29.19 29.98
N TRP D 425 39.60 29.71 29.25
CA TRP D 425 39.78 31.15 29.13
C TRP D 425 40.26 31.50 27.74
N LYS D 426 39.80 32.64 27.22
CA LYS D 426 40.34 33.19 26.00
C LYS D 426 41.64 33.91 26.31
N ILE D 427 42.67 33.64 25.51
CA ILE D 427 43.95 34.30 25.69
C ILE D 427 43.90 35.62 24.93
N ASP D 428 44.06 36.72 25.66
CA ASP D 428 43.88 38.03 25.06
C ASP D 428 45.17 38.50 24.40
N GLY D 429 45.05 39.59 23.64
CA GLY D 429 46.18 40.23 23.00
C GLY D 429 46.60 39.65 21.67
N SER D 430 45.92 38.61 21.19
CA SER D 430 46.34 37.92 19.98
C SER D 430 46.24 38.83 18.76
N THR D 431 47.07 38.53 17.75
CA THR D 431 47.05 39.19 16.46
C THR D 431 46.88 38.13 15.39
N SER D 432 45.71 38.11 14.74
CA SER D 432 45.39 37.07 13.78
C SER D 432 45.13 37.68 12.41
N ASN D 433 45.28 36.85 11.39
CA ASN D 433 45.03 37.25 10.01
C ASN D 433 44.59 36.02 9.25
N VAL D 434 43.49 36.15 8.49
CA VAL D 434 42.95 35.05 7.70
C VAL D 434 42.89 35.52 6.24
N GLU D 435 43.34 34.66 5.33
CA GLU D 435 43.37 34.99 3.91
C GLU D 435 42.65 33.91 3.11
N VAL D 436 41.97 34.34 2.06
CA VAL D 436 41.43 33.44 1.04
C VAL D 436 42.43 33.46 -0.11
N VAL D 437 43.08 32.32 -0.37
CA VAL D 437 44.23 32.23 -1.27
C VAL D 437 43.88 31.32 -2.43
N ASN D 438 44.27 31.74 -3.64
CA ASN D 438 44.05 30.96 -4.85
C ASN D 438 45.18 29.94 -5.00
N LYS D 439 44.89 28.69 -4.66
CA LYS D 439 45.92 27.64 -4.70
C LYS D 439 46.15 27.14 -6.13
N LYS D 440 45.08 26.84 -6.86
CA LYS D 440 45.21 26.36 -8.22
C LYS D 440 43.89 26.56 -8.93
N ALA D 441 43.97 26.85 -10.23
CA ALA D 441 42.80 27.01 -11.10
C ALA D 441 41.89 28.06 -10.45
N ASN D 442 40.59 27.81 -10.31
N ASN D 442 40.59 27.81 -10.32
CA ASN D 442 39.67 28.70 -9.63
CA ASN D 442 39.69 28.72 -9.63
C ASN D 442 39.37 28.26 -8.20
C ASN D 442 39.37 28.25 -8.22
N LEU D 443 40.25 27.44 -7.61
CA LEU D 443 40.04 26.91 -6.27
C LEU D 443 40.76 27.77 -5.25
N TYR D 444 40.10 28.03 -4.13
CA TYR D 444 40.63 28.91 -3.10
C TYR D 444 40.66 28.19 -1.76
N LYS D 445 41.78 28.29 -1.06
CA LYS D 445 41.90 27.78 0.28
C LYS D 445 41.81 28.92 1.29
N ILE D 446 41.63 28.57 2.55
CA ILE D 446 41.53 29.54 3.64
C ILE D 446 42.66 29.28 4.63
N GLU D 447 43.55 30.25 4.76
CA GLU D 447 44.74 30.14 5.59
C GLU D 447 44.75 31.22 6.67
N GLY D 448 45.17 30.86 7.86
CA GLY D 448 45.24 31.80 8.97
C GLY D 448 46.57 31.74 9.69
N GLU D 449 46.98 32.91 10.19
CA GLU D 449 48.17 33.04 11.04
C GLU D 449 47.79 33.77 12.31
N MET D 450 48.50 33.46 13.40
CA MET D 450 48.19 34.07 14.68
C MET D 450 49.45 34.11 15.55
N SER D 451 49.60 35.20 16.29
CA SER D 451 50.64 35.32 17.31
C SER D 451 49.99 35.78 18.59
N PHE D 452 50.35 35.15 19.71
CA PHE D 452 49.83 35.54 21.00
C PHE D 452 50.86 35.19 22.07
N SER D 453 50.63 35.71 23.28
CA SER D 453 51.47 35.41 24.43
C SER D 453 50.59 34.95 25.59
N VAL D 454 51.18 34.17 26.49
CA VAL D 454 50.50 33.69 27.68
C VAL D 454 51.15 34.33 28.90
N GLN D 455 50.35 35.04 29.69
CA GLN D 455 50.74 35.56 31.00
C GLN D 455 49.98 34.72 32.02
N ILE D 456 50.61 33.64 32.49
CA ILE D 456 49.91 32.65 33.30
C ILE D 456 49.30 33.26 34.55
N ASN D 457 49.83 34.38 35.03
CA ASN D 457 49.25 35.04 36.19
C ASN D 457 47.83 35.53 35.92
N ASP D 458 47.47 35.80 34.65
CA ASP D 458 46.10 36.20 34.33
C ASP D 458 45.08 35.14 34.69
N TYR D 459 45.48 33.88 34.79
CA TYR D 459 44.56 32.77 34.95
C TYR D 459 44.65 32.11 36.32
N ILE D 460 45.64 32.47 37.13
CA ILE D 460 45.78 31.93 38.48
C ILE D 460 44.89 32.75 39.40
N LEU D 461 43.75 32.16 39.79
CA LEU D 461 42.75 32.85 40.59
C LEU D 461 42.55 32.23 41.97
N ASP D 462 42.72 30.93 42.11
CA ASP D 462 42.74 30.26 43.40
C ASP D 462 44.15 29.77 43.68
N ALA D 463 44.40 29.43 44.95
CA ALA D 463 45.71 28.91 45.32
C ALA D 463 46.03 27.64 44.53
N ALA D 464 45.04 26.77 44.37
CA ALA D 464 45.25 25.53 43.62
C ALA D 464 45.73 25.80 42.20
N ASP D 465 45.35 26.94 41.61
CA ASP D 465 45.73 27.25 40.24
C ASP D 465 47.23 27.49 40.08
N LYS D 466 47.97 27.66 41.17
CA LYS D 466 49.42 27.84 41.06
C LYS D 466 50.09 26.58 40.50
N LYS D 467 49.66 25.40 40.96
CA LYS D 467 50.23 24.13 40.52
C LYS D 467 49.19 23.40 39.66
N GLN D 468 49.38 23.46 38.34
CA GLN D 468 48.39 22.89 37.42
C GLN D 468 48.95 22.72 36.02
N PRO D 469 48.49 21.73 35.25
CA PRO D 469 48.73 21.75 33.80
C PRO D 469 47.67 22.57 33.08
N TRP D 470 48.10 23.20 31.98
CA TRP D 470 47.24 24.03 31.17
C TRP D 470 47.34 23.59 29.71
N ASP D 471 46.20 23.29 29.11
CA ASP D 471 46.15 22.84 27.72
C ASP D 471 45.71 23.98 26.81
N ILE D 472 46.39 24.12 25.67
CA ILE D 472 46.22 25.27 24.79
C ILE D 472 45.48 24.84 23.53
N ALA D 473 44.61 25.72 23.04
CA ALA D 473 43.75 25.42 21.90
C ALA D 473 43.52 26.69 21.09
N THR D 474 43.04 26.50 19.87
CA THR D 474 42.69 27.61 18.98
C THR D 474 41.24 27.48 18.53
N ARG D 475 40.60 28.63 18.38
CA ARG D 475 39.21 28.71 17.92
C ARG D 475 39.19 29.39 16.56
N PHE D 476 38.68 28.69 15.55
CA PHE D 476 38.60 29.20 14.19
C PHE D 476 37.16 29.04 13.70
N THR D 477 36.60 30.14 13.18
CA THR D 477 35.25 30.14 12.64
C THR D 477 35.25 30.81 11.27
N GLY D 478 34.30 30.40 10.44
CA GLY D 478 34.19 30.94 9.11
C GLY D 478 33.31 30.10 8.23
N LEU D 479 32.58 30.74 7.31
CA LEU D 479 31.72 30.06 6.35
C LEU D 479 30.73 29.11 7.03
N GLY D 480 30.33 29.43 8.25
CA GLY D 480 29.40 28.58 8.97
C GLY D 480 30.02 27.44 9.74
N TYR D 481 31.35 27.30 9.72
CA TYR D 481 32.05 26.27 10.46
C TYR D 481 32.72 26.89 11.69
N THR D 482 32.76 26.12 12.76
CA THR D 482 33.48 26.48 13.99
C THR D 482 34.37 25.32 14.37
N SER D 483 35.64 25.61 14.62
CA SER D 483 36.66 24.57 14.85
C SER D 483 37.48 25.01 16.06
N HIS D 484 37.15 24.47 17.22
CA HIS D 484 37.85 24.76 18.47
C HIS D 484 38.57 23.48 18.86
N ARG D 485 39.89 23.46 18.66
CA ARG D 485 40.67 22.25 18.80
C ARG D 485 41.99 22.56 19.50
N ALA D 486 42.58 21.51 20.08
CA ALA D 486 43.87 21.63 20.73
C ALA D 486 44.94 22.08 19.73
N LEU D 487 45.79 22.99 20.17
CA LEU D 487 46.98 23.34 19.41
C LEU D 487 47.95 22.16 19.38
N THR D 488 48.66 22.01 18.27
CA THR D 488 49.49 20.83 18.07
C THR D 488 50.80 21.22 17.41
N ILE D 489 51.78 20.31 17.52
CA ILE D 489 53.07 20.46 16.84
C ILE D 489 53.56 19.08 16.46
N GLY D 490 54.34 19.01 15.39
CA GLY D 490 54.92 17.75 14.93
C GLY D 490 56.27 17.45 15.53
N LYS D 491 57.20 18.41 15.47
CA LYS D 491 58.52 18.18 16.04
C LYS D 491 58.46 18.10 17.56
N ILE D 492 59.49 17.49 18.15
CA ILE D 492 59.60 17.45 19.59
C ILE D 492 59.76 18.86 20.11
N LEU D 493 58.92 19.25 21.06
CA LEU D 493 58.98 20.56 21.70
C LEU D 493 58.98 20.36 23.20
N ILE D 494 60.05 20.82 23.84
CA ILE D 494 60.20 20.80 25.30
C ILE D 494 61.01 22.04 25.64
N LYS D 495 60.36 23.02 26.27
CA LYS D 495 61.06 24.26 26.65
C LYS D 495 60.61 24.66 28.04
N THR D 496 61.58 24.93 28.91
CA THR D 496 61.35 25.24 30.30
C THR D 496 61.68 26.70 30.59
N ALA D 497 61.22 27.15 31.74
CA ALA D 497 61.44 28.53 32.18
C ALA D 497 61.27 28.59 33.68
N LEU D 498 62.07 29.44 34.32
CA LEU D 498 61.98 29.73 35.74
C LEU D 498 61.74 31.23 35.87
N ILE D 499 60.50 31.61 36.09
CA ILE D 499 60.06 33.01 35.98
C ILE D 499 59.41 33.41 37.30
N ASN D 500 60.14 34.21 38.09
CA ASN D 500 59.62 34.82 39.32
C ASN D 500 58.96 33.79 40.22
N ASN D 501 59.73 32.74 40.55
CA ASN D 501 59.34 31.65 41.43
C ASN D 501 58.30 30.71 40.82
N LYS D 502 58.14 30.72 39.51
CA LYS D 502 57.23 29.80 38.82
C LYS D 502 58.02 28.90 37.89
N THR D 503 57.88 27.59 38.08
CA THR D 503 58.39 26.62 37.11
C THR D 503 57.38 26.46 35.98
N MET D 504 57.86 26.58 34.74
CA MET D 504 56.99 26.53 33.57
C MET D 504 57.61 25.64 32.51
N ILE D 505 56.79 24.75 31.93
CA ILE D 505 57.23 23.80 30.91
C ILE D 505 56.17 23.74 29.83
N VAL D 506 56.48 24.27 28.65
CA VAL D 506 55.63 24.11 27.47
C VAL D 506 56.16 22.93 26.67
N TYR D 507 55.27 22.02 26.28
CA TYR D 507 55.73 20.78 25.66
C TYR D 507 54.63 20.16 24.82
N LYS D 508 55.07 19.38 23.84
CA LYS D 508 54.21 18.48 23.08
C LYS D 508 53.94 17.25 23.94
N ASN D 509 52.69 17.06 24.37
CA ASN D 509 52.36 15.93 25.21
C ASN D 509 52.28 14.65 24.39
N ALA D 510 51.91 13.55 25.06
CA ALA D 510 51.92 12.23 24.44
C ALA D 510 50.90 12.10 23.32
N SER D 511 49.87 12.96 23.29
CA SER D 511 48.88 12.96 22.23
C SER D 511 49.27 13.88 21.08
N GLY D 512 50.45 14.48 21.12
CA GLY D 512 50.86 15.43 20.10
C GLY D 512 50.33 16.83 20.29
N LEU D 513 49.73 17.13 21.43
CA LEU D 513 49.11 18.42 21.68
C LEU D 513 49.97 19.25 22.61
N ILE D 514 49.67 20.55 22.68
CA ILE D 514 50.49 21.51 23.40
C ILE D 514 49.95 21.68 24.81
N SER D 515 50.77 21.35 25.80
CA SER D 515 50.46 21.54 27.20
C SER D 515 51.43 22.53 27.83
N LEU D 516 51.05 23.07 28.98
CA LEU D 516 51.88 24.01 29.74
C LEU D 516 51.81 23.63 31.21
N ASP D 517 52.88 23.06 31.75
CA ASP D 517 52.92 22.66 33.15
C ASP D 517 53.50 23.79 33.99
N VAL D 518 52.82 24.14 35.08
CA VAL D 518 53.26 25.18 35.99
C VAL D 518 53.25 24.61 37.40
N GLY D 519 54.32 24.86 38.16
CA GLY D 519 54.45 24.30 39.49
C GLY D 519 54.79 22.84 39.54
N SER D 520 55.26 22.25 38.42
CA SER D 520 55.68 20.85 38.39
C SER D 520 54.52 19.92 38.69
N SER D 521 53.36 20.22 38.10
CA SER D 521 52.17 19.42 38.36
C SER D 521 52.29 18.03 37.74
N VAL D 522 52.96 17.90 36.59
CA VAL D 522 53.00 16.62 35.91
C VAL D 522 54.39 16.31 35.37
N ARG D 523 55.27 17.30 35.37
CA ARG D 523 56.62 17.09 34.84
C ARG D 523 57.65 17.74 35.74
N SER D 524 58.87 17.21 35.68
CA SER D 524 60.00 17.73 36.43
C SER D 524 60.80 18.71 35.57
N ILE D 525 60.95 19.93 36.07
CA ILE D 525 61.68 20.95 35.30
C ILE D 525 63.17 20.63 35.25
N VAL D 526 63.71 19.97 36.27
CA VAL D 526 65.12 19.57 36.19
C VAL D 526 65.32 18.58 35.05
N GLU D 527 64.43 17.59 34.94
CA GLU D 527 64.52 16.62 33.86
C GLU D 527 64.45 17.29 32.49
N ASP D 528 63.41 18.09 32.26
CA ASP D 528 63.19 18.63 30.91
C ASP D 528 64.20 19.71 30.55
N SER D 529 64.81 20.39 31.53
CA SER D 529 65.87 21.34 31.23
C SER D 529 67.20 20.66 30.94
N GLY D 530 67.42 19.48 31.49
CA GLY D 530 68.68 18.80 31.35
C GLY D 530 69.72 19.31 32.33
N VAL D 531 70.72 18.46 32.56
CA VAL D 531 71.81 18.75 33.49
C VAL D 531 73.12 18.47 32.79
N LYS D 532 73.96 19.51 32.65
CA LYS D 532 75.31 19.34 32.13
C LYS D 532 76.18 18.84 33.28
N ARG D 533 76.21 17.51 33.43
CA ARG D 533 76.81 16.87 34.58
C ARG D 533 78.31 17.09 34.69
N GLU D 534 78.94 17.66 33.66
CA GLU D 534 80.35 18.01 33.76
C GLU D 534 80.60 19.29 34.54
N GLN D 535 79.57 20.12 34.72
CA GLN D 535 79.71 21.36 35.47
C GLN D 535 79.20 21.24 36.89
N ILE D 536 78.82 20.03 37.33
CA ILE D 536 78.38 19.84 38.70
C ILE D 536 79.54 20.09 39.64
N LEU D 537 79.39 21.08 40.52
CA LEU D 537 80.42 21.44 41.49
C LEU D 537 80.12 20.75 42.82
N ILE D 538 81.15 20.17 43.43
CA ILE D 538 81.05 19.48 44.70
C ILE D 538 81.99 20.15 45.68
N ASP D 539 81.42 20.89 46.63
CA ASP D 539 82.18 21.59 47.66
C ASP D 539 81.84 20.94 49.00
N LYS D 540 82.61 19.91 49.36
CA LYS D 540 82.33 19.17 50.58
C LYS D 540 82.75 19.91 51.84
N THR D 541 83.67 20.88 51.73
CA THR D 541 83.98 21.71 52.89
C THR D 541 82.75 22.50 53.33
N SER D 542 82.06 23.14 52.38
CA SER D 542 80.80 23.80 52.69
C SER D 542 79.60 22.86 52.63
N GLY D 543 79.80 21.61 52.23
CA GLY D 543 78.73 20.64 52.16
C GLY D 543 77.62 21.02 51.20
N LYS D 544 77.99 21.39 49.98
CA LYS D 544 77.03 21.83 48.98
C LYS D 544 77.39 21.26 47.62
N VAL D 545 76.40 20.70 46.94
CA VAL D 545 76.55 20.23 45.56
C VAL D 545 75.70 21.12 44.67
N THR D 546 76.32 21.71 43.65
CA THR D 546 75.63 22.64 42.75
C THR D 546 75.40 21.97 41.41
N ILE D 547 74.14 21.88 41.01
CA ILE D 547 73.77 21.23 39.76
C ILE D 547 73.25 22.28 38.79
N PRO D 548 74.04 22.70 37.80
CA PRO D 548 73.54 23.69 36.83
C PRO D 548 72.60 23.06 35.82
N LEU D 549 71.51 23.76 35.52
CA LEU D 549 70.58 23.29 34.51
C LEU D 549 71.04 23.74 33.12
N ASN D 550 70.78 22.88 32.13
CA ASN D 550 71.32 23.07 30.79
C ASN D 550 70.59 24.16 30.01
N GLU D 551 69.42 23.84 29.46
CA GLU D 551 68.64 24.78 28.67
C GLU D 551 67.42 25.20 29.47
N ILE D 552 67.28 26.50 29.72
CA ILE D 552 66.13 27.05 30.45
C ILE D 552 66.14 28.57 30.31
N HIS D 553 64.94 29.14 30.25
CA HIS D 553 64.76 30.59 30.17
C HIS D 553 64.51 31.12 31.58
N VAL D 554 65.44 31.91 32.10
CA VAL D 554 65.39 32.38 33.49
C VAL D 554 65.14 33.88 33.47
N PHE D 555 64.05 34.32 34.08
CA PHE D 555 63.72 35.73 34.17
C PHE D 555 63.32 36.06 35.60
N GLY D 556 63.85 37.16 36.12
CA GLY D 556 63.64 37.50 37.50
C GLY D 556 64.49 36.64 38.43
N GLU D 557 64.17 36.73 39.71
CA GLU D 557 64.83 35.95 40.75
C GLU D 557 63.84 34.92 41.30
N SER D 558 64.33 33.70 41.53
CA SER D 558 63.48 32.63 42.02
C SER D 558 64.24 31.82 43.06
N LEU D 559 63.49 31.28 44.02
CA LEU D 559 64.05 30.42 45.05
C LEU D 559 62.93 29.45 45.46
N ILE D 560 63.02 28.21 44.98
CA ILE D 560 62.03 27.20 45.29
C ILE D 560 62.67 26.14 46.18
N GLU D 561 62.18 26.02 47.40
CA GLU D 561 62.70 25.05 48.35
C GLU D 561 62.24 23.65 47.97
N GLY D 562 63.16 22.69 48.06
CA GLY D 562 62.84 21.31 47.75
C GLY D 562 63.68 20.32 48.52
N ASN D 563 63.83 19.12 47.97
CA ASN D 563 64.54 18.03 48.63
C ASN D 563 65.34 17.26 47.59
N ALA D 564 66.22 16.39 48.08
CA ALA D 564 66.94 15.49 47.19
C ALA D 564 67.25 14.20 47.95
N GLU D 565 67.48 13.12 47.21
CA GLU D 565 67.76 11.83 47.79
C GLU D 565 69.13 11.35 47.32
N LEU D 566 69.94 10.89 48.28
CA LEU D 566 71.21 10.25 48.01
C LEU D 566 71.11 8.77 48.36
N LYS D 567 71.67 7.93 47.50
CA LYS D 567 71.67 6.49 47.73
C LYS D 567 73.03 5.96 47.30
N PRO D 568 73.75 5.24 48.16
CA PRO D 568 75.08 4.74 47.77
C PRO D 568 74.97 3.74 46.63
N VAL D 569 75.84 3.91 45.63
CA VAL D 569 75.83 3.03 44.47
C VAL D 569 76.29 1.64 44.88
N GLY D 570 75.56 0.62 44.44
CA GLY D 570 75.92 -0.75 44.73
C GLY D 570 75.03 -1.44 45.74
N ILE D 571 74.60 -0.70 46.77
CA ILE D 571 73.70 -1.22 47.79
C ILE D 571 72.28 -1.01 47.28
N SER D 572 71.65 -2.08 46.80
CA SER D 572 70.39 -1.94 46.07
C SER D 572 69.23 -1.58 46.98
N ASP D 573 69.30 -1.96 48.25
CA ASP D 573 68.19 -1.81 49.21
C ASP D 573 68.46 -0.74 50.26
N ALA D 574 69.37 0.19 49.98
CA ALA D 574 69.72 1.20 50.96
C ALA D 574 68.60 2.22 51.12
N ASP D 575 68.42 2.69 52.34
CA ASP D 575 67.51 3.81 52.55
C ASP D 575 67.99 5.01 51.75
N PRO D 576 67.08 5.81 51.19
CA PRO D 576 67.51 7.09 50.64
C PRO D 576 68.00 7.98 51.77
N ILE D 577 68.98 8.82 51.48
CA ILE D 577 69.50 9.78 52.44
C ILE D 577 68.83 11.10 52.11
N ASN D 578 67.86 11.49 52.95
CA ASN D 578 67.08 12.69 52.67
C ASN D 578 67.89 13.93 52.99
N VAL D 579 68.01 14.83 52.01
CA VAL D 579 68.79 16.09 52.22
C VAL D 579 68.01 17.25 51.63
N LYS D 580 68.38 18.47 52.03
CA LYS D 580 67.74 19.67 51.54
C LYS D 580 68.26 20.06 50.16
N ALA D 581 67.38 20.67 49.37
CA ALA D 581 67.76 21.17 48.05
C ALA D 581 66.89 22.38 47.74
N LYS D 582 67.38 23.21 46.84
CA LYS D 582 66.57 24.33 46.39
C LYS D 582 66.94 24.69 44.96
N LEU D 583 65.92 25.06 44.17
CA LEU D 583 66.10 25.52 42.81
C LEU D 583 66.20 27.04 42.82
N ILE D 584 67.28 27.56 42.24
CA ILE D 584 67.59 28.99 42.29
C ILE D 584 67.57 29.56 40.88
N GLY D 585 66.94 30.73 40.74
CA GLY D 585 67.05 31.50 39.52
C GLY D 585 67.63 32.89 39.78
N GLU D 586 68.77 33.19 39.16
CA GLU D 586 69.37 34.52 39.28
C GLU D 586 70.39 34.69 38.18
N ALA D 587 70.53 35.94 37.73
CA ALA D 587 71.46 36.29 36.66
C ALA D 587 71.18 35.49 35.39
N ASN D 588 69.90 35.27 35.11
CA ASN D 588 69.44 34.54 33.93
C ASN D 588 70.00 33.12 33.87
N LYS D 589 70.46 32.58 34.99
CA LYS D 589 70.86 31.19 35.08
C LYS D 589 70.00 30.50 36.13
N ALA D 590 69.99 29.17 36.09
CA ALA D 590 69.26 28.38 37.06
C ALA D 590 70.14 27.23 37.53
N ARG D 591 70.02 26.92 38.81
CA ARG D 591 70.77 25.81 39.38
C ARG D 591 69.98 25.20 40.53
N VAL D 592 70.29 23.94 40.82
CA VAL D 592 69.79 23.26 42.02
C VAL D 592 70.96 23.13 42.98
N GLU D 593 70.79 23.64 44.19
CA GLU D 593 71.80 23.50 45.23
C GLU D 593 71.34 22.42 46.20
N VAL D 594 72.18 21.41 46.39
CA VAL D 594 71.91 20.31 47.30
C VAL D 594 72.85 20.45 48.49
N LEU D 595 72.27 20.56 49.69
CA LEU D 595 73.03 20.80 50.91
C LEU D 595 73.20 19.47 51.65
N LEU D 596 74.45 19.01 51.76
CA LEU D 596 74.69 17.74 52.44
C LEU D 596 74.42 17.84 53.94
N GLY D 597 74.59 19.02 54.52
CA GLY D 597 74.29 19.18 55.93
C GLY D 597 75.20 18.33 56.80
N ASP D 598 74.59 17.59 57.74
CA ASP D 598 75.33 16.76 58.69
C ASP D 598 75.38 15.29 58.28
N GLU D 599 75.10 14.97 57.02
CA GLU D 599 75.07 13.58 56.60
C GLU D 599 76.49 13.02 56.49
N LYS D 600 76.66 11.80 56.99
CA LYS D 600 77.96 11.12 56.97
C LYS D 600 78.10 10.36 55.65
N LEU D 601 78.92 10.88 54.73
CA LEU D 601 78.94 10.37 53.36
C LEU D 601 80.36 10.05 52.91
N SER D 602 80.50 8.94 52.17
CA SER D 602 81.80 8.49 51.68
C SER D 602 81.59 7.45 50.58
N GLY D 603 82.16 7.71 49.41
CA GLY D 603 82.01 6.85 48.25
C GLY D 603 81.17 7.49 47.17
N GLU D 604 80.60 6.63 46.32
CA GLU D 604 79.77 7.08 45.20
C GLU D 604 78.29 6.96 45.54
N TYR D 605 77.51 7.96 45.14
CA TYR D 605 76.10 8.03 45.48
C TYR D 605 75.28 8.47 44.28
N HIS D 606 74.13 7.84 44.08
CA HIS D 606 73.10 8.40 43.22
C HIS D 606 72.52 9.66 43.85
N LEU D 607 72.25 10.67 43.03
CA LEU D 607 71.63 11.91 43.50
C LEU D 607 70.39 12.19 42.65
N VAL D 608 69.22 12.13 43.26
CA VAL D 608 67.96 12.47 42.58
C VAL D 608 67.38 13.70 43.27
N THR D 609 67.20 14.77 42.50
CA THR D 609 66.54 15.96 43.03
C THR D 609 65.03 15.76 43.06
N ASN D 610 64.37 16.48 43.99
CA ASN D 610 62.92 16.39 44.18
C ASN D 610 62.38 17.81 44.42
N ILE D 611 62.18 18.54 43.33
CA ILE D 611 61.67 19.90 43.40
C ILE D 611 60.17 19.87 43.12
N GLN D 612 59.38 20.39 44.05
CA GLN D 612 57.92 20.46 43.91
C GLN D 612 57.32 19.08 43.64
N GLY D 613 57.86 18.05 44.29
CA GLY D 613 57.30 16.72 44.21
C GLY D 613 57.61 15.92 42.95
N LYS D 614 58.41 16.46 42.04
CA LYS D 614 58.74 15.78 40.79
C LYS D 614 60.24 15.48 40.76
N LYS D 615 60.59 14.20 40.66
CA LYS D 615 61.99 13.78 40.65
C LYS D 615 62.54 13.76 39.23
N ASP D 616 63.83 14.02 39.12
CA ASP D 616 64.50 14.01 37.82
C ASP D 616 64.92 12.59 37.46
N LYS D 617 65.25 12.39 36.19
CA LYS D 617 65.74 11.13 35.66
C LYS D 617 67.08 11.31 34.97
N GLN D 618 67.93 12.19 35.51
CA GLN D 618 69.20 12.48 34.89
C GLN D 618 70.30 11.51 35.30
N GLN D 619 70.01 10.60 36.24
CA GLN D 619 70.96 9.59 36.68
C GLN D 619 72.26 10.24 37.17
N ILE D 620 72.12 11.25 38.03
CA ILE D 620 73.29 11.92 38.58
C ILE D 620 74.00 11.00 39.56
N LYS D 621 75.31 10.94 39.47
CA LYS D 621 76.15 10.22 40.41
C LYS D 621 77.28 11.13 40.85
N ILE D 622 77.49 11.24 42.16
CA ILE D 622 78.56 12.05 42.70
C ILE D 622 79.45 11.16 43.56
N THR D 623 80.70 11.61 43.73
CA THR D 623 81.67 10.93 44.58
C THR D 623 82.03 11.84 45.74
N LEU D 624 81.89 11.33 46.96
CA LEU D 624 82.16 12.10 48.16
C LEU D 624 83.21 11.41 49.04
N ASP E 19 -46.07 -38.24 -55.91
CA ASP E 19 -44.89 -37.39 -55.89
C ASP E 19 -45.06 -36.20 -54.96
N ILE E 20 -44.36 -36.22 -53.83
CA ILE E 20 -44.48 -35.19 -52.82
C ILE E 20 -43.61 -34.01 -53.19
N LYS E 21 -44.21 -32.81 -53.23
CA LYS E 21 -43.45 -31.64 -53.65
C LYS E 21 -42.67 -31.02 -52.51
N ILE E 22 -43.27 -30.91 -51.32
CA ILE E 22 -42.66 -30.27 -50.17
C ILE E 22 -42.77 -31.20 -48.96
N SER E 23 -41.68 -31.32 -48.22
CA SER E 23 -41.68 -31.97 -46.92
C SER E 23 -41.45 -30.89 -45.87
N VAL E 24 -42.41 -30.72 -44.97
CA VAL E 24 -42.30 -29.73 -43.89
C VAL E 24 -41.68 -30.42 -42.69
N VAL E 25 -40.45 -30.02 -42.36
CA VAL E 25 -39.71 -30.57 -41.22
C VAL E 25 -39.92 -29.65 -40.04
N VAL E 26 -40.45 -30.19 -38.94
CA VAL E 26 -40.71 -29.38 -37.75
C VAL E 26 -40.14 -30.05 -36.51
N PRO E 27 -39.07 -29.52 -35.92
CA PRO E 27 -38.63 -30.00 -34.61
C PRO E 27 -39.45 -29.37 -33.50
N THR E 28 -39.78 -30.19 -32.50
CA THR E 28 -40.59 -29.74 -31.38
C THR E 28 -39.91 -30.08 -30.07
N TYR E 29 -40.00 -29.17 -29.11
CA TYR E 29 -39.56 -29.45 -27.75
C TYR E 29 -40.34 -28.54 -26.82
N ASN E 30 -41.20 -29.13 -25.98
CA ASN E 30 -42.08 -28.39 -25.07
C ASN E 30 -42.78 -27.25 -25.80
N THR E 31 -43.37 -27.58 -26.95
CA THR E 31 -43.99 -26.57 -27.79
C THR E 31 -45.24 -26.00 -27.12
N GLU E 32 -45.41 -24.68 -27.22
CA GLU E 32 -46.62 -24.04 -26.73
C GLU E 32 -47.82 -24.50 -27.56
N LEU E 33 -48.84 -25.01 -26.88
CA LEU E 33 -49.96 -25.61 -27.59
C LEU E 33 -50.64 -24.63 -28.52
N GLU E 34 -50.70 -23.35 -28.15
CA GLU E 34 -51.34 -22.36 -28.99
C GLU E 34 -50.52 -22.07 -30.25
N GLY E 35 -49.20 -22.03 -30.13
CA GLY E 35 -48.38 -21.90 -31.32
C GLY E 35 -48.47 -23.11 -32.22
N LEU E 36 -48.58 -24.30 -31.61
CA LEU E 36 -48.72 -25.55 -32.40
C LEU E 36 -50.00 -25.46 -33.23
N LYS E 37 -51.11 -25.03 -32.63
CA LYS E 37 -52.37 -24.90 -33.37
C LYS E 37 -52.23 -23.92 -34.53
N ASN E 38 -51.60 -22.77 -34.28
CA ASN E 38 -51.39 -21.80 -35.36
C ASN E 38 -50.47 -22.37 -36.44
N LEU E 39 -49.47 -23.15 -36.04
CA LEU E 39 -48.62 -23.80 -37.02
C LEU E 39 -49.43 -24.74 -37.91
N MET E 40 -50.24 -25.61 -37.30
CA MET E 40 -51.01 -26.58 -38.06
C MET E 40 -52.00 -25.89 -39.00
N ALA E 41 -52.63 -24.82 -38.53
CA ALA E 41 -53.61 -24.13 -39.37
C ALA E 41 -52.95 -23.46 -40.56
N SER E 42 -51.74 -22.91 -40.38
CA SER E 42 -51.04 -22.27 -41.48
C SER E 42 -50.69 -23.27 -42.57
N ILE E 43 -50.48 -24.54 -42.20
CA ILE E 43 -50.19 -25.55 -43.20
C ILE E 43 -51.48 -26.04 -43.85
N ASP E 44 -52.54 -26.22 -43.06
CA ASP E 44 -53.81 -26.66 -43.62
C ASP E 44 -54.35 -25.66 -44.64
N LYS E 45 -54.06 -24.37 -44.47
CA LYS E 45 -54.58 -23.34 -45.34
C LYS E 45 -53.77 -23.14 -46.62
N GLN E 46 -52.71 -23.93 -46.83
CA GLN E 46 -51.94 -23.86 -48.07
C GLN E 46 -52.83 -24.09 -49.28
N THR E 47 -52.57 -23.33 -50.35
CA THR E 47 -53.29 -23.53 -51.60
C THR E 47 -52.90 -24.84 -52.28
N MET E 48 -51.70 -25.35 -51.99
CA MET E 48 -51.26 -26.60 -52.59
C MET E 48 -52.15 -27.77 -52.14
N ASN E 49 -52.42 -28.67 -53.07
CA ASN E 49 -53.16 -29.89 -52.79
C ASN E 49 -52.53 -30.62 -51.61
N PRO E 50 -53.30 -30.98 -50.58
CA PRO E 50 -52.70 -31.60 -49.38
C PRO E 50 -51.88 -32.86 -49.66
N ASP E 51 -52.22 -33.66 -50.68
CA ASP E 51 -51.45 -34.86 -50.95
C ASP E 51 -50.20 -34.62 -51.78
N GLU E 52 -49.90 -33.36 -52.11
CA GLU E 52 -48.65 -33.01 -52.76
C GLU E 52 -47.57 -32.57 -51.79
N TYR E 53 -47.86 -32.57 -50.48
CA TYR E 53 -46.85 -32.28 -49.48
C TYR E 53 -47.03 -33.21 -48.29
N GLU E 54 -46.03 -33.22 -47.40
CA GLU E 54 -46.07 -34.06 -46.23
C GLU E 54 -45.47 -33.32 -45.04
N LEU E 55 -45.89 -33.73 -43.84
CA LEU E 55 -45.44 -33.13 -42.59
C LEU E 55 -44.64 -34.16 -41.81
N VAL E 56 -43.42 -33.80 -41.41
CA VAL E 56 -42.53 -34.70 -40.70
C VAL E 56 -42.13 -34.04 -39.39
N PHE E 57 -42.73 -34.48 -38.29
CA PHE E 57 -42.47 -33.93 -36.96
C PHE E 57 -41.58 -34.88 -36.16
N VAL E 58 -40.57 -34.32 -35.49
CA VAL E 58 -39.68 -35.09 -34.63
C VAL E 58 -39.63 -34.40 -33.27
N ASP E 59 -40.24 -35.03 -32.28
CA ASP E 59 -40.25 -34.48 -30.92
C ASP E 59 -38.91 -34.78 -30.24
N ASP E 60 -38.21 -33.73 -29.82
CA ASP E 60 -36.88 -33.83 -29.25
C ASP E 60 -36.94 -34.06 -27.74
N GLY E 61 -37.59 -35.17 -27.36
CA GLY E 61 -37.71 -35.56 -25.97
C GLY E 61 -38.34 -34.49 -25.07
N SER E 62 -39.60 -34.17 -25.33
CA SER E 62 -40.27 -33.15 -24.54
C SER E 62 -40.64 -33.68 -23.16
N THR E 63 -40.45 -32.83 -22.15
CA THR E 63 -40.89 -33.16 -20.80
C THR E 63 -42.38 -32.91 -20.61
N THR E 64 -43.05 -32.32 -21.59
CA THR E 64 -44.48 -32.05 -21.53
C THR E 64 -45.23 -33.05 -22.42
N ASP E 65 -46.52 -32.78 -22.60
CA ASP E 65 -47.40 -33.62 -23.41
C ASP E 65 -47.34 -33.29 -24.90
N THR E 66 -46.26 -32.63 -25.35
CA THR E 66 -46.17 -32.21 -26.74
C THR E 66 -46.22 -33.40 -27.69
N TYR E 67 -45.55 -34.50 -27.34
CA TYR E 67 -45.54 -35.66 -28.21
C TYR E 67 -46.95 -36.24 -28.38
N GLU E 68 -47.75 -36.25 -27.31
CA GLU E 68 -49.12 -36.73 -27.41
C GLU E 68 -49.96 -35.79 -28.26
N ARG E 69 -49.72 -34.47 -28.14
CA ARG E 69 -50.45 -33.53 -28.97
C ARG E 69 -50.11 -33.71 -30.45
N LEU E 70 -48.84 -33.98 -30.76
CA LEU E 70 -48.47 -34.25 -32.15
C LEU E 70 -49.21 -35.47 -32.69
N GLN E 71 -49.35 -36.51 -31.87
CA GLN E 71 -50.04 -37.72 -32.31
C GLN E 71 -51.52 -37.46 -32.57
N GLU E 72 -52.13 -36.54 -31.83
CA GLU E 72 -53.53 -36.22 -32.04
C GLU E 72 -53.75 -35.52 -33.37
N PHE E 73 -52.92 -34.52 -33.68
CA PHE E 73 -53.01 -33.84 -34.97
C PHE E 73 -52.83 -34.84 -36.12
N ALA E 74 -51.90 -35.79 -35.97
CA ALA E 74 -51.56 -36.69 -37.05
C ALA E 74 -52.67 -37.68 -37.38
N GLU E 75 -53.57 -37.95 -36.44
CA GLU E 75 -54.61 -38.95 -36.68
C GLU E 75 -55.58 -38.52 -37.78
N THR E 76 -55.76 -37.21 -37.97
CA THR E 76 -56.66 -36.72 -39.00
C THR E 76 -55.93 -36.34 -40.28
N ARG E 77 -54.61 -36.37 -40.30
CA ARG E 77 -53.85 -36.05 -41.51
C ARG E 77 -53.05 -37.27 -41.97
N PRO E 78 -53.37 -37.85 -43.13
CA PRO E 78 -52.58 -38.99 -43.62
C PRO E 78 -51.15 -38.63 -43.98
N ASN E 79 -50.87 -37.35 -44.24
CA ASN E 79 -49.55 -36.90 -44.66
C ASN E 79 -48.74 -36.32 -43.51
N MET E 80 -49.04 -36.71 -42.28
CA MET E 80 -48.30 -36.24 -41.11
C MET E 80 -47.61 -37.41 -40.44
N THR E 81 -46.29 -37.30 -40.27
CA THR E 81 -45.48 -38.28 -39.59
C THR E 81 -44.95 -37.69 -38.29
N VAL E 82 -44.96 -38.49 -37.23
CA VAL E 82 -44.54 -38.05 -35.90
C VAL E 82 -43.59 -39.10 -35.33
N LYS E 83 -42.39 -38.68 -34.95
CA LYS E 83 -41.43 -39.52 -34.26
C LYS E 83 -40.89 -38.78 -33.05
N GLN E 84 -40.35 -39.53 -32.09
CA GLN E 84 -39.82 -38.96 -30.86
C GLN E 84 -38.45 -39.56 -30.57
N ILE E 85 -37.49 -38.70 -30.23
CA ILE E 85 -36.13 -39.10 -29.90
C ILE E 85 -35.81 -38.57 -28.51
N GLU E 86 -34.67 -39.04 -27.97
CA GLU E 86 -34.17 -38.48 -26.73
C GLU E 86 -33.66 -37.06 -26.96
N ASN E 87 -33.89 -36.19 -25.97
CA ASN E 87 -33.60 -34.76 -26.07
C ASN E 87 -32.15 -34.49 -26.48
N SER E 88 -31.97 -33.99 -27.70
CA SER E 88 -30.63 -33.64 -28.17
C SER E 88 -30.20 -32.26 -27.66
N GLY E 89 -31.15 -31.40 -27.29
CA GLY E 89 -30.82 -30.09 -26.75
C GLY E 89 -30.82 -28.96 -27.76
N TRP E 90 -31.08 -29.25 -29.02
CA TRP E 90 -31.08 -28.23 -30.08
C TRP E 90 -31.85 -28.77 -31.26
N GLY E 91 -32.24 -27.87 -32.15
CA GLY E 91 -32.99 -28.25 -33.33
C GLY E 91 -32.19 -28.97 -34.40
N SER E 92 -30.88 -29.12 -34.23
CA SER E 92 -30.05 -29.71 -35.26
C SER E 92 -30.39 -31.17 -35.49
N ARG E 93 -30.33 -31.99 -34.45
CA ARG E 93 -30.56 -33.42 -34.60
C ARG E 93 -31.97 -33.77 -35.08
N PRO E 94 -33.05 -33.16 -34.55
CA PRO E 94 -34.39 -33.54 -35.06
C PRO E 94 -34.60 -33.17 -36.52
N ARG E 95 -34.05 -32.04 -36.97
CA ARG E 95 -34.13 -31.71 -38.39
C ARG E 95 -33.40 -32.75 -39.25
N ASN E 96 -32.22 -33.19 -38.79
CA ASN E 96 -31.47 -34.17 -39.56
C ASN E 96 -32.21 -35.50 -39.63
N ILE E 97 -32.79 -35.93 -38.52
CA ILE E 97 -33.55 -37.17 -38.49
C ILE E 97 -34.78 -37.07 -39.38
N ALA E 98 -35.49 -35.95 -39.32
CA ALA E 98 -36.64 -35.75 -40.19
C ALA E 98 -36.21 -35.67 -41.65
N THR E 99 -35.05 -35.08 -41.93
CA THR E 99 -34.58 -34.96 -43.31
C THR E 99 -34.38 -36.33 -43.94
N LYS E 100 -33.91 -37.31 -43.16
CA LYS E 100 -33.68 -38.66 -43.68
C LYS E 100 -34.98 -39.40 -43.97
N MET E 101 -36.08 -39.01 -43.31
CA MET E 101 -37.39 -39.61 -43.54
C MET E 101 -38.19 -38.89 -44.62
N ALA E 102 -37.78 -37.66 -44.98
CA ALA E 102 -38.56 -36.86 -45.91
C ALA E 102 -38.58 -37.50 -47.29
N LYS E 103 -39.68 -37.29 -48.00
CA LYS E 103 -39.86 -37.88 -49.33
C LYS E 103 -40.09 -36.83 -50.41
N GLY E 104 -40.10 -35.54 -50.06
CA GLY E 104 -40.47 -34.51 -51.02
C GLY E 104 -39.30 -34.00 -51.83
N GLU E 105 -39.63 -33.25 -52.88
CA GLU E 105 -38.58 -32.66 -53.69
C GLU E 105 -37.89 -31.51 -52.97
N TYR E 106 -38.64 -30.74 -52.17
CA TYR E 106 -38.08 -29.62 -51.43
C TYR E 106 -38.40 -29.76 -49.95
N ILE E 107 -37.43 -29.42 -49.11
CA ILE E 107 -37.58 -29.46 -47.66
C ILE E 107 -37.65 -28.05 -47.12
N LEU E 108 -38.64 -27.79 -46.27
CA LEU E 108 -38.74 -26.56 -45.50
C LEU E 108 -38.50 -26.88 -44.03
N TYR E 109 -37.65 -26.11 -43.38
CA TYR E 109 -37.38 -26.26 -41.95
C TYR E 109 -38.23 -25.24 -41.21
N LEU E 110 -39.28 -25.73 -40.56
CA LEU E 110 -40.27 -24.88 -39.91
C LEU E 110 -40.19 -25.10 -38.41
N ASP E 111 -39.90 -24.04 -37.68
CA ASP E 111 -39.78 -24.13 -36.22
C ASP E 111 -41.15 -24.12 -35.57
N HIS E 112 -41.22 -24.68 -34.37
CA HIS E 112 -42.48 -25.03 -33.73
C HIS E 112 -43.29 -23.84 -33.26
N ASP E 113 -42.75 -22.62 -33.36
CA ASP E 113 -43.44 -21.41 -32.92
C ASP E 113 -43.64 -20.42 -34.06
N ASP E 114 -43.49 -20.86 -35.30
CA ASP E 114 -43.64 -20.02 -36.48
C ASP E 114 -44.88 -20.44 -37.26
N THR E 115 -45.17 -19.69 -38.33
CA THR E 115 -46.26 -20.00 -39.24
C THR E 115 -45.78 -19.78 -40.66
N VAL E 116 -46.62 -20.18 -41.61
CA VAL E 116 -46.34 -20.03 -43.04
C VAL E 116 -47.56 -19.40 -43.69
N PHE E 117 -47.32 -18.60 -44.74
CA PHE E 117 -48.37 -17.91 -45.46
C PHE E 117 -49.10 -18.85 -46.42
N PRO E 118 -50.35 -18.55 -46.78
CA PRO E 118 -51.18 -19.58 -47.43
C PRO E 118 -50.72 -19.99 -48.82
N GLU E 119 -50.06 -19.11 -49.57
CA GLU E 119 -49.65 -19.42 -50.93
C GLU E 119 -48.18 -19.81 -51.04
N THR E 120 -47.50 -20.02 -49.91
CA THR E 120 -46.05 -20.24 -49.92
C THR E 120 -45.67 -21.49 -50.72
N PHE E 121 -46.23 -22.64 -50.35
CA PHE E 121 -45.86 -23.89 -51.00
C PHE E 121 -46.00 -23.79 -52.52
N GLU E 122 -47.18 -23.38 -52.97
CA GLU E 122 -47.43 -23.26 -54.41
C GLU E 122 -46.43 -22.33 -55.07
N ARG E 123 -46.29 -21.12 -54.53
CA ARG E 123 -45.44 -20.13 -55.19
C ARG E 123 -43.97 -20.55 -55.18
N VAL E 124 -43.48 -21.03 -54.04
CA VAL E 124 -42.08 -21.41 -53.91
C VAL E 124 -41.74 -22.58 -54.84
N TYR E 125 -42.56 -23.64 -54.82
CA TYR E 125 -42.26 -24.83 -55.62
C TYR E 125 -42.23 -24.49 -57.10
N ASN E 126 -43.26 -23.79 -57.58
CA ASN E 126 -43.29 -23.39 -58.99
C ASN E 126 -42.06 -22.55 -59.33
N PHE E 127 -41.55 -21.76 -58.39
CA PHE E 127 -40.36 -20.97 -58.64
C PHE E 127 -39.11 -21.85 -58.70
N GLY E 128 -38.99 -22.79 -57.76
CA GLY E 128 -37.83 -23.67 -57.77
C GLY E 128 -37.79 -24.60 -58.97
N LYS E 129 -38.95 -25.19 -59.31
CA LYS E 129 -39.00 -26.10 -60.44
C LYS E 129 -38.74 -25.39 -61.76
N GLU E 130 -39.32 -24.20 -61.94
CA GLU E 130 -39.14 -23.45 -63.18
C GLU E 130 -37.68 -23.09 -63.42
N ASN E 131 -36.91 -22.93 -62.35
CA ASN E 131 -35.53 -22.46 -62.45
C ASN E 131 -34.53 -23.48 -61.94
N ASN E 132 -34.97 -24.71 -61.66
CA ASN E 132 -34.10 -25.81 -61.24
C ASN E 132 -33.20 -25.39 -60.07
N LEU E 133 -33.83 -24.83 -59.05
CA LEU E 133 -33.12 -24.26 -57.92
C LEU E 133 -32.87 -25.31 -56.85
N ASP E 134 -31.68 -25.26 -56.24
CA ASP E 134 -31.38 -26.09 -55.09
C ASP E 134 -31.78 -25.43 -53.78
N VAL E 135 -31.82 -24.10 -53.73
CA VAL E 135 -32.30 -23.35 -52.58
C VAL E 135 -33.21 -22.24 -53.07
N VAL E 136 -34.40 -22.16 -52.49
CA VAL E 136 -35.28 -21.02 -52.69
C VAL E 136 -35.29 -20.23 -51.39
N SER E 137 -34.75 -19.01 -51.43
CA SER E 137 -34.76 -18.10 -50.29
C SER E 137 -35.98 -17.21 -50.45
N GLY E 138 -37.04 -17.51 -49.72
CA GLY E 138 -38.26 -16.74 -49.81
C GLY E 138 -38.31 -15.63 -48.78
N LYS E 139 -38.99 -14.54 -49.14
CA LYS E 139 -39.18 -13.42 -48.25
C LYS E 139 -39.62 -13.89 -46.87
N GLU E 140 -38.84 -13.53 -45.86
CA GLU E 140 -39.13 -13.88 -44.48
C GLU E 140 -39.61 -12.64 -43.73
N VAL E 141 -40.59 -12.85 -42.86
CA VAL E 141 -41.22 -11.79 -42.10
C VAL E 141 -40.92 -12.01 -40.62
N ARG E 142 -40.65 -10.91 -39.91
CA ARG E 142 -40.38 -10.93 -38.47
C ARG E 142 -41.32 -9.98 -37.75
N THR E 143 -41.68 -10.35 -36.53
CA THR E 143 -42.64 -9.58 -35.75
C THR E 143 -42.23 -8.10 -35.66
N ASN E 144 -40.98 -7.85 -35.33
CA ASN E 144 -40.52 -6.49 -35.05
C ASN E 144 -39.59 -6.00 -36.16
N GLY E 145 -39.31 -4.70 -36.12
CA GLY E 145 -38.46 -4.07 -37.09
C GLY E 145 -39.21 -3.55 -38.30
N TRP E 146 -38.55 -2.68 -39.05
CA TRP E 146 -39.13 -2.09 -40.25
C TRP E 146 -38.65 -2.76 -41.53
N SER E 147 -37.71 -3.70 -41.43
CA SER E 147 -37.23 -4.42 -42.60
C SER E 147 -36.72 -5.77 -42.14
N TRP E 148 -36.48 -6.63 -43.13
CA TRP E 148 -35.76 -7.88 -42.91
C TRP E 148 -35.26 -8.34 -44.27
N GLY E 149 -33.95 -8.43 -44.42
CA GLY E 149 -33.39 -8.69 -45.73
C GLY E 149 -33.75 -7.57 -46.69
N TRP E 150 -33.51 -6.33 -46.24
CA TRP E 150 -33.86 -5.17 -47.05
C TRP E 150 -33.21 -5.23 -48.42
N LYS E 151 -31.96 -5.69 -48.50
CA LYS E 151 -31.27 -5.69 -49.78
C LYS E 151 -31.55 -6.96 -50.57
N GLN E 152 -31.62 -8.11 -49.88
CA GLN E 152 -31.79 -9.39 -50.56
C GLN E 152 -33.23 -9.63 -51.03
N PHE E 153 -34.22 -9.21 -50.24
CA PHE E 153 -35.61 -9.41 -50.60
C PHE E 153 -36.22 -8.23 -51.34
N SER E 154 -35.42 -7.49 -52.10
CA SER E 154 -35.91 -6.35 -52.88
C SER E 154 -36.34 -6.70 -54.30
N GLU E 155 -36.08 -7.93 -54.77
CA GLU E 155 -36.48 -8.32 -56.12
C GLU E 155 -36.34 -9.82 -56.29
N ASN E 156 -37.17 -10.37 -57.20
CA ASN E 156 -37.01 -11.76 -57.57
C ASN E 156 -35.73 -11.95 -58.36
N ASN E 157 -35.03 -13.06 -58.08
CA ASN E 157 -33.76 -13.36 -58.75
C ASN E 157 -33.65 -14.86 -58.88
N PRO E 158 -33.96 -15.43 -60.05
CA PRO E 158 -33.82 -16.88 -60.24
C PRO E 158 -32.37 -17.33 -60.45
N HIS E 159 -31.43 -16.40 -60.56
CA HIS E 159 -30.01 -16.74 -60.65
C HIS E 159 -29.24 -15.99 -59.56
N ALA E 160 -29.69 -16.14 -58.31
CA ALA E 160 -29.16 -15.32 -57.23
C ALA E 160 -27.73 -15.70 -56.86
N GLU E 161 -27.35 -16.98 -57.02
CA GLU E 161 -26.02 -17.39 -56.61
C GLU E 161 -24.94 -16.73 -57.45
N GLU E 162 -25.29 -16.17 -58.61
CA GLU E 162 -24.32 -15.48 -59.46
C GLU E 162 -23.83 -14.17 -58.85
N MET E 163 -24.35 -13.76 -57.69
CA MET E 163 -23.90 -12.55 -57.02
C MET E 163 -23.14 -12.85 -55.73
N GLY E 164 -22.90 -14.12 -55.44
CA GLY E 164 -22.09 -14.53 -54.31
C GLY E 164 -22.93 -15.09 -53.17
N ILE E 165 -22.23 -15.48 -52.11
CA ILE E 165 -22.86 -16.06 -50.93
C ILE E 165 -23.82 -15.09 -50.25
N GLU E 166 -23.79 -13.81 -50.62
CA GLU E 166 -24.72 -12.84 -50.05
C GLU E 166 -26.17 -13.20 -50.36
N CYS E 167 -26.42 -13.91 -51.46
CA CYS E 167 -27.78 -14.21 -51.88
C CYS E 167 -28.54 -15.06 -50.87
N LEU E 168 -27.85 -15.69 -49.91
CA LEU E 168 -28.53 -16.50 -48.91
C LEU E 168 -28.80 -15.75 -47.62
N LEU E 169 -28.37 -14.51 -47.50
CA LEU E 169 -28.66 -13.76 -46.29
C LEU E 169 -30.09 -13.23 -46.31
N PRO E 170 -30.72 -13.07 -45.15
CA PRO E 170 -30.24 -13.55 -43.85
C PRO E 170 -30.30 -15.07 -43.74
N MET E 171 -29.26 -15.69 -43.18
CA MET E 171 -29.10 -17.13 -43.28
C MET E 171 -29.87 -17.89 -42.21
N THR E 172 -31.16 -17.59 -42.05
CA THR E 172 -32.04 -18.42 -41.26
C THR E 172 -32.27 -19.75 -41.99
N PRO E 173 -32.68 -20.80 -41.28
CA PRO E 173 -32.96 -22.08 -41.94
C PRO E 173 -34.33 -22.16 -42.58
N HIS E 174 -35.07 -21.05 -42.56
CA HIS E 174 -36.46 -21.00 -43.02
C HIS E 174 -36.55 -20.80 -44.52
N LYS E 175 -35.83 -21.65 -45.25
CA LYS E 175 -35.83 -21.64 -46.70
C LYS E 175 -36.26 -23.02 -47.20
N PHE E 176 -36.35 -23.15 -48.52
CA PHE E 176 -36.71 -24.41 -49.16
C PHE E 176 -35.49 -24.99 -49.84
N TYR E 177 -35.08 -26.18 -49.42
CA TYR E 177 -33.88 -26.83 -49.91
C TYR E 177 -34.26 -28.08 -50.68
N LYS E 178 -33.62 -28.29 -51.83
CA LYS E 178 -33.83 -29.50 -52.59
C LYS E 178 -33.31 -30.69 -51.79
N ARG E 179 -34.21 -31.63 -51.48
CA ARG E 179 -33.80 -32.78 -50.68
C ARG E 179 -32.67 -33.56 -51.35
N GLU E 180 -32.71 -33.69 -52.68
CA GLU E 180 -31.64 -34.39 -53.39
C GLU E 180 -30.30 -33.72 -53.14
N PHE E 181 -30.28 -32.38 -53.16
CA PHE E 181 -29.03 -31.64 -53.01
C PHE E 181 -28.40 -31.89 -51.65
N LEU E 182 -29.20 -31.81 -50.59
CA LEU E 182 -28.68 -32.00 -49.24
C LEU E 182 -28.10 -33.40 -49.07
N LEU E 183 -28.83 -34.42 -49.52
CA LEU E 183 -28.36 -35.78 -49.34
C LEU E 183 -27.16 -36.10 -50.23
N GLU E 184 -27.07 -35.48 -51.41
CA GLU E 184 -25.95 -35.77 -52.30
C GLU E 184 -24.64 -35.24 -51.75
N ASN E 185 -24.66 -34.03 -51.20
CA ASN E 185 -23.46 -33.41 -50.65
C ASN E 185 -23.32 -33.61 -49.15
N ASP E 186 -24.18 -34.43 -48.55
CA ASP E 186 -24.15 -34.73 -47.11
C ASP E 186 -24.14 -33.45 -46.27
N ILE E 187 -25.06 -32.55 -46.57
CA ILE E 187 -25.20 -31.30 -45.84
C ILE E 187 -26.16 -31.53 -44.67
N THR E 188 -25.64 -31.38 -43.45
CA THR E 188 -26.44 -31.59 -42.25
C THR E 188 -26.22 -30.42 -41.28
N PHE E 189 -27.13 -30.31 -40.32
CA PHE E 189 -26.93 -29.39 -39.20
C PHE E 189 -25.94 -29.99 -38.22
N ASP E 190 -25.06 -29.15 -37.68
CA ASP E 190 -24.07 -29.61 -36.71
C ASP E 190 -24.78 -30.19 -35.49
N ASP E 191 -24.54 -31.48 -35.22
CA ASP E 191 -25.25 -32.19 -34.17
C ASP E 191 -24.81 -31.72 -32.80
N GLY E 192 -25.67 -31.99 -31.81
CA GLY E 192 -25.39 -31.67 -30.43
C GLY E 192 -26.29 -30.57 -29.89
N ALA E 193 -26.04 -30.19 -28.66
CA ALA E 193 -26.76 -29.12 -28.00
C ALA E 193 -26.00 -27.81 -28.15
N ARG E 194 -26.74 -26.70 -27.99
CA ARG E 194 -26.15 -25.36 -27.92
C ARG E 194 -25.33 -25.07 -29.17
N VAL E 195 -25.94 -25.33 -30.33
CA VAL E 195 -25.24 -25.17 -31.61
C VAL E 195 -25.66 -23.81 -32.16
N LEU E 196 -25.00 -22.76 -31.65
CA LEU E 196 -25.33 -21.40 -32.03
C LEU E 196 -24.96 -21.14 -33.49
N TRP E 197 -25.83 -20.43 -34.18
CA TRP E 197 -25.65 -20.06 -35.60
C TRP E 197 -25.57 -21.30 -36.51
N GLU E 198 -26.24 -22.39 -36.11
CA GLU E 198 -26.19 -23.61 -36.91
C GLU E 198 -26.76 -23.38 -38.31
N ASP E 199 -27.69 -22.43 -38.46
CA ASP E 199 -28.24 -22.13 -39.78
C ASP E 199 -27.25 -21.37 -40.64
N VAL E 200 -26.35 -20.60 -40.02
CA VAL E 200 -25.25 -20.00 -40.76
C VAL E 200 -24.32 -21.08 -41.30
N TYR E 201 -23.99 -22.08 -40.46
CA TYR E 201 -23.17 -23.19 -40.94
C TYR E 201 -23.89 -23.95 -42.04
N PHE E 202 -25.20 -24.17 -41.86
CA PHE E 202 -25.97 -24.95 -42.82
C PHE E 202 -26.06 -24.25 -44.17
N ASN E 203 -26.45 -22.97 -44.17
CA ASN E 203 -26.61 -22.24 -45.43
C ASN E 203 -25.27 -22.09 -46.16
N SER E 204 -24.20 -21.83 -45.41
CA SER E 204 -22.89 -21.69 -46.03
C SER E 204 -22.45 -23.00 -46.68
N LYS E 205 -22.60 -24.12 -45.97
CA LYS E 205 -22.24 -25.42 -46.55
C LYS E 205 -23.00 -25.70 -47.82
N ALA E 206 -24.24 -25.22 -47.92
CA ALA E 206 -24.99 -25.36 -49.15
C ALA E 206 -24.37 -24.55 -50.28
N PHE E 207 -23.98 -23.31 -50.00
CA PHE E 207 -23.44 -22.47 -51.06
C PHE E 207 -22.05 -22.92 -51.48
N ILE E 208 -21.25 -23.46 -50.54
CA ILE E 208 -19.92 -23.97 -50.86
C ILE E 208 -20.01 -25.14 -51.84
N HIS E 209 -21.06 -25.94 -51.73
CA HIS E 209 -21.24 -27.11 -52.59
C HIS E 209 -21.90 -26.77 -53.92
N GLY E 210 -22.16 -25.49 -54.18
CA GLY E 210 -22.59 -25.07 -55.51
C GLY E 210 -24.08 -25.01 -55.74
N ALA E 211 -24.88 -24.74 -54.70
CA ALA E 211 -26.32 -24.70 -54.87
C ALA E 211 -26.72 -23.59 -55.83
N LYS E 212 -27.63 -23.91 -56.73
CA LYS E 212 -28.35 -22.89 -57.48
C LYS E 212 -29.37 -22.25 -56.56
N VAL E 213 -29.26 -20.95 -56.35
CA VAL E 213 -30.11 -20.24 -55.39
C VAL E 213 -30.99 -19.26 -56.15
N GLY E 214 -32.28 -19.27 -55.85
CA GLY E 214 -33.20 -18.24 -56.30
C GLY E 214 -33.79 -17.52 -55.11
N ILE E 215 -34.19 -16.26 -55.32
CA ILE E 215 -34.78 -15.43 -54.30
C ILE E 215 -36.20 -15.08 -54.74
N LEU E 216 -37.18 -15.38 -53.87
CA LEU E 216 -38.58 -15.03 -54.08
C LEU E 216 -38.93 -13.91 -53.12
N ALA E 217 -39.09 -12.70 -53.64
CA ALA E 217 -39.29 -11.53 -52.81
C ALA E 217 -40.66 -10.89 -52.92
N ASP E 218 -41.48 -11.31 -53.90
CA ASP E 218 -42.75 -10.63 -54.14
C ASP E 218 -43.91 -11.25 -53.36
N TYR E 219 -43.62 -12.15 -52.43
CA TYR E 219 -44.65 -12.75 -51.61
C TYR E 219 -44.06 -13.21 -50.29
N PRO E 220 -44.64 -12.83 -49.16
CA PRO E 220 -44.09 -13.27 -47.86
C PRO E 220 -44.37 -14.75 -47.66
N THR E 221 -43.31 -15.51 -47.40
CA THR E 221 -43.44 -16.97 -47.33
C THR E 221 -43.45 -17.51 -45.91
N TYR E 222 -42.71 -16.87 -44.99
CA TYR E 222 -42.43 -17.43 -43.67
C TYR E 222 -42.51 -16.34 -42.62
N TYR E 223 -43.16 -16.64 -41.50
CA TYR E 223 -43.29 -15.70 -40.39
C TYR E 223 -42.49 -16.24 -39.21
N TRP E 224 -41.35 -15.59 -38.93
CA TRP E 224 -40.52 -15.92 -37.78
C TRP E 224 -41.01 -15.05 -36.61
N ILE E 225 -41.65 -15.68 -35.63
CA ILE E 225 -42.45 -14.98 -34.63
C ILE E 225 -41.63 -14.75 -33.38
N ALA E 226 -41.65 -13.51 -32.88
CA ALA E 226 -41.04 -13.19 -31.60
C ALA E 226 -42.01 -13.58 -30.48
N THR E 227 -41.53 -14.41 -29.56
CA THR E 227 -42.33 -14.90 -28.45
C THR E 227 -41.69 -14.44 -27.14
N GLY E 228 -42.37 -14.75 -26.03
CA GLY E 228 -41.78 -14.51 -24.73
C GLY E 228 -40.61 -15.43 -24.43
N ALA E 229 -40.62 -16.64 -25.01
CA ALA E 229 -39.55 -17.59 -24.75
C ALA E 229 -38.24 -17.15 -25.39
N ASN E 230 -38.30 -16.73 -26.66
CA ASN E 230 -37.13 -16.20 -27.35
C ASN E 230 -36.98 -14.68 -27.16
N ASN E 231 -37.91 -14.03 -26.45
CA ASN E 231 -37.75 -12.63 -26.09
C ASN E 231 -36.42 -12.39 -25.41
N SER E 232 -36.09 -13.21 -24.42
CA SER E 232 -34.80 -13.19 -23.75
C SER E 232 -34.23 -14.59 -23.74
N SER E 233 -33.01 -14.73 -24.24
CA SER E 233 -32.32 -16.01 -24.30
C SER E 233 -31.01 -15.91 -23.55
N SER E 234 -30.50 -17.07 -23.10
CA SER E 234 -29.27 -17.08 -22.33
C SER E 234 -28.04 -16.78 -23.18
N PHE E 235 -28.15 -16.87 -24.51
CA PHE E 235 -26.99 -16.61 -25.35
C PHE E 235 -26.64 -15.13 -25.31
N GLY E 236 -25.35 -14.84 -25.29
CA GLY E 236 -24.88 -13.49 -25.09
C GLY E 236 -24.73 -13.13 -23.63
N ARG E 237 -25.52 -13.76 -22.75
CA ARG E 237 -25.35 -13.48 -21.33
C ARG E 237 -24.02 -14.01 -20.82
N ASP E 238 -23.52 -15.09 -21.42
CA ASP E 238 -22.20 -15.60 -21.10
C ASP E 238 -21.20 -15.03 -22.09
N PRO E 239 -20.27 -14.17 -21.66
CA PRO E 239 -19.33 -13.58 -22.63
C PRO E 239 -18.29 -14.57 -23.11
N HIS E 240 -17.91 -15.54 -22.29
CA HIS E 240 -16.93 -16.53 -22.72
C HIS E 240 -17.54 -17.50 -23.72
N GLU E 241 -18.79 -17.92 -23.49
CA GLU E 241 -19.48 -18.72 -24.51
C GLU E 241 -19.64 -17.93 -25.81
N LYS E 242 -20.05 -16.67 -25.70
CA LYS E 242 -20.31 -15.85 -26.88
C LYS E 242 -19.09 -15.79 -27.80
N TRP E 243 -17.92 -15.48 -27.23
CA TRP E 243 -16.73 -15.33 -28.06
C TRP E 243 -16.07 -16.66 -28.39
N ASN E 244 -16.40 -17.73 -27.65
CA ASN E 244 -15.98 -19.04 -28.10
C ASN E 244 -16.76 -19.48 -29.33
N GLN E 245 -18.02 -19.04 -29.45
CA GLN E 245 -18.83 -19.36 -30.62
C GLN E 245 -18.47 -18.46 -31.80
N ILE E 246 -18.21 -17.18 -31.54
CA ILE E 246 -17.75 -16.27 -32.60
C ILE E 246 -16.43 -16.76 -33.17
N ASN E 247 -15.56 -17.30 -32.31
CA ASN E 247 -14.31 -17.88 -32.80
C ASN E 247 -14.56 -19.08 -33.70
N LYS E 248 -15.50 -19.95 -33.31
CA LYS E 248 -15.86 -21.08 -34.17
C LYS E 248 -16.34 -20.61 -35.53
N LEU E 249 -17.15 -19.55 -35.57
CA LEU E 249 -17.77 -19.13 -36.81
C LEU E 249 -16.73 -18.61 -37.80
N PHE E 250 -15.81 -17.76 -37.33
CA PHE E 250 -14.78 -17.24 -38.23
C PHE E 250 -13.81 -18.34 -38.66
N ASN E 251 -13.48 -19.28 -37.77
CA ASN E 251 -12.64 -20.40 -38.17
C ASN E 251 -13.34 -21.27 -39.21
N PHE E 252 -14.66 -21.36 -39.14
CA PHE E 252 -15.43 -22.09 -40.15
C PHE E 252 -15.31 -21.43 -41.51
N PHE E 253 -15.54 -20.12 -41.57
CA PHE E 253 -15.42 -19.39 -42.84
C PHE E 253 -14.05 -19.60 -43.46
N LYS E 254 -12.99 -19.32 -42.70
CA LYS E 254 -11.64 -19.34 -43.26
C LYS E 254 -11.25 -20.72 -43.77
N ASP E 255 -11.76 -21.78 -43.13
CA ASP E 255 -11.35 -23.13 -43.49
C ASP E 255 -12.14 -23.70 -44.67
N ASN E 256 -13.36 -23.22 -44.89
CA ASN E 256 -14.30 -23.88 -45.80
C ASN E 256 -14.68 -23.06 -47.02
N ILE E 257 -14.78 -21.74 -46.92
CA ILE E 257 -15.15 -20.93 -48.07
C ILE E 257 -13.92 -20.71 -48.94
N LYS E 258 -13.98 -21.18 -50.18
CA LYS E 258 -12.82 -21.18 -51.08
C LYS E 258 -12.83 -20.04 -52.08
N GLU E 259 -14.00 -19.53 -52.46
CA GLU E 259 -14.06 -18.39 -53.38
C GLU E 259 -13.67 -17.12 -52.64
N GLN E 260 -12.67 -16.41 -53.17
CA GLN E 260 -12.20 -15.20 -52.51
C GLN E 260 -13.32 -14.18 -52.33
N ARG E 261 -14.21 -14.07 -53.33
CA ARG E 261 -15.30 -13.10 -53.25
C ARG E 261 -16.21 -13.40 -52.07
N ASP E 262 -16.53 -14.68 -51.84
CA ASP E 262 -17.46 -15.07 -50.79
C ASP E 262 -16.81 -15.03 -49.41
N LEU E 263 -15.58 -15.53 -49.29
CA LEU E 263 -14.85 -15.43 -48.03
C LEU E 263 -14.72 -13.98 -47.57
N ASP E 264 -14.45 -13.06 -48.52
CA ASP E 264 -14.32 -11.66 -48.16
C ASP E 264 -15.65 -11.09 -47.67
N PHE E 265 -16.76 -11.49 -48.30
CA PHE E 265 -18.05 -10.96 -47.86
C PHE E 265 -18.40 -11.43 -46.46
N MET E 266 -18.26 -12.74 -46.21
CA MET E 266 -18.64 -13.27 -44.90
C MET E 266 -17.74 -12.70 -43.80
N LEU E 267 -16.43 -12.68 -44.02
CA LEU E 267 -15.52 -12.10 -43.04
C LEU E 267 -15.86 -10.65 -42.77
N THR E 268 -16.08 -9.86 -43.82
CA THR E 268 -16.40 -8.43 -43.64
C THR E 268 -17.73 -8.25 -42.93
N HIS E 269 -18.78 -8.91 -43.42
CA HIS E 269 -20.12 -8.75 -42.87
C HIS E 269 -20.16 -9.13 -41.38
N TRP E 270 -19.58 -10.29 -41.03
CA TRP E 270 -19.63 -10.73 -39.64
C TRP E 270 -18.65 -9.97 -38.75
N TYR E 271 -17.57 -9.42 -39.32
CA TYR E 271 -16.68 -8.58 -38.53
C TYR E 271 -17.32 -7.23 -38.22
N ARG E 272 -17.93 -6.61 -39.23
CA ARG E 272 -18.67 -5.36 -38.99
C ARG E 272 -19.75 -5.56 -37.94
N SER E 273 -20.55 -6.62 -38.09
CA SER E 273 -21.76 -6.76 -37.27
C SER E 273 -21.45 -7.26 -35.86
N ARG E 274 -20.69 -8.36 -35.75
CA ARG E 274 -20.60 -9.04 -34.47
C ARG E 274 -19.33 -8.73 -33.69
N VAL E 275 -18.30 -8.16 -34.32
CA VAL E 275 -17.06 -7.82 -33.64
C VAL E 275 -16.95 -6.30 -33.45
N LEU E 276 -16.97 -5.54 -34.55
CA LEU E 276 -16.98 -4.09 -34.41
C LEU E 276 -18.28 -3.60 -33.80
N GLY E 277 -19.32 -4.44 -33.81
CA GLY E 277 -20.63 -4.11 -33.27
C GLY E 277 -20.68 -4.01 -31.77
N ILE E 278 -19.60 -4.34 -31.05
CA ILE E 278 -19.53 -4.08 -29.63
C ILE E 278 -18.76 -2.81 -29.31
N LEU E 279 -18.20 -2.14 -30.32
CA LEU E 279 -17.37 -0.96 -30.11
C LEU E 279 -18.13 0.34 -30.28
N GLY E 280 -19.46 0.28 -30.37
CA GLY E 280 -20.27 1.48 -30.48
C GLY E 280 -21.07 1.70 -29.22
N GLN E 281 -22.39 1.88 -29.36
CA GLN E 281 -23.22 2.16 -28.20
C GLN E 281 -23.23 1.01 -27.20
N TRP E 282 -22.75 -0.17 -27.60
CA TRP E 282 -22.62 -1.28 -26.65
C TRP E 282 -21.74 -0.90 -25.47
N LEU E 283 -20.69 -0.11 -25.73
CA LEU E 283 -19.79 0.30 -24.67
C LEU E 283 -20.48 1.15 -23.60
N LEU E 284 -21.61 1.78 -23.94
CA LEU E 284 -22.33 2.61 -23.00
C LEU E 284 -23.38 1.84 -22.19
N LYS E 285 -23.64 0.58 -22.54
CA LYS E 285 -24.72 -0.18 -21.90
C LYS E 285 -24.20 -1.34 -21.05
N ASN E 286 -22.89 -1.43 -20.83
CA ASN E 286 -22.32 -2.52 -20.07
C ASN E 286 -21.28 -1.97 -19.10
N ASN E 287 -21.08 -2.70 -18.00
CA ASN E 287 -20.13 -2.28 -16.99
C ASN E 287 -18.70 -2.50 -17.48
N ASN E 288 -17.74 -1.91 -16.74
CA ASN E 288 -16.35 -1.90 -17.19
C ASN E 288 -15.72 -3.29 -17.14
N GLU E 289 -16.22 -4.18 -16.28
CA GLU E 289 -15.63 -5.51 -16.19
C GLU E 289 -16.03 -6.38 -17.36
N ARG E 290 -17.28 -6.30 -17.79
CA ARG E 290 -17.72 -7.04 -18.96
C ARG E 290 -17.11 -6.49 -20.25
N ILE E 291 -16.99 -5.15 -20.34
CA ILE E 291 -16.40 -4.53 -21.52
C ILE E 291 -14.97 -5.02 -21.74
N ASP E 292 -14.18 -5.07 -20.66
CA ASP E 292 -12.78 -5.49 -20.77
C ASP E 292 -12.67 -6.92 -21.27
N ILE E 293 -13.57 -7.79 -20.83
CA ILE E 293 -13.53 -9.19 -21.26
C ILE E 293 -13.79 -9.29 -22.76
N GLU E 294 -14.88 -8.67 -23.23
CA GLU E 294 -15.25 -8.79 -24.64
C GLU E 294 -14.32 -7.98 -25.53
N PHE E 295 -13.82 -6.84 -25.06
CA PHE E 295 -12.87 -6.08 -25.86
C PHE E 295 -11.59 -6.87 -26.07
N ASN E 296 -11.09 -7.54 -25.03
CA ASN E 296 -9.90 -8.37 -25.18
C ASN E 296 -10.13 -9.51 -26.17
N TYR E 297 -11.34 -10.09 -26.15
CA TYR E 297 -11.66 -11.13 -27.11
C TYR E 297 -11.73 -10.58 -28.52
N ALA E 298 -12.36 -9.41 -28.70
CA ALA E 298 -12.48 -8.82 -30.03
C ALA E 298 -11.11 -8.47 -30.60
N LYS E 299 -10.23 -7.85 -29.80
CA LYS E 299 -8.91 -7.50 -30.28
C LYS E 299 -8.09 -8.74 -30.61
N LYS E 300 -8.16 -9.76 -29.76
CA LYS E 300 -7.46 -11.01 -30.03
C LYS E 300 -7.96 -11.64 -31.32
N LEU E 301 -9.27 -11.71 -31.50
CA LEU E 301 -9.83 -12.28 -32.73
C LEU E 301 -9.45 -11.46 -33.94
N ALA E 302 -9.54 -10.12 -33.83
CA ALA E 302 -9.18 -9.28 -34.97
C ALA E 302 -7.72 -9.44 -35.34
N GLU E 303 -6.84 -9.67 -34.37
CA GLU E 303 -5.43 -9.86 -34.67
C GLU E 303 -5.19 -11.24 -35.30
N GLU E 304 -5.90 -12.26 -34.85
CA GLU E 304 -5.60 -13.64 -35.21
C GLU E 304 -6.32 -14.11 -36.47
N LEU E 305 -7.58 -13.71 -36.67
CA LEU E 305 -8.40 -14.27 -37.73
C LEU E 305 -8.76 -13.29 -38.83
N ILE E 306 -8.77 -11.99 -38.56
CA ILE E 306 -9.28 -11.00 -39.51
C ILE E 306 -8.09 -10.41 -40.26
N PRO E 307 -7.94 -10.69 -41.55
CA PRO E 307 -6.83 -10.08 -42.30
C PRO E 307 -7.03 -8.58 -42.47
N ALA E 308 -5.91 -7.87 -42.60
CA ALA E 308 -5.94 -6.41 -42.61
C ALA E 308 -6.68 -5.87 -43.82
N TYR E 309 -6.67 -6.58 -44.95
CA TYR E 309 -7.32 -6.05 -46.14
C TYR E 309 -8.82 -5.87 -45.96
N ILE E 310 -9.42 -6.54 -44.97
CA ILE E 310 -10.85 -6.39 -44.70
C ILE E 310 -11.19 -4.94 -44.37
N SER E 311 -10.25 -4.22 -43.76
CA SER E 311 -10.47 -2.82 -43.39
C SER E 311 -10.85 -1.96 -44.59
N GLU E 312 -10.37 -2.30 -45.78
CA GLU E 312 -10.69 -1.56 -46.99
C GLU E 312 -12.12 -1.79 -47.47
N ASN E 313 -12.85 -2.74 -46.89
CA ASN E 313 -14.25 -2.99 -47.25
C ASN E 313 -15.22 -2.32 -46.29
N LEU E 314 -14.73 -1.50 -45.38
CA LEU E 314 -15.55 -0.91 -44.33
C LEU E 314 -15.77 0.58 -44.62
N ASP E 315 -16.92 1.09 -44.17
CA ASP E 315 -17.14 2.53 -44.19
C ASP E 315 -16.19 3.23 -43.22
N LYS E 316 -16.05 4.54 -43.40
CA LYS E 316 -15.09 5.32 -42.62
C LYS E 316 -15.22 5.06 -41.12
N ASN E 317 -16.45 5.16 -40.60
CA ASN E 317 -16.64 5.02 -39.15
C ASN E 317 -16.18 3.65 -38.66
N ASN E 318 -16.42 2.61 -39.44
CA ASN E 318 -15.97 1.27 -39.04
C ASN E 318 -14.47 1.12 -39.21
N GLN E 319 -13.86 1.78 -40.20
CA GLN E 319 -12.41 1.78 -40.31
C GLN E 319 -11.77 2.37 -39.04
N VAL E 320 -12.37 3.43 -38.50
CA VAL E 320 -11.89 4.03 -37.26
C VAL E 320 -11.97 3.02 -36.13
N LYS E 321 -13.13 2.36 -35.98
CA LYS E 321 -13.28 1.33 -34.95
C LYS E 321 -12.25 0.22 -35.12
N ASP E 322 -12.00 -0.19 -36.37
CA ASP E 322 -11.04 -1.26 -36.60
C ASP E 322 -9.64 -0.84 -36.17
N TYR E 323 -9.20 0.35 -36.58
CA TYR E 323 -7.86 0.81 -36.27
C TYR E 323 -7.65 0.95 -34.77
N LEU E 324 -8.60 1.60 -34.08
CA LEU E 324 -8.49 1.77 -32.64
C LEU E 324 -8.58 0.45 -31.89
N LEU E 325 -9.36 -0.50 -32.40
CA LEU E 325 -9.42 -1.82 -31.78
C LEU E 325 -8.05 -2.49 -31.81
N ARG E 326 -7.37 -2.42 -32.96
CA ARG E 326 -6.09 -3.11 -33.10
C ARG E 326 -4.98 -2.38 -32.34
N GLN E 327 -5.14 -1.07 -32.11
CA GLN E 327 -4.21 -0.35 -31.27
C GLN E 327 -4.42 -0.62 -29.78
N GLY E 328 -5.49 -1.32 -29.42
CA GLY E 328 -5.83 -1.53 -28.03
C GLY E 328 -6.46 -0.33 -27.34
N ASP E 329 -6.78 0.73 -28.09
CA ASP E 329 -7.23 1.99 -27.51
C ASP E 329 -8.72 1.93 -27.23
N LEU E 330 -9.07 1.31 -26.10
CA LEU E 330 -10.46 1.26 -25.67
C LEU E 330 -10.96 2.63 -25.23
N ASP E 331 -10.07 3.46 -24.64
CA ASP E 331 -10.51 4.76 -24.12
C ASP E 331 -11.01 5.67 -25.23
N SER E 332 -10.29 5.73 -26.35
CA SER E 332 -10.78 6.50 -27.49
C SER E 332 -12.09 5.93 -28.01
N LEU E 333 -12.23 4.61 -28.03
CA LEU E 333 -13.47 4.00 -28.51
C LEU E 333 -14.64 4.35 -27.60
N LYS E 334 -14.42 4.29 -26.28
CA LYS E 334 -15.46 4.72 -25.34
C LYS E 334 -15.83 6.18 -25.56
N LYS E 335 -14.84 7.04 -25.84
CA LYS E 335 -15.13 8.44 -26.09
C LYS E 335 -15.89 8.61 -27.41
N LEU E 336 -15.48 7.90 -28.45
CA LEU E 336 -16.18 7.99 -29.73
C LEU E 336 -17.63 7.52 -29.62
N ALA E 337 -17.88 6.52 -28.77
CA ALA E 337 -19.25 6.10 -28.55
C ALA E 337 -20.07 7.19 -27.89
N GLN E 338 -19.43 7.98 -27.02
CA GLN E 338 -20.11 9.14 -26.44
C GLN E 338 -20.39 10.19 -27.50
N ILE E 339 -19.43 10.43 -28.41
CA ILE E 339 -19.61 11.44 -29.46
C ILE E 339 -20.71 11.01 -30.42
N ASP E 340 -20.86 9.70 -30.66
CA ASP E 340 -21.82 9.21 -31.64
C ASP E 340 -23.22 9.03 -31.09
N ALA E 341 -23.37 8.88 -29.77
CA ALA E 341 -24.64 8.47 -29.16
C ALA E 341 -25.80 9.34 -29.63
N GLY E 342 -26.81 8.71 -30.20
CA GLY E 342 -28.05 9.39 -30.52
C GLY E 342 -28.17 9.92 -31.93
N ILE E 343 -27.13 9.79 -32.76
CA ILE E 343 -27.23 10.22 -34.15
C ILE E 343 -28.33 9.42 -34.83
N THR E 344 -29.23 10.13 -35.53
CA THR E 344 -30.39 9.49 -36.13
C THR E 344 -30.96 10.43 -37.19
N ALA E 345 -32.05 9.99 -37.82
CA ALA E 345 -32.70 10.76 -38.87
C ALA E 345 -34.19 10.41 -38.82
N LEU E 346 -34.99 11.32 -38.27
CA LEU E 346 -36.42 11.15 -38.18
C LEU E 346 -37.10 11.97 -39.27
N SER E 347 -38.15 11.43 -39.86
CA SER E 347 -38.86 12.12 -40.93
C SER E 347 -40.18 12.69 -40.42
N TYR E 348 -40.49 13.90 -40.88
CA TYR E 348 -41.75 14.56 -40.56
C TYR E 348 -42.61 14.63 -41.81
N VAL E 349 -43.92 14.58 -41.62
CA VAL E 349 -44.88 14.78 -42.71
C VAL E 349 -44.97 16.27 -43.00
N GLU E 350 -44.53 16.67 -44.21
CA GLU E 350 -44.74 18.02 -44.70
C GLU E 350 -46.08 18.18 -45.41
N ASP E 351 -46.65 17.09 -45.92
CA ASP E 351 -47.96 17.11 -46.56
C ASP E 351 -48.44 15.68 -46.73
N ALA E 352 -49.75 15.49 -46.58
CA ALA E 352 -50.38 14.18 -46.74
C ALA E 352 -51.75 14.42 -47.36
N TYR E 353 -52.00 13.81 -48.51
CA TYR E 353 -53.29 14.03 -49.17
C TYR E 353 -53.57 12.85 -50.10
N PHE E 354 -54.86 12.61 -50.32
CA PHE E 354 -55.30 11.66 -51.31
C PHE E 354 -55.43 12.34 -52.67
N LYS E 355 -55.10 11.61 -53.71
CA LYS E 355 -55.22 12.09 -55.08
C LYS E 355 -55.53 10.89 -55.96
N GLU E 356 -56.61 10.99 -56.74
CA GLU E 356 -57.09 9.86 -57.53
C GLU E 356 -57.21 8.62 -56.64
N ASP E 357 -56.51 7.53 -56.99
CA ASP E 357 -56.61 6.30 -56.23
C ASP E 357 -55.42 6.05 -55.32
N LYS E 358 -54.59 7.07 -55.07
CA LYS E 358 -53.39 6.91 -54.28
C LYS E 358 -53.38 7.89 -53.11
N LEU E 359 -52.51 7.62 -52.15
CA LEU E 359 -52.26 8.51 -51.01
C LEU E 359 -50.84 9.04 -51.13
N PHE E 360 -50.71 10.36 -51.26
CA PHE E 360 -49.44 11.02 -51.52
C PHE E 360 -48.86 11.61 -50.25
N PHE E 361 -47.54 11.49 -50.10
CA PHE E 361 -46.80 12.00 -48.95
C PHE E 361 -45.67 12.91 -49.39
N LYS E 362 -45.50 14.02 -48.69
CA LYS E 362 -44.28 14.82 -48.77
C LYS E 362 -43.64 14.83 -47.40
N THR E 363 -42.39 14.38 -47.31
CA THR E 363 -41.70 14.31 -46.04
C THR E 363 -40.37 15.05 -46.12
N SER E 364 -39.81 15.31 -44.94
CA SER E 364 -38.52 15.95 -44.81
C SER E 364 -37.80 15.34 -43.62
N THR E 365 -36.46 15.34 -43.69
CA THR E 365 -35.66 14.80 -42.61
C THR E 365 -34.34 15.55 -42.56
N LYS E 366 -33.60 15.29 -41.49
CA LYS E 366 -32.22 15.73 -41.38
C LYS E 366 -31.58 14.99 -40.24
N MET E 367 -30.27 14.76 -40.35
CA MET E 367 -29.57 14.06 -39.30
C MET E 367 -29.50 14.93 -38.05
N THR E 368 -29.79 14.34 -36.90
CA THR E 368 -29.79 15.05 -35.62
C THR E 368 -29.25 14.13 -34.54
N TYR E 369 -29.16 14.67 -33.33
CA TYR E 369 -28.94 13.88 -32.13
C TYR E 369 -30.28 13.76 -31.42
N GLU E 370 -30.86 12.56 -31.45
CA GLU E 370 -32.07 12.25 -30.67
C GLU E 370 -33.25 13.14 -31.06
N ASP E 371 -33.28 13.56 -32.34
CA ASP E 371 -34.38 14.38 -32.87
C ASP E 371 -34.39 15.77 -32.25
N LYS E 372 -33.20 16.31 -31.95
CA LYS E 372 -33.08 17.62 -31.34
C LYS E 372 -32.11 18.51 -32.13
N GLU E 373 -30.96 18.84 -31.55
CA GLU E 373 -30.05 19.73 -32.26
C GLU E 373 -29.41 19.00 -33.45
N ASP E 374 -29.05 19.79 -34.47
CA ASP E 374 -28.58 19.23 -35.73
C ASP E 374 -27.25 18.49 -35.55
N PHE E 375 -27.06 17.46 -36.38
CA PHE E 375 -25.76 16.83 -36.55
C PHE E 375 -24.94 17.61 -37.57
N PHE E 376 -23.64 17.75 -37.31
CA PHE E 376 -22.78 18.56 -38.17
C PHE E 376 -21.52 17.81 -38.59
N ILE E 377 -21.13 18.02 -39.84
CA ILE E 377 -19.77 17.81 -40.30
C ILE E 377 -19.22 19.18 -40.66
N GLU E 378 -17.89 19.28 -40.74
CA GLU E 378 -17.28 20.59 -40.91
C GLU E 378 -16.24 20.56 -42.03
N LYS E 379 -16.13 21.70 -42.71
CA LYS E 379 -15.27 21.86 -43.88
C LYS E 379 -13.97 22.52 -43.44
N THR E 380 -12.90 21.73 -43.37
CA THR E 380 -11.56 22.24 -43.10
C THR E 380 -10.71 22.03 -44.34
N ALA E 381 -10.15 23.13 -44.85
CA ALA E 381 -9.47 23.15 -46.15
C ALA E 381 -10.47 22.64 -47.18
N ASP E 382 -10.17 21.58 -47.94
CA ASP E 382 -11.09 21.00 -48.90
C ASP E 382 -11.65 19.67 -48.41
N ARG E 383 -11.56 19.40 -47.12
CA ARG E 383 -12.05 18.17 -46.52
C ARG E 383 -13.36 18.41 -45.79
N MET E 384 -14.24 17.43 -45.85
CA MET E 384 -15.50 17.41 -45.11
C MET E 384 -15.35 16.38 -43.99
N GLU E 385 -14.88 16.85 -42.83
CA GLU E 385 -14.42 15.96 -41.77
C GLU E 385 -15.50 15.72 -40.71
N ARG E 386 -15.43 14.52 -40.14
CA ARG E 386 -16.14 14.23 -38.91
C ARG E 386 -15.63 15.11 -37.78
N ILE E 387 -16.53 15.56 -36.92
CA ILE E 387 -16.19 16.45 -35.81
C ILE E 387 -15.79 15.61 -34.61
N LEU E 388 -14.54 15.75 -34.16
CA LEU E 388 -13.94 14.96 -33.11
C LEU E 388 -13.00 15.83 -32.31
N PRO E 389 -12.66 15.44 -31.08
CA PRO E 389 -11.63 16.17 -30.33
C PRO E 389 -10.26 15.96 -30.97
N GLU E 390 -9.35 16.88 -30.66
CA GLU E 390 -8.02 16.82 -31.25
C GLU E 390 -7.22 15.63 -30.73
N GLU E 391 -7.40 15.28 -29.45
CA GLU E 391 -6.69 14.14 -28.88
C GLU E 391 -7.03 12.84 -29.59
N ILE E 392 -8.25 12.75 -30.14
CA ILE E 392 -8.65 11.57 -30.91
C ILE E 392 -8.29 11.71 -32.38
N LYS E 393 -8.50 12.90 -32.95
CA LYS E 393 -8.21 13.11 -34.36
C LYS E 393 -6.75 12.84 -34.68
N SER E 394 -5.84 13.20 -33.77
CA SER E 394 -4.42 12.97 -33.99
C SER E 394 -4.04 11.50 -33.89
N LYS E 395 -4.83 10.69 -33.19
CA LYS E 395 -4.56 9.26 -33.05
C LYS E 395 -5.00 8.44 -34.26
N LEU E 396 -5.56 9.08 -35.28
CA LEU E 396 -6.19 8.39 -36.40
C LEU E 396 -5.61 8.87 -37.73
N PRO E 397 -5.56 8.00 -38.73
CA PRO E 397 -5.23 8.45 -40.08
C PRO E 397 -6.24 9.47 -40.57
N LYS E 398 -5.74 10.49 -41.29
CA LYS E 398 -6.59 11.58 -41.76
C LYS E 398 -7.72 11.10 -42.66
N GLU E 399 -7.50 10.01 -43.39
CA GLU E 399 -8.51 9.55 -44.34
C GLU E 399 -9.72 8.97 -43.64
N PHE E 400 -9.55 8.45 -42.42
CA PHE E 400 -10.61 7.71 -41.75
C PHE E 400 -11.68 8.61 -41.15
N PHE E 401 -11.46 9.92 -41.05
CA PHE E 401 -12.51 10.84 -40.66
C PHE E 401 -12.79 11.88 -41.74
N ASP E 402 -12.44 11.58 -42.99
CA ASP E 402 -12.75 12.46 -44.12
C ASP E 402 -13.93 11.87 -44.88
N TYR E 403 -15.06 12.58 -44.86
CA TYR E 403 -16.29 12.14 -45.49
C TYR E 403 -16.43 12.64 -46.92
N SER E 404 -15.39 13.26 -47.48
CA SER E 404 -15.49 13.93 -48.77
C SER E 404 -15.99 12.99 -49.86
N ASP E 405 -15.52 11.74 -49.85
CA ASP E 405 -15.90 10.80 -50.90
C ASP E 405 -17.26 10.16 -50.69
N ASP E 406 -17.88 10.34 -49.53
CA ASP E 406 -19.12 9.67 -49.21
C ASP E 406 -20.35 10.56 -49.29
N LEU E 407 -20.17 11.84 -49.64
CA LEU E 407 -21.26 12.80 -49.60
C LEU E 407 -22.31 12.59 -50.69
N ALA E 408 -22.13 11.62 -51.58
CA ALA E 408 -23.12 11.32 -52.61
C ALA E 408 -23.75 9.95 -52.41
N GLU E 409 -23.49 9.29 -51.29
CA GLU E 409 -24.01 7.95 -51.04
C GLU E 409 -25.24 7.94 -50.15
N PHE E 410 -25.88 9.08 -49.93
CA PHE E 410 -27.06 9.12 -49.09
C PHE E 410 -28.23 8.41 -49.75
N THR E 411 -28.99 7.65 -48.97
CA THR E 411 -30.23 7.05 -49.43
C THR E 411 -31.37 7.52 -48.53
N TYR E 412 -32.54 7.64 -49.14
CA TYR E 412 -33.72 8.14 -48.44
C TYR E 412 -34.92 7.55 -49.19
N GLU E 413 -35.62 6.62 -48.56
CA GLU E 413 -36.70 5.92 -49.23
C GLU E 413 -37.77 5.56 -48.21
N PRO E 414 -39.01 5.32 -48.67
CA PRO E 414 -40.08 5.00 -47.72
C PRO E 414 -40.40 3.52 -47.66
N SER E 415 -40.98 3.08 -46.55
CA SER E 415 -41.40 1.70 -46.38
C SER E 415 -42.75 1.67 -45.68
N ILE E 416 -43.31 0.45 -45.60
CA ILE E 416 -44.62 0.22 -45.00
C ILE E 416 -44.59 -1.13 -44.31
N LYS E 417 -45.51 -1.32 -43.36
CA LYS E 417 -45.61 -2.57 -42.62
C LYS E 417 -47.06 -2.82 -42.25
N GLY E 418 -47.58 -4.00 -42.62
CA GLY E 418 -48.91 -4.39 -42.20
C GLY E 418 -48.90 -4.77 -40.73
N ARG E 419 -49.80 -4.18 -39.95
CA ARG E 419 -49.81 -4.40 -38.50
C ARG E 419 -50.32 -5.78 -38.12
N ASN E 420 -51.02 -6.49 -39.01
CA ASN E 420 -51.50 -7.83 -38.73
C ASN E 420 -50.52 -8.89 -39.19
N SER E 421 -50.06 -8.78 -40.45
CA SER E 421 -49.16 -9.75 -41.07
C SER E 421 -47.70 -9.53 -40.69
N ARG E 422 -47.32 -8.31 -40.31
CA ARG E 422 -45.96 -7.92 -39.98
C ARG E 422 -45.06 -7.85 -41.20
N ALA E 423 -45.58 -8.16 -42.39
CA ALA E 423 -44.81 -8.02 -43.62
C ALA E 423 -44.39 -6.57 -43.82
N THR E 424 -43.15 -6.38 -44.28
CA THR E 424 -42.62 -5.06 -44.58
C THR E 424 -42.34 -4.95 -46.07
N TRP E 425 -42.50 -3.75 -46.60
CA TRP E 425 -42.30 -3.53 -48.02
C TRP E 425 -41.66 -2.17 -48.25
N LYS E 426 -40.71 -2.12 -49.20
CA LYS E 426 -40.26 -0.86 -49.74
C LYS E 426 -41.34 -0.26 -50.63
N ILE E 427 -41.54 1.05 -50.50
CA ILE E 427 -42.53 1.76 -51.29
C ILE E 427 -41.83 2.29 -52.55
N ASP E 428 -42.20 1.73 -53.70
CA ASP E 428 -41.54 2.05 -54.96
C ASP E 428 -41.99 3.41 -55.50
N GLY E 429 -41.23 3.92 -56.47
CA GLY E 429 -41.61 5.10 -57.21
C GLY E 429 -41.28 6.42 -56.56
N SER E 430 -40.67 6.41 -55.38
CA SER E 430 -40.41 7.66 -54.66
C SER E 430 -39.24 8.41 -55.27
N THR E 431 -39.29 9.74 -55.14
CA THR E 431 -38.19 10.62 -55.50
C THR E 431 -37.72 11.35 -54.23
N SER E 432 -36.40 11.47 -54.09
CA SER E 432 -35.85 12.09 -52.90
C SER E 432 -34.57 12.84 -53.28
N ASN E 433 -34.17 13.74 -52.38
CA ASN E 433 -33.00 14.59 -52.58
C ASN E 433 -32.41 14.91 -51.23
N VAL E 434 -31.10 14.66 -51.08
CA VAL E 434 -30.37 14.92 -49.84
C VAL E 434 -29.29 15.94 -50.15
N GLU E 435 -29.23 17.01 -49.34
CA GLU E 435 -28.27 18.08 -49.52
C GLU E 435 -27.37 18.20 -48.28
N VAL E 436 -26.18 18.75 -48.50
CA VAL E 436 -25.23 19.05 -47.44
C VAL E 436 -25.15 20.58 -47.36
N VAL E 437 -25.88 21.16 -46.41
CA VAL E 437 -26.10 22.60 -46.36
C VAL E 437 -25.18 23.22 -45.32
N ASN E 438 -24.51 24.30 -45.69
CA ASN E 438 -23.68 25.04 -44.74
C ASN E 438 -24.59 25.90 -43.88
N LYS E 439 -24.81 25.48 -42.62
CA LYS E 439 -25.71 26.22 -41.74
C LYS E 439 -25.03 27.44 -41.13
N LYS E 440 -23.81 27.28 -40.63
CA LYS E 440 -23.12 28.37 -39.97
C LYS E 440 -21.62 28.09 -39.96
N ALA E 441 -20.82 29.14 -40.12
CA ALA E 441 -19.36 29.05 -40.16
C ALA E 441 -18.99 27.97 -41.18
N ASN E 442 -18.13 27.02 -40.83
CA ASN E 442 -17.74 25.92 -41.71
C ASN E 442 -18.51 24.65 -41.41
N LEU E 443 -19.64 24.75 -40.73
CA LEU E 443 -20.40 23.58 -40.31
C LEU E 443 -21.49 23.26 -41.32
N TYR E 444 -21.75 21.97 -41.52
CA TYR E 444 -22.66 21.50 -42.55
C TYR E 444 -23.61 20.48 -41.94
N LYS E 445 -24.90 20.63 -42.26
CA LYS E 445 -25.92 19.67 -41.87
C LYS E 445 -26.33 18.85 -43.10
N ILE E 446 -27.04 17.75 -42.84
CA ILE E 446 -27.48 16.83 -43.88
C ILE E 446 -28.99 16.79 -43.88
N GLU E 447 -29.61 17.42 -44.87
CA GLU E 447 -31.05 17.52 -44.97
C GLU E 447 -31.58 16.71 -46.15
N GLY E 448 -32.78 16.17 -45.97
CA GLY E 448 -33.40 15.40 -47.04
C GLY E 448 -34.87 15.71 -47.20
N GLU E 449 -35.33 15.70 -48.45
CA GLU E 449 -36.75 15.78 -48.78
C GLU E 449 -37.13 14.55 -49.59
N MET E 450 -38.39 14.16 -49.49
CA MET E 450 -38.87 13.01 -50.23
C MET E 450 -40.36 13.15 -50.50
N SER E 451 -40.80 12.64 -51.64
CA SER E 451 -42.22 12.57 -51.96
C SER E 451 -42.52 11.19 -52.53
N PHE E 452 -43.61 10.59 -52.05
CA PHE E 452 -43.99 9.25 -52.49
C PHE E 452 -45.50 9.09 -52.40
N SER E 453 -46.01 8.10 -53.12
CA SER E 453 -47.42 7.75 -53.08
C SER E 453 -47.57 6.29 -52.69
N VAL E 454 -48.75 5.95 -52.17
CA VAL E 454 -49.07 4.60 -51.71
C VAL E 454 -50.24 4.08 -52.52
N GLN E 455 -50.00 3.02 -53.29
CA GLN E 455 -51.03 2.26 -53.98
C GLN E 455 -51.26 1.00 -53.15
N ILE E 456 -52.28 1.02 -52.29
CA ILE E 456 -52.44 -0.04 -51.31
C ILE E 456 -52.64 -1.41 -51.97
N ASN E 457 -53.15 -1.44 -53.21
CA ASN E 457 -53.29 -2.72 -53.90
C ASN E 457 -51.95 -3.42 -54.12
N ASP E 458 -50.83 -2.69 -54.04
CA ASP E 458 -49.51 -3.29 -54.24
C ASP E 458 -49.16 -4.28 -53.14
N TYR E 459 -49.80 -4.16 -51.97
CA TYR E 459 -49.41 -4.92 -50.80
C TYR E 459 -50.48 -5.88 -50.33
N ILE E 460 -51.63 -5.91 -50.99
CA ILE E 460 -52.73 -6.81 -50.67
C ILE E 460 -52.50 -8.09 -51.46
N LEU E 461 -51.92 -9.09 -50.81
CA LEU E 461 -51.64 -10.37 -51.45
C LEU E 461 -52.58 -11.47 -50.97
N ASP E 462 -52.74 -11.64 -49.67
CA ASP E 462 -53.73 -12.55 -49.12
C ASP E 462 -55.01 -11.79 -48.81
N ALA E 463 -56.14 -12.49 -48.84
CA ALA E 463 -57.43 -11.85 -48.58
C ALA E 463 -57.44 -11.14 -47.23
N ALA E 464 -56.76 -11.70 -46.23
CA ALA E 464 -56.72 -11.07 -44.93
C ALA E 464 -56.14 -9.65 -45.01
N ASP E 465 -55.28 -9.39 -45.99
CA ASP E 465 -54.62 -8.08 -46.11
C ASP E 465 -55.59 -6.95 -46.43
N LYS E 466 -56.79 -7.26 -46.93
CA LYS E 466 -57.76 -6.23 -47.30
C LYS E 466 -58.16 -5.37 -46.12
N LYS E 467 -58.29 -5.98 -44.94
CA LYS E 467 -58.71 -5.29 -43.73
C LYS E 467 -57.53 -5.30 -42.76
N GLN E 468 -56.79 -4.19 -42.71
CA GLN E 468 -55.56 -4.15 -41.93
C GLN E 468 -55.18 -2.70 -41.69
N PRO E 469 -54.53 -2.39 -40.56
CA PRO E 469 -53.82 -1.11 -40.43
C PRO E 469 -52.40 -1.25 -40.95
N TRP E 470 -51.91 -0.21 -41.60
CA TRP E 470 -50.57 -0.17 -42.16
C TRP E 470 -49.77 0.96 -41.52
N ASP E 471 -48.54 0.66 -41.11
CA ASP E 471 -47.69 1.65 -40.47
C ASP E 471 -46.58 2.04 -41.43
N ILE E 472 -46.26 3.33 -41.45
CA ILE E 472 -45.40 3.92 -42.47
C ILE E 472 -44.11 4.41 -41.83
N ALA E 473 -42.99 4.13 -42.51
CA ALA E 473 -41.68 4.47 -42.00
C ALA E 473 -40.82 5.00 -43.15
N THR E 474 -39.68 5.58 -42.77
CA THR E 474 -38.69 6.04 -43.73
C THR E 474 -37.34 5.47 -43.36
N ARG E 475 -36.56 5.11 -44.37
CA ARG E 475 -35.22 4.57 -44.20
C ARG E 475 -34.21 5.55 -44.78
N PHE E 476 -33.30 6.03 -43.94
CA PHE E 476 -32.28 7.00 -44.33
C PHE E 476 -30.91 6.45 -43.97
N THR E 477 -30.01 6.41 -44.94
CA THR E 477 -28.64 5.99 -44.68
C THR E 477 -27.68 7.05 -45.19
N GLY E 478 -26.48 7.03 -44.61
CA GLY E 478 -25.44 7.94 -45.06
C GLY E 478 -24.35 8.06 -44.01
N LEU E 479 -23.11 8.23 -44.46
CA LEU E 479 -21.96 8.44 -43.59
C LEU E 479 -21.75 7.29 -42.62
N GLY E 480 -22.34 6.13 -42.89
CA GLY E 480 -22.22 4.98 -42.01
C GLY E 480 -23.38 4.76 -41.06
N TYR E 481 -24.41 5.60 -41.11
CA TYR E 481 -25.57 5.47 -40.24
C TYR E 481 -26.78 4.99 -41.03
N THR E 482 -27.61 4.19 -40.37
CA THR E 482 -28.89 3.75 -40.92
C THR E 482 -29.97 4.08 -39.89
N SER E 483 -30.94 4.91 -40.29
CA SER E 483 -32.09 5.24 -39.44
C SER E 483 -33.35 4.84 -40.20
N HIS E 484 -33.97 3.74 -39.77
CA HIS E 484 -35.23 3.26 -40.32
C HIS E 484 -36.24 3.42 -39.18
N ARG E 485 -37.12 4.42 -39.29
CA ARG E 485 -37.99 4.80 -38.19
C ARG E 485 -39.38 5.16 -38.71
N ALA E 486 -40.38 4.98 -37.86
CA ALA E 486 -41.74 5.38 -38.19
C ALA E 486 -41.78 6.83 -38.64
N LEU E 487 -42.55 7.08 -39.69
CA LEU E 487 -42.86 8.44 -40.09
C LEU E 487 -43.77 9.09 -39.05
N THR E 488 -43.52 10.36 -38.74
CA THR E 488 -44.22 11.05 -37.67
C THR E 488 -44.72 12.40 -38.13
N ILE E 489 -45.71 12.92 -37.39
CA ILE E 489 -46.23 14.26 -37.62
C ILE E 489 -46.64 14.83 -36.27
N GLY E 490 -46.65 16.16 -36.18
CA GLY E 490 -47.01 16.84 -34.96
C GLY E 490 -48.45 17.29 -34.89
N LYS E 491 -48.92 17.99 -35.93
CA LYS E 491 -50.30 18.42 -35.96
C LYS E 491 -51.24 17.22 -36.06
N ILE E 492 -52.50 17.47 -35.72
CA ILE E 492 -53.53 16.45 -35.83
C ILE E 492 -53.79 16.17 -37.30
N LEU E 493 -53.67 14.90 -37.70
CA LEU E 493 -53.88 14.48 -39.08
C LEU E 493 -54.95 13.40 -39.10
N ILE E 494 -56.07 13.69 -39.76
CA ILE E 494 -57.14 12.72 -39.95
C ILE E 494 -57.76 12.99 -41.32
N LYS E 495 -57.44 12.17 -42.31
CA LYS E 495 -58.01 12.32 -43.64
C LYS E 495 -58.53 10.96 -44.13
N THR E 496 -59.74 10.96 -44.66
CA THR E 496 -60.42 9.74 -45.08
C THR E 496 -60.55 9.71 -46.59
N ALA E 497 -60.88 8.52 -47.09
CA ALA E 497 -61.03 8.30 -48.52
C ALA E 497 -61.87 7.06 -48.76
N LEU E 498 -62.68 7.10 -49.81
CA LEU E 498 -63.43 5.95 -50.30
C LEU E 498 -63.02 5.77 -51.76
N ILE E 499 -62.17 4.77 -52.00
CA ILE E 499 -61.54 4.56 -53.30
C ILE E 499 -61.82 3.13 -53.74
N ASN E 500 -62.65 2.96 -54.76
CA ASN E 500 -62.93 1.66 -55.39
C ASN E 500 -63.16 0.56 -54.35
N ASN E 501 -64.15 0.79 -53.49
CA ASN E 501 -64.60 -0.10 -52.42
C ASN E 501 -63.58 -0.26 -51.30
N LYS E 502 -62.58 0.60 -51.23
CA LYS E 502 -61.63 0.62 -50.13
C LYS E 502 -61.92 1.82 -49.25
N THR E 503 -62.20 1.56 -47.97
CA THR E 503 -62.21 2.60 -46.95
C THR E 503 -60.77 2.82 -46.48
N MET E 504 -60.28 4.05 -46.59
CA MET E 504 -58.90 4.38 -46.23
C MET E 504 -58.89 5.58 -45.28
N ILE E 505 -58.08 5.51 -44.24
CA ILE E 505 -57.97 6.59 -43.26
C ILE E 505 -56.49 6.74 -42.90
N VAL E 506 -55.90 7.85 -43.30
CA VAL E 506 -54.54 8.17 -42.90
C VAL E 506 -54.62 9.09 -41.68
N TYR E 507 -53.82 8.80 -40.67
CA TYR E 507 -53.98 9.52 -39.41
C TYR E 507 -52.71 9.48 -38.59
N LYS E 508 -52.55 10.52 -37.77
CA LYS E 508 -51.58 10.51 -36.68
C LYS E 508 -52.16 9.68 -35.53
N ASN E 509 -51.48 8.60 -35.17
CA ASN E 509 -51.97 7.72 -34.14
C ASN E 509 -51.55 8.22 -32.76
N ALA E 510 -51.91 7.49 -31.71
CA ALA E 510 -51.73 7.99 -30.36
C ALA E 510 -50.26 8.11 -29.96
N SER E 511 -49.36 7.50 -30.72
CA SER E 511 -47.94 7.63 -30.47
C SER E 511 -47.30 8.71 -31.34
N GLY E 512 -48.10 9.45 -32.11
CA GLY E 512 -47.59 10.47 -32.99
C GLY E 512 -47.07 9.96 -34.31
N LEU E 513 -47.31 8.70 -34.64
CA LEU E 513 -46.78 8.08 -35.85
C LEU E 513 -47.87 7.93 -36.90
N ILE E 514 -47.44 7.79 -38.15
CA ILE E 514 -48.34 7.79 -39.29
C ILE E 514 -48.87 6.39 -39.53
N SER E 515 -50.19 6.23 -39.46
CA SER E 515 -50.85 4.98 -39.72
C SER E 515 -51.88 5.16 -40.83
N LEU E 516 -52.21 4.03 -41.48
CA LEU E 516 -53.16 4.00 -42.59
C LEU E 516 -54.10 2.83 -42.37
N ASP E 517 -55.35 3.12 -41.98
CA ASP E 517 -56.34 2.07 -41.76
C ASP E 517 -57.11 1.79 -43.05
N VAL E 518 -57.20 0.51 -43.41
CA VAL E 518 -57.87 0.07 -44.64
C VAL E 518 -58.87 -1.02 -44.29
N GLY E 519 -60.14 -0.80 -44.62
CA GLY E 519 -61.17 -1.77 -44.33
C GLY E 519 -61.79 -1.65 -42.95
N SER E 520 -61.60 -0.52 -42.27
CA SER E 520 -62.16 -0.27 -40.93
C SER E 520 -61.62 -1.28 -39.92
N SER E 521 -60.33 -1.58 -40.02
CA SER E 521 -59.71 -2.51 -39.08
C SER E 521 -59.63 -1.91 -37.68
N VAL E 522 -59.39 -0.60 -37.54
CA VAL E 522 -59.27 -0.01 -36.21
C VAL E 522 -60.05 1.29 -36.05
N ARG E 523 -60.53 1.89 -37.14
CA ARG E 523 -61.25 3.16 -37.04
C ARG E 523 -62.43 3.21 -37.99
N SER E 524 -63.41 4.04 -37.62
CA SER E 524 -64.67 4.18 -38.34
C SER E 524 -64.58 5.35 -39.33
N ILE E 525 -64.82 5.05 -40.61
CA ILE E 525 -64.68 6.09 -41.63
C ILE E 525 -65.82 7.09 -41.57
N VAL E 526 -67.01 6.68 -41.11
CA VAL E 526 -68.08 7.64 -40.89
C VAL E 526 -67.68 8.62 -39.79
N GLU E 527 -67.10 8.11 -38.70
CA GLU E 527 -66.70 8.97 -37.60
C GLU E 527 -65.59 9.93 -38.00
N ASP E 528 -64.58 9.45 -38.73
CA ASP E 528 -63.46 10.31 -39.07
C ASP E 528 -63.80 11.29 -40.20
N SER E 529 -64.78 10.96 -41.04
CA SER E 529 -65.19 11.88 -42.11
C SER E 529 -66.14 12.96 -41.61
N GLY E 530 -66.90 12.68 -40.56
CA GLY E 530 -67.93 13.59 -40.11
C GLY E 530 -69.21 13.42 -40.91
N VAL E 531 -70.30 13.91 -40.33
CA VAL E 531 -71.63 13.75 -40.89
C VAL E 531 -72.27 15.11 -41.06
N LYS E 532 -72.87 15.35 -42.23
CA LYS E 532 -73.62 16.58 -42.51
C LYS E 532 -75.04 16.41 -41.97
N ARG E 533 -75.18 16.56 -40.66
CA ARG E 533 -76.41 16.10 -40.00
C ARG E 533 -77.60 16.99 -40.32
N GLU E 534 -77.37 18.26 -40.63
CA GLU E 534 -78.46 19.11 -41.10
C GLU E 534 -78.79 18.88 -42.57
N GLN E 535 -78.15 17.91 -43.22
CA GLN E 535 -78.44 17.56 -44.60
C GLN E 535 -78.91 16.11 -44.72
N ILE E 536 -79.31 15.50 -43.61
CA ILE E 536 -79.84 14.14 -43.62
C ILE E 536 -81.25 14.17 -44.19
N LEU E 537 -81.53 13.25 -45.11
CA LEU E 537 -82.82 13.17 -45.78
C LEU E 537 -83.55 11.90 -45.34
N ILE E 538 -84.84 12.05 -45.04
CA ILE E 538 -85.65 10.94 -44.55
C ILE E 538 -86.83 10.80 -45.50
N ASP E 539 -86.76 9.82 -46.40
CA ASP E 539 -87.84 9.51 -47.32
C ASP E 539 -88.71 8.44 -46.68
N LYS E 540 -89.84 8.86 -46.10
CA LYS E 540 -90.68 7.91 -45.38
C LYS E 540 -91.35 6.92 -46.33
N THR E 541 -91.72 7.36 -47.53
CA THR E 541 -92.40 6.44 -48.45
C THR E 541 -91.48 5.32 -48.92
N SER E 542 -90.19 5.59 -49.06
CA SER E 542 -89.25 4.54 -49.45
C SER E 542 -88.48 3.95 -48.29
N GLY E 543 -88.54 4.55 -47.10
CA GLY E 543 -87.83 4.03 -45.95
C GLY E 543 -86.33 4.28 -45.98
N LYS E 544 -85.87 5.20 -46.82
CA LYS E 544 -84.45 5.45 -47.00
C LYS E 544 -84.04 6.69 -46.23
N VAL E 545 -83.15 6.51 -45.26
CA VAL E 545 -82.51 7.61 -44.54
C VAL E 545 -81.13 7.81 -45.13
N THR E 546 -80.85 9.00 -45.63
CA THR E 546 -79.61 9.30 -46.34
C THR E 546 -78.74 10.20 -45.46
N ILE E 547 -77.53 9.75 -45.19
CA ILE E 547 -76.57 10.46 -44.33
C ILE E 547 -75.30 10.74 -45.12
N PRO E 548 -75.15 11.92 -45.71
CA PRO E 548 -73.91 12.22 -46.46
C PRO E 548 -72.74 12.45 -45.53
N LEU E 549 -71.56 12.05 -46.00
CA LEU E 549 -70.32 12.26 -45.24
C LEU E 549 -69.77 13.65 -45.51
N ASN E 550 -69.09 14.21 -44.50
CA ASN E 550 -68.71 15.62 -44.56
C ASN E 550 -67.43 15.83 -45.38
N GLU E 551 -66.29 15.33 -44.88
CA GLU E 551 -65.00 15.47 -45.56
C GLU E 551 -64.44 14.09 -45.87
N ILE E 552 -64.28 13.81 -47.16
CA ILE E 552 -63.77 12.51 -47.60
C ILE E 552 -63.39 12.58 -49.07
N HIS E 553 -62.30 11.91 -49.44
CA HIS E 553 -61.86 11.83 -50.81
C HIS E 553 -62.53 10.63 -51.47
N VAL E 554 -63.31 10.87 -52.52
CA VAL E 554 -64.10 9.82 -53.13
C VAL E 554 -63.64 9.66 -54.58
N PHE E 555 -63.01 8.53 -54.87
CA PHE E 555 -62.54 8.22 -56.22
C PHE E 555 -63.16 6.91 -56.68
N GLY E 556 -63.63 6.90 -57.93
CA GLY E 556 -64.32 5.73 -58.42
C GLY E 556 -65.69 5.57 -57.77
N GLU E 557 -66.27 4.40 -57.98
CA GLU E 557 -67.58 4.06 -57.44
C GLU E 557 -67.44 2.94 -56.43
N SER E 558 -68.11 3.08 -55.30
CA SER E 558 -68.02 2.15 -54.20
C SER E 558 -69.41 1.79 -53.70
N LEU E 559 -69.52 0.58 -53.15
CA LEU E 559 -70.74 0.16 -52.48
C LEU E 559 -70.34 -0.89 -51.45
N ILE E 560 -70.40 -0.52 -50.17
CA ILE E 560 -70.04 -1.43 -49.09
C ILE E 560 -71.27 -1.67 -48.26
N GLU E 561 -71.72 -2.93 -48.22
CA GLU E 561 -72.89 -3.29 -47.44
C GLU E 561 -72.53 -3.28 -45.95
N GLY E 562 -73.42 -2.70 -45.16
CA GLY E 562 -73.24 -2.69 -43.73
C GLY E 562 -74.55 -2.78 -42.99
N ASN E 563 -74.57 -2.27 -41.76
CA ASN E 563 -75.73 -2.36 -40.90
C ASN E 563 -75.87 -1.06 -40.14
N ALA E 564 -77.02 -0.89 -39.48
CA ALA E 564 -77.24 0.25 -38.62
C ALA E 564 -78.19 -0.17 -37.51
N GLU E 565 -78.14 0.54 -36.39
CA GLU E 565 -78.96 0.26 -35.23
C GLU E 565 -79.74 1.50 -34.85
N LEU E 566 -81.02 1.32 -34.55
CA LEU E 566 -81.88 2.40 -34.07
C LEU E 566 -82.33 2.06 -32.65
N LYS E 567 -82.40 3.10 -31.80
CA LYS E 567 -82.88 2.93 -30.44
C LYS E 567 -83.75 4.14 -30.13
N PRO E 568 -84.96 3.92 -29.60
CA PRO E 568 -85.79 5.07 -29.23
C PRO E 568 -85.12 5.88 -28.13
N VAL E 569 -85.16 7.20 -28.29
CA VAL E 569 -84.58 8.10 -27.31
C VAL E 569 -85.39 8.04 -26.02
N GLY E 570 -84.70 8.00 -24.88
CA GLY E 570 -85.34 7.95 -23.59
C GLY E 570 -85.54 6.56 -23.02
N ILE E 571 -85.18 5.51 -23.75
CA ILE E 571 -85.31 4.14 -23.30
C ILE E 571 -83.91 3.53 -23.39
N SER E 572 -83.12 3.67 -22.33
CA SER E 572 -81.71 3.31 -22.39
C SER E 572 -81.46 1.80 -22.30
N ASP E 573 -82.51 1.00 -22.09
CA ASP E 573 -82.38 -0.44 -22.05
C ASP E 573 -83.00 -1.13 -23.27
N ALA E 574 -83.46 -0.36 -24.25
CA ALA E 574 -84.16 -0.92 -25.39
C ALA E 574 -83.23 -1.74 -26.27
N ASP E 575 -83.78 -2.76 -26.92
CA ASP E 575 -83.01 -3.53 -27.86
C ASP E 575 -82.66 -2.65 -29.06
N PRO E 576 -81.50 -2.87 -29.68
CA PRO E 576 -81.24 -2.22 -30.96
C PRO E 576 -82.24 -2.69 -32.00
N ILE E 577 -82.71 -1.76 -32.83
CA ILE E 577 -83.52 -2.09 -33.99
C ILE E 577 -82.54 -2.25 -35.15
N ASN E 578 -82.25 -3.51 -35.49
CA ASN E 578 -81.24 -3.82 -36.51
C ASN E 578 -81.82 -3.59 -37.89
N VAL E 579 -81.20 -2.69 -38.64
CA VAL E 579 -81.67 -2.33 -40.00
C VAL E 579 -80.50 -2.39 -40.97
N LYS E 580 -80.80 -2.48 -42.27
CA LYS E 580 -79.76 -2.54 -43.29
C LYS E 580 -79.23 -1.16 -43.62
N ALA E 581 -77.96 -1.11 -44.03
CA ALA E 581 -77.31 0.14 -44.37
C ALA E 581 -76.23 -0.14 -45.41
N LYS E 582 -75.78 0.94 -46.07
CA LYS E 582 -74.74 0.80 -47.09
C LYS E 582 -74.01 2.12 -47.24
N LEU E 583 -72.70 2.04 -47.42
CA LEU E 583 -71.83 3.19 -47.67
C LEU E 583 -71.57 3.28 -49.16
N ILE E 584 -71.92 4.40 -49.78
CA ILE E 584 -71.92 4.53 -51.23
C ILE E 584 -70.96 5.65 -51.63
N GLY E 585 -70.07 5.36 -52.57
CA GLY E 585 -69.22 6.35 -53.18
C GLY E 585 -69.66 6.55 -54.62
N GLU E 586 -69.98 7.80 -54.95
CA GLU E 586 -70.61 8.08 -56.23
C GLU E 586 -70.35 9.54 -56.60
N ALA E 587 -69.83 9.75 -57.80
CA ALA E 587 -69.60 11.08 -58.35
C ALA E 587 -68.82 11.95 -57.37
N ASN E 588 -67.75 11.37 -56.81
CA ASN E 588 -66.87 12.07 -55.88
C ASN E 588 -67.57 12.48 -54.60
N LYS E 589 -68.66 11.81 -54.25
CA LYS E 589 -69.35 12.07 -53.00
C LYS E 589 -69.68 10.74 -52.33
N ALA E 590 -69.67 10.75 -51.01
CA ALA E 590 -69.91 9.56 -50.20
C ALA E 590 -71.13 9.79 -49.32
N ARG E 591 -71.93 8.75 -49.13
CA ARG E 591 -73.08 8.82 -48.26
C ARG E 591 -73.33 7.44 -47.68
N VAL E 592 -74.08 7.41 -46.59
CA VAL E 592 -74.63 6.18 -46.03
C VAL E 592 -76.14 6.21 -46.21
N GLU E 593 -76.69 5.19 -46.86
CA GLU E 593 -78.13 4.99 -46.94
C GLU E 593 -78.56 3.95 -45.92
N VAL E 594 -79.56 4.29 -45.12
CA VAL E 594 -80.13 3.38 -44.13
C VAL E 594 -81.55 3.07 -44.56
N LEU E 595 -81.86 1.78 -44.69
CA LEU E 595 -83.17 1.33 -45.15
C LEU E 595 -83.97 0.82 -43.95
N LEU E 596 -85.05 1.52 -43.63
CA LEU E 596 -85.87 1.15 -42.48
C LEU E 596 -86.62 -0.17 -42.72
N GLY E 597 -86.80 -0.58 -43.97
CA GLY E 597 -87.44 -1.85 -44.22
C GLY E 597 -88.88 -1.86 -43.73
N ASP E 598 -89.27 -2.96 -43.10
CA ASP E 598 -90.63 -3.12 -42.58
C ASP E 598 -90.78 -2.62 -41.15
N GLU E 599 -89.79 -1.91 -40.61
CA GLU E 599 -89.85 -1.47 -39.21
C GLU E 599 -90.95 -0.43 -39.00
N LYS E 600 -91.84 -0.70 -38.05
CA LYS E 600 -92.87 0.24 -37.63
C LYS E 600 -92.29 1.17 -36.57
N LEU E 601 -92.04 2.43 -36.96
CA LEU E 601 -91.32 3.36 -36.11
C LEU E 601 -92.07 4.68 -36.00
N SER E 602 -91.90 5.35 -34.85
CA SER E 602 -92.53 6.64 -34.61
C SER E 602 -91.82 7.32 -33.45
N GLY E 603 -91.44 8.59 -33.64
CA GLY E 603 -90.74 9.36 -32.62
C GLY E 603 -89.26 9.51 -32.94
N GLU E 604 -88.54 10.06 -31.97
CA GLU E 604 -87.11 10.31 -32.12
C GLU E 604 -86.31 9.05 -31.79
N TYR E 605 -85.25 8.81 -32.58
CA TYR E 605 -84.41 7.62 -32.47
C TYR E 605 -82.95 7.98 -32.59
N HIS E 606 -82.10 7.32 -31.80
CA HIS E 606 -80.68 7.31 -32.09
C HIS E 606 -80.42 6.43 -33.31
N LEU E 607 -79.54 6.89 -34.18
CA LEU E 607 -79.10 6.12 -35.35
C LEU E 607 -77.59 5.97 -35.28
N VAL E 608 -77.13 4.73 -35.18
CA VAL E 608 -75.70 4.41 -35.21
C VAL E 608 -75.44 3.53 -36.43
N THR E 609 -74.63 4.02 -37.36
CA THR E 609 -74.21 3.22 -38.49
C THR E 609 -73.11 2.25 -38.08
N ASN E 610 -73.06 1.09 -38.76
CA ASN E 610 -72.07 0.05 -38.46
C ASN E 610 -71.52 -0.47 -39.79
N ILE E 611 -70.55 0.25 -40.35
CA ILE E 611 -69.90 -0.15 -41.59
C ILE E 611 -68.63 -0.92 -41.26
N GLN E 612 -68.49 -2.11 -41.85
CA GLN E 612 -67.32 -2.98 -41.67
C GLN E 612 -66.97 -3.20 -40.20
N GLY E 613 -67.99 -3.28 -39.35
CA GLY E 613 -67.78 -3.57 -37.94
C GLY E 613 -67.41 -2.38 -37.06
N LYS E 614 -67.45 -1.17 -37.58
CA LYS E 614 -67.08 0.03 -36.83
C LYS E 614 -68.29 0.93 -36.69
N LYS E 615 -68.67 1.22 -35.44
CA LYS E 615 -69.77 2.11 -35.18
C LYS E 615 -69.28 3.54 -35.10
N ASP E 616 -70.07 4.46 -35.67
CA ASP E 616 -69.74 5.87 -35.59
C ASP E 616 -70.12 6.42 -34.22
N LYS E 617 -69.54 7.56 -33.87
CA LYS E 617 -69.88 8.25 -32.63
C LYS E 617 -70.47 9.64 -32.92
N GLN E 618 -71.16 9.78 -34.05
CA GLN E 618 -71.68 11.06 -34.47
C GLN E 618 -72.99 11.44 -33.78
N GLN E 619 -73.57 10.54 -32.99
CA GLN E 619 -74.77 10.84 -32.19
C GLN E 619 -75.91 11.35 -33.07
N ILE E 620 -76.15 10.64 -34.17
CA ILE E 620 -77.22 11.01 -35.07
C ILE E 620 -78.57 10.74 -34.42
N LYS E 621 -79.49 11.69 -34.56
CA LYS E 621 -80.85 11.54 -34.10
C LYS E 621 -81.79 11.85 -35.26
N ILE E 622 -82.73 10.95 -35.52
CA ILE E 622 -83.75 11.21 -36.52
C ILE E 622 -85.11 11.14 -35.85
N THR E 623 -86.08 11.80 -36.46
CA THR E 623 -87.46 11.78 -36.00
C THR E 623 -88.33 11.14 -37.07
N LEU E 624 -89.06 10.09 -36.69
CA LEU E 624 -89.92 9.38 -37.62
C LEU E 624 -91.38 9.44 -37.20
N ASP F 19 -45.48 47.87 18.78
CA ASP F 19 -44.13 47.31 18.68
C ASP F 19 -44.07 46.18 17.65
N ILE F 20 -45.18 45.47 17.48
CA ILE F 20 -45.22 44.30 16.61
C ILE F 20 -45.15 44.72 15.15
N LYS F 21 -44.26 44.09 14.40
CA LYS F 21 -44.04 44.46 13.00
C LYS F 21 -44.90 43.62 12.05
N ILE F 22 -44.86 42.30 12.20
CA ILE F 22 -45.59 41.38 11.33
C ILE F 22 -46.52 40.53 12.18
N SER F 23 -47.74 40.32 11.69
CA SER F 23 -48.68 39.40 12.30
C SER F 23 -49.07 38.36 11.26
N VAL F 24 -48.79 37.09 11.56
CA VAL F 24 -49.03 36.00 10.61
C VAL F 24 -50.38 35.37 10.93
N VAL F 25 -51.27 35.37 9.94
CA VAL F 25 -52.60 34.78 10.08
C VAL F 25 -52.59 33.41 9.42
N VAL F 26 -52.95 32.38 10.18
CA VAL F 26 -52.97 31.01 9.65
C VAL F 26 -54.31 30.35 9.96
N PRO F 27 -55.20 30.23 8.99
CA PRO F 27 -56.44 29.45 9.21
C PRO F 27 -56.17 27.98 9.00
N THR F 28 -56.62 27.15 9.94
CA THR F 28 -56.35 25.72 9.92
C THR F 28 -57.65 24.93 9.90
N TYR F 29 -57.69 23.86 9.10
CA TYR F 29 -58.80 22.92 9.11
C TYR F 29 -58.29 21.55 8.71
N ASN F 30 -58.21 20.63 9.67
CA ASN F 30 -57.75 19.26 9.43
C ASN F 30 -56.35 19.25 8.81
N THR F 31 -55.46 20.07 9.37
CA THR F 31 -54.13 20.25 8.81
C THR F 31 -53.33 18.95 8.88
N GLU F 32 -52.61 18.64 7.80
CA GLU F 32 -51.68 17.53 7.82
C GLU F 32 -50.62 17.79 8.89
N LEU F 33 -50.35 16.76 9.70
CA LEU F 33 -49.43 16.92 10.83
C LEU F 33 -48.04 17.30 10.34
N GLU F 34 -47.49 16.51 9.41
CA GLU F 34 -46.15 16.81 8.90
C GLU F 34 -46.11 18.14 8.16
N GLY F 35 -47.19 18.48 7.45
CA GLY F 35 -47.24 19.76 6.77
C GLY F 35 -47.31 20.93 7.72
N LEU F 36 -47.91 20.73 8.89
CA LEU F 36 -47.97 21.81 9.89
C LEU F 36 -46.61 22.02 10.54
N LYS F 37 -45.88 20.94 10.81
CA LYS F 37 -44.54 21.06 11.36
C LYS F 37 -43.64 21.90 10.46
N ASN F 38 -43.69 21.64 9.15
CA ASN F 38 -42.92 22.46 8.21
C ASN F 38 -43.33 23.93 8.28
N LEU F 39 -44.64 24.18 8.39
CA LEU F 39 -45.12 25.56 8.53
C LEU F 39 -44.52 26.21 9.77
N MET F 40 -44.62 25.53 10.92
CA MET F 40 -44.10 26.10 12.16
C MET F 40 -42.59 26.28 12.10
N ALA F 41 -41.88 25.33 11.49
CA ALA F 41 -40.43 25.44 11.37
C ALA F 41 -40.04 26.68 10.58
N SER F 42 -40.66 26.89 9.41
CA SER F 42 -40.34 28.05 8.59
C SER F 42 -40.64 29.36 9.30
N ILE F 43 -41.50 29.34 10.32
CA ILE F 43 -41.74 30.54 11.11
C ILE F 43 -40.60 30.75 12.11
N ASP F 44 -40.12 29.67 12.74
CA ASP F 44 -39.08 29.80 13.74
C ASP F 44 -37.78 30.31 13.12
N LYS F 45 -37.45 29.84 11.91
CA LYS F 45 -36.23 30.18 11.17
C LYS F 45 -36.21 31.62 10.66
N GLN F 46 -37.17 32.48 10.98
CA GLN F 46 -37.15 33.85 10.49
C GLN F 46 -35.98 34.62 11.10
N THR F 47 -35.31 35.41 10.26
CA THR F 47 -34.21 36.23 10.76
C THR F 47 -34.72 37.36 11.65
N MET F 48 -35.98 37.77 11.46
CA MET F 48 -36.57 38.77 12.34
C MET F 48 -36.67 38.22 13.76
N ASN F 49 -36.40 39.09 14.73
CA ASN F 49 -36.45 38.67 16.13
C ASN F 49 -37.87 38.23 16.49
N PRO F 50 -38.02 37.14 17.24
CA PRO F 50 -39.36 36.65 17.57
C PRO F 50 -40.21 37.66 18.34
N ASP F 51 -39.57 38.58 19.08
CA ASP F 51 -40.32 39.62 19.79
C ASP F 51 -41.08 40.54 18.86
N GLU F 52 -40.62 40.70 17.61
CA GLU F 52 -41.20 41.68 16.70
C GLU F 52 -42.35 41.14 15.87
N TYR F 53 -42.59 39.84 15.86
CA TYR F 53 -43.72 39.27 15.12
C TYR F 53 -44.56 38.39 16.02
N GLU F 54 -45.76 38.07 15.53
CA GLU F 54 -46.73 37.27 16.27
C GLU F 54 -47.38 36.26 15.33
N LEU F 55 -47.94 35.21 15.92
CA LEU F 55 -48.65 34.17 15.19
C LEU F 55 -50.08 34.13 15.69
N VAL F 56 -51.03 34.26 14.77
CA VAL F 56 -52.46 34.24 15.08
C VAL F 56 -53.10 33.13 14.25
N PHE F 57 -53.43 32.03 14.90
CA PHE F 57 -54.09 30.88 14.27
C PHE F 57 -55.57 30.87 14.62
N VAL F 58 -56.39 30.47 13.66
CA VAL F 58 -57.82 30.28 13.89
C VAL F 58 -58.21 28.94 13.26
N ASP F 59 -58.49 27.95 14.10
CA ASP F 59 -58.93 26.66 13.60
C ASP F 59 -60.41 26.71 13.27
N ASP F 60 -60.75 26.29 12.05
CA ASP F 60 -62.12 26.39 11.56
C ASP F 60 -62.89 25.09 11.83
N GLY F 61 -62.95 24.72 13.10
CA GLY F 61 -63.68 23.55 13.54
C GLY F 61 -63.18 22.24 12.97
N SER F 62 -61.89 21.93 13.18
CA SER F 62 -61.32 20.69 12.66
C SER F 62 -62.01 19.49 13.29
N THR F 63 -62.26 18.47 12.46
CA THR F 63 -62.78 17.20 12.94
C THR F 63 -61.67 16.25 13.39
N THR F 64 -60.42 16.72 13.41
CA THR F 64 -59.30 15.90 13.85
C THR F 64 -58.64 16.53 15.07
N ASP F 65 -57.41 16.09 15.38
CA ASP F 65 -56.65 16.60 16.49
C ASP F 65 -55.87 17.86 16.13
N THR F 66 -56.26 18.56 15.07
CA THR F 66 -55.50 19.73 14.62
C THR F 66 -55.51 20.84 15.66
N TYR F 67 -56.68 21.14 16.22
CA TYR F 67 -56.76 22.21 17.22
C TYR F 67 -56.04 21.81 18.51
N GLU F 68 -56.11 20.52 18.88
CA GLU F 68 -55.40 20.07 20.07
C GLU F 68 -53.89 20.19 19.89
N ARG F 69 -53.38 19.88 18.70
CA ARG F 69 -51.96 20.03 18.44
C ARG F 69 -51.54 21.50 18.40
N LEU F 70 -52.46 22.39 18.03
CA LEU F 70 -52.12 23.82 17.95
C LEU F 70 -51.74 24.38 19.32
N GLN F 71 -52.52 24.05 20.35
CA GLN F 71 -52.21 24.52 21.70
C GLN F 71 -50.91 23.90 22.21
N GLU F 72 -50.61 22.67 21.79
CA GLU F 72 -49.33 22.06 22.16
C GLU F 72 -48.17 22.88 21.64
N PHE F 73 -48.28 23.39 20.41
CA PHE F 73 -47.28 24.31 19.88
C PHE F 73 -47.31 25.64 20.63
N ALA F 74 -48.44 26.00 21.23
CA ALA F 74 -48.60 27.35 21.78
C ALA F 74 -48.01 27.49 23.18
N GLU F 75 -47.94 26.41 23.96
CA GLU F 75 -47.42 26.52 25.32
C GLU F 75 -45.92 26.80 25.33
N THR F 76 -45.20 26.45 24.27
CA THR F 76 -43.77 26.72 24.16
C THR F 76 -43.47 28.10 23.59
N ARG F 77 -44.33 28.62 22.72
CA ARG F 77 -44.11 29.90 22.08
C ARG F 77 -45.05 30.94 22.67
N PRO F 78 -44.54 31.99 23.32
CA PRO F 78 -45.43 32.96 23.96
C PRO F 78 -46.09 33.96 23.01
N ASN F 79 -45.81 33.90 21.72
CA ASN F 79 -46.37 34.84 20.76
C ASN F 79 -47.35 34.19 19.79
N MET F 80 -47.71 32.93 20.01
CA MET F 80 -48.69 32.25 19.17
C MET F 80 -50.04 32.26 19.86
N THR F 81 -51.08 32.62 19.11
CA THR F 81 -52.45 32.66 19.61
C THR F 81 -53.31 31.75 18.76
N VAL F 82 -53.91 30.75 19.40
CA VAL F 82 -54.81 29.83 18.72
C VAL F 82 -56.23 30.14 19.15
N LYS F 83 -57.19 29.82 18.26
CA LYS F 83 -58.60 30.05 18.52
C LYS F 83 -59.40 29.12 17.64
N GLN F 84 -60.46 28.55 18.18
CA GLN F 84 -61.33 27.64 17.44
C GLN F 84 -62.71 28.27 17.30
N ILE F 85 -63.18 28.39 16.06
CA ILE F 85 -64.51 28.90 15.78
C ILE F 85 -65.34 27.79 15.18
N GLU F 86 -66.62 28.06 14.95
CA GLU F 86 -67.46 27.12 14.20
C GLU F 86 -66.96 27.02 12.76
N ASN F 87 -67.05 25.82 12.20
CA ASN F 87 -66.54 25.59 10.85
C ASN F 87 -67.32 26.44 9.84
N SER F 88 -66.60 27.30 9.11
CA SER F 88 -67.20 28.15 8.09
C SER F 88 -67.11 27.56 6.69
N GLY F 89 -66.34 26.50 6.49
CA GLY F 89 -66.24 25.87 5.20
C GLY F 89 -65.05 26.31 4.39
N TRP F 90 -64.68 27.58 4.50
CA TRP F 90 -63.55 28.15 3.79
C TRP F 90 -62.64 28.87 4.77
N GLY F 91 -61.54 29.41 4.25
CA GLY F 91 -60.63 30.19 5.06
C GLY F 91 -60.90 31.67 5.11
N SER F 92 -62.00 32.13 4.52
CA SER F 92 -62.29 33.57 4.49
C SER F 92 -62.63 34.09 5.89
N ARG F 93 -63.58 33.45 6.55
CA ARG F 93 -63.98 33.89 7.89
C ARG F 93 -62.85 33.80 8.92
N PRO F 94 -62.06 32.72 8.98
CA PRO F 94 -60.95 32.72 9.96
C PRO F 94 -59.96 33.85 9.75
N ARG F 95 -59.65 34.18 8.49
CA ARG F 95 -58.74 35.29 8.22
C ARG F 95 -59.30 36.61 8.74
N ASN F 96 -60.61 36.83 8.57
CA ASN F 96 -61.21 38.07 9.01
C ASN F 96 -61.24 38.16 10.53
N ILE F 97 -61.46 37.02 11.20
CA ILE F 97 -61.45 37.01 12.66
C ILE F 97 -60.04 37.26 13.18
N ALA F 98 -59.06 36.58 12.60
CA ALA F 98 -57.67 36.74 13.04
C ALA F 98 -57.16 38.15 12.77
N THR F 99 -57.58 38.76 11.65
CA THR F 99 -57.16 40.11 11.32
C THR F 99 -57.64 41.11 12.38
N LYS F 100 -58.84 40.90 12.94
CA LYS F 100 -59.36 41.82 13.95
C LYS F 100 -58.60 41.69 15.27
N MET F 101 -58.23 40.46 15.63
CA MET F 101 -57.55 40.22 16.90
C MET F 101 -56.03 40.29 16.77
N ALA F 102 -55.52 40.78 15.65
CA ALA F 102 -54.09 40.93 15.45
C ALA F 102 -53.64 42.36 15.76
N LYS F 103 -52.37 42.50 16.11
CA LYS F 103 -51.80 43.78 16.51
C LYS F 103 -50.60 44.20 15.68
N GLY F 104 -50.22 43.42 14.65
CA GLY F 104 -49.06 43.75 13.87
C GLY F 104 -49.29 44.90 12.92
N GLU F 105 -48.19 45.53 12.50
CA GLU F 105 -48.28 46.61 11.52
C GLU F 105 -48.59 46.06 10.13
N TYR F 106 -48.01 44.91 9.79
CA TYR F 106 -48.29 44.20 8.55
C TYR F 106 -48.80 42.80 8.85
N ILE F 107 -49.69 42.31 7.99
CA ILE F 107 -50.31 41.00 8.14
C ILE F 107 -50.01 40.17 6.90
N LEU F 108 -49.63 38.90 7.12
CA LEU F 108 -49.42 37.93 6.06
C LEU F 108 -50.41 36.79 6.23
N TYR F 109 -51.14 36.47 5.16
CA TYR F 109 -52.09 35.36 5.17
C TYR F 109 -51.35 34.11 4.73
N LEU F 110 -51.02 33.24 5.69
CA LEU F 110 -50.29 32.00 5.44
C LEU F 110 -51.24 30.82 5.64
N ASP F 111 -51.32 29.95 4.64
CA ASP F 111 -52.20 28.79 4.71
C ASP F 111 -51.46 27.61 5.34
N HIS F 112 -52.25 26.66 5.87
CA HIS F 112 -51.73 25.60 6.74
C HIS F 112 -50.88 24.56 6.01
N ASP F 113 -50.69 24.68 4.69
CA ASP F 113 -49.90 23.74 3.94
C ASP F 113 -48.75 24.42 3.19
N ASP F 114 -48.40 25.64 3.59
CA ASP F 114 -47.35 26.41 2.93
C ASP F 114 -46.23 26.69 3.93
N THR F 115 -45.19 27.37 3.43
CA THR F 115 -44.04 27.78 4.25
C THR F 115 -43.54 29.12 3.74
N VAL F 116 -42.75 29.79 4.57
CA VAL F 116 -42.14 31.06 4.21
C VAL F 116 -40.63 30.90 4.25
N PHE F 117 -39.94 31.71 3.46
CA PHE F 117 -38.49 31.67 3.40
C PHE F 117 -37.88 32.37 4.61
N PRO F 118 -36.62 32.06 4.94
CA PRO F 118 -36.06 32.55 6.21
C PRO F 118 -36.05 34.07 6.35
N GLU F 119 -35.69 34.81 5.30
CA GLU F 119 -35.49 36.24 5.41
C GLU F 119 -36.72 37.05 5.00
N THR F 120 -37.89 36.41 4.91
CA THR F 120 -39.08 37.10 4.39
C THR F 120 -39.49 38.26 5.28
N PHE F 121 -39.68 38.00 6.58
CA PHE F 121 -40.21 39.03 7.47
C PHE F 121 -39.32 40.27 7.47
N GLU F 122 -38.01 40.09 7.67
CA GLU F 122 -37.10 41.22 7.74
C GLU F 122 -37.10 42.01 6.42
N ARG F 123 -36.91 41.32 5.29
CA ARG F 123 -36.80 42.00 4.01
C ARG F 123 -38.10 42.72 3.64
N VAL F 124 -39.24 42.05 3.84
CA VAL F 124 -40.52 42.65 3.47
C VAL F 124 -40.82 43.87 4.34
N TYR F 125 -40.60 43.76 5.65
CA TYR F 125 -40.88 44.88 6.54
C TYR F 125 -40.03 46.10 6.20
N ASN F 126 -38.72 45.91 6.07
CA ASN F 126 -37.85 47.03 5.73
C ASN F 126 -38.27 47.68 4.42
N PHE F 127 -38.69 46.87 3.45
CA PHE F 127 -39.15 47.41 2.17
C PHE F 127 -40.45 48.19 2.33
N GLY F 128 -41.40 47.63 3.08
CA GLY F 128 -42.69 48.28 3.25
C GLY F 128 -42.66 49.46 4.18
N LYS F 129 -41.93 49.32 5.30
CA LYS F 129 -41.82 50.43 6.27
C LYS F 129 -41.13 51.63 5.65
N GLU F 130 -40.09 51.40 4.85
CA GLU F 130 -39.33 52.50 4.28
C GLU F 130 -40.15 53.28 3.25
N ASN F 131 -40.78 52.56 2.31
CA ASN F 131 -41.53 53.20 1.25
C ASN F 131 -42.99 53.46 1.63
N ASN F 132 -43.33 53.31 2.91
CA ASN F 132 -44.67 53.62 3.43
C ASN F 132 -45.76 52.94 2.60
N LEU F 133 -45.62 51.62 2.46
CA LEU F 133 -46.48 50.83 1.59
C LEU F 133 -47.66 50.26 2.36
N ASP F 134 -48.83 50.25 1.71
CA ASP F 134 -50.00 49.57 2.26
C ASP F 134 -50.05 48.09 1.88
N VAL F 135 -49.46 47.71 0.75
CA VAL F 135 -49.37 46.32 0.34
C VAL F 135 -47.97 46.05 -0.18
N VAL F 136 -47.35 44.97 0.29
CA VAL F 136 -46.11 44.46 -0.27
C VAL F 136 -46.43 43.17 -0.99
N SER F 137 -46.31 43.19 -2.33
CA SER F 137 -46.51 42.00 -3.15
C SER F 137 -45.15 41.31 -3.30
N GLY F 138 -44.90 40.33 -2.43
CA GLY F 138 -43.62 39.63 -2.48
C GLY F 138 -43.63 38.51 -3.49
N LYS F 139 -42.44 38.17 -3.98
CA LYS F 139 -42.30 37.12 -4.98
C LYS F 139 -42.80 35.81 -4.40
N GLU F 140 -43.76 35.19 -5.09
CA GLU F 140 -44.33 33.93 -4.65
C GLU F 140 -43.78 32.79 -5.49
N VAL F 141 -43.56 31.65 -4.84
CA VAL F 141 -43.04 30.44 -5.48
C VAL F 141 -44.11 29.38 -5.44
N ARG F 142 -44.34 28.71 -6.57
CA ARG F 142 -45.19 27.54 -6.63
C ARG F 142 -44.34 26.31 -6.90
N THR F 143 -44.88 25.15 -6.51
CA THR F 143 -44.13 23.90 -6.62
C THR F 143 -43.79 23.58 -8.07
N ASN F 144 -44.77 23.70 -8.97
CA ASN F 144 -44.65 23.32 -10.36
C ASN F 144 -44.70 24.55 -11.25
N GLY F 145 -44.22 24.38 -12.49
CA GLY F 145 -44.15 25.46 -13.44
C GLY F 145 -42.78 26.11 -13.48
N TRP F 146 -42.50 26.77 -14.61
CA TRP F 146 -41.24 27.46 -14.84
C TRP F 146 -41.30 28.94 -14.53
N SER F 147 -42.42 29.44 -14.04
CA SER F 147 -42.54 30.84 -13.66
C SER F 147 -43.78 31.00 -12.81
N TRP F 148 -43.81 32.09 -12.06
CA TRP F 148 -45.02 32.53 -11.38
C TRP F 148 -44.90 34.03 -11.23
N GLY F 149 -45.81 34.77 -11.86
CA GLY F 149 -45.69 36.21 -11.89
C GLY F 149 -44.49 36.63 -12.72
N TRP F 150 -44.40 36.10 -13.94
CA TRP F 150 -43.26 36.39 -14.81
C TRP F 150 -43.12 37.88 -15.07
N LYS F 151 -44.23 38.54 -15.39
CA LYS F 151 -44.20 39.98 -15.67
C LYS F 151 -44.11 40.81 -14.39
N GLN F 152 -44.85 40.43 -13.35
CA GLN F 152 -44.96 41.28 -12.17
C GLN F 152 -43.73 41.19 -11.28
N PHE F 153 -43.20 39.99 -11.07
CA PHE F 153 -42.04 39.80 -10.20
C PHE F 153 -40.72 39.94 -10.95
N SER F 154 -40.67 40.78 -11.98
CA SER F 154 -39.44 40.94 -12.76
C SER F 154 -38.45 41.92 -12.12
N GLU F 155 -38.93 42.83 -11.26
CA GLU F 155 -38.01 43.74 -10.58
C GLU F 155 -38.73 44.37 -9.39
N ASN F 156 -37.93 44.85 -8.45
CA ASN F 156 -38.48 45.60 -7.32
C ASN F 156 -39.11 46.88 -7.83
N ASN F 157 -40.28 47.22 -7.28
CA ASN F 157 -40.98 48.45 -7.61
C ASN F 157 -41.59 49.01 -6.33
N PRO F 158 -40.97 50.04 -5.72
CA PRO F 158 -41.56 50.64 -4.52
C PRO F 158 -42.76 51.53 -4.81
N HIS F 159 -43.01 51.88 -6.07
CA HIS F 159 -44.15 52.71 -6.45
C HIS F 159 -45.00 51.95 -7.46
N ALA F 160 -45.29 50.68 -7.15
CA ALA F 160 -45.91 49.79 -8.14
C ALA F 160 -47.34 50.21 -8.45
N GLU F 161 -48.03 50.85 -7.51
CA GLU F 161 -49.43 51.20 -7.77
C GLU F 161 -49.58 52.25 -8.85
N GLU F 162 -48.48 52.89 -9.29
CA GLU F 162 -48.58 53.90 -10.33
C GLU F 162 -48.85 53.31 -11.70
N MET F 163 -48.64 52.00 -11.89
CA MET F 163 -48.84 51.34 -13.17
C MET F 163 -50.16 50.57 -13.23
N GLY F 164 -51.15 50.96 -12.41
CA GLY F 164 -52.46 50.36 -12.47
C GLY F 164 -52.65 49.23 -11.49
N ILE F 165 -53.84 48.62 -11.56
CA ILE F 165 -54.19 47.53 -10.67
C ILE F 165 -53.37 46.29 -10.94
N GLU F 166 -52.71 46.22 -12.10
CA GLU F 166 -51.91 45.05 -12.46
C GLU F 166 -50.80 44.77 -11.46
N CYS F 167 -50.36 45.79 -10.71
CA CYS F 167 -49.24 45.62 -9.80
C CYS F 167 -49.52 44.59 -8.72
N LEU F 168 -50.77 44.20 -8.52
CA LEU F 168 -51.11 43.25 -7.48
C LEU F 168 -51.20 41.82 -7.98
N LEU F 169 -51.06 41.60 -9.29
CA LEU F 169 -51.12 40.24 -9.81
C LEU F 169 -49.80 39.51 -9.54
N PRO F 170 -49.84 38.18 -9.34
CA PRO F 170 -51.06 37.37 -9.23
C PRO F 170 -51.75 37.60 -7.90
N MET F 171 -53.06 37.86 -7.94
CA MET F 171 -53.81 38.30 -6.76
C MET F 171 -54.06 37.16 -5.78
N THR F 172 -52.98 36.53 -5.33
CA THR F 172 -53.06 35.60 -4.22
C THR F 172 -53.13 36.37 -2.90
N PRO F 173 -53.62 35.76 -1.83
CA PRO F 173 -53.65 36.45 -0.54
C PRO F 173 -52.33 36.36 0.23
N HIS F 174 -51.27 35.86 -0.39
CA HIS F 174 -49.99 35.67 0.28
C HIS F 174 -49.08 36.88 0.14
N LYS F 175 -49.64 38.05 0.43
CA LYS F 175 -48.91 39.31 0.46
C LYS F 175 -48.93 39.85 1.88
N PHE F 176 -48.22 40.96 2.08
CA PHE F 176 -48.17 41.63 3.37
C PHE F 176 -49.01 42.89 3.29
N TYR F 177 -50.03 42.97 4.13
CA TYR F 177 -50.99 44.06 4.13
C TYR F 177 -50.86 44.86 5.41
N LYS F 178 -50.74 46.19 5.27
CA LYS F 178 -50.77 47.08 6.43
C LYS F 178 -52.09 46.90 7.18
N ARG F 179 -52.01 46.35 8.40
CA ARG F 179 -53.23 46.08 9.16
C ARG F 179 -54.06 47.33 9.35
N GLU F 180 -53.41 48.47 9.61
CA GLU F 180 -54.16 49.71 9.75
C GLU F 180 -54.91 50.07 8.47
N PHE F 181 -54.38 49.67 7.32
CA PHE F 181 -55.04 49.99 6.06
C PHE F 181 -56.30 49.14 5.85
N LEU F 182 -56.26 47.87 6.28
CA LEU F 182 -57.42 47.01 6.13
C LEU F 182 -58.55 47.42 7.08
N LEU F 183 -58.21 47.79 8.31
CA LEU F 183 -59.24 48.23 9.25
C LEU F 183 -59.81 49.58 8.88
N GLU F 184 -58.98 50.48 8.31
CA GLU F 184 -59.45 51.80 7.93
C GLU F 184 -60.55 51.72 6.88
N ASN F 185 -60.34 50.90 5.85
CA ASN F 185 -61.22 50.83 4.69
C ASN F 185 -62.15 49.62 4.72
N ASP F 186 -62.23 48.91 5.85
CA ASP F 186 -63.19 47.80 6.04
C ASP F 186 -63.02 46.72 4.98
N ILE F 187 -61.76 46.37 4.69
CA ILE F 187 -61.44 45.38 3.65
C ILE F 187 -61.38 44.01 4.31
N THR F 188 -62.32 43.14 3.97
CA THR F 188 -62.41 41.80 4.52
C THR F 188 -62.45 40.78 3.39
N PHE F 189 -62.47 39.50 3.75
CA PHE F 189 -62.65 38.43 2.81
C PHE F 189 -64.13 38.05 2.71
N ASP F 190 -64.59 37.83 1.49
CA ASP F 190 -65.96 37.40 1.25
C ASP F 190 -66.13 35.96 1.72
N ASP F 191 -67.07 35.74 2.64
CA ASP F 191 -67.32 34.43 3.25
C ASP F 191 -68.72 33.91 2.93
N GLY F 192 -69.21 34.23 1.74
CA GLY F 192 -70.53 33.82 1.32
C GLY F 192 -70.60 32.34 1.00
N ALA F 193 -71.76 31.93 0.51
CA ALA F 193 -71.96 30.54 0.13
C ALA F 193 -71.15 30.22 -1.12
N ARG F 194 -70.39 29.11 -1.06
CA ARG F 194 -69.51 28.60 -2.11
C ARG F 194 -68.91 29.68 -2.99
N VAL F 195 -68.22 30.65 -2.39
CA VAL F 195 -67.63 31.77 -3.12
C VAL F 195 -66.17 31.47 -3.44
N LEU F 196 -65.77 31.79 -4.67
CA LEU F 196 -64.43 31.58 -5.18
C LEU F 196 -63.71 32.90 -5.35
N TRP F 197 -62.39 32.82 -5.49
CA TRP F 197 -61.55 33.98 -5.74
C TRP F 197 -61.72 35.05 -4.67
N GLU F 198 -61.75 34.63 -3.40
CA GLU F 198 -61.83 35.60 -2.32
C GLU F 198 -60.59 36.48 -2.26
N ASP F 199 -59.46 36.00 -2.78
CA ASP F 199 -58.24 36.79 -2.80
C ASP F 199 -58.25 37.82 -3.92
N VAL F 200 -58.93 37.54 -5.03
CA VAL F 200 -59.07 38.54 -6.08
C VAL F 200 -59.92 39.71 -5.60
N TYR F 201 -61.04 39.41 -4.94
CA TYR F 201 -61.84 40.48 -4.34
C TYR F 201 -61.01 41.28 -3.35
N PHE F 202 -60.26 40.57 -2.49
CA PHE F 202 -59.47 41.24 -1.45
C PHE F 202 -58.47 42.21 -2.06
N ASN F 203 -57.65 41.72 -3.00
CA ASN F 203 -56.64 42.59 -3.60
C ASN F 203 -57.27 43.72 -4.40
N SER F 204 -58.34 43.43 -5.13
CA SER F 204 -59.02 44.47 -5.89
C SER F 204 -59.56 45.56 -4.98
N LYS F 205 -60.21 45.17 -3.89
CA LYS F 205 -60.72 46.16 -2.94
C LYS F 205 -59.58 46.98 -2.35
N ALA F 206 -58.44 46.35 -2.09
CA ALA F 206 -57.30 47.09 -1.55
C ALA F 206 -56.84 48.18 -2.50
N PHE F 207 -56.78 47.88 -3.80
CA PHE F 207 -56.30 48.88 -4.76
C PHE F 207 -57.33 49.97 -4.98
N ILE F 208 -58.62 49.63 -4.98
CA ILE F 208 -59.66 50.62 -5.20
C ILE F 208 -59.62 51.69 -4.10
N HIS F 209 -59.41 51.27 -2.86
CA HIS F 209 -59.34 52.22 -1.77
C HIS F 209 -58.04 53.01 -1.75
N GLY F 210 -57.12 52.75 -2.68
CA GLY F 210 -55.93 53.56 -2.82
C GLY F 210 -54.74 53.06 -2.04
N ALA F 211 -54.43 51.77 -2.18
CA ALA F 211 -53.29 51.19 -1.47
C ALA F 211 -51.99 51.53 -2.19
N LYS F 212 -51.01 51.97 -1.42
CA LYS F 212 -49.64 52.08 -1.93
C LYS F 212 -49.05 50.68 -2.01
N VAL F 213 -48.72 50.25 -3.23
CA VAL F 213 -48.26 48.89 -3.47
C VAL F 213 -46.77 48.91 -3.76
N GLY F 214 -46.05 47.97 -3.15
CA GLY F 214 -44.67 47.72 -3.51
C GLY F 214 -44.46 46.27 -3.86
N ILE F 215 -43.65 46.04 -4.90
CA ILE F 215 -43.33 44.69 -5.36
C ILE F 215 -41.91 44.37 -4.92
N LEU F 216 -41.77 43.33 -4.10
CA LEU F 216 -40.46 42.82 -3.69
C LEU F 216 -40.18 41.58 -4.52
N ALA F 217 -39.37 41.75 -5.57
CA ALA F 217 -39.17 40.68 -6.54
C ALA F 217 -37.80 40.00 -6.46
N ASP F 218 -36.84 40.55 -5.73
CA ASP F 218 -35.48 40.03 -5.74
C ASP F 218 -35.22 39.00 -4.65
N TYR F 219 -36.26 38.51 -3.99
CA TYR F 219 -36.11 37.48 -2.97
C TYR F 219 -37.40 36.69 -2.85
N PRO F 220 -37.34 35.36 -2.78
CA PRO F 220 -38.58 34.57 -2.66
C PRO F 220 -39.11 34.65 -1.24
N THR F 221 -40.36 35.08 -1.10
CA THR F 221 -40.95 35.33 0.22
C THR F 221 -41.92 34.24 0.66
N TYR F 222 -42.73 33.71 -0.24
CA TYR F 222 -43.79 32.77 0.09
C TYR F 222 -43.68 31.56 -0.82
N TYR F 223 -43.85 30.36 -0.25
CA TYR F 223 -43.85 29.11 -1.01
C TYR F 223 -45.27 28.54 -0.97
N TRP F 224 -45.99 28.70 -2.07
CA TRP F 224 -47.31 28.10 -2.26
C TRP F 224 -47.12 26.64 -2.67
N ILE F 225 -47.44 25.71 -1.77
CA ILE F 225 -47.09 24.31 -1.94
C ILE F 225 -48.24 23.56 -2.60
N ALA F 226 -47.91 22.73 -3.59
CA ALA F 226 -48.87 21.83 -4.21
C ALA F 226 -48.80 20.47 -3.51
N THR F 227 -49.94 19.96 -3.08
CA THR F 227 -50.02 18.69 -2.38
C THR F 227 -51.10 17.82 -3.04
N GLY F 228 -51.25 16.60 -2.54
CA GLY F 228 -52.31 15.75 -3.04
C GLY F 228 -53.69 16.21 -2.60
N ALA F 229 -53.78 16.89 -1.46
CA ALA F 229 -55.09 17.26 -0.93
C ALA F 229 -55.63 18.52 -1.60
N ASN F 230 -54.75 19.44 -1.97
CA ASN F 230 -55.15 20.78 -2.39
C ASN F 230 -55.37 20.91 -3.89
N ASN F 231 -55.97 19.89 -4.52
CA ASN F 231 -56.14 19.88 -5.97
C ASN F 231 -57.13 20.92 -6.47
N SER F 232 -57.82 21.64 -5.58
CA SER F 232 -58.71 22.75 -5.94
C SER F 232 -59.70 22.37 -7.05
N SER F 233 -60.25 21.15 -6.95
CA SER F 233 -61.27 20.70 -7.88
C SER F 233 -62.65 21.25 -7.56
N SER F 234 -62.78 22.04 -6.48
CA SER F 234 -64.06 22.67 -6.15
C SER F 234 -64.51 23.60 -7.27
N PHE F 235 -63.58 24.35 -7.85
CA PHE F 235 -63.85 25.20 -9.01
C PHE F 235 -63.76 24.32 -10.25
N GLY F 236 -64.92 23.92 -10.77
CA GLY F 236 -64.99 23.11 -11.97
C GLY F 236 -65.56 21.72 -11.80
N ARG F 237 -65.73 21.22 -10.57
CA ARG F 237 -66.39 19.93 -10.40
C ARG F 237 -67.85 20.02 -10.83
N ASP F 238 -68.46 21.19 -10.67
CA ASP F 238 -69.76 21.49 -11.25
C ASP F 238 -69.61 22.69 -12.17
N PRO F 239 -70.22 22.67 -13.36
CA PRO F 239 -70.03 23.78 -14.30
C PRO F 239 -70.99 24.94 -14.06
N HIS F 240 -72.15 24.64 -13.46
CA HIS F 240 -73.14 25.69 -13.20
C HIS F 240 -72.66 26.63 -12.09
N GLU F 241 -72.14 26.07 -11.00
CA GLU F 241 -71.56 26.90 -9.95
C GLU F 241 -70.33 27.64 -10.45
N LYS F 242 -69.60 27.05 -11.40
CA LYS F 242 -68.42 27.70 -11.97
C LYS F 242 -68.79 29.02 -12.62
N TRP F 243 -69.78 29.01 -13.50
CA TRP F 243 -70.14 30.20 -14.26
C TRP F 243 -71.04 31.15 -13.48
N ASN F 244 -71.65 30.70 -12.39
CA ASN F 244 -72.29 31.66 -11.49
C ASN F 244 -71.23 32.50 -10.77
N GLN F 245 -70.12 31.88 -10.36
CA GLN F 245 -69.04 32.62 -9.74
C GLN F 245 -68.31 33.51 -10.73
N ILE F 246 -68.16 33.06 -11.98
CA ILE F 246 -67.57 33.91 -13.01
C ILE F 246 -68.44 35.14 -13.24
N ASN F 247 -69.76 34.95 -13.30
CA ASN F 247 -70.66 36.10 -13.42
C ASN F 247 -70.57 36.98 -12.19
N LYS F 248 -70.43 36.38 -11.00
CA LYS F 248 -70.33 37.19 -9.79
C LYS F 248 -69.03 37.99 -9.77
N LEU F 249 -67.95 37.43 -10.32
CA LEU F 249 -66.68 38.15 -10.36
C LEU F 249 -66.73 39.33 -11.33
N PHE F 250 -67.29 39.11 -12.53
CA PHE F 250 -67.36 40.20 -13.50
C PHE F 250 -68.32 41.29 -13.05
N ASN F 251 -69.41 40.92 -12.37
CA ASN F 251 -70.27 41.94 -11.78
C ASN F 251 -69.55 42.71 -10.69
N PHE F 252 -68.58 42.07 -10.02
CA PHE F 252 -67.81 42.77 -9.00
C PHE F 252 -66.91 43.84 -9.61
N PHE F 253 -66.23 43.52 -10.71
CA PHE F 253 -65.36 44.49 -11.37
C PHE F 253 -66.15 45.71 -11.85
N LYS F 254 -67.25 45.46 -12.58
CA LYS F 254 -68.02 46.55 -13.15
C LYS F 254 -68.69 47.40 -12.08
N ASP F 255 -68.99 46.81 -10.92
CA ASP F 255 -69.66 47.56 -9.86
C ASP F 255 -68.67 48.37 -9.03
N ASN F 256 -67.54 47.77 -8.67
CA ASN F 256 -66.67 48.33 -7.64
C ASN F 256 -65.48 49.10 -8.19
N ILE F 257 -64.88 48.65 -9.29
CA ILE F 257 -63.69 49.33 -9.81
C ILE F 257 -64.12 50.63 -10.49
N LYS F 258 -63.59 51.75 -10.02
CA LYS F 258 -63.95 53.07 -10.55
C LYS F 258 -62.94 53.59 -11.56
N GLU F 259 -61.66 53.29 -11.39
CA GLU F 259 -60.65 53.70 -12.35
C GLU F 259 -60.88 53.01 -13.69
N GLN F 260 -60.98 53.79 -14.76
CA GLN F 260 -61.26 53.24 -16.08
C GLN F 260 -60.11 52.37 -16.58
N ARG F 261 -58.87 52.84 -16.43
CA ARG F 261 -57.71 52.04 -16.83
C ARG F 261 -57.70 50.70 -16.10
N ASP F 262 -58.09 50.69 -14.82
CA ASP F 262 -58.08 49.46 -14.05
C ASP F 262 -59.27 48.57 -14.38
N LEU F 263 -60.44 49.16 -14.62
CA LEU F 263 -61.61 48.36 -14.98
C LEU F 263 -61.39 47.62 -16.29
N ASP F 264 -60.86 48.31 -17.30
CA ASP F 264 -60.61 47.66 -18.58
C ASP F 264 -59.58 46.56 -18.46
N PHE F 265 -58.62 46.70 -17.54
CA PHE F 265 -57.59 45.68 -17.38
C PHE F 265 -58.17 44.40 -16.78
N MET F 266 -58.89 44.53 -15.65
CA MET F 266 -59.48 43.36 -15.03
C MET F 266 -60.49 42.69 -15.95
N LEU F 267 -61.26 43.49 -16.70
CA LEU F 267 -62.17 42.92 -17.69
C LEU F 267 -61.42 42.19 -18.78
N THR F 268 -60.38 42.83 -19.34
CA THR F 268 -59.63 42.19 -20.42
C THR F 268 -58.87 40.97 -19.93
N HIS F 269 -58.21 41.08 -18.77
CA HIS F 269 -57.40 39.98 -18.28
C HIS F 269 -58.25 38.74 -18.00
N TRP F 270 -59.33 38.90 -17.24
CA TRP F 270 -60.14 37.75 -16.84
C TRP F 270 -61.00 37.22 -17.98
N TYR F 271 -61.46 38.10 -18.88
CA TYR F 271 -62.19 37.62 -20.05
C TYR F 271 -61.30 36.76 -20.93
N ARG F 272 -60.02 37.14 -21.06
CA ARG F 272 -59.12 36.38 -21.91
C ARG F 272 -58.81 35.01 -21.31
N SER F 273 -58.59 34.95 -20.00
CA SER F 273 -58.06 33.74 -19.38
C SER F 273 -59.14 32.76 -18.95
N ARG F 274 -60.26 33.23 -18.41
CA ARG F 274 -61.27 32.34 -17.86
C ARG F 274 -62.52 32.19 -18.72
N VAL F 275 -62.77 33.11 -19.66
CA VAL F 275 -63.91 32.97 -20.55
C VAL F 275 -63.44 32.48 -21.91
N LEU F 276 -62.65 33.30 -22.61
CA LEU F 276 -62.06 32.84 -23.86
C LEU F 276 -61.16 31.63 -23.65
N GLY F 277 -60.62 31.45 -22.44
CA GLY F 277 -59.72 30.36 -22.14
C GLY F 277 -60.32 28.98 -22.28
N ILE F 278 -61.65 28.87 -22.40
CA ILE F 278 -62.27 27.57 -22.68
C ILE F 278 -62.54 27.37 -24.16
N LEU F 279 -62.18 28.34 -25.01
CA LEU F 279 -62.45 28.27 -26.44
C LEU F 279 -61.24 27.78 -27.23
N GLY F 280 -60.28 27.16 -26.57
CA GLY F 280 -59.11 26.63 -27.24
C GLY F 280 -58.94 25.15 -27.01
N GLN F 281 -57.79 24.74 -26.47
CA GLN F 281 -57.53 23.33 -26.24
C GLN F 281 -58.51 22.72 -25.24
N TRP F 282 -59.11 23.53 -24.37
CA TRP F 282 -60.15 23.05 -23.48
C TRP F 282 -61.30 22.39 -24.26
N LEU F 283 -61.53 22.80 -25.50
CA LEU F 283 -62.60 22.22 -26.30
C LEU F 283 -62.29 20.79 -26.73
N LEU F 284 -61.03 20.36 -26.64
CA LEU F 284 -60.63 19.03 -27.07
C LEU F 284 -60.57 18.02 -25.93
N LYS F 285 -60.58 18.46 -24.67
CA LYS F 285 -60.45 17.57 -23.53
C LYS F 285 -61.74 17.47 -22.72
N ASN F 286 -62.88 17.81 -23.30
CA ASN F 286 -64.15 17.73 -22.60
C ASN F 286 -65.21 17.19 -23.55
N ASN F 287 -66.22 16.54 -22.97
CA ASN F 287 -67.29 15.96 -23.78
C ASN F 287 -68.27 17.05 -24.21
N ASN F 288 -69.06 16.71 -25.23
CA ASN F 288 -69.96 17.68 -25.86
C ASN F 288 -71.00 18.20 -24.88
N GLU F 289 -71.40 17.39 -23.89
CA GLU F 289 -72.43 17.83 -22.96
C GLU F 289 -71.95 18.99 -22.10
N ARG F 290 -70.70 18.92 -21.61
CA ARG F 290 -70.18 20.01 -20.80
C ARG F 290 -69.81 21.21 -21.67
N ILE F 291 -69.31 20.97 -22.88
CA ILE F 291 -68.94 22.06 -23.77
C ILE F 291 -70.16 22.91 -24.12
N ASP F 292 -71.30 22.26 -24.36
CA ASP F 292 -72.50 23.01 -24.70
C ASP F 292 -72.91 23.93 -23.57
N ILE F 293 -72.85 23.46 -22.32
CA ILE F 293 -73.25 24.28 -21.19
C ILE F 293 -72.32 25.47 -21.04
N GLU F 294 -71.01 25.21 -20.95
CA GLU F 294 -70.05 26.28 -20.65
C GLU F 294 -69.90 27.24 -21.84
N PHE F 295 -70.12 26.78 -23.07
CA PHE F 295 -70.10 27.71 -24.19
C PHE F 295 -71.28 28.66 -24.15
N ASN F 296 -72.46 28.15 -23.78
CA ASN F 296 -73.63 29.00 -23.68
C ASN F 296 -73.46 30.06 -22.59
N TYR F 297 -72.96 29.66 -21.42
CA TYR F 297 -72.65 30.63 -20.37
C TYR F 297 -71.67 31.68 -20.85
N ALA F 298 -70.59 31.23 -21.50
CA ALA F 298 -69.57 32.15 -22.01
C ALA F 298 -70.18 33.15 -22.99
N LYS F 299 -70.98 32.66 -23.94
CA LYS F 299 -71.63 33.55 -24.88
C LYS F 299 -72.55 34.53 -24.16
N LYS F 300 -73.29 34.04 -23.17
CA LYS F 300 -74.21 34.90 -22.44
C LYS F 300 -73.45 35.97 -21.65
N LEU F 301 -72.37 35.57 -20.97
CA LEU F 301 -71.60 36.53 -20.19
C LEU F 301 -70.95 37.59 -21.09
N ALA F 302 -70.42 37.17 -22.24
CA ALA F 302 -69.77 38.12 -23.13
C ALA F 302 -70.76 39.17 -23.63
N GLU F 303 -71.98 38.75 -23.97
CA GLU F 303 -72.95 39.69 -24.50
C GLU F 303 -73.46 40.62 -23.41
N GLU F 304 -73.71 40.10 -22.21
CA GLU F 304 -74.32 40.91 -21.16
C GLU F 304 -73.30 41.77 -20.40
N LEU F 305 -72.14 41.21 -20.06
CA LEU F 305 -71.20 41.86 -19.16
C LEU F 305 -69.98 42.44 -19.84
N ILE F 306 -69.55 41.92 -20.98
CA ILE F 306 -68.30 42.30 -21.61
C ILE F 306 -68.59 43.28 -22.72
N PRO F 307 -68.19 44.55 -22.60
CA PRO F 307 -68.41 45.52 -23.68
C PRO F 307 -67.56 45.18 -24.91
N ALA F 308 -67.95 45.77 -26.03
CA ALA F 308 -67.33 45.42 -27.31
C ALA F 308 -65.89 45.87 -27.42
N TYR F 309 -65.53 47.02 -26.82
CA TYR F 309 -64.21 47.59 -27.02
C TYR F 309 -63.10 46.81 -26.31
N ILE F 310 -63.45 45.83 -25.47
CA ILE F 310 -62.43 45.02 -24.83
C ILE F 310 -61.63 44.24 -25.87
N SER F 311 -62.27 43.82 -26.97
CA SER F 311 -61.57 43.06 -28.00
C SER F 311 -60.49 43.87 -28.70
N GLU F 312 -60.55 45.21 -28.62
CA GLU F 312 -59.56 46.05 -29.29
C GLU F 312 -58.15 45.76 -28.80
N ASN F 313 -57.99 45.33 -27.55
CA ASN F 313 -56.68 45.07 -26.98
C ASN F 313 -56.46 43.57 -26.73
N LEU F 314 -57.07 42.72 -27.54
CA LEU F 314 -56.76 41.30 -27.55
C LEU F 314 -55.86 40.97 -28.73
N ASP F 315 -55.02 39.95 -28.56
CA ASP F 315 -54.24 39.43 -29.66
C ASP F 315 -55.17 38.83 -30.72
N LYS F 316 -54.63 38.66 -31.93
CA LYS F 316 -55.43 38.22 -33.06
C LYS F 316 -56.23 36.96 -32.74
N ASN F 317 -55.58 35.96 -32.14
CA ASN F 317 -56.24 34.68 -31.86
C ASN F 317 -57.40 34.86 -30.90
N ASN F 318 -57.22 35.68 -29.86
CA ASN F 318 -58.30 35.89 -28.91
C ASN F 318 -59.40 36.76 -29.52
N GLN F 319 -59.04 37.68 -30.42
CA GLN F 319 -60.06 38.41 -31.17
C GLN F 319 -60.90 37.48 -32.03
N VAL F 320 -60.25 36.46 -32.61
CA VAL F 320 -60.98 35.44 -33.35
C VAL F 320 -61.91 34.66 -32.43
N LYS F 321 -61.40 34.24 -31.26
CA LYS F 321 -62.26 33.56 -30.29
C LYS F 321 -63.43 34.44 -29.89
N ASP F 322 -63.19 35.75 -29.71
CA ASP F 322 -64.24 36.65 -29.29
C ASP F 322 -65.32 36.78 -30.37
N TYR F 323 -64.91 36.88 -31.64
CA TYR F 323 -65.89 37.03 -32.71
C TYR F 323 -66.72 35.77 -32.88
N LEU F 324 -66.09 34.60 -32.81
CA LEU F 324 -66.82 33.36 -33.04
C LEU F 324 -67.72 33.03 -31.86
N LEU F 325 -67.29 33.34 -30.64
CA LEU F 325 -68.14 33.16 -29.46
C LEU F 325 -69.44 33.93 -29.60
N ARG F 326 -69.36 35.23 -29.87
CA ARG F 326 -70.57 36.05 -29.95
C ARG F 326 -71.44 35.62 -31.14
N GLN F 327 -70.82 35.08 -32.18
CA GLN F 327 -71.56 34.48 -33.28
C GLN F 327 -72.15 33.12 -32.92
N GLY F 328 -71.83 32.58 -31.74
CA GLY F 328 -72.27 31.25 -31.39
C GLY F 328 -71.72 30.15 -32.27
N ASP F 329 -70.64 30.44 -33.01
CA ASP F 329 -70.07 29.47 -33.95
C ASP F 329 -69.09 28.56 -33.20
N LEU F 330 -69.67 27.65 -32.41
CA LEU F 330 -68.87 26.67 -31.68
C LEU F 330 -68.16 25.72 -32.62
N ASP F 331 -68.77 25.38 -33.77
CA ASP F 331 -68.15 24.44 -34.69
C ASP F 331 -66.82 24.96 -35.20
N SER F 332 -66.77 26.22 -35.62
CA SER F 332 -65.51 26.80 -36.08
C SER F 332 -64.48 26.82 -34.96
N LEU F 333 -64.91 27.13 -33.73
CA LEU F 333 -63.98 27.16 -32.62
C LEU F 333 -63.43 25.77 -32.32
N LYS F 334 -64.27 24.74 -32.40
CA LYS F 334 -63.77 23.38 -32.26
C LYS F 334 -62.80 23.04 -33.37
N LYS F 335 -62.97 23.61 -34.56
CA LYS F 335 -62.05 23.35 -35.65
C LYS F 335 -60.73 24.08 -35.46
N LEU F 336 -60.78 25.32 -34.96
CA LEU F 336 -59.56 26.06 -34.67
C LEU F 336 -58.73 25.38 -33.59
N ALA F 337 -59.39 24.77 -32.61
CA ALA F 337 -58.67 24.03 -31.58
C ALA F 337 -57.88 22.88 -32.19
N GLN F 338 -58.47 22.19 -33.18
CA GLN F 338 -57.77 21.10 -33.84
C GLN F 338 -56.59 21.61 -34.66
N ILE F 339 -56.76 22.76 -35.32
CA ILE F 339 -55.67 23.33 -36.12
C ILE F 339 -54.50 23.72 -35.23
N ASP F 340 -54.79 24.31 -34.08
CA ASP F 340 -53.78 24.86 -33.18
C ASP F 340 -53.18 23.84 -32.23
N ALA F 341 -53.74 22.64 -32.15
CA ALA F 341 -53.28 21.66 -31.18
C ALA F 341 -51.80 21.37 -31.37
N GLY F 342 -51.02 21.53 -30.30
CA GLY F 342 -49.64 21.13 -30.31
C GLY F 342 -48.63 22.19 -30.71
N ILE F 343 -49.07 23.38 -31.13
CA ILE F 343 -48.12 24.44 -31.41
C ILE F 343 -47.29 24.73 -30.17
N THR F 344 -45.98 24.73 -30.33
CA THR F 344 -45.06 24.90 -29.23
C THR F 344 -43.72 25.37 -29.80
N ALA F 345 -42.76 25.60 -28.90
CA ALA F 345 -41.41 26.02 -29.29
C ALA F 345 -40.46 25.44 -28.27
N LEU F 346 -39.60 24.51 -28.69
CA LEU F 346 -38.66 23.83 -27.82
C LEU F 346 -37.25 24.26 -28.18
N SER F 347 -36.40 24.48 -27.17
CA SER F 347 -35.05 24.98 -27.40
C SER F 347 -34.04 23.85 -27.27
N TYR F 348 -33.06 23.86 -28.16
CA TYR F 348 -31.97 22.91 -28.19
C TYR F 348 -30.67 23.61 -27.82
N VAL F 349 -29.79 22.87 -27.13
CA VAL F 349 -28.45 23.37 -26.82
C VAL F 349 -27.60 23.23 -28.08
N GLU F 350 -27.20 24.36 -28.67
CA GLU F 350 -26.21 24.34 -29.73
C GLU F 350 -24.79 24.36 -29.17
N ASP F 351 -24.58 25.02 -28.05
CA ASP F 351 -23.26 25.08 -27.46
C ASP F 351 -23.40 25.32 -25.96
N ALA F 352 -22.57 24.64 -25.18
CA ALA F 352 -22.54 24.82 -23.74
C ALA F 352 -21.12 24.62 -23.24
N TYR F 353 -20.60 25.60 -22.51
CA TYR F 353 -19.23 25.54 -22.02
C TYR F 353 -19.07 26.52 -20.87
N PHE F 354 -18.13 26.22 -19.98
CA PHE F 354 -17.76 27.14 -18.92
C PHE F 354 -16.73 28.14 -19.44
N LYS F 355 -16.87 29.39 -19.01
CA LYS F 355 -15.92 30.43 -19.38
C LYS F 355 -15.84 31.42 -18.23
N GLU F 356 -14.62 31.65 -17.73
CA GLU F 356 -14.37 32.46 -16.54
C GLU F 356 -15.18 31.85 -15.39
N ASP F 357 -16.06 32.59 -14.73
CA ASP F 357 -16.84 32.05 -13.62
C ASP F 357 -18.28 31.75 -13.99
N LYS F 358 -18.62 31.72 -15.27
CA LYS F 358 -19.99 31.54 -15.71
C LYS F 358 -20.11 30.34 -16.62
N LEU F 359 -21.36 29.95 -16.87
CA LEU F 359 -21.71 28.86 -17.78
C LEU F 359 -22.43 29.47 -18.98
N PHE F 360 -21.87 29.30 -20.17
CA PHE F 360 -22.41 29.92 -21.37
C PHE F 360 -23.22 28.93 -22.18
N PHE F 361 -24.35 29.40 -22.71
CA PHE F 361 -25.25 28.60 -23.52
C PHE F 361 -25.52 29.29 -24.85
N LYS F 362 -25.53 28.51 -25.93
CA LYS F 362 -26.05 28.93 -27.21
C LYS F 362 -27.21 28.00 -27.55
N THR F 363 -28.41 28.57 -27.68
CA THR F 363 -29.60 27.78 -27.95
C THR F 363 -30.29 28.30 -29.21
N SER F 364 -31.05 27.41 -29.83
CA SER F 364 -31.88 27.75 -30.98
C SER F 364 -33.26 27.15 -30.78
N THR F 365 -34.25 27.73 -31.44
CA THR F 365 -35.59 27.19 -31.36
C THR F 365 -36.35 27.52 -32.64
N LYS F 366 -37.44 26.79 -32.87
CA LYS F 366 -38.38 27.11 -33.93
C LYS F 366 -39.77 26.77 -33.45
N MET F 367 -40.76 27.55 -33.87
CA MET F 367 -42.15 27.18 -33.63
C MET F 367 -42.47 25.95 -34.45
N THR F 368 -42.93 24.89 -33.78
CA THR F 368 -43.27 23.64 -34.45
C THR F 368 -44.60 23.11 -33.92
N TYR F 369 -44.97 21.94 -34.42
CA TYR F 369 -46.08 21.14 -33.89
C TYR F 369 -45.48 19.96 -33.15
N GLU F 370 -45.57 19.99 -31.81
CA GLU F 370 -45.10 18.91 -30.94
C GLU F 370 -43.62 18.56 -31.19
N ASP F 371 -42.81 19.58 -31.45
CA ASP F 371 -41.37 19.41 -31.66
C ASP F 371 -41.08 18.58 -32.92
N LYS F 372 -41.95 18.66 -33.92
CA LYS F 372 -41.73 17.92 -35.16
C LYS F 372 -41.68 18.86 -36.36
N GLU F 373 -42.67 18.81 -37.24
CA GLU F 373 -42.61 19.66 -38.43
C GLU F 373 -42.86 21.12 -38.07
N ASP F 374 -42.34 22.01 -38.91
CA ASP F 374 -42.37 23.44 -38.64
C ASP F 374 -43.81 23.98 -38.61
N PHE F 375 -44.01 25.02 -37.81
CA PHE F 375 -45.22 25.82 -37.83
C PHE F 375 -45.06 26.93 -38.85
N PHE F 376 -46.13 27.22 -39.59
CA PHE F 376 -46.06 28.12 -40.72
C PHE F 376 -47.13 29.20 -40.65
N ILE F 377 -46.77 30.39 -41.13
CA ILE F 377 -47.73 31.41 -41.58
C ILE F 377 -47.42 31.66 -43.05
N GLU F 378 -48.44 32.05 -43.81
CA GLU F 378 -48.30 32.22 -45.25
C GLU F 378 -48.45 33.68 -45.66
N LYS F 379 -47.69 34.08 -46.67
CA LYS F 379 -47.67 35.46 -47.16
C LYS F 379 -48.58 35.56 -48.38
N THR F 380 -49.71 36.23 -48.21
CA THR F 380 -50.61 36.55 -49.31
C THR F 380 -50.59 38.05 -49.52
N ALA F 381 -50.23 38.47 -50.73
CA ALA F 381 -50.04 39.88 -51.06
C ALA F 381 -48.99 40.50 -50.14
N ASP F 382 -49.44 41.33 -49.19
CA ASP F 382 -48.53 41.96 -48.24
C ASP F 382 -48.95 41.69 -46.81
N ARG F 383 -49.62 40.56 -46.59
CA ARG F 383 -50.15 40.20 -45.29
C ARG F 383 -49.65 38.81 -44.90
N MET F 384 -49.08 38.68 -43.71
CA MET F 384 -48.63 37.41 -43.17
C MET F 384 -49.80 36.79 -42.41
N GLU F 385 -50.42 35.78 -42.99
CA GLU F 385 -51.70 35.28 -42.52
C GLU F 385 -51.55 33.98 -41.75
N ARG F 386 -52.46 33.80 -40.79
CA ARG F 386 -52.67 32.52 -40.13
C ARG F 386 -53.20 31.51 -41.14
N ILE F 387 -52.64 30.30 -41.12
CA ILE F 387 -53.04 29.26 -42.07
C ILE F 387 -54.33 28.63 -41.59
N LEU F 388 -55.42 28.86 -42.31
CA LEU F 388 -56.75 28.40 -41.93
C LEU F 388 -57.48 27.88 -43.15
N PRO F 389 -58.47 27.00 -42.96
CA PRO F 389 -59.35 26.63 -44.07
C PRO F 389 -60.17 27.83 -44.53
N GLU F 390 -60.62 27.74 -45.79
CA GLU F 390 -61.30 28.88 -46.39
C GLU F 390 -62.69 29.11 -45.78
N GLU F 391 -63.36 28.05 -45.31
CA GLU F 391 -64.65 28.23 -44.65
C GLU F 391 -64.52 29.14 -43.44
N ILE F 392 -63.57 28.83 -42.55
CA ILE F 392 -63.35 29.67 -41.38
C ILE F 392 -62.82 31.04 -41.78
N LYS F 393 -61.95 31.08 -42.81
CA LYS F 393 -61.33 32.34 -43.21
C LYS F 393 -62.35 33.35 -43.70
N SER F 394 -63.31 32.90 -44.51
CA SER F 394 -64.34 33.81 -44.99
C SER F 394 -65.35 34.19 -43.92
N LYS F 395 -65.38 33.48 -42.80
CA LYS F 395 -66.25 33.81 -41.67
C LYS F 395 -65.66 34.86 -40.74
N LEU F 396 -64.45 35.35 -41.01
CA LEU F 396 -63.80 36.22 -40.05
C LEU F 396 -63.47 37.57 -40.65
N PRO F 397 -63.40 38.62 -39.84
CA PRO F 397 -62.84 39.89 -40.32
C PRO F 397 -61.38 39.70 -40.73
N LYS F 398 -61.02 40.32 -41.87
CA LYS F 398 -59.73 40.07 -42.50
C LYS F 398 -58.56 40.35 -41.56
N GLU F 399 -58.68 41.37 -40.70
CA GLU F 399 -57.57 41.73 -39.83
C GLU F 399 -57.31 40.69 -38.74
N PHE F 400 -58.32 39.90 -38.36
CA PHE F 400 -58.19 39.04 -37.19
C PHE F 400 -57.25 37.85 -37.43
N PHE F 401 -56.90 37.54 -38.69
CA PHE F 401 -55.93 36.49 -38.96
C PHE F 401 -54.73 37.02 -39.73
N ASP F 402 -54.57 38.35 -39.79
CA ASP F 402 -53.40 39.00 -40.38
C ASP F 402 -52.40 39.30 -39.27
N TYR F 403 -51.24 38.64 -39.31
CA TYR F 403 -50.20 38.73 -38.29
C TYR F 403 -49.15 39.80 -38.59
N SER F 404 -49.33 40.58 -39.67
CA SER F 404 -48.33 41.55 -40.10
C SER F 404 -47.89 42.46 -38.95
N ASP F 405 -48.85 43.12 -38.30
CA ASP F 405 -48.52 44.11 -37.28
C ASP F 405 -47.91 43.51 -36.02
N ASP F 406 -47.70 42.19 -35.96
CA ASP F 406 -47.24 41.53 -34.73
C ASP F 406 -45.92 40.78 -34.92
N LEU F 407 -45.25 40.93 -36.06
CA LEU F 407 -44.08 40.12 -36.37
C LEU F 407 -42.82 40.58 -35.65
N ALA F 408 -42.86 41.72 -34.96
CA ALA F 408 -41.72 42.23 -34.21
C ALA F 408 -41.92 42.09 -32.71
N GLU F 409 -42.93 41.34 -32.27
CA GLU F 409 -43.28 41.24 -30.86
C GLU F 409 -42.95 39.87 -30.28
N PHE F 410 -42.02 39.14 -30.89
CA PHE F 410 -41.58 37.88 -30.32
C PHE F 410 -40.65 38.13 -29.14
N THR F 411 -40.67 37.19 -28.19
CA THR F 411 -39.73 37.19 -27.09
C THR F 411 -39.08 35.82 -26.99
N TYR F 412 -37.85 35.80 -26.49
CA TYR F 412 -37.10 34.55 -26.34
C TYR F 412 -36.09 34.80 -25.23
N GLU F 413 -36.38 34.25 -24.04
CA GLU F 413 -35.57 34.50 -22.85
C GLU F 413 -35.24 33.19 -22.16
N PRO F 414 -34.16 33.16 -21.36
CA PRO F 414 -33.84 31.95 -20.59
C PRO F 414 -34.32 32.02 -19.15
N SER F 415 -34.45 30.87 -18.51
CA SER F 415 -35.04 30.76 -17.19
C SER F 415 -34.33 29.67 -16.40
N ILE F 416 -34.42 29.77 -15.07
CA ILE F 416 -33.82 28.79 -14.18
C ILE F 416 -34.79 28.50 -13.04
N LYS F 417 -34.71 27.29 -12.51
CA LYS F 417 -35.55 26.87 -11.40
C LYS F 417 -34.71 26.00 -10.47
N GLY F 418 -34.71 26.35 -9.18
CA GLY F 418 -34.05 25.49 -8.20
C GLY F 418 -34.93 24.30 -7.89
N ARG F 419 -34.36 23.11 -7.95
CA ARG F 419 -35.19 21.91 -7.80
C ARG F 419 -35.62 21.70 -6.36
N ASN F 420 -34.88 22.22 -5.38
CA ASN F 420 -35.26 22.07 -3.98
C ASN F 420 -36.15 23.22 -3.51
N SER F 421 -35.73 24.46 -3.76
CA SER F 421 -36.51 25.61 -3.32
C SER F 421 -37.74 25.86 -4.19
N ARG F 422 -37.74 25.33 -5.42
CA ARG F 422 -38.78 25.51 -6.43
C ARG F 422 -38.81 26.93 -6.99
N ALA F 423 -37.94 27.82 -6.51
CA ALA F 423 -37.95 29.20 -6.98
C ALA F 423 -37.51 29.28 -8.44
N THR F 424 -38.16 30.17 -9.19
CA THR F 424 -37.84 30.37 -10.60
C THR F 424 -37.29 31.78 -10.79
N TRP F 425 -36.39 31.93 -11.75
CA TRP F 425 -35.78 33.21 -12.05
C TRP F 425 -35.48 33.32 -13.53
N LYS F 426 -35.81 34.47 -14.09
CA LYS F 426 -35.31 34.83 -15.41
C LYS F 426 -33.79 34.98 -15.34
N ILE F 427 -33.10 34.49 -16.37
CA ILE F 427 -31.67 34.69 -16.51
C ILE F 427 -31.45 35.96 -17.31
N ASP F 428 -30.89 36.98 -16.67
CA ASP F 428 -30.67 38.29 -17.28
C ASP F 428 -29.43 38.27 -18.17
N GLY F 429 -29.36 39.26 -19.05
CA GLY F 429 -28.19 39.47 -19.88
C GLY F 429 -28.14 38.68 -21.17
N SER F 430 -29.26 38.10 -21.60
CA SER F 430 -29.24 37.28 -22.80
C SER F 430 -29.33 38.14 -24.06
N THR F 431 -28.95 37.53 -25.18
CA THR F 431 -29.01 38.16 -26.50
C THR F 431 -29.76 37.20 -27.41
N SER F 432 -31.01 37.51 -27.72
CA SER F 432 -31.84 36.64 -28.54
C SER F 432 -32.30 37.39 -29.78
N ASN F 433 -32.55 36.62 -30.85
CA ASN F 433 -33.05 37.17 -32.10
C ASN F 433 -34.04 36.18 -32.68
N VAL F 434 -35.18 36.68 -33.13
CA VAL F 434 -36.24 35.87 -33.72
C VAL F 434 -36.48 36.38 -35.14
N GLU F 435 -36.45 35.47 -36.11
CA GLU F 435 -36.61 35.82 -37.51
C GLU F 435 -37.79 35.08 -38.12
N VAL F 436 -38.44 35.73 -39.07
CA VAL F 436 -39.51 35.15 -39.87
C VAL F 436 -38.91 34.78 -41.22
N VAL F 437 -38.69 33.49 -41.46
CA VAL F 437 -37.87 33.01 -42.56
C VAL F 437 -38.76 32.32 -43.59
N ASN F 438 -38.57 32.69 -44.86
CA ASN F 438 -39.27 32.04 -45.97
C ASN F 438 -38.59 30.69 -46.23
N LYS F 439 -39.22 29.60 -45.79
CA LYS F 439 -38.63 28.28 -45.98
C LYS F 439 -38.92 27.73 -47.38
N LYS F 440 -40.17 27.78 -47.80
CA LYS F 440 -40.57 27.29 -49.11
C LYS F 440 -41.85 28.00 -49.53
N ALA F 441 -42.03 28.14 -50.84
CA ALA F 441 -43.24 28.73 -51.43
C ALA F 441 -43.50 30.07 -50.75
N ASN F 442 -44.73 30.33 -50.29
CA ASN F 442 -45.04 31.51 -49.50
C ASN F 442 -45.18 31.18 -48.02
N LEU F 443 -44.52 30.12 -47.55
CA LEU F 443 -44.61 29.67 -46.17
C LEU F 443 -43.43 30.19 -45.37
N TYR F 444 -43.71 30.69 -44.16
CA TYR F 444 -42.69 31.29 -43.31
C TYR F 444 -42.69 30.60 -41.96
N LYS F 445 -41.51 30.25 -41.47
CA LYS F 445 -41.35 29.72 -40.13
C LYS F 445 -40.81 30.80 -39.19
N ILE F 446 -40.76 30.47 -37.90
CA ILE F 446 -40.33 31.39 -36.86
C ILE F 446 -39.15 30.76 -36.14
N GLU F 447 -37.96 31.31 -36.33
CA GLU F 447 -36.71 30.76 -35.81
C GLU F 447 -36.11 31.70 -34.77
N GLY F 448 -35.71 31.13 -33.64
CA GLY F 448 -35.11 31.90 -32.56
C GLY F 448 -33.70 31.41 -32.27
N GLU F 449 -32.83 32.35 -31.92
CA GLU F 449 -31.47 32.07 -31.51
C GLU F 449 -31.14 32.90 -30.28
N MET F 450 -30.47 32.29 -29.30
CA MET F 450 -30.22 32.96 -28.04
C MET F 450 -28.87 32.58 -27.46
N SER F 451 -28.18 33.58 -26.91
CA SER F 451 -26.96 33.40 -26.13
C SER F 451 -27.18 33.96 -24.73
N PHE F 452 -26.87 33.15 -23.72
CA PHE F 452 -26.96 33.63 -22.34
C PHE F 452 -25.91 32.92 -21.50
N SER F 453 -25.66 33.47 -20.33
CA SER F 453 -24.70 32.92 -19.39
C SER F 453 -25.33 32.86 -18.01
N VAL F 454 -25.00 31.82 -17.24
CA VAL F 454 -25.51 31.64 -15.89
C VAL F 454 -24.42 32.01 -14.91
N GLN F 455 -24.69 33.02 -14.08
CA GLN F 455 -23.84 33.38 -12.94
C GLN F 455 -24.57 32.89 -11.69
N ILE F 456 -24.19 31.69 -11.21
CA ILE F 456 -25.00 31.00 -10.21
C ILE F 456 -25.12 31.78 -8.91
N ASN F 457 -24.16 32.68 -8.65
CA ASN F 457 -24.25 33.52 -7.46
C ASN F 457 -25.50 34.39 -7.45
N ASP F 458 -26.07 34.68 -8.62
CA ASP F 458 -27.25 35.52 -8.68
C ASP F 458 -28.44 34.88 -7.98
N TYR F 459 -28.50 33.55 -7.92
CA TYR F 459 -29.68 32.85 -7.46
C TYR F 459 -29.47 32.16 -6.11
N ILE F 460 -28.32 32.34 -5.48
CA ILE F 460 -28.01 31.74 -4.19
C ILE F 460 -28.32 32.79 -3.13
N LEU F 461 -29.47 32.65 -2.47
CA LEU F 461 -29.93 33.61 -1.48
C LEU F 461 -30.03 33.04 -0.08
N ASP F 462 -30.35 31.76 0.06
CA ASP F 462 -30.30 31.07 1.34
C ASP F 462 -29.13 30.11 1.34
N ALA F 463 -28.71 29.70 2.56
CA ALA F 463 -27.64 28.72 2.68
C ALA F 463 -28.00 27.43 1.93
N ALA F 464 -29.26 27.00 2.03
CA ALA F 464 -29.67 25.77 1.35
C ALA F 464 -29.46 25.87 -0.16
N ASP F 465 -29.53 27.07 -0.72
CA ASP F 465 -29.38 27.26 -2.16
C ASP F 465 -27.99 26.91 -2.67
N LYS F 466 -27.00 26.78 -1.78
CA LYS F 466 -25.63 26.46 -2.18
C LYS F 466 -25.51 25.04 -2.74
N LYS F 467 -26.33 24.11 -2.25
CA LYS F 467 -26.27 22.71 -2.67
C LYS F 467 -27.66 22.30 -3.15
N GLN F 468 -27.89 22.33 -4.46
CA GLN F 468 -29.14 21.86 -5.03
C GLN F 468 -28.96 21.71 -6.54
N PRO F 469 -29.85 20.98 -7.20
CA PRO F 469 -29.85 20.95 -8.67
C PRO F 469 -30.66 22.11 -9.24
N TRP F 470 -30.18 22.65 -10.36
CA TRP F 470 -30.87 23.72 -11.06
C TRP F 470 -31.30 23.23 -12.44
N ASP F 471 -32.54 23.53 -12.80
CA ASP F 471 -33.08 23.15 -14.10
C ASP F 471 -33.25 24.40 -14.96
N ILE F 472 -32.75 24.34 -16.19
CA ILE F 472 -32.76 25.45 -17.13
C ILE F 472 -33.95 25.28 -18.06
N ALA F 473 -34.58 26.41 -18.41
CA ALA F 473 -35.71 26.41 -19.33
C ALA F 473 -35.63 27.66 -20.20
N THR F 474 -36.47 27.70 -21.22
CA THR F 474 -36.55 28.84 -22.12
C THR F 474 -38.01 29.23 -22.30
N ARG F 475 -38.25 30.53 -22.43
CA ARG F 475 -39.60 31.09 -22.58
C ARG F 475 -39.69 31.79 -23.92
N PHE F 476 -40.57 31.29 -24.78
CA PHE F 476 -40.79 31.84 -26.11
C PHE F 476 -42.24 32.27 -26.24
N THR F 477 -42.46 33.51 -26.68
CA THR F 477 -43.80 34.02 -26.93
C THR F 477 -43.87 34.66 -28.30
N GLY F 478 -45.06 34.63 -28.88
CA GLY F 478 -45.25 35.24 -30.18
C GLY F 478 -46.51 34.76 -30.86
N LEU F 479 -47.13 35.63 -31.65
CA LEU F 479 -48.38 35.35 -32.37
C LEU F 479 -49.48 34.87 -31.44
N GLY F 480 -49.41 35.25 -30.16
CA GLY F 480 -50.39 34.83 -29.18
C GLY F 480 -50.02 33.59 -28.40
N TYR F 481 -48.94 32.89 -28.77
CA TYR F 481 -48.58 31.65 -28.11
C TYR F 481 -47.49 31.89 -27.08
N THR F 482 -47.51 31.09 -26.02
CA THR F 482 -46.49 31.14 -24.99
C THR F 482 -45.97 29.73 -24.77
N SER F 483 -44.66 29.55 -24.90
CA SER F 483 -44.03 28.25 -24.79
C SER F 483 -42.86 28.38 -23.83
N HIS F 484 -43.07 27.97 -22.58
CA HIS F 484 -42.04 28.00 -21.54
C HIS F 484 -41.74 26.56 -21.16
N ARG F 485 -40.63 26.03 -21.67
CA ARG F 485 -40.31 24.61 -21.53
C ARG F 485 -38.85 24.43 -21.15
N ALA F 486 -38.56 23.28 -20.55
CA ALA F 486 -37.20 22.92 -20.19
C ALA F 486 -36.30 22.91 -21.42
N LEU F 487 -35.06 23.34 -21.24
CA LEU F 487 -34.07 23.25 -22.30
C LEU F 487 -33.61 21.81 -22.44
N THR F 488 -33.32 21.40 -23.68
CA THR F 488 -33.00 20.02 -23.98
C THR F 488 -31.78 19.93 -24.89
N ILE F 489 -31.15 18.75 -24.88
CA ILE F 489 -30.05 18.46 -25.79
C ILE F 489 -30.14 16.99 -26.17
N GLY F 490 -29.69 16.67 -27.38
CA GLY F 490 -29.72 15.31 -27.88
C GLY F 490 -28.46 14.55 -27.58
N LYS F 491 -27.30 15.12 -27.93
CA LYS F 491 -26.03 14.48 -27.64
C LYS F 491 -25.81 14.40 -26.12
N ILE F 492 -24.94 13.48 -25.73
CA ILE F 492 -24.53 13.39 -24.33
C ILE F 492 -23.71 14.61 -23.97
N LEU F 493 -24.09 15.27 -22.88
CA LEU F 493 -23.40 16.46 -22.40
C LEU F 493 -23.08 16.26 -20.93
N ILE F 494 -21.79 16.29 -20.59
CA ILE F 494 -21.33 16.29 -19.21
C ILE F 494 -20.10 17.18 -19.16
N LYS F 495 -20.17 18.28 -18.42
CA LYS F 495 -19.05 19.18 -18.29
C LYS F 495 -19.00 19.71 -16.86
N THR F 496 -17.81 19.69 -16.26
CA THR F 496 -17.60 20.08 -14.88
C THR F 496 -16.80 21.37 -14.80
N ALA F 497 -16.82 21.97 -13.61
CA ALA F 497 -16.14 23.22 -13.37
C ALA F 497 -15.98 23.41 -11.87
N LEU F 498 -14.84 23.99 -11.48
CA LEU F 498 -14.54 24.33 -10.10
C LEU F 498 -14.22 25.82 -10.05
N ILE F 499 -15.15 26.61 -9.53
CA ILE F 499 -15.14 28.07 -9.68
C ILE F 499 -15.35 28.68 -8.30
N ASN F 500 -14.27 29.19 -7.70
CA ASN F 500 -14.33 29.92 -6.43
C ASN F 500 -15.12 29.18 -5.37
N ASN F 501 -14.68 27.95 -5.07
CA ASN F 501 -15.29 27.04 -4.10
C ASN F 501 -16.65 26.52 -4.54
N LYS F 502 -17.02 26.68 -5.80
CA LYS F 502 -18.26 26.10 -6.32
C LYS F 502 -17.92 24.95 -7.26
N THR F 503 -18.40 23.75 -6.93
CA THR F 503 -18.37 22.63 -7.85
C THR F 503 -19.61 22.67 -8.73
N MET F 504 -19.40 22.57 -10.04
CA MET F 504 -20.48 22.75 -11.00
C MET F 504 -20.44 21.67 -12.05
N ILE F 505 -21.61 21.12 -12.37
CA ILE F 505 -21.77 20.07 -13.36
C ILE F 505 -23.00 20.40 -14.19
N VAL F 506 -22.80 20.67 -15.47
CA VAL F 506 -23.89 20.82 -16.42
C VAL F 506 -24.02 19.52 -17.21
N TYR F 507 -25.23 18.98 -17.28
CA TYR F 507 -25.40 17.66 -17.88
C TYR F 507 -26.81 17.51 -18.45
N LYS F 508 -26.91 16.62 -19.43
CA LYS F 508 -28.18 16.06 -19.86
C LYS F 508 -28.63 15.01 -18.85
N ASN F 509 -29.74 15.28 -18.15
CA ASN F 509 -30.21 14.37 -17.11
C ASN F 509 -30.99 13.22 -17.74
N ALA F 510 -31.58 12.39 -16.87
CA ALA F 510 -32.24 11.15 -17.29
C ALA F 510 -33.50 11.40 -18.11
N SER F 511 -34.05 12.61 -18.09
CA SER F 511 -35.21 12.95 -18.90
C SER F 511 -34.82 13.62 -20.21
N GLY F 512 -33.53 13.84 -20.45
CA GLY F 512 -33.09 14.51 -21.65
C GLY F 512 -33.07 16.01 -21.56
N LEU F 513 -33.17 16.57 -20.35
CA LEU F 513 -33.23 18.00 -20.12
C LEU F 513 -31.96 18.47 -19.41
N ILE F 514 -31.68 19.76 -19.55
CA ILE F 514 -30.44 20.35 -19.05
C ILE F 514 -30.58 20.64 -17.57
N SER F 515 -29.73 20.01 -16.75
CA SER F 515 -29.67 20.29 -15.33
C SER F 515 -28.28 20.79 -14.96
N LEU F 516 -28.22 21.57 -13.87
CA LEU F 516 -26.97 22.14 -13.38
C LEU F 516 -26.85 21.84 -11.89
N ASP F 517 -26.00 20.88 -11.55
CA ASP F 517 -25.74 20.51 -10.16
C ASP F 517 -24.63 21.40 -9.61
N VAL F 518 -24.90 22.03 -8.47
CA VAL F 518 -23.93 22.86 -7.77
C VAL F 518 -23.81 22.34 -6.34
N GLY F 519 -22.58 22.09 -5.90
CA GLY F 519 -22.36 21.55 -4.58
C GLY F 519 -22.46 20.05 -4.46
N SER F 520 -22.43 19.32 -5.57
CA SER F 520 -22.51 17.86 -5.55
C SER F 520 -23.79 17.37 -4.87
N SER F 521 -24.92 17.94 -5.28
CA SER F 521 -26.18 17.49 -4.71
C SER F 521 -26.69 16.19 -5.33
N VAL F 522 -26.28 15.86 -6.55
CA VAL F 522 -26.69 14.57 -7.11
C VAL F 522 -25.51 13.85 -7.75
N ARG F 523 -24.53 14.60 -8.24
CA ARG F 523 -23.41 14.00 -8.96
C ARG F 523 -22.08 14.33 -8.30
N SER F 524 -21.07 13.54 -8.66
CA SER F 524 -19.72 13.64 -8.13
C SER F 524 -18.79 14.25 -9.18
N ILE F 525 -18.21 15.41 -8.86
CA ILE F 525 -17.42 16.12 -9.86
C ILE F 525 -16.14 15.36 -10.18
N VAL F 526 -15.55 14.68 -9.19
CA VAL F 526 -14.38 13.85 -9.47
C VAL F 526 -14.72 12.76 -10.47
N GLU F 527 -15.90 12.15 -10.32
CA GLU F 527 -16.31 11.10 -11.26
C GLU F 527 -16.50 11.65 -12.67
N ASP F 528 -17.19 12.79 -12.78
CA ASP F 528 -17.51 13.35 -14.09
C ASP F 528 -16.32 14.03 -14.76
N SER F 529 -15.31 14.46 -13.99
CA SER F 529 -14.12 15.08 -14.56
C SER F 529 -13.08 14.08 -15.02
N GLY F 530 -13.03 12.89 -14.41
CA GLY F 530 -12.00 11.92 -14.71
C GLY F 530 -10.76 12.12 -13.87
N VAL F 531 -9.92 11.08 -13.85
CA VAL F 531 -8.72 11.06 -13.03
C VAL F 531 -7.55 10.63 -13.90
N LYS F 532 -6.54 11.49 -13.99
CA LYS F 532 -5.29 11.14 -14.67
C LYS F 532 -4.51 10.21 -13.74
N ARG F 533 -4.79 8.91 -13.87
CA ARG F 533 -4.30 7.94 -12.89
C ARG F 533 -2.77 7.78 -12.98
N GLU F 534 -2.21 7.85 -14.19
CA GLU F 534 -0.77 7.78 -14.34
C GLU F 534 -0.05 9.01 -13.83
N GLN F 535 -0.79 10.06 -13.47
CA GLN F 535 -0.22 11.29 -12.93
C GLN F 535 -0.45 11.42 -11.43
N ILE F 536 -0.88 10.34 -10.76
CA ILE F 536 -1.13 10.36 -9.33
C ILE F 536 0.21 10.35 -8.60
N LEU F 537 0.50 11.43 -7.89
CA LEU F 537 1.75 11.56 -7.14
C LEU F 537 1.57 11.02 -5.73
N ILE F 538 2.47 10.15 -5.32
CA ILE F 538 2.48 9.64 -3.95
C ILE F 538 3.72 10.19 -3.26
N ASP F 539 3.55 11.33 -2.57
CA ASP F 539 4.68 12.05 -1.96
C ASP F 539 4.74 11.69 -0.48
N LYS F 540 5.67 10.80 -0.13
CA LYS F 540 5.82 10.34 1.24
C LYS F 540 6.54 11.33 2.15
N THR F 541 7.18 12.36 1.58
CA THR F 541 7.85 13.36 2.41
C THR F 541 6.85 14.11 3.29
N SER F 542 5.64 14.34 2.80
CA SER F 542 4.56 14.93 3.58
C SER F 542 3.36 14.02 3.76
N GLY F 543 3.35 12.84 3.12
CA GLY F 543 2.25 11.91 3.26
C GLY F 543 0.97 12.36 2.59
N LYS F 544 1.07 12.85 1.36
CA LYS F 544 -0.08 13.31 0.61
C LYS F 544 -0.13 12.63 -0.75
N VAL F 545 -1.33 12.31 -1.20
CA VAL F 545 -1.57 11.74 -2.51
C VAL F 545 -2.25 12.81 -3.36
N THR F 546 -1.66 13.12 -4.52
CA THR F 546 -2.18 14.12 -5.44
C THR F 546 -2.90 13.41 -6.58
N ILE F 547 -4.22 13.54 -6.62
CA ILE F 547 -5.04 12.96 -7.68
C ILE F 547 -5.48 14.08 -8.62
N PRO F 548 -4.82 14.25 -9.77
CA PRO F 548 -5.24 15.31 -10.70
C PRO F 548 -6.51 14.93 -11.44
N LEU F 549 -7.41 15.91 -11.59
CA LEU F 549 -8.61 15.70 -12.39
C LEU F 549 -8.30 15.98 -13.86
N ASN F 550 -8.96 15.21 -14.73
CA ASN F 550 -8.66 15.25 -16.16
C ASN F 550 -9.33 16.45 -16.85
N GLU F 551 -10.64 16.34 -17.10
CA GLU F 551 -11.37 17.39 -17.82
C GLU F 551 -12.21 18.19 -16.83
N ILE F 552 -11.84 19.45 -16.64
CA ILE F 552 -12.57 20.32 -15.71
C ILE F 552 -12.13 21.75 -15.97
N HIS F 553 -13.09 22.66 -15.89
CA HIS F 553 -12.85 24.09 -16.04
C HIS F 553 -12.60 24.68 -14.66
N VAL F 554 -11.36 25.11 -14.41
CA VAL F 554 -10.97 25.66 -13.11
C VAL F 554 -10.74 27.16 -13.29
N PHE F 555 -11.49 27.96 -12.54
CA PHE F 555 -11.35 29.41 -12.55
C PHE F 555 -11.31 29.92 -11.11
N GLY F 556 -10.42 30.86 -10.86
CA GLY F 556 -10.17 31.31 -9.50
C GLY F 556 -9.52 30.22 -8.66
N GLU F 557 -9.45 30.48 -7.37
CA GLU F 557 -8.92 29.52 -6.42
C GLU F 557 -10.04 28.86 -5.63
N SER F 558 -9.83 27.59 -5.27
CA SER F 558 -10.83 26.79 -4.59
C SER F 558 -10.17 25.89 -3.57
N LEU F 559 -10.91 25.60 -2.50
CA LEU F 559 -10.47 24.71 -1.44
C LEU F 559 -11.72 24.14 -0.78
N ILE F 560 -11.99 22.86 -1.00
CA ILE F 560 -13.19 22.20 -0.48
C ILE F 560 -12.75 20.97 0.30
N GLU F 561 -13.09 20.93 1.58
CA GLU F 561 -12.66 19.85 2.44
C GLU F 561 -13.50 18.60 2.20
N GLY F 562 -12.87 17.45 2.30
CA GLY F 562 -13.58 16.20 2.14
C GLY F 562 -12.89 15.08 2.86
N ASN F 563 -13.13 13.86 2.38
CA ASN F 563 -12.50 12.69 2.96
C ASN F 563 -12.44 11.60 1.90
N ALA F 564 -11.55 10.63 2.11
CA ALA F 564 -11.34 9.53 1.19
C ALA F 564 -11.33 8.21 1.95
N GLU F 565 -11.66 7.14 1.23
CA GLU F 565 -11.71 5.79 1.78
C GLU F 565 -10.55 4.97 1.25
N LEU F 566 -9.83 4.30 2.16
CA LEU F 566 -8.73 3.40 1.79
C LEU F 566 -9.09 1.99 2.23
N LYS F 567 -9.19 1.08 1.25
CA LYS F 567 -9.40 -0.33 1.52
C LYS F 567 -8.30 -1.14 0.85
N PRO F 568 -7.71 -2.12 1.54
CA PRO F 568 -6.59 -2.86 0.94
C PRO F 568 -7.06 -3.72 -0.22
N VAL F 569 -6.24 -3.74 -1.27
CA VAL F 569 -6.50 -4.60 -2.42
C VAL F 569 -6.17 -6.04 -2.06
N GLY F 570 -7.04 -6.96 -2.44
CA GLY F 570 -6.87 -8.36 -2.13
C GLY F 570 -7.48 -8.80 -0.82
N ILE F 571 -8.12 -7.91 -0.07
CA ILE F 571 -8.80 -8.22 1.18
C ILE F 571 -10.29 -8.19 0.91
N SER F 572 -10.98 -9.30 1.22
CA SER F 572 -12.38 -9.44 0.83
C SER F 572 -13.28 -8.51 1.61
N ASP F 573 -13.24 -8.59 2.95
CA ASP F 573 -14.09 -7.80 3.85
C ASP F 573 -13.18 -7.03 4.80
N ALA F 574 -12.62 -5.93 4.30
CA ALA F 574 -11.72 -5.10 5.08
C ALA F 574 -12.48 -3.99 5.81
N ASP F 575 -11.83 -3.45 6.84
CA ASP F 575 -12.34 -2.28 7.54
C ASP F 575 -11.81 -1.02 6.84
N PRO F 576 -12.67 -0.12 6.37
CA PRO F 576 -12.19 1.06 5.65
C PRO F 576 -11.44 2.01 6.58
N ILE F 577 -10.58 2.81 5.96
CA ILE F 577 -9.82 3.83 6.69
C ILE F 577 -10.25 5.20 6.21
N ASN F 578 -11.21 5.81 6.91
CA ASN F 578 -11.72 7.12 6.54
C ASN F 578 -10.67 8.20 6.80
N VAL F 579 -9.89 8.55 5.78
CA VAL F 579 -8.92 9.67 5.91
C VAL F 579 -9.54 10.90 5.27
N LYS F 580 -8.98 12.08 5.55
CA LYS F 580 -9.48 13.34 5.04
C LYS F 580 -8.83 13.70 3.71
N ALA F 581 -9.57 14.44 2.88
CA ALA F 581 -9.12 14.83 1.55
C ALA F 581 -9.59 16.25 1.26
N LYS F 582 -9.07 16.82 0.17
CA LYS F 582 -9.38 18.20 -0.20
C LYS F 582 -9.44 18.32 -1.72
N LEU F 583 -10.41 19.08 -2.21
CA LEU F 583 -10.51 19.40 -3.63
C LEU F 583 -9.92 20.80 -3.85
N ILE F 584 -8.86 20.88 -4.64
CA ILE F 584 -8.08 22.10 -4.80
C ILE F 584 -8.31 22.66 -6.19
N GLY F 585 -8.57 23.97 -6.26
CA GLY F 585 -8.59 24.68 -7.52
C GLY F 585 -7.53 25.76 -7.52
N GLU F 586 -6.57 25.65 -8.43
CA GLU F 586 -5.40 26.53 -8.39
C GLU F 586 -4.73 26.52 -9.75
N ALA F 587 -4.38 27.71 -10.24
CA ALA F 587 -3.67 27.88 -11.52
C ALA F 587 -4.37 27.11 -12.64
N ASN F 588 -5.70 27.18 -12.67
CA ASN F 588 -6.54 26.51 -13.65
C ASN F 588 -6.44 25.00 -13.60
N LYS F 589 -5.82 24.45 -12.55
CA LYS F 589 -5.71 23.03 -12.34
C LYS F 589 -6.56 22.62 -11.15
N ALA F 590 -7.09 21.40 -11.21
CA ALA F 590 -7.86 20.84 -10.11
C ALA F 590 -7.24 19.52 -9.69
N ARG F 591 -7.14 19.32 -8.38
CA ARG F 591 -6.53 18.10 -7.84
C ARG F 591 -7.23 17.75 -6.53
N VAL F 592 -7.16 16.48 -6.17
CA VAL F 592 -7.63 16.00 -4.87
C VAL F 592 -6.40 15.58 -4.08
N GLU F 593 -6.15 16.24 -2.95
CA GLU F 593 -5.04 15.92 -2.08
C GLU F 593 -5.54 15.08 -0.92
N VAL F 594 -5.00 13.88 -0.78
CA VAL F 594 -5.41 12.94 0.27
C VAL F 594 -4.40 13.03 1.39
N LEU F 595 -4.83 13.52 2.56
CA LEU F 595 -3.96 13.75 3.70
C LEU F 595 -3.96 12.50 4.57
N LEU F 596 -3.07 11.56 4.25
CA LEU F 596 -2.99 10.29 4.98
C LEU F 596 -1.66 10.12 5.70
N GLY F 597 -0.86 11.18 5.83
CA GLY F 597 0.49 11.08 6.36
C GLY F 597 0.57 10.74 7.83
N ASP F 598 -0.53 10.88 8.58
CA ASP F 598 -0.53 10.63 10.01
C ASP F 598 -0.89 9.19 10.37
N GLU F 599 -0.63 8.24 9.47
CA GLU F 599 -0.95 6.83 9.71
C GLU F 599 0.21 5.97 9.20
N LYS F 600 0.08 4.67 9.42
CA LYS F 600 1.08 3.69 8.99
C LYS F 600 0.41 2.72 8.01
N LEU F 601 0.77 2.82 6.74
CA LEU F 601 0.16 2.02 5.69
C LEU F 601 1.24 1.38 4.82
N SER F 602 0.94 0.18 4.32
CA SER F 602 1.87 -0.53 3.44
C SER F 602 1.08 -1.51 2.58
N GLY F 603 1.41 -1.53 1.29
CA GLY F 603 0.75 -2.42 0.34
C GLY F 603 0.01 -1.67 -0.74
N GLU F 604 -0.94 -2.33 -1.40
CA GLU F 604 -1.80 -1.70 -2.39
C GLU F 604 -3.16 -1.44 -1.78
N TYR F 605 -3.77 -0.30 -2.13
CA TYR F 605 -5.01 0.14 -1.51
C TYR F 605 -5.95 0.75 -2.55
N HIS F 606 -7.25 0.63 -2.30
CA HIS F 606 -8.27 1.32 -3.08
C HIS F 606 -8.51 2.70 -2.50
N LEU F 607 -8.60 3.71 -3.37
CA LEU F 607 -8.83 5.10 -2.96
C LEU F 607 -10.15 5.57 -3.54
N VAL F 608 -11.11 5.87 -2.66
CA VAL F 608 -12.42 6.38 -3.06
C VAL F 608 -12.60 7.73 -2.40
N THR F 609 -12.46 8.80 -3.17
CA THR F 609 -12.67 10.13 -2.63
C THR F 609 -14.16 10.39 -2.37
N ASN F 610 -14.43 11.20 -1.35
CA ASN F 610 -15.80 11.54 -0.97
C ASN F 610 -15.85 13.05 -0.72
N ILE F 611 -15.91 13.83 -1.80
CA ILE F 611 -15.99 15.28 -1.71
C ILE F 611 -17.46 15.70 -1.76
N GLN F 612 -17.87 16.50 -0.78
CA GLN F 612 -19.24 17.03 -0.70
C GLN F 612 -20.30 15.93 -0.70
N GLY F 613 -19.98 14.77 -0.14
CA GLY F 613 -20.95 13.72 0.05
C GLY F 613 -21.19 12.81 -1.14
N LYS F 614 -20.43 12.95 -2.22
CA LYS F 614 -20.57 12.12 -3.41
C LYS F 614 -19.27 11.38 -3.66
N LYS F 615 -19.30 10.05 -3.54
CA LYS F 615 -18.11 9.24 -3.80
C LYS F 615 -17.93 9.01 -5.30
N ASP F 616 -16.68 8.91 -5.72
CA ASP F 616 -16.34 8.68 -7.11
C ASP F 616 -16.34 7.19 -7.43
N LYS F 617 -16.25 6.87 -8.71
CA LYS F 617 -16.21 5.49 -9.18
C LYS F 617 -15.12 5.33 -10.23
N GLN F 618 -13.93 5.86 -9.93
CA GLN F 618 -12.83 5.85 -10.87
C GLN F 618 -11.87 4.68 -10.68
N GLN F 619 -12.18 3.75 -9.78
CA GLN F 619 -11.38 2.54 -9.57
C GLN F 619 -9.93 2.85 -9.22
N ILE F 620 -9.71 3.90 -8.43
CA ILE F 620 -8.36 4.35 -8.13
C ILE F 620 -7.66 3.33 -7.25
N LYS F 621 -6.42 2.98 -7.61
CA LYS F 621 -5.59 2.07 -6.84
C LYS F 621 -4.18 2.65 -6.75
N ILE F 622 -3.60 2.63 -5.55
CA ILE F 622 -2.24 3.12 -5.33
C ILE F 622 -1.49 2.12 -4.46
N THR F 623 -0.17 2.12 -4.61
CA THR F 623 0.71 1.28 -3.81
C THR F 623 1.45 2.14 -2.81
N LEU F 624 1.43 1.75 -1.54
CA LEU F 624 2.04 2.51 -0.46
C LEU F 624 3.13 1.73 0.28
#